data_9ML2
#
_entry.id   9ML2
#
_cell.length_a   1.00
_cell.length_b   1.00
_cell.length_c   1.00
_cell.angle_alpha   90.00
_cell.angle_beta   90.00
_cell.angle_gamma   90.00
#
_symmetry.space_group_name_H-M   'P 1'
#
loop_
_entity.id
_entity.type
_entity.pdbx_description
1 polymer 'Major capsid protein L1'
2 polymer 'A7M08 Heavy Chain'
3 polymer 'A7M08 Light Chain'
#
loop_
_entity_poly.entity_id
_entity_poly.type
_entity_poly.pdbx_seq_one_letter_code
_entity_poly.pdbx_strand_id
1 'polypeptide(L)'
;AVVSTDEYVARTNIYYHAGTSRLLAVGHPYFPIKKPNNNKILVPKVSGLQYRVFRIHLPDPNKFGFPDTSFYNPDTQRLV
WACVGVEVGRGQPLGVGISGHPLLNKLDDTENASAYAANAGVDNRECISMDYKQTQLCLIGCKPPIGEHWGKGSPCTNVA
VNPGDCPPLELINTVIQDGDMVDTGFGAMDFTTLQANKSEVPLDICTSICKYPDYIKMVSEPYGDSLFFYLRREQMFVRH
LFNRAGTVGENVPDDLYIKGSGSTANLASSNYFPTPSGSMVTSDAQIFNKPYWLQRAQGHNNGICWGNQLFVTVVDTTRS
TNMSLCAAISTSETTYKNTNFKEYLRHGEEYDLQFIFQLCKITLTADVMTYIHSMNSTILEDWNGGSGGEDPLKKYTFWE
VNLKEKFSADLDQFPLGRKFLLQAGL
;
A,B,C,D,E
2 'polypeptide(L)'
;QVTLRESGPALVKPTQTLTLTCTFSGFSLSTNGMCVSWIRQPPGKALEWLALIDWDDDKYYSTSLKTRLTISKNTSKNQV
VLTMTNMDPVDTATYYCARTYYNSNWSHWFDPWGQGTLVTVSSASTKGPSVFPLAPSSKSTSGGTAALGCLVKDYFPEPV
TVSWNSGALTSGVHTFPAVLQSSGLYSLSSVVTVPSSSLGTQTYICNVNHKPSNTKVDKRVEPKSCDKTHHHHHH
;
F,H,I,M,O
3 'polypeptide(L)'
;QSVLTQPPSVSGAPGQRVTISCTGSSSNIGAGYDVHWYQQLPGTAPKLLIFTYSNRPSGVPDRFSGSKSGTSASLAITGL
QAEDEADYYCQSYDSSLRIWVFGGGTKLTVLGQPKAAPSVTLFPPSSEELQANKATLVCLISDFYPGAVTVAWKADSSPV
KAGVETTTPSKQSNNKYAASSYLSLTPEQWKSHRSYSCQVTHEGSTVEKTVAPTECS
;
G,J,L,N,P
#
# COMPACT_ATOMS: atom_id res chain seq x y z
N TYR A 8 -0.82 57.79 -18.36
CA TYR A 8 -1.09 58.64 -19.50
C TYR A 8 -2.13 58.03 -20.43
N VAL A 9 -2.59 56.83 -20.11
CA VAL A 9 -3.63 56.16 -20.87
C VAL A 9 -4.98 56.51 -20.25
N ALA A 10 -5.91 56.96 -21.08
CA ALA A 10 -7.23 57.37 -20.63
C ALA A 10 -8.21 56.21 -20.80
N ARG A 11 -8.90 55.87 -19.72
CA ARG A 11 -9.89 54.81 -19.73
C ARG A 11 -11.28 55.37 -20.03
N THR A 12 -12.13 54.52 -20.59
CA THR A 12 -13.49 54.89 -20.93
C THR A 12 -14.44 53.80 -20.47
N ASN A 13 -15.74 54.11 -20.53
CA ASN A 13 -16.78 53.18 -20.10
C ASN A 13 -17.31 52.32 -21.23
N ILE A 14 -16.49 52.05 -22.25
CA ILE A 14 -16.88 51.25 -23.40
C ILE A 14 -16.27 49.86 -23.23
N TYR A 15 -17.12 48.84 -23.36
CA TYR A 15 -16.69 47.46 -23.20
C TYR A 15 -17.20 46.61 -24.36
N TYR A 16 -16.48 45.53 -24.64
CA TYR A 16 -16.78 44.64 -25.75
C TYR A 16 -16.45 43.22 -25.35
N HIS A 17 -17.45 42.35 -25.41
CA HIS A 17 -17.24 40.93 -25.13
C HIS A 17 -16.82 40.21 -26.40
N ALA A 18 -16.00 39.17 -26.24
CA ALA A 18 -15.52 38.39 -27.35
C ALA A 18 -15.24 36.98 -26.89
N GLY A 19 -15.17 36.06 -27.86
CA GLY A 19 -14.85 34.68 -27.55
C GLY A 19 -14.98 33.83 -28.79
N THR A 20 -14.33 32.68 -28.73
CA THR A 20 -14.33 31.72 -29.82
C THR A 20 -15.58 30.86 -29.85
N SER A 21 -16.12 30.53 -28.67
CA SER A 21 -17.27 29.68 -28.42
C SER A 21 -16.95 28.21 -28.59
N ARG A 22 -15.82 27.85 -29.18
CA ARG A 22 -15.35 26.46 -29.20
C ARG A 22 -13.97 26.34 -29.79
N LEU A 23 -13.12 25.51 -29.19
CA LEU A 23 -11.79 25.23 -29.70
C LEU A 23 -11.47 23.79 -29.37
N LEU A 24 -11.35 22.96 -30.39
CA LEU A 24 -11.26 21.52 -30.22
C LEU A 24 -9.99 21.00 -30.87
N ALA A 25 -9.40 19.99 -30.26
CA ALA A 25 -8.20 19.35 -30.77
C ALA A 25 -8.24 17.88 -30.41
N VAL A 26 -7.62 17.06 -31.25
CA VAL A 26 -7.61 15.62 -31.06
C VAL A 26 -6.30 15.07 -31.62
N GLY A 27 -5.78 14.04 -30.97
CA GLY A 27 -4.59 13.39 -31.47
C GLY A 27 -4.02 12.43 -30.44
N HIS A 28 -2.95 11.79 -30.84
CA HIS A 28 -2.23 10.87 -29.97
C HIS A 28 -1.55 11.64 -28.85
N PRO A 29 -1.57 11.16 -27.62
CA PRO A 29 -1.01 11.95 -26.51
C PRO A 29 0.49 11.82 -26.35
N TYR A 30 1.07 10.71 -26.80
CA TYR A 30 2.50 10.48 -26.63
C TYR A 30 3.32 11.05 -27.78
N PHE A 31 3.06 10.59 -29.01
CA PHE A 31 3.83 11.00 -30.16
C PHE A 31 2.91 11.19 -31.36
N PRO A 32 3.27 12.09 -32.28
CA PRO A 32 2.48 12.24 -33.50
C PRO A 32 2.67 11.06 -34.44
N ILE A 33 1.67 10.86 -35.29
CA ILE A 33 1.66 9.75 -36.25
C ILE A 33 2.20 10.26 -37.58
N LYS A 34 2.86 9.38 -38.32
CA LYS A 34 3.39 9.73 -39.63
C LYS A 34 3.91 8.47 -40.30
N LYS A 35 4.23 8.61 -41.58
CA LYS A 35 4.65 7.49 -42.39
C LYS A 35 6.06 7.04 -41.99
N PRO A 36 6.42 5.80 -42.33
CA PRO A 36 7.65 5.21 -41.77
C PRO A 36 8.86 6.14 -41.74
N ASN A 37 9.23 6.75 -42.86
CA ASN A 37 10.35 7.68 -42.89
C ASN A 37 9.95 9.10 -43.23
N ASN A 38 8.73 9.33 -43.68
CA ASN A 38 8.30 10.68 -43.99
C ASN A 38 8.10 11.48 -42.71
N ASN A 39 8.34 12.78 -42.79
CA ASN A 39 8.16 13.70 -41.67
C ASN A 39 6.82 14.39 -41.69
N LYS A 40 5.92 13.98 -42.58
CA LYS A 40 4.59 14.57 -42.66
C LYS A 40 3.67 13.94 -41.63
N ILE A 41 2.99 14.77 -40.85
CA ILE A 41 2.16 14.29 -39.76
C ILE A 41 0.76 13.98 -40.27
N LEU A 42 0.24 12.83 -39.87
CA LEU A 42 -1.13 12.44 -40.13
C LEU A 42 -2.04 12.73 -38.95
N VAL A 43 -1.58 12.44 -37.73
CA VAL A 43 -2.33 12.75 -36.52
C VAL A 43 -1.41 13.54 -35.59
N PRO A 44 -1.83 14.73 -35.14
CA PRO A 44 -0.96 15.52 -34.27
C PRO A 44 -0.85 14.92 -32.89
N LYS A 45 0.06 15.50 -32.10
CA LYS A 45 0.25 15.12 -30.71
C LYS A 45 -0.46 16.13 -29.82
N VAL A 46 -1.42 15.64 -29.04
CA VAL A 46 -2.22 16.48 -28.16
C VAL A 46 -2.30 15.81 -26.79
N SER A 47 -1.94 16.55 -25.76
CA SER A 47 -1.98 16.03 -24.40
C SER A 47 -2.12 17.19 -23.43
N GLY A 48 -2.44 16.87 -22.18
CA GLY A 48 -2.59 17.88 -21.15
C GLY A 48 -1.29 18.40 -20.60
N LEU A 49 -0.18 17.78 -20.98
CA LEU A 49 1.15 18.19 -20.54
C LEU A 49 1.74 19.26 -21.43
N GLN A 50 1.03 19.72 -22.44
CA GLN A 50 1.52 20.70 -23.39
C GLN A 50 0.95 22.07 -23.09
N TYR A 51 1.78 23.10 -23.24
CA TYR A 51 1.30 24.46 -23.18
C TYR A 51 0.42 24.75 -24.38
N ARG A 52 -0.56 25.62 -24.18
CA ARG A 52 -1.46 26.07 -25.24
C ARG A 52 -1.38 27.58 -25.27
N VAL A 53 -0.65 28.12 -26.23
CA VAL A 53 -0.42 29.55 -26.35
C VAL A 53 -1.34 30.05 -27.45
N PHE A 54 -2.35 30.81 -27.07
CA PHE A 54 -3.32 31.35 -28.01
C PHE A 54 -2.93 32.78 -28.35
N ARG A 55 -2.56 33.01 -29.60
CA ARG A 55 -2.17 34.34 -30.06
C ARG A 55 -3.43 35.03 -30.57
N ILE A 56 -4.00 35.89 -29.75
CA ILE A 56 -5.26 36.54 -30.06
C ILE A 56 -4.98 37.73 -30.96
N HIS A 57 -5.65 37.77 -32.12
CA HIS A 57 -5.48 38.86 -33.07
C HIS A 57 -6.71 39.75 -32.97
N LEU A 58 -6.60 40.78 -32.15
CA LEU A 58 -7.71 41.69 -31.95
C LEU A 58 -7.94 42.56 -33.19
N PRO A 59 -9.15 43.05 -33.38
CA PRO A 59 -9.38 44.06 -34.42
C PRO A 59 -8.74 45.39 -34.04
N ASP A 60 -8.45 46.18 -35.06
CA ASP A 60 -7.86 47.48 -34.83
C ASP A 60 -8.89 48.44 -34.27
N PRO A 61 -8.71 48.98 -33.06
CA PRO A 61 -9.69 49.94 -32.54
C PRO A 61 -9.75 51.22 -33.35
N ASN A 62 -8.71 51.53 -34.11
CA ASN A 62 -8.66 52.75 -34.91
C ASN A 62 -9.30 52.59 -36.28
N LYS A 63 -9.86 51.42 -36.57
CA LYS A 63 -10.54 51.19 -37.84
C LYS A 63 -11.91 50.57 -37.60
N VAL A 80 -6.47 51.84 -28.24
CA VAL A 80 -5.92 50.53 -27.90
C VAL A 80 -6.84 49.82 -26.93
N TRP A 81 -6.91 48.51 -27.06
CA TRP A 81 -7.74 47.70 -26.18
C TRP A 81 -7.07 47.50 -24.83
N ALA A 82 -7.85 47.05 -23.86
CA ALA A 82 -7.36 46.78 -22.51
C ALA A 82 -8.13 45.58 -21.96
N CYS A 83 -7.46 44.44 -21.86
CA CYS A 83 -8.09 43.20 -21.40
C CYS A 83 -8.37 43.32 -19.91
N VAL A 84 -9.62 43.59 -19.56
CA VAL A 84 -10.01 43.77 -18.16
C VAL A 84 -10.59 42.50 -17.54
N GLY A 85 -10.83 41.47 -18.34
CA GLY A 85 -11.37 40.23 -17.82
C GLY A 85 -11.15 39.08 -18.77
N VAL A 86 -11.12 37.87 -18.21
CA VAL A 86 -10.86 36.67 -18.99
C VAL A 86 -11.52 35.50 -18.29
N GLU A 87 -11.91 34.50 -19.08
CA GLU A 87 -12.45 33.25 -18.56
C GLU A 87 -12.03 32.13 -19.50
N VAL A 88 -11.45 31.08 -18.95
CA VAL A 88 -10.92 29.97 -19.73
C VAL A 88 -11.81 28.77 -19.44
N GLY A 89 -12.76 28.52 -20.33
CA GLY A 89 -13.67 27.40 -20.16
C GLY A 89 -13.01 26.08 -20.54
N ARG A 90 -13.26 25.06 -19.73
CA ARG A 90 -12.83 23.70 -20.00
C ARG A 90 -14.05 22.81 -19.87
N GLY A 91 -14.25 21.94 -20.86
CA GLY A 91 -15.49 21.21 -20.98
C GLY A 91 -15.39 19.74 -20.64
N GLN A 92 -14.25 19.15 -20.92
CA GLN A 92 -14.10 17.71 -20.76
C GLN A 92 -14.17 17.33 -19.28
N PRO A 93 -14.51 16.08 -18.99
CA PRO A 93 -14.58 15.64 -17.60
C PRO A 93 -13.21 15.56 -16.96
N LEU A 94 -13.19 15.71 -15.64
CA LEU A 94 -11.97 15.54 -14.90
C LEU A 94 -11.46 14.10 -15.03
N GLY A 95 -10.14 13.97 -15.05
CA GLY A 95 -9.50 12.69 -15.21
C GLY A 95 -8.02 12.86 -15.01
N VAL A 96 -7.32 11.73 -14.99
CA VAL A 96 -5.88 11.71 -14.75
C VAL A 96 -5.22 10.89 -15.84
N GLY A 97 -4.25 11.49 -16.51
CA GLY A 97 -3.52 10.81 -17.55
C GLY A 97 -2.44 9.91 -17.02
N ILE A 98 -2.04 8.97 -17.87
CA ILE A 98 -1.03 7.98 -17.53
C ILE A 98 0.00 7.96 -18.65
N SER A 99 1.27 7.98 -18.27
CA SER A 99 2.37 7.96 -19.22
C SER A 99 3.40 6.95 -18.78
N GLY A 100 4.15 6.41 -19.74
CA GLY A 100 5.08 5.35 -19.42
C GLY A 100 6.09 5.16 -20.52
N HIS A 101 6.96 4.18 -20.32
CA HIS A 101 8.01 3.86 -21.26
C HIS A 101 8.22 2.35 -21.30
N PRO A 102 8.09 1.71 -22.46
CA PRO A 102 8.28 0.25 -22.52
C PRO A 102 9.64 -0.21 -22.07
N LEU A 103 10.64 0.67 -22.11
CA LEU A 103 12.02 0.33 -21.81
C LEU A 103 12.65 1.39 -20.92
N LEU A 104 11.97 1.73 -19.84
CA LEU A 104 12.54 2.66 -18.88
C LEU A 104 13.73 2.03 -18.17
N ASN A 105 14.65 2.88 -17.73
CA ASN A 105 15.84 2.45 -17.01
C ASN A 105 15.51 2.41 -15.53
N LYS A 106 15.39 1.20 -14.98
CA LYS A 106 14.99 1.01 -13.59
C LYS A 106 15.58 -0.31 -13.13
N LEU A 107 16.61 -0.23 -12.28
CA LEU A 107 17.31 -1.42 -11.86
C LEU A 107 16.50 -2.22 -10.84
N ASP A 108 16.13 -1.58 -9.73
CA ASP A 108 15.36 -2.27 -8.70
C ASP A 108 14.71 -1.22 -7.81
N ASP A 109 13.68 -1.66 -7.09
CA ASP A 109 13.04 -0.83 -6.09
C ASP A 109 13.78 -0.93 -4.77
N THR A 110 14.11 0.20 -4.18
CA THR A 110 14.93 0.25 -2.98
C THR A 110 14.18 0.82 -1.78
N GLU A 111 12.87 1.03 -1.91
CA GLU A 111 12.10 1.55 -0.79
C GLU A 111 12.10 0.58 0.39
N ASN A 112 11.90 -0.70 0.12
CA ASN A 112 11.80 -1.72 1.16
C ASN A 112 12.52 -2.98 0.71
N ALA A 113 13.72 -2.82 0.16
CA ALA A 113 14.50 -3.95 -0.28
C ALA A 113 14.82 -4.86 0.89
N SER A 114 14.59 -6.17 0.71
CA SER A 114 14.86 -7.16 1.74
C SER A 114 16.02 -8.07 1.41
N ALA A 115 16.46 -8.12 0.16
CA ALA A 115 17.64 -8.88 -0.23
C ALA A 115 18.50 -8.01 -1.12
N TYR A 116 19.81 -8.18 -1.02
CA TYR A 116 20.74 -7.33 -1.77
C TYR A 116 20.64 -7.63 -3.26
N ALA A 117 20.67 -6.58 -4.07
CA ALA A 117 20.58 -6.73 -5.52
C ALA A 117 21.72 -7.61 -6.02
N ALA A 118 21.39 -8.51 -6.96
CA ALA A 118 22.31 -9.54 -7.41
C ALA A 118 23.02 -9.18 -8.71
N ASN A 119 22.26 -8.89 -9.77
CA ASN A 119 22.83 -8.72 -11.10
C ASN A 119 22.25 -7.46 -11.74
N ALA A 120 23.10 -6.80 -12.54
CA ALA A 120 22.68 -5.69 -13.38
C ALA A 120 22.47 -6.08 -14.83
N GLY A 121 23.32 -6.96 -15.36
CA GLY A 121 23.13 -7.49 -16.70
C GLY A 121 23.48 -6.47 -17.78
N VAL A 122 23.29 -6.90 -19.02
CA VAL A 122 23.56 -6.04 -20.17
C VAL A 122 22.44 -5.02 -20.33
N ASP A 123 21.19 -5.48 -20.33
CA ASP A 123 20.03 -4.62 -20.40
C ASP A 123 19.07 -5.02 -19.29
N ASN A 124 18.68 -4.05 -18.46
CA ASN A 124 17.80 -4.29 -17.33
C ASN A 124 16.72 -3.22 -17.28
N ARG A 125 16.09 -2.96 -18.42
CA ARG A 125 15.02 -1.98 -18.52
C ARG A 125 13.67 -2.69 -18.40
N GLU A 126 12.71 -1.98 -17.81
CA GLU A 126 11.42 -2.55 -17.48
C GLU A 126 10.31 -1.65 -18.01
N CYS A 127 9.17 -2.26 -18.31
CA CYS A 127 7.99 -1.53 -18.74
C CYS A 127 7.36 -0.88 -17.51
N ILE A 128 7.46 0.44 -17.43
CA ILE A 128 7.05 1.19 -16.26
C ILE A 128 6.11 2.29 -16.67
N SER A 129 5.12 2.56 -15.83
CA SER A 129 4.14 3.61 -16.05
C SER A 129 4.05 4.46 -14.78
N MET A 130 3.47 5.64 -14.93
CA MET A 130 3.39 6.56 -13.81
C MET A 130 2.54 7.75 -14.21
N ASP A 131 1.79 8.27 -13.25
CA ASP A 131 1.11 9.54 -13.43
C ASP A 131 2.11 10.67 -13.24
N TYR A 132 1.62 11.91 -13.35
CA TYR A 132 2.48 13.07 -13.41
C TYR A 132 2.04 14.10 -12.39
N LYS A 133 3.00 14.93 -12.01
CA LYS A 133 2.73 16.08 -11.17
C LYS A 133 1.56 16.89 -11.72
N GLN A 134 0.51 16.97 -10.93
CA GLN A 134 -0.61 17.83 -11.27
C GLN A 134 -0.15 19.29 -11.29
N THR A 135 -0.54 20.01 -12.33
CA THR A 135 -0.16 21.41 -12.45
C THR A 135 -1.20 22.15 -13.29
N GLN A 136 -1.47 23.38 -12.89
CA GLN A 136 -2.36 24.28 -13.61
C GLN A 136 -1.71 25.66 -13.65
N LEU A 137 -1.98 26.40 -14.73
CA LEU A 137 -1.50 27.77 -14.80
C LEU A 137 -2.22 28.49 -15.93
N CYS A 138 -2.19 29.82 -15.86
CA CYS A 138 -2.86 30.66 -16.85
C CYS A 138 -2.14 32.00 -16.87
N LEU A 139 -1.31 32.21 -17.89
CA LEU A 139 -0.55 33.43 -18.06
C LEU A 139 -1.19 34.29 -19.14
N ILE A 140 -1.37 35.58 -18.83
CA ILE A 140 -2.00 36.53 -19.73
C ILE A 140 -1.08 37.73 -19.88
N GLY A 141 -0.82 38.12 -21.11
CA GLY A 141 0.02 39.27 -21.37
C GLY A 141 -0.01 39.65 -22.83
N CYS A 142 0.70 40.73 -23.15
CA CYS A 142 0.79 41.23 -24.51
C CYS A 142 2.04 40.77 -25.24
N LYS A 143 2.88 39.98 -24.59
CA LYS A 143 4.11 39.46 -25.17
C LYS A 143 4.22 37.97 -24.89
N PRO A 144 4.95 37.24 -25.71
CA PRO A 144 5.04 35.79 -25.51
C PRO A 144 5.69 35.48 -24.18
N PRO A 145 5.31 34.37 -23.56
CA PRO A 145 5.88 34.02 -22.25
C PRO A 145 7.31 33.55 -22.38
N ILE A 146 7.98 33.49 -21.23
CA ILE A 146 9.38 33.12 -21.13
C ILE A 146 9.51 31.87 -20.27
N GLY A 147 10.32 30.93 -20.71
CA GLY A 147 10.48 29.67 -20.02
C GLY A 147 11.93 29.25 -19.88
N GLU A 148 12.27 28.82 -18.65
CA GLU A 148 13.63 28.42 -18.25
C GLU A 148 13.76 26.92 -18.39
N HIS A 149 14.95 26.40 -18.46
CA HIS A 149 15.21 24.96 -18.50
C HIS A 149 16.71 24.79 -18.33
N TRP A 150 17.19 23.56 -18.26
CA TRP A 150 18.61 23.29 -17.98
C TRP A 150 19.16 22.57 -19.17
N GLY A 151 19.86 23.29 -20.03
CA GLY A 151 20.42 22.71 -21.22
C GLY A 151 21.94 22.58 -21.13
N LYS A 152 22.49 22.00 -22.19
CA LYS A 152 23.94 21.81 -22.25
C LYS A 152 24.63 23.16 -22.35
N GLY A 153 25.72 23.30 -21.60
CA GLY A 153 26.39 24.57 -21.55
C GLY A 153 27.31 24.80 -22.73
N SER A 154 27.52 26.08 -23.01
CA SER A 154 28.38 26.52 -24.10
C SER A 154 29.87 26.39 -23.76
N PRO A 155 30.30 26.71 -22.52
CA PRO A 155 31.73 26.95 -22.30
C PRO A 155 32.60 25.70 -22.46
N CYS A 156 33.42 25.71 -23.51
CA CYS A 156 34.44 24.69 -23.70
C CYS A 156 35.81 25.16 -23.23
N THR A 157 36.11 26.45 -23.39
CA THR A 157 37.32 27.06 -22.85
C THR A 157 38.58 26.26 -23.20
N ASN A 158 39.23 25.67 -22.18
CA ASN A 158 40.46 24.92 -22.37
C ASN A 158 40.38 23.57 -21.67
N VAL A 159 39.21 22.94 -21.70
CA VAL A 159 38.99 21.65 -21.06
C VAL A 159 38.61 20.64 -22.13
N ALA A 160 39.32 19.51 -22.16
CA ALA A 160 39.03 18.46 -23.11
C ALA A 160 37.78 17.70 -22.68
N VAL A 161 36.85 17.50 -23.62
CA VAL A 161 35.66 16.69 -23.37
C VAL A 161 36.07 15.23 -23.51
N ASN A 162 36.39 14.58 -22.40
CA ASN A 162 36.78 13.19 -22.43
C ASN A 162 35.57 12.32 -22.74
N PRO A 163 35.79 11.09 -23.19
CA PRO A 163 34.67 10.20 -23.52
C PRO A 163 33.70 10.01 -22.36
N GLY A 164 32.47 10.47 -22.53
CA GLY A 164 31.44 10.24 -21.54
C GLY A 164 31.48 11.14 -20.33
N ASP A 165 32.15 12.28 -20.41
CA ASP A 165 32.19 13.18 -19.27
C ASP A 165 30.81 13.80 -19.02
N CYS A 166 30.69 14.47 -17.89
CA CYS A 166 29.42 15.06 -17.51
C CYS A 166 29.18 16.33 -18.32
N PRO A 167 28.10 16.42 -19.09
CA PRO A 167 27.83 17.65 -19.83
C PRO A 167 27.67 18.82 -18.88
N PRO A 168 28.14 20.00 -19.28
CA PRO A 168 27.88 21.19 -18.47
C PRO A 168 26.40 21.57 -18.48
N LEU A 169 26.00 22.31 -17.46
CA LEU A 169 24.63 22.74 -17.30
C LEU A 169 24.56 24.26 -17.39
N GLU A 170 23.49 24.75 -18.00
CA GLU A 170 23.30 26.19 -18.16
C GLU A 170 21.82 26.51 -18.06
N LEU A 171 21.52 27.67 -17.49
CA LEU A 171 20.13 28.11 -17.31
C LEU A 171 19.71 28.89 -18.53
N ILE A 172 19.02 28.22 -19.43
CA ILE A 172 18.61 28.81 -20.70
C ILE A 172 17.26 29.50 -20.53
N ASN A 173 17.03 30.52 -21.34
CA ASN A 173 15.75 31.21 -21.42
C ASN A 173 15.25 31.20 -22.85
N THR A 174 13.98 30.90 -23.02
CA THR A 174 13.39 30.75 -24.34
C THR A 174 12.00 31.39 -24.32
N VAL A 175 11.23 31.15 -25.37
CA VAL A 175 9.84 31.55 -25.46
C VAL A 175 9.00 30.29 -25.57
N ILE A 176 7.96 30.20 -24.75
CA ILE A 176 7.13 29.01 -24.71
C ILE A 176 6.21 29.01 -25.92
N GLN A 177 6.17 27.89 -26.63
CA GLN A 177 5.32 27.71 -27.80
C GLN A 177 4.26 26.65 -27.50
N ASP A 178 3.21 26.66 -28.32
CA ASP A 178 2.20 25.62 -28.23
C ASP A 178 2.82 24.29 -28.68
N GLY A 179 2.61 23.25 -27.87
CA GLY A 179 3.21 21.96 -28.10
C GLY A 179 4.41 21.65 -27.22
N ASP A 180 4.98 22.65 -26.55
CA ASP A 180 6.06 22.40 -25.63
C ASP A 180 5.54 21.75 -24.35
N MET A 181 6.33 20.83 -23.81
CA MET A 181 5.93 20.09 -22.64
C MET A 181 6.11 20.92 -21.37
N VAL A 182 5.48 20.47 -20.29
CA VAL A 182 5.54 21.14 -19.01
C VAL A 182 6.37 20.29 -18.05
N ASP A 183 6.78 20.90 -16.94
CA ASP A 183 7.50 20.17 -15.90
C ASP A 183 6.64 19.04 -15.36
N THR A 184 7.20 17.84 -15.28
CA THR A 184 6.49 16.65 -14.83
C THR A 184 7.04 16.12 -13.52
N GLY A 185 7.80 16.92 -12.79
CA GLY A 185 8.44 16.49 -11.57
C GLY A 185 9.79 15.82 -11.77
N PHE A 186 10.19 15.57 -13.01
CA PHE A 186 11.54 15.13 -13.32
C PHE A 186 12.51 16.28 -13.49
N GLY A 187 12.04 17.53 -13.39
CA GLY A 187 12.88 18.68 -13.53
C GLY A 187 12.76 19.34 -14.89
N ALA A 188 12.89 20.67 -14.91
CA ALA A 188 12.86 21.44 -16.15
C ALA A 188 14.21 21.32 -16.83
N MET A 189 14.30 20.44 -17.83
CA MET A 189 15.57 20.16 -18.48
C MET A 189 15.32 19.75 -19.92
N ASP A 190 16.36 19.89 -20.74
CA ASP A 190 16.33 19.50 -22.15
C ASP A 190 16.78 18.05 -22.24
N PHE A 191 15.82 17.14 -22.14
CA PHE A 191 16.12 15.71 -22.13
C PHE A 191 16.76 15.24 -23.42
N THR A 192 16.60 15.99 -24.51
CA THR A 192 17.11 15.54 -25.80
C THR A 192 18.63 15.42 -25.78
N THR A 193 19.31 16.41 -25.20
CA THR A 193 20.76 16.47 -25.19
C THR A 193 21.36 15.95 -23.90
N LEU A 194 20.86 16.39 -22.75
CA LEU A 194 21.39 15.95 -21.47
C LEU A 194 21.27 14.45 -21.27
N GLN A 195 20.23 13.82 -21.82
CA GLN A 195 20.03 12.37 -21.73
C GLN A 195 20.13 11.79 -23.13
N ALA A 196 21.10 10.91 -23.33
CA ALA A 196 21.34 10.34 -24.65
C ALA A 196 20.72 8.95 -24.79
N ASN A 197 20.50 8.24 -23.68
CA ASN A 197 19.99 6.89 -23.74
C ASN A 197 18.50 6.82 -24.04
N LYS A 198 17.78 7.92 -23.84
CA LYS A 198 16.36 8.00 -24.18
C LYS A 198 15.51 7.02 -23.38
N SER A 199 16.01 6.58 -22.22
CA SER A 199 15.27 5.68 -21.35
C SER A 199 15.10 6.24 -19.95
N GLU A 200 15.51 7.48 -19.70
CA GLU A 200 15.46 8.03 -18.35
C GLU A 200 14.05 8.47 -17.97
N VAL A 201 13.24 8.89 -18.93
CA VAL A 201 11.92 9.44 -18.64
C VAL A 201 10.89 8.87 -19.62
N PRO A 202 9.61 9.03 -19.34
CA PRO A 202 8.58 8.44 -20.21
C PRO A 202 8.70 8.91 -21.65
N LEU A 203 7.90 8.26 -22.50
CA LEU A 203 7.97 8.44 -23.93
C LEU A 203 7.61 9.85 -24.37
N ASP A 204 6.69 10.51 -23.67
CA ASP A 204 6.19 11.81 -24.09
C ASP A 204 7.19 12.94 -23.87
N ILE A 205 8.27 12.70 -23.13
CA ILE A 205 9.28 13.73 -22.88
C ILE A 205 10.70 13.23 -23.12
N CYS A 206 10.88 11.98 -23.55
CA CYS A 206 12.22 11.46 -23.73
C CYS A 206 13.00 12.20 -24.81
N THR A 207 12.31 12.93 -25.68
CA THR A 207 12.96 13.66 -26.76
C THR A 207 12.32 15.03 -26.93
N SER A 208 12.05 15.70 -25.83
CA SER A 208 11.42 17.02 -25.84
C SER A 208 12.07 17.88 -24.77
N ILE A 209 11.53 19.08 -24.61
CA ILE A 209 12.02 20.07 -23.66
C ILE A 209 10.91 20.36 -22.67
N CYS A 210 11.15 20.06 -21.40
CA CYS A 210 10.18 20.33 -20.34
C CYS A 210 10.56 21.67 -19.71
N LYS A 211 9.93 22.73 -20.18
CA LYS A 211 10.19 24.07 -19.68
C LYS A 211 9.34 24.36 -18.45
N TYR A 212 9.77 25.35 -17.68
CA TYR A 212 9.01 25.88 -16.57
C TYR A 212 9.06 27.40 -16.63
N PRO A 213 7.94 28.09 -16.43
CA PRO A 213 7.96 29.55 -16.56
C PRO A 213 8.98 30.19 -15.64
N ASP A 214 9.63 31.22 -16.16
CA ASP A 214 10.59 32.00 -15.38
C ASP A 214 9.87 33.22 -14.81
N TYR A 215 9.07 32.96 -13.77
CA TYR A 215 8.28 34.02 -13.17
C TYR A 215 9.14 35.18 -12.71
N ILE A 216 10.37 34.90 -12.27
CA ILE A 216 11.23 35.97 -11.77
C ILE A 216 11.49 37.00 -12.86
N LYS A 217 11.94 36.53 -14.02
CA LYS A 217 12.28 37.45 -15.10
C LYS A 217 11.05 38.12 -15.67
N MET A 218 9.90 37.42 -15.69
CA MET A 218 8.66 37.94 -16.30
C MET A 218 8.00 39.04 -15.47
N VAL A 219 8.32 39.21 -14.17
CA VAL A 219 7.77 40.30 -13.31
C VAL A 219 8.87 41.31 -13.04
N SER A 220 10.13 40.90 -13.15
CA SER A 220 11.27 41.81 -13.00
C SER A 220 11.14 42.87 -14.08
N GLU A 221 11.00 42.43 -15.34
CA GLU A 221 10.76 43.34 -16.48
C GLU A 221 9.84 44.43 -15.94
N PRO A 222 10.21 45.72 -16.03
CA PRO A 222 9.42 46.77 -15.40
C PRO A 222 8.07 47.07 -16.06
N TYR A 223 7.89 46.73 -17.34
CA TYR A 223 6.67 47.09 -18.06
C TYR A 223 5.51 46.14 -17.80
N GLY A 224 5.80 44.89 -17.44
CA GLY A 224 4.73 43.93 -17.23
C GLY A 224 4.14 43.41 -18.52
N ASP A 225 4.80 43.67 -19.64
CA ASP A 225 4.27 43.22 -20.92
C ASP A 225 4.18 41.70 -20.99
N SER A 226 5.21 41.02 -20.50
CA SER A 226 5.22 39.56 -20.58
C SER A 226 3.99 38.95 -19.91
N LEU A 227 3.48 39.60 -18.86
CA LEU A 227 2.21 39.19 -18.27
C LEU A 227 1.78 40.21 -17.24
N PHE A 228 0.47 40.42 -17.15
CA PHE A 228 -0.13 41.22 -16.09
C PHE A 228 -1.08 40.40 -15.21
N PHE A 229 -1.12 39.08 -15.40
CA PHE A 229 -1.89 38.20 -14.54
C PHE A 229 -1.34 36.79 -14.69
N TYR A 230 -1.27 36.06 -13.58
CA TYR A 230 -0.85 34.68 -13.63
C TYR A 230 -1.38 33.95 -12.40
N LEU A 231 -1.55 32.63 -12.55
CA LEU A 231 -1.96 31.76 -11.46
C LEU A 231 -1.26 30.43 -11.64
N ARG A 232 -1.14 29.71 -10.54
CA ARG A 232 -0.54 28.38 -10.58
C ARG A 232 -1.00 27.60 -9.35
N ARG A 233 -1.11 26.29 -9.54
CA ARG A 233 -1.42 25.40 -8.44
C ARG A 233 -0.94 24.01 -8.84
N GLU A 234 0.19 23.60 -8.29
CA GLU A 234 0.82 22.34 -8.63
C GLU A 234 1.12 21.57 -7.36
N GLN A 235 1.06 20.25 -7.45
CA GLN A 235 1.30 19.40 -6.30
C GLN A 235 1.82 18.06 -6.78
N MET A 236 2.50 17.36 -5.88
CA MET A 236 3.22 16.15 -6.22
C MET A 236 3.60 15.43 -4.94
N PHE A 237 3.72 14.11 -5.03
CA PHE A 237 4.28 13.33 -3.95
C PHE A 237 5.02 12.14 -4.55
N VAL A 238 5.96 11.60 -3.78
CA VAL A 238 6.73 10.45 -4.23
C VAL A 238 5.91 9.20 -4.01
N ARG A 239 5.64 8.47 -5.09
CA ARG A 239 4.83 7.27 -5.01
C ARG A 239 5.69 6.01 -5.01
N HIS A 240 6.92 6.11 -5.51
CA HIS A 240 7.85 4.98 -5.50
C HIS A 240 9.26 5.52 -5.53
N LEU A 241 10.19 4.69 -5.08
CA LEU A 241 11.61 5.01 -5.07
C LEU A 241 12.34 3.99 -5.94
N PHE A 242 13.08 4.48 -6.93
CA PHE A 242 13.72 3.63 -7.92
C PHE A 242 15.19 3.97 -8.03
N ASN A 243 15.90 3.11 -8.75
CA ASN A 243 17.34 3.18 -8.92
C ASN A 243 17.68 3.03 -10.40
N ARG A 244 18.85 3.54 -10.79
CA ARG A 244 19.32 3.43 -12.16
C ARG A 244 20.19 2.19 -12.34
N ALA A 245 20.71 2.02 -13.55
CA ALA A 245 21.52 0.85 -13.86
C ALA A 245 22.75 1.15 -14.72
N GLY A 246 22.95 2.40 -15.14
CA GLY A 246 24.09 2.71 -15.97
C GLY A 246 25.38 2.68 -15.19
N THR A 247 26.50 2.75 -15.92
CA THR A 247 27.80 2.82 -15.27
C THR A 247 27.89 4.08 -14.44
N VAL A 248 28.58 3.99 -13.30
CA VAL A 248 28.64 5.09 -12.36
C VAL A 248 29.55 6.18 -12.92
N GLY A 249 29.22 7.43 -12.61
CA GLY A 249 30.07 8.54 -12.92
C GLY A 249 30.86 8.97 -11.70
N GLU A 250 30.43 10.05 -11.05
CA GLU A 250 31.04 10.46 -9.79
C GLU A 250 30.77 9.39 -8.75
N ASN A 251 31.76 8.53 -8.51
CA ASN A 251 31.61 7.41 -7.60
C ASN A 251 31.56 7.89 -6.16
N VAL A 252 30.97 7.06 -5.31
CA VAL A 252 30.85 7.40 -3.88
C VAL A 252 32.23 7.42 -3.24
N PRO A 253 32.56 8.45 -2.45
CA PRO A 253 33.86 8.45 -1.77
C PRO A 253 34.01 7.25 -0.84
N ASP A 254 35.24 6.74 -0.75
CA ASP A 254 35.54 5.64 0.16
C ASP A 254 35.37 6.05 1.62
N ASP A 255 35.31 7.35 1.90
CA ASP A 255 35.20 7.81 3.28
C ASP A 255 33.82 7.53 3.87
N LEU A 256 32.78 7.58 3.04
CA LEU A 256 31.41 7.58 3.51
C LEU A 256 30.87 6.18 3.80
N TYR A 257 31.65 5.12 3.59
CA TYR A 257 31.15 3.78 3.84
C TYR A 257 32.30 2.85 4.16
N ILE A 258 31.97 1.73 4.77
CA ILE A 258 32.92 0.67 5.11
C ILE A 258 32.78 -0.43 4.08
N LYS A 259 33.90 -0.86 3.53
CA LYS A 259 33.86 -1.89 2.49
C LYS A 259 33.27 -3.17 3.04
N GLY A 260 32.38 -3.78 2.26
CA GLY A 260 31.74 -5.01 2.65
C GLY A 260 32.46 -6.23 2.11
N SER A 261 31.74 -7.34 2.08
CA SER A 261 32.28 -8.59 1.55
C SER A 261 31.13 -9.52 1.24
N GLY A 262 31.46 -10.63 0.58
CA GLY A 262 30.43 -11.58 0.19
C GLY A 262 29.41 -10.95 -0.71
N SER A 263 28.14 -11.02 -0.31
CA SER A 263 27.06 -10.48 -1.14
C SER A 263 27.19 -8.98 -1.30
N THR A 264 27.60 -8.28 -0.24
CA THR A 264 27.75 -6.83 -0.27
C THR A 264 29.05 -6.38 -0.92
N ALA A 265 29.82 -7.32 -1.48
CA ALA A 265 31.08 -6.94 -2.11
C ALA A 265 30.85 -5.96 -3.26
N ASN A 266 29.81 -6.17 -4.05
CA ASN A 266 29.51 -5.32 -5.19
C ASN A 266 28.49 -4.28 -4.76
N LEU A 267 28.90 -3.02 -4.74
CA LEU A 267 27.98 -1.94 -4.40
C LEU A 267 26.85 -1.86 -5.42
N ALA A 268 25.71 -1.38 -4.95
CA ALA A 268 24.59 -1.06 -5.81
C ALA A 268 24.63 0.41 -6.17
N SER A 269 24.01 0.74 -7.31
CA SER A 269 24.03 2.12 -7.79
C SER A 269 23.40 3.04 -6.76
N SER A 270 24.00 4.23 -6.61
CA SER A 270 23.53 5.24 -5.68
C SER A 270 22.75 6.35 -6.39
N ASN A 271 22.40 6.15 -7.64
CA ASN A 271 21.64 7.12 -8.42
C ASN A 271 20.16 6.74 -8.30
N TYR A 272 19.45 7.48 -7.47
CA TYR A 272 18.04 7.21 -7.17
C TYR A 272 17.17 8.28 -7.79
N PHE A 273 16.05 7.86 -8.37
CA PHE A 273 15.09 8.79 -8.91
C PHE A 273 13.68 8.48 -8.41
N PRO A 274 12.87 9.49 -8.16
CA PRO A 274 11.50 9.25 -7.72
C PRO A 274 10.51 9.17 -8.87
N THR A 275 9.41 8.46 -8.61
CA THR A 275 8.28 8.41 -9.52
C THR A 275 7.21 9.36 -9.01
N PRO A 276 6.85 10.42 -9.74
CA PRO A 276 5.92 11.40 -9.20
C PRO A 276 4.49 10.85 -9.14
N SER A 277 3.62 11.66 -8.55
CA SER A 277 2.19 11.38 -8.50
C SER A 277 1.47 12.65 -8.09
N GLY A 278 0.39 12.96 -8.78
CA GLY A 278 -0.36 14.16 -8.52
C GLY A 278 -1.43 14.05 -7.46
N SER A 279 -1.54 12.88 -6.83
CA SER A 279 -2.55 12.65 -5.80
C SER A 279 -3.97 12.70 -6.38
N MET A 280 -4.79 13.62 -5.90
CA MET A 280 -6.22 13.61 -6.14
C MET A 280 -6.66 14.88 -6.84
N VAL A 281 -7.53 14.71 -7.84
CA VAL A 281 -8.11 15.82 -8.59
C VAL A 281 -9.47 16.14 -8.00
N THR A 282 -9.80 17.42 -7.90
CA THR A 282 -11.06 17.85 -7.33
C THR A 282 -11.57 19.08 -8.05
N SER A 283 -12.89 19.28 -7.96
CA SER A 283 -13.49 20.48 -8.54
C SER A 283 -13.19 21.72 -7.72
N ASP A 284 -13.08 21.58 -6.40
CA ASP A 284 -12.78 22.73 -5.55
C ASP A 284 -11.39 23.29 -5.82
N ALA A 285 -10.49 22.46 -6.35
CA ALA A 285 -9.12 22.87 -6.65
C ALA A 285 -8.96 23.28 -8.11
N GLN A 286 -9.99 23.86 -8.70
CA GLN A 286 -9.97 24.26 -10.11
C GLN A 286 -9.89 25.78 -10.21
N ILE A 287 -8.96 26.25 -11.02
CA ILE A 287 -8.83 27.67 -11.30
C ILE A 287 -9.55 28.08 -12.59
N PHE A 288 -9.98 27.11 -13.38
CA PHE A 288 -10.63 27.38 -14.66
C PHE A 288 -12.14 27.50 -14.48
N ASN A 289 -12.83 27.85 -15.56
CA ASN A 289 -14.26 28.08 -15.53
C ASN A 289 -14.62 29.06 -14.44
N LYS A 290 -13.78 30.08 -14.29
CA LYS A 290 -13.93 31.07 -13.27
C LYS A 290 -13.38 32.38 -13.82
N PRO A 291 -14.12 33.49 -13.68
CA PRO A 291 -13.66 34.74 -14.28
C PRO A 291 -12.50 35.37 -13.53
N TYR A 292 -11.81 36.26 -14.24
CA TYR A 292 -10.71 37.03 -13.69
C TYR A 292 -10.99 38.50 -13.96
N TRP A 293 -10.43 39.37 -13.11
CA TRP A 293 -10.64 40.81 -13.22
C TRP A 293 -9.29 41.49 -13.06
N LEU A 294 -8.71 41.94 -14.17
CA LEU A 294 -7.39 42.55 -14.18
C LEU A 294 -7.50 44.08 -14.07
N GLN A 295 -8.05 44.50 -12.93
CA GLN A 295 -8.19 45.93 -12.69
C GLN A 295 -6.84 46.62 -12.64
N ARG A 296 -5.87 46.00 -11.97
CA ARG A 296 -4.52 46.52 -11.90
C ARG A 296 -3.53 45.38 -12.04
N ALA A 297 -2.48 45.59 -12.83
CA ALA A 297 -1.45 44.60 -13.02
C ALA A 297 -0.37 44.75 -11.95
N GLN A 298 0.57 43.81 -11.95
CA GLN A 298 1.72 43.86 -11.05
C GLN A 298 2.87 44.66 -11.65
N GLY A 299 2.72 45.19 -12.85
CA GLY A 299 3.76 45.98 -13.48
C GLY A 299 3.28 47.37 -13.83
N HIS A 300 4.12 48.13 -14.53
CA HIS A 300 3.71 49.46 -14.98
C HIS A 300 2.48 49.39 -15.88
N ASN A 301 2.55 48.55 -16.91
CA ASN A 301 1.43 48.36 -17.81
C ASN A 301 0.26 47.74 -17.08
N ASN A 302 -0.92 48.31 -17.26
CA ASN A 302 -2.12 47.92 -16.52
C ASN A 302 -3.09 47.12 -17.39
N GLY A 303 -2.55 46.25 -18.24
CA GLY A 303 -3.36 45.42 -19.11
C GLY A 303 -3.52 45.91 -20.53
N ILE A 304 -2.82 46.97 -20.93
CA ILE A 304 -2.95 47.47 -22.29
C ILE A 304 -2.45 46.42 -23.27
N CYS A 305 -3.15 46.31 -24.41
CA CYS A 305 -2.80 45.35 -25.45
C CYS A 305 -2.09 46.11 -26.57
N TRP A 306 -0.78 46.28 -26.41
CA TRP A 306 0.02 46.94 -27.42
C TRP A 306 0.13 46.05 -28.65
N GLY A 307 -0.05 46.66 -29.83
CA GLY A 307 0.02 45.92 -31.07
C GLY A 307 -1.20 45.10 -31.39
N ASN A 308 -2.28 45.23 -30.61
CA ASN A 308 -3.50 44.45 -30.82
C ASN A 308 -3.19 42.96 -30.82
N GLN A 309 -2.64 42.49 -29.70
CA GLN A 309 -2.28 41.09 -29.55
C GLN A 309 -2.42 40.68 -28.09
N LEU A 310 -2.52 39.38 -27.89
CA LEU A 310 -2.52 38.79 -26.57
C LEU A 310 -1.96 37.39 -26.67
N PHE A 311 -1.52 36.87 -25.52
CA PHE A 311 -1.04 35.51 -25.41
C PHE A 311 -1.66 34.91 -24.16
N VAL A 312 -2.19 33.71 -24.29
CA VAL A 312 -2.83 33.00 -23.19
C VAL A 312 -2.22 31.61 -23.14
N THR A 313 -1.37 31.37 -22.15
CA THR A 313 -0.75 30.07 -21.95
C THR A 313 -1.46 29.38 -20.80
N VAL A 314 -1.91 28.15 -21.05
CA VAL A 314 -2.67 27.40 -20.06
C VAL A 314 -2.18 25.96 -20.05
N VAL A 315 -2.10 25.39 -18.85
CA VAL A 315 -1.82 23.98 -18.66
C VAL A 315 -2.89 23.42 -17.74
N ASP A 316 -3.34 22.20 -18.04
CA ASP A 316 -4.37 21.57 -17.23
C ASP A 316 -4.20 20.06 -17.35
N THR A 317 -3.51 19.48 -16.38
CA THR A 317 -3.35 18.03 -16.28
C THR A 317 -4.50 17.39 -15.51
N THR A 318 -5.48 18.18 -15.08
CA THR A 318 -6.61 17.67 -14.31
C THR A 318 -7.70 17.07 -15.19
N ARG A 319 -7.60 17.21 -16.51
CA ARG A 319 -8.56 16.63 -17.44
C ARG A 319 -7.86 15.81 -18.51
N SER A 320 -6.66 15.31 -18.22
CA SER A 320 -5.83 14.63 -19.21
C SER A 320 -6.13 13.13 -19.22
N THR A 321 -7.39 12.81 -19.44
CA THR A 321 -7.80 11.41 -19.57
C THR A 321 -7.70 10.98 -21.02
N ASN A 322 -7.02 9.86 -21.24
CA ASN A 322 -6.81 9.32 -22.59
C ASN A 322 -7.84 8.22 -22.82
N MET A 323 -8.69 8.41 -23.83
CA MET A 323 -9.77 7.47 -24.12
C MET A 323 -9.28 6.48 -25.16
N SER A 324 -9.15 5.21 -24.75
CA SER A 324 -8.70 4.16 -25.66
C SER A 324 -9.81 3.78 -26.62
N LEU A 325 -9.40 3.40 -27.83
CA LEU A 325 -10.32 2.99 -28.88
C LEU A 325 -9.91 1.60 -29.37
N CYS A 326 -10.91 0.76 -29.62
CA CYS A 326 -10.69 -0.61 -30.07
C CYS A 326 -11.48 -0.83 -31.34
N ALA A 327 -10.82 -1.38 -32.36
CA ALA A 327 -11.43 -1.58 -33.66
C ALA A 327 -11.23 -3.04 -34.08
N ALA A 328 -12.28 -3.63 -34.65
CA ALA A 328 -12.29 -5.05 -34.95
C ALA A 328 -11.75 -5.28 -36.35
N ILE A 329 -10.63 -6.01 -36.43
CA ILE A 329 -10.06 -6.36 -37.72
C ILE A 329 -10.95 -7.36 -38.44
N SER A 330 -11.39 -8.39 -37.73
CA SER A 330 -12.23 -9.44 -38.29
C SER A 330 -13.34 -9.76 -37.29
N THR A 331 -14.51 -10.09 -37.82
CA THR A 331 -15.67 -10.44 -37.00
C THR A 331 -16.12 -11.87 -37.25
N SER A 332 -15.18 -12.73 -37.65
CA SER A 332 -15.48 -14.12 -37.99
C SER A 332 -14.98 -15.09 -36.93
N GLU A 333 -14.67 -14.60 -35.73
CA GLU A 333 -14.13 -15.42 -34.66
C GLU A 333 -15.19 -15.64 -33.59
N THR A 334 -15.40 -16.89 -33.22
CA THR A 334 -16.35 -17.21 -32.17
C THR A 334 -15.83 -16.79 -30.81
N THR A 335 -14.54 -16.98 -30.56
CA THR A 335 -13.91 -16.69 -29.28
C THR A 335 -13.01 -15.46 -29.40
N TYR A 336 -12.62 -14.96 -28.24
CA TYR A 336 -11.78 -13.77 -28.19
C TYR A 336 -10.36 -14.08 -28.62
N LYS A 337 -9.73 -13.10 -29.26
CA LYS A 337 -8.35 -13.22 -29.70
C LYS A 337 -7.72 -11.85 -29.72
N ASN A 338 -6.55 -11.73 -29.08
CA ASN A 338 -5.85 -10.45 -29.07
C ASN A 338 -5.40 -10.06 -30.47
N THR A 339 -5.24 -11.04 -31.36
CA THR A 339 -4.78 -10.78 -32.72
C THR A 339 -5.93 -10.45 -33.65
N ASN A 340 -7.01 -9.90 -33.10
CA ASN A 340 -8.18 -9.53 -33.87
C ASN A 340 -8.70 -8.15 -33.52
N PHE A 341 -8.00 -7.41 -32.67
CA PHE A 341 -8.40 -6.08 -32.26
C PHE A 341 -7.16 -5.18 -32.24
N LYS A 342 -7.32 -3.94 -32.64
CA LYS A 342 -6.25 -2.96 -32.64
C LYS A 342 -6.52 -1.90 -31.58
N GLU A 343 -5.52 -1.63 -30.76
CA GLU A 343 -5.64 -0.68 -29.65
C GLU A 343 -5.10 0.68 -30.07
N TYR A 344 -5.85 1.72 -29.74
CA TYR A 344 -5.50 3.09 -30.08
C TYR A 344 -5.67 3.97 -28.84
N LEU A 345 -4.95 5.09 -28.84
CA LEU A 345 -5.04 6.07 -27.77
C LEU A 345 -5.24 7.43 -28.41
N ARG A 346 -6.18 8.20 -27.87
CA ARG A 346 -6.45 9.55 -28.35
C ARG A 346 -6.83 10.42 -27.17
N HIS A 347 -6.62 11.71 -27.32
CA HIS A 347 -6.85 12.67 -26.26
C HIS A 347 -7.70 13.81 -26.78
N GLY A 348 -8.75 14.15 -26.03
CA GLY A 348 -9.66 15.20 -26.40
C GLY A 348 -9.41 16.46 -25.61
N GLU A 349 -9.06 17.52 -26.33
CA GLU A 349 -8.74 18.82 -25.75
C GLU A 349 -9.80 19.82 -26.19
N GLU A 350 -10.48 20.42 -25.23
CA GLU A 350 -11.56 21.36 -25.51
C GLU A 350 -11.32 22.65 -24.75
N TYR A 351 -11.60 23.78 -25.41
CA TYR A 351 -11.34 25.08 -24.83
C TYR A 351 -12.44 26.04 -25.28
N ASP A 352 -12.64 27.09 -24.49
CA ASP A 352 -13.56 28.16 -24.84
C ASP A 352 -13.14 29.45 -24.14
N LEU A 353 -12.53 30.36 -24.88
CA LEU A 353 -11.99 31.58 -24.33
C LEU A 353 -13.03 32.69 -24.41
N GLN A 354 -13.17 33.44 -23.33
CA GLN A 354 -14.03 34.60 -23.27
C GLN A 354 -13.22 35.76 -22.72
N PHE A 355 -13.45 36.95 -23.28
CA PHE A 355 -12.68 38.12 -22.93
C PHE A 355 -13.60 39.31 -22.79
N ILE A 356 -13.21 40.24 -21.93
CA ILE A 356 -13.84 41.56 -21.84
C ILE A 356 -12.76 42.60 -22.11
N PHE A 357 -13.03 43.49 -23.03
CA PHE A 357 -12.06 44.48 -23.46
C PHE A 357 -12.61 45.89 -23.23
N GLN A 358 -11.70 46.79 -22.90
CA GLN A 358 -12.03 48.16 -22.57
C GLN A 358 -11.28 49.09 -23.51
N LEU A 359 -11.96 50.13 -23.98
CA LEU A 359 -11.38 51.03 -24.95
C LEU A 359 -10.53 52.09 -24.26
N CYS A 360 -9.37 52.38 -24.82
CA CYS A 360 -8.46 53.38 -24.28
C CYS A 360 -7.98 54.30 -25.39
N LYS A 361 -7.99 55.60 -25.11
CA LYS A 361 -7.51 56.61 -26.05
C LYS A 361 -6.23 57.24 -25.51
N ILE A 362 -5.32 57.58 -26.42
CA ILE A 362 -4.05 58.17 -26.04
C ILE A 362 -3.87 59.48 -26.80
N PRO A 392 7.73 39.63 -36.47
CA PRO A 392 8.93 39.31 -35.68
C PRO A 392 8.74 38.06 -34.81
N LEU A 393 7.51 37.56 -34.73
CA LEU A 393 7.18 36.38 -33.95
C LEU A 393 6.79 35.19 -34.83
N LYS A 394 6.99 35.31 -36.14
CA LYS A 394 6.64 34.24 -37.08
C LYS A 394 7.58 33.05 -36.98
N LYS A 395 8.68 33.16 -36.23
CA LYS A 395 9.58 32.03 -36.06
C LYS A 395 8.95 30.92 -35.24
N TYR A 396 7.96 31.24 -34.40
CA TYR A 396 7.40 30.31 -33.44
C TYR A 396 6.06 29.78 -33.92
N THR A 397 5.65 28.66 -33.33
CA THR A 397 4.38 28.02 -33.61
C THR A 397 3.40 28.38 -32.50
N PHE A 398 2.39 29.17 -32.83
CA PHE A 398 1.31 29.50 -31.91
C PHE A 398 0.00 28.99 -32.46
N TRP A 399 -1.00 28.92 -31.57
CA TRP A 399 -2.37 28.57 -31.96
C TRP A 399 -3.09 29.87 -32.25
N GLU A 400 -3.14 30.24 -33.53
CA GLU A 400 -3.73 31.50 -33.91
C GLU A 400 -5.23 31.49 -33.66
N VAL A 401 -5.74 32.57 -33.07
CA VAL A 401 -7.15 32.73 -32.75
C VAL A 401 -7.57 34.10 -33.22
N ASN A 402 -8.49 34.14 -34.18
CA ASN A 402 -8.92 35.41 -34.76
C ASN A 402 -10.20 35.88 -34.09
N LEU A 403 -10.19 37.14 -33.65
CA LEU A 403 -11.31 37.74 -32.95
C LEU A 403 -11.80 39.02 -33.62
N LYS A 404 -11.35 39.29 -34.85
CA LYS A 404 -11.69 40.56 -35.50
C LYS A 404 -13.14 40.63 -35.92
N GLU A 405 -13.89 39.53 -35.83
CA GLU A 405 -15.31 39.52 -36.16
C GLU A 405 -16.21 39.18 -34.99
N LYS A 406 -15.65 38.75 -33.85
CA LYS A 406 -16.42 38.24 -32.73
C LYS A 406 -16.51 39.25 -31.59
N PHE A 407 -16.63 40.53 -31.91
CA PHE A 407 -16.76 41.58 -30.92
C PHE A 407 -18.19 42.11 -30.92
N SER A 408 -18.80 42.16 -29.74
CA SER A 408 -20.15 42.68 -29.60
C SER A 408 -20.27 43.35 -28.24
N ALA A 409 -21.00 44.45 -28.20
CA ALA A 409 -21.22 45.20 -26.96
C ALA A 409 -22.42 44.72 -26.17
N ASP A 410 -23.10 43.67 -26.63
CA ASP A 410 -24.22 43.08 -25.91
C ASP A 410 -23.66 42.16 -24.83
N LEU A 411 -23.27 42.76 -23.71
CA LEU A 411 -22.65 42.00 -22.63
C LEU A 411 -23.63 41.02 -22.00
N ASP A 412 -24.87 41.45 -21.78
CA ASP A 412 -25.83 40.62 -21.07
C ASP A 412 -26.14 39.33 -21.81
N GLN A 413 -25.98 39.29 -23.13
CA GLN A 413 -26.27 38.09 -23.90
C GLN A 413 -25.24 37.00 -23.70
N PHE A 414 -24.14 37.28 -23.00
CA PHE A 414 -23.09 36.31 -22.76
C PHE A 414 -22.88 36.13 -21.26
N PRO A 415 -22.44 34.94 -20.83
CA PRO A 415 -22.29 34.73 -19.37
C PRO A 415 -21.25 35.63 -18.73
N LEU A 416 -20.06 35.73 -19.34
CA LEU A 416 -19.03 36.58 -18.77
C LEU A 416 -19.49 38.02 -18.66
N GLY A 417 -20.30 38.49 -19.62
CA GLY A 417 -20.85 39.82 -19.53
C GLY A 417 -21.78 39.98 -18.34
N ARG A 418 -22.61 38.97 -18.09
CA ARG A 418 -23.48 39.02 -16.92
C ARG A 418 -22.66 39.08 -15.64
N LYS A 419 -21.62 38.27 -15.55
CA LYS A 419 -20.76 38.31 -14.36
C LYS A 419 -20.11 39.67 -14.20
N PHE A 420 -19.59 40.23 -15.30
CA PHE A 420 -18.97 41.54 -15.23
C PHE A 420 -19.94 42.61 -14.77
N LEU A 421 -21.17 42.57 -15.30
CA LEU A 421 -22.17 43.55 -14.87
C LEU A 421 -22.49 43.38 -13.39
N LEU A 422 -22.60 42.13 -12.93
CA LEU A 422 -22.87 41.91 -11.52
C LEU A 422 -21.76 42.47 -10.65
N GLN A 423 -20.51 42.27 -11.04
CA GLN A 423 -19.38 42.81 -10.29
C GLN A 423 -19.03 44.20 -10.81
N TYR B 8 -40.15 41.69 -18.08
CA TYR B 8 -41.55 41.89 -18.41
C TYR B 8 -42.45 40.93 -17.64
N VAL B 9 -41.86 40.05 -16.85
CA VAL B 9 -42.60 39.12 -16.00
C VAL B 9 -42.79 39.77 -14.64
N ALA B 10 -44.04 39.79 -14.17
CA ALA B 10 -44.38 40.40 -12.89
C ALA B 10 -44.40 39.34 -11.81
N ARG B 11 -43.66 39.59 -10.74
CA ARG B 11 -43.61 38.68 -9.59
C ARG B 11 -44.67 39.06 -8.56
N THR B 12 -45.08 38.07 -7.78
CA THR B 12 -46.08 38.27 -6.74
C THR B 12 -45.62 37.57 -5.47
N ASN B 13 -46.32 37.84 -4.37
CA ASN B 13 -45.98 37.27 -3.07
C ASN B 13 -46.75 35.99 -2.79
N ILE B 14 -47.12 35.24 -3.82
CA ILE B 14 -47.85 33.99 -3.68
C ILE B 14 -46.87 32.84 -3.86
N TYR B 15 -46.88 31.90 -2.92
CA TYR B 15 -45.97 30.76 -2.95
C TYR B 15 -46.75 29.48 -2.69
N TYR B 16 -46.21 28.37 -3.22
CA TYR B 16 -46.85 27.07 -3.12
C TYR B 16 -45.77 26.01 -2.98
N HIS B 17 -45.84 25.24 -1.89
CA HIS B 17 -44.93 24.13 -1.68
C HIS B 17 -45.47 22.88 -2.34
N ALA B 18 -44.55 22.03 -2.80
CA ALA B 18 -44.93 20.79 -3.45
C ALA B 18 -43.83 19.76 -3.24
N GLY B 19 -44.19 18.50 -3.44
CA GLY B 19 -43.21 17.43 -3.33
C GLY B 19 -43.89 16.09 -3.44
N THR B 20 -43.08 15.09 -3.77
CA THR B 20 -43.54 13.73 -3.93
C THR B 20 -43.70 13.00 -2.61
N SER B 21 -42.83 13.29 -1.65
CA SER B 21 -42.72 12.71 -0.32
C SER B 21 -42.09 11.32 -0.34
N ARG B 22 -41.95 10.69 -1.50
CA ARG B 22 -41.18 9.46 -1.62
C ARG B 22 -41.05 9.02 -3.07
N LEU B 23 -39.87 8.56 -3.46
CA LEU B 23 -39.62 8.03 -4.79
C LEU B 23 -38.60 6.93 -4.67
N LEU B 24 -39.02 5.70 -4.94
CA LEU B 24 -38.21 4.53 -4.65
C LEU B 24 -38.01 3.71 -5.91
N ALA B 25 -36.83 3.11 -6.02
CA ALA B 25 -36.50 2.27 -7.16
C ALA B 25 -35.58 1.16 -6.67
N VAL B 26 -35.65 0.02 -7.35
CA VAL B 26 -34.86 -1.15 -6.98
C VAL B 26 -34.55 -1.93 -8.25
N GLY B 27 -33.37 -2.54 -8.27
CA GLY B 27 -33.02 -3.38 -9.39
C GLY B 27 -31.54 -3.74 -9.35
N HIS B 28 -31.16 -4.52 -10.33
CA HIS B 28 -29.76 -4.93 -10.48
C HIS B 28 -28.92 -3.73 -10.90
N PRO B 29 -27.72 -3.55 -10.36
CA PRO B 29 -26.95 -2.35 -10.67
C PRO B 29 -26.17 -2.42 -11.96
N TYR B 30 -25.81 -3.63 -12.41
CA TYR B 30 -25.00 -3.79 -13.60
C TYR B 30 -25.84 -3.87 -14.86
N PHE B 31 -26.73 -4.86 -14.94
CA PHE B 31 -27.53 -5.09 -16.13
C PHE B 31 -28.95 -5.47 -15.73
N PRO B 32 -29.93 -5.14 -16.57
CA PRO B 32 -31.31 -5.58 -16.30
C PRO B 32 -31.48 -7.07 -16.53
N ILE B 33 -32.47 -7.63 -15.86
CA ILE B 33 -32.77 -9.06 -15.94
C ILE B 33 -33.84 -9.27 -17.00
N LYS B 34 -33.80 -10.42 -17.66
CA LYS B 34 -34.79 -10.77 -18.66
C LYS B 34 -34.58 -12.21 -19.09
N LYS B 35 -35.54 -12.71 -19.85
CA LYS B 35 -35.54 -14.10 -20.27
C LYS B 35 -34.46 -14.35 -21.32
N PRO B 36 -34.04 -15.60 -21.50
CA PRO B 36 -32.84 -15.87 -22.31
C PRO B 36 -32.74 -15.09 -23.60
N ASN B 37 -33.76 -15.10 -24.46
CA ASN B 37 -33.73 -14.34 -25.69
C ASN B 37 -34.78 -13.25 -25.77
N ASN B 38 -35.74 -13.23 -24.84
CA ASN B 38 -36.74 -12.19 -24.85
C ASN B 38 -36.13 -10.86 -24.40
N ASN B 39 -36.67 -9.77 -24.94
CA ASN B 39 -36.23 -8.42 -24.60
C ASN B 39 -37.09 -7.79 -23.52
N LYS B 40 -37.99 -8.55 -22.91
CA LYS B 40 -38.86 -8.04 -21.85
C LYS B 40 -38.10 -8.06 -20.52
N ILE B 41 -38.12 -6.94 -19.82
CA ILE B 41 -37.36 -6.80 -18.58
C ILE B 41 -38.21 -7.29 -17.42
N LEU B 42 -37.59 -8.09 -16.55
CA LEU B 42 -38.19 -8.51 -15.29
C LEU B 42 -37.73 -7.65 -14.13
N VAL B 43 -36.45 -7.33 -14.08
CA VAL B 43 -35.90 -6.45 -13.04
C VAL B 43 -35.12 -5.34 -13.72
N PRO B 44 -35.44 -4.07 -13.46
CA PRO B 44 -34.74 -2.97 -14.13
C PRO B 44 -33.31 -2.83 -13.63
N LYS B 45 -32.56 -1.98 -14.32
CA LYS B 45 -31.20 -1.65 -13.94
C LYS B 45 -31.22 -0.31 -13.21
N VAL B 46 -30.76 -0.33 -11.96
CA VAL B 46 -30.73 0.85 -11.11
C VAL B 46 -29.38 0.93 -10.43
N SER B 47 -28.71 2.07 -10.56
CA SER B 47 -27.41 2.28 -9.96
C SER B 47 -27.18 3.77 -9.76
N GLY B 48 -26.17 4.09 -8.95
CA GLY B 48 -25.84 5.48 -8.70
C GLY B 48 -25.09 6.17 -9.80
N LEU B 49 -24.68 5.41 -10.82
CA LEU B 49 -23.97 5.94 -11.98
C LEU B 49 -24.91 6.43 -13.06
N GLN B 50 -26.22 6.36 -12.84
CA GLN B 50 -27.20 6.73 -13.84
C GLN B 50 -27.79 8.10 -13.51
N TYR B 51 -28.01 8.91 -14.54
CA TYR B 51 -28.75 10.13 -14.38
C TYR B 51 -30.20 9.83 -14.05
N ARG B 52 -30.81 10.72 -13.28
CA ARG B 52 -32.22 10.63 -12.91
C ARG B 52 -32.87 11.95 -13.31
N VAL B 53 -33.57 11.92 -14.44
CA VAL B 53 -34.20 13.11 -15.00
C VAL B 53 -35.67 13.04 -14.64
N PHE B 54 -36.11 13.91 -13.74
CA PHE B 54 -37.49 13.96 -13.31
C PHE B 54 -38.22 15.05 -14.08
N ARG B 55 -39.18 14.63 -14.90
CA ARG B 55 -39.97 15.55 -15.69
C ARG B 55 -41.19 15.94 -14.87
N ILE B 56 -41.14 17.11 -14.26
CA ILE B 56 -42.17 17.56 -13.36
C ILE B 56 -43.30 18.17 -14.17
N HIS B 57 -44.52 17.67 -13.98
CA HIS B 57 -45.69 18.14 -14.69
C HIS B 57 -46.50 19.00 -13.72
N LEU B 58 -46.24 20.30 -13.77
CA LEU B 58 -46.91 21.23 -12.88
C LEU B 58 -48.37 21.40 -13.29
N PRO B 59 -49.24 21.76 -12.35
CA PRO B 59 -50.60 22.14 -12.71
C PRO B 59 -50.61 23.48 -13.45
N ASP B 60 -51.67 23.66 -14.23
CA ASP B 60 -51.79 24.90 -15.00
C ASP B 60 -52.19 26.04 -14.06
N PRO B 61 -51.36 27.08 -13.93
CA PRO B 61 -51.77 28.21 -13.07
C PRO B 61 -52.98 28.95 -13.58
N ASN B 62 -53.32 28.82 -14.85
CA ASN B 62 -54.47 29.49 -15.44
C ASN B 62 -55.76 28.71 -15.28
N LYS B 63 -55.72 27.55 -14.63
CA LYS B 63 -56.92 26.76 -14.37
C LYS B 63 -57.00 26.38 -12.89
N VAL B 80 -47.82 31.85 -14.97
CA VAL B 80 -46.76 30.87 -15.08
C VAL B 80 -46.03 30.74 -13.75
N TRP B 81 -45.60 29.53 -13.44
CA TRP B 81 -44.87 29.27 -12.21
C TRP B 81 -43.42 29.73 -12.32
N ALA B 82 -42.76 29.83 -11.17
CA ALA B 82 -41.36 30.22 -11.10
C ALA B 82 -40.72 29.47 -9.95
N CYS B 83 -39.87 28.51 -10.28
CA CYS B 83 -39.21 27.66 -9.28
C CYS B 83 -38.17 28.50 -8.55
N VAL B 84 -38.51 28.95 -7.34
CA VAL B 84 -37.61 29.78 -6.55
C VAL B 84 -36.81 28.99 -5.53
N GLY B 85 -37.10 27.70 -5.35
CA GLY B 85 -36.36 26.89 -4.41
C GLY B 85 -36.54 25.42 -4.69
N VAL B 86 -35.56 24.64 -4.27
CA VAL B 86 -35.55 23.19 -4.50
C VAL B 86 -34.75 22.52 -3.40
N GLU B 87 -35.11 21.28 -3.09
CA GLU B 87 -34.37 20.46 -2.16
C GLU B 87 -34.48 19.02 -2.60
N VAL B 88 -33.34 18.35 -2.72
CA VAL B 88 -33.28 16.98 -3.23
C VAL B 88 -32.89 16.09 -2.06
N GLY B 89 -33.88 15.47 -1.44
CA GLY B 89 -33.62 14.61 -0.31
C GLY B 89 -33.09 13.25 -0.76
N ARG B 90 -32.10 12.76 -0.02
CA ARG B 90 -31.56 11.43 -0.20
C ARG B 90 -31.56 10.73 1.15
N GLY B 91 -32.06 9.51 1.19
CA GLY B 91 -32.34 8.85 2.45
C GLY B 91 -31.38 7.73 2.78
N GLN B 92 -30.90 7.03 1.77
CA GLN B 92 -30.08 5.85 2.00
C GLN B 92 -28.75 6.24 2.65
N PRO B 93 -28.12 5.30 3.34
CA PRO B 93 -26.83 5.59 3.97
C PRO B 93 -25.73 5.78 2.95
N LEU B 94 -24.73 6.56 3.36
CA LEU B 94 -23.55 6.73 2.52
C LEU B 94 -22.83 5.40 2.33
N GLY B 95 -22.28 5.23 1.14
CA GLY B 95 -21.58 4.01 0.78
C GLY B 95 -20.89 4.22 -0.54
N VAL B 96 -20.12 3.21 -0.93
CA VAL B 96 -19.32 3.28 -2.16
C VAL B 96 -19.58 2.01 -2.96
N GLY B 97 -20.00 2.19 -4.20
CA GLY B 97 -20.25 1.06 -5.07
C GLY B 97 -18.99 0.50 -5.69
N ILE B 98 -19.10 -0.74 -6.14
CA ILE B 98 -18.01 -1.47 -6.73
C ILE B 98 -18.48 -2.06 -8.04
N SER B 99 -17.67 -1.90 -9.09
CA SER B 99 -17.99 -2.41 -10.41
C SER B 99 -16.77 -3.10 -10.98
N GLY B 100 -17.01 -4.06 -11.87
CA GLY B 100 -15.92 -4.87 -12.39
C GLY B 100 -16.32 -5.60 -13.64
N HIS B 101 -15.38 -6.38 -14.15
CA HIS B 101 -15.58 -7.14 -15.37
C HIS B 101 -14.87 -8.49 -15.24
N PRO B 102 -15.58 -9.60 -15.38
CA PRO B 102 -14.93 -10.91 -15.25
C PRO B 102 -13.82 -11.14 -16.25
N LEU B 103 -13.82 -10.42 -17.37
CA LEU B 103 -12.88 -10.62 -18.45
C LEU B 103 -12.37 -9.28 -18.96
N LEU B 104 -11.92 -8.43 -18.04
CA LEU B 104 -11.31 -7.17 -18.43
C LEU B 104 -9.99 -7.41 -19.14
N ASN B 105 -9.64 -6.48 -20.02
CA ASN B 105 -8.39 -6.55 -20.77
C ASN B 105 -7.29 -5.85 -19.97
N LYS B 106 -6.39 -6.65 -19.40
CA LYS B 106 -5.36 -6.13 -18.52
C LYS B 106 -4.17 -7.07 -18.62
N LEU B 107 -3.11 -6.62 -19.29
CA LEU B 107 -1.95 -7.48 -19.53
C LEU B 107 -1.13 -7.66 -18.26
N ASP B 108 -0.65 -6.55 -17.69
CA ASP B 108 0.16 -6.63 -16.48
C ASP B 108 0.16 -5.26 -15.81
N ASP B 109 0.53 -5.27 -14.53
CA ASP B 109 0.70 -4.04 -13.78
C ASP B 109 2.12 -3.53 -13.99
N THR B 110 2.23 -2.25 -14.34
CA THR B 110 3.51 -1.65 -14.69
C THR B 110 3.93 -0.55 -13.73
N GLU B 111 3.21 -0.39 -12.61
CA GLU B 111 3.58 0.64 -11.64
C GLU B 111 4.95 0.36 -11.03
N ASN B 112 5.20 -0.90 -10.66
CA ASN B 112 6.44 -1.28 -9.99
C ASN B 112 6.91 -2.62 -10.53
N ALA B 113 6.88 -2.78 -11.85
CA ALA B 113 7.33 -4.02 -12.46
C ALA B 113 8.81 -4.25 -12.16
N SER B 114 9.12 -5.47 -11.73
CA SER B 114 10.49 -5.84 -11.40
C SER B 114 11.09 -6.83 -12.38
N ALA B 115 10.29 -7.49 -13.19
CA ALA B 115 10.78 -8.38 -14.24
C ALA B 115 10.02 -8.07 -15.53
N TYR B 116 10.71 -8.22 -16.65
CA TYR B 116 10.11 -7.86 -17.93
C TYR B 116 9.00 -8.85 -18.29
N ALA B 117 7.89 -8.31 -18.82
CA ALA B 117 6.77 -9.15 -19.19
C ALA B 117 7.20 -10.19 -20.21
N ALA B 118 6.71 -11.42 -20.04
CA ALA B 118 7.15 -12.57 -20.81
C ALA B 118 6.22 -12.90 -21.98
N ASN B 119 4.95 -13.14 -21.71
CA ASN B 119 4.02 -13.65 -22.72
C ASN B 119 2.73 -12.84 -22.69
N ALA B 120 2.15 -12.68 -23.87
CA ALA B 120 0.82 -12.10 -24.02
C ALA B 120 -0.26 -13.15 -24.24
N GLY B 121 0.03 -14.19 -25.00
CA GLY B 121 -0.90 -15.29 -25.18
C GLY B 121 -2.07 -14.94 -26.08
N VAL B 122 -2.95 -15.91 -26.23
CA VAL B 122 -4.15 -15.72 -27.05
C VAL B 122 -5.16 -14.87 -26.31
N ASP B 123 -5.46 -15.24 -25.07
CA ASP B 123 -6.37 -14.49 -24.20
C ASP B 123 -5.69 -14.27 -22.87
N ASN B 124 -5.61 -13.01 -22.45
CA ASN B 124 -4.93 -12.64 -21.20
C ASN B 124 -5.79 -11.65 -20.43
N ARG B 125 -7.07 -11.97 -20.30
CA ARG B 125 -8.01 -11.13 -19.57
C ARG B 125 -8.15 -11.65 -18.14
N GLU B 126 -8.37 -10.72 -17.23
CA GLU B 126 -8.39 -11.01 -15.80
C GLU B 126 -9.64 -10.46 -15.16
N CYS B 127 -10.08 -11.10 -14.08
CA CYS B 127 -11.22 -10.64 -13.31
C CYS B 127 -10.77 -9.45 -12.46
N ILE B 128 -11.23 -8.26 -12.82
CA ILE B 128 -10.77 -7.03 -12.21
C ILE B 128 -11.98 -6.24 -11.72
N SER B 129 -11.80 -5.56 -10.59
CA SER B 129 -12.82 -4.73 -9.99
C SER B 129 -12.22 -3.37 -9.68
N MET B 130 -13.08 -2.39 -9.44
CA MET B 130 -12.60 -1.04 -9.19
C MET B 130 -13.78 -0.17 -8.81
N ASP B 131 -13.54 0.78 -7.91
CA ASP B 131 -14.50 1.81 -7.64
C ASP B 131 -14.44 2.87 -8.73
N TYR B 132 -15.27 3.90 -8.59
CA TYR B 132 -15.47 4.88 -9.65
C TYR B 132 -15.27 6.28 -9.13
N LYS B 133 -14.93 7.16 -10.06
CA LYS B 133 -14.86 8.58 -9.77
C LYS B 133 -16.12 9.06 -9.08
N GLN B 134 -15.95 9.54 -7.85
CA GLN B 134 -17.05 10.17 -7.14
C GLN B 134 -17.51 11.41 -7.89
N THR B 135 -18.82 11.56 -8.04
CA THR B 135 -19.37 12.71 -8.73
C THR B 135 -20.78 12.98 -8.23
N GLN B 136 -21.10 14.26 -8.12
CA GLN B 136 -22.43 14.72 -7.74
C GLN B 136 -22.81 15.88 -8.65
N LEU B 137 -24.10 16.02 -8.93
CA LEU B 137 -24.56 17.17 -9.70
C LEU B 137 -26.06 17.28 -9.58
N CYS B 138 -26.57 18.47 -9.87
CA CYS B 138 -28.01 18.75 -9.77
C CYS B 138 -28.31 19.89 -10.74
N LEU B 139 -28.90 19.55 -11.89
CA LEU B 139 -29.25 20.52 -12.91
C LEU B 139 -30.75 20.77 -12.88
N ILE B 140 -31.12 22.04 -12.88
CA ILE B 140 -32.52 22.45 -12.83
C ILE B 140 -32.79 23.41 -13.98
N GLY B 141 -33.86 23.14 -14.72
CA GLY B 141 -34.22 24.01 -15.83
C GLY B 141 -35.57 23.63 -16.38
N CYS B 142 -36.01 24.40 -17.37
CA CYS B 142 -37.29 24.18 -18.03
C CYS B 142 -37.17 23.39 -19.32
N LYS B 143 -35.97 22.98 -19.70
CA LYS B 143 -35.72 22.21 -20.90
C LYS B 143 -34.80 21.05 -20.58
N PRO B 144 -34.85 19.98 -21.37
CA PRO B 144 -34.03 18.81 -21.07
C PRO B 144 -32.56 19.16 -21.15
N PRO B 145 -31.73 18.51 -20.34
CA PRO B 145 -30.30 18.82 -20.34
C PRO B 145 -29.61 18.30 -21.59
N ILE B 146 -28.40 18.79 -21.79
CA ILE B 146 -27.59 18.47 -22.97
C ILE B 146 -26.31 17.80 -22.52
N GLY B 147 -25.93 16.73 -23.21
CA GLY B 147 -24.76 15.96 -22.84
C GLY B 147 -23.88 15.62 -24.03
N GLU B 148 -22.58 15.79 -23.82
CA GLU B 148 -21.55 15.64 -24.86
C GLU B 148 -20.79 14.35 -24.64
N HIS B 149 -20.55 13.60 -25.68
CA HIS B 149 -19.71 12.40 -25.57
C HIS B 149 -18.84 12.35 -26.80
N TRP B 150 -18.12 11.25 -27.01
CA TRP B 150 -17.16 11.13 -28.10
C TRP B 150 -17.54 9.92 -28.91
N GLY B 151 -18.23 10.11 -30.03
CA GLY B 151 -18.71 9.01 -30.82
C GLY B 151 -17.97 8.89 -32.15
N LYS B 152 -18.35 7.85 -32.89
CA LYS B 152 -17.73 7.61 -34.18
C LYS B 152 -18.11 8.72 -35.15
N GLY B 153 -17.14 9.18 -35.92
CA GLY B 153 -17.37 10.30 -36.80
C GLY B 153 -18.06 9.90 -38.10
N SER B 154 -18.75 10.88 -38.66
CA SER B 154 -19.47 10.72 -39.92
C SER B 154 -18.54 10.72 -41.13
N PRO B 155 -17.51 11.58 -41.17
CA PRO B 155 -16.85 11.86 -42.46
C PRO B 155 -16.10 10.67 -43.04
N CYS B 156 -16.60 10.14 -44.14
CA CYS B 156 -15.92 9.13 -44.92
C CYS B 156 -15.18 9.73 -46.12
N THR B 157 -15.75 10.78 -46.73
CA THR B 157 -15.10 11.54 -47.79
C THR B 157 -14.53 10.63 -48.87
N ASN B 158 -13.19 10.59 -49.00
CA ASN B 158 -12.52 9.79 -50.03
C ASN B 158 -11.40 8.97 -49.43
N VAL B 159 -11.62 8.43 -48.22
CA VAL B 159 -10.63 7.62 -47.52
C VAL B 159 -11.22 6.23 -47.32
N ALA B 160 -10.47 5.21 -47.73
CA ALA B 160 -10.89 3.83 -47.56
C ALA B 160 -10.72 3.42 -46.11
N VAL B 161 -11.75 2.82 -45.53
CA VAL B 161 -11.69 2.26 -44.18
C VAL B 161 -11.02 0.90 -44.28
N ASN B 162 -9.71 0.87 -44.05
CA ASN B 162 -8.98 -0.38 -44.11
C ASN B 162 -9.33 -1.26 -42.92
N PRO B 163 -9.06 -2.56 -43.02
CA PRO B 163 -9.40 -3.46 -41.91
C PRO B 163 -8.77 -3.03 -40.58
N GLY B 164 -9.61 -2.68 -39.62
CA GLY B 164 -9.13 -2.38 -38.29
C GLY B 164 -8.53 -1.01 -38.10
N ASP B 165 -8.81 -0.06 -39.00
CA ASP B 165 -8.25 1.27 -38.84
C ASP B 165 -8.89 1.98 -37.64
N CYS B 166 -8.31 3.11 -37.28
CA CYS B 166 -8.78 3.86 -36.12
C CYS B 166 -10.08 4.57 -36.46
N PRO B 167 -11.18 4.31 -35.74
CA PRO B 167 -12.40 5.03 -36.02
C PRO B 167 -12.21 6.52 -35.81
N PRO B 168 -12.86 7.35 -36.63
CA PRO B 168 -12.82 8.80 -36.38
C PRO B 168 -13.59 9.15 -35.12
N LEU B 169 -13.26 10.30 -34.56
CA LEU B 169 -13.86 10.81 -33.34
C LEU B 169 -14.62 12.09 -33.65
N GLU B 170 -15.76 12.26 -32.98
CA GLU B 170 -16.59 13.44 -33.18
C GLU B 170 -17.24 13.81 -31.86
N LEU B 171 -17.41 15.12 -31.64
CA LEU B 171 -18.00 15.63 -30.41
C LEU B 171 -19.50 15.74 -30.61
N ILE B 172 -20.23 14.73 -30.14
CA ILE B 172 -21.66 14.65 -30.31
C ILE B 172 -22.36 15.38 -29.18
N ASN B 173 -23.55 15.88 -29.47
CA ASN B 173 -24.43 16.48 -28.47
C ASN B 173 -25.77 15.79 -28.51
N THR B 174 -26.31 15.48 -27.33
CA THR B 174 -27.54 14.73 -27.21
C THR B 174 -28.36 15.35 -26.08
N VAL B 175 -29.41 14.64 -25.68
CA VAL B 175 -30.22 14.99 -24.52
C VAL B 175 -30.10 13.86 -23.51
N ILE B 176 -29.81 14.21 -22.26
CA ILE B 176 -29.61 13.20 -21.23
C ILE B 176 -30.95 12.65 -20.79
N GLN B 177 -31.06 11.33 -20.76
CA GLN B 177 -32.26 10.63 -20.34
C GLN B 177 -31.99 9.88 -19.04
N ASP B 178 -33.08 9.53 -18.36
CA ASP B 178 -32.96 8.68 -17.18
C ASP B 178 -32.50 7.30 -17.61
N GLY B 179 -31.47 6.79 -16.91
CA GLY B 179 -30.87 5.51 -17.26
C GLY B 179 -29.55 5.63 -17.99
N ASP B 180 -29.21 6.82 -18.50
CA ASP B 180 -27.92 7.02 -19.12
C ASP B 180 -26.82 7.08 -18.06
N MET B 181 -25.66 6.52 -18.40
CA MET B 181 -24.55 6.45 -17.46
C MET B 181 -23.81 7.78 -17.40
N VAL B 182 -23.01 7.92 -16.35
CA VAL B 182 -22.24 9.14 -16.11
C VAL B 182 -20.77 8.83 -16.37
N ASP B 183 -19.97 9.89 -16.49
CA ASP B 183 -18.53 9.74 -16.64
C ASP B 183 -17.95 9.04 -15.41
N THR B 184 -17.14 8.00 -15.65
CA THR B 184 -16.55 7.21 -14.59
C THR B 184 -15.03 7.36 -14.52
N GLY B 185 -14.49 8.40 -15.15
CA GLY B 185 -13.06 8.57 -15.22
C GLY B 185 -12.39 7.87 -16.38
N PHE B 186 -13.12 7.04 -17.11
CA PHE B 186 -12.64 6.46 -18.35
C PHE B 186 -12.87 7.36 -19.56
N GLY B 187 -13.52 8.50 -19.35
CA GLY B 187 -13.80 9.42 -20.43
C GLY B 187 -15.22 9.35 -20.93
N ALA B 188 -15.77 10.48 -21.34
CA ALA B 188 -17.11 10.56 -21.90
C ALA B 188 -17.06 10.09 -23.34
N MET B 189 -17.46 8.83 -23.58
CA MET B 189 -17.35 8.24 -24.89
C MET B 189 -18.43 7.19 -25.07
N ASP B 190 -18.73 6.89 -26.33
CA ASP B 190 -19.71 5.86 -26.70
C ASP B 190 -18.97 4.54 -26.82
N PHE B 191 -18.89 3.82 -25.71
CA PHE B 191 -18.14 2.57 -25.67
C PHE B 191 -18.72 1.51 -26.59
N THR B 192 -19.99 1.65 -26.98
CA THR B 192 -20.63 0.61 -27.79
C THR B 192 -19.96 0.47 -29.15
N THR B 193 -19.64 1.60 -29.77
CA THR B 193 -19.07 1.62 -31.12
C THR B 193 -17.56 1.76 -31.12
N LEU B 194 -17.03 2.72 -30.36
CA LEU B 194 -15.59 2.94 -30.31
C LEU B 194 -14.83 1.72 -29.81
N GLN B 195 -15.42 0.94 -28.91
CA GLN B 195 -14.80 -0.27 -28.38
C GLN B 195 -15.64 -1.46 -28.81
N ALA B 196 -15.02 -2.36 -29.58
CA ALA B 196 -15.74 -3.51 -30.12
C ALA B 196 -15.51 -4.77 -29.30
N ASN B 197 -14.40 -4.84 -28.59
CA ASN B 197 -14.06 -6.04 -27.83
C ASN B 197 -14.87 -6.20 -26.55
N LYS B 198 -15.49 -5.12 -26.06
CA LYS B 198 -16.36 -5.18 -24.89
C LYS B 198 -15.63 -5.62 -23.63
N SER B 199 -14.32 -5.45 -23.59
CA SER B 199 -13.51 -5.81 -22.44
C SER B 199 -12.69 -4.64 -21.91
N GLU B 200 -12.87 -3.44 -22.49
CA GLU B 200 -12.05 -2.31 -22.10
C GLU B 200 -12.49 -1.69 -20.79
N VAL B 201 -13.77 -1.77 -20.46
CA VAL B 201 -14.30 -1.11 -19.28
C VAL B 201 -15.27 -2.05 -18.54
N PRO B 202 -15.62 -1.74 -17.31
CA PRO B 202 -16.48 -2.65 -16.53
C PRO B 202 -17.80 -2.94 -17.24
N LEU B 203 -18.52 -3.89 -16.65
CA LEU B 203 -19.74 -4.42 -17.25
C LEU B 203 -20.85 -3.40 -17.36
N ASP B 204 -20.94 -2.46 -16.43
CA ASP B 204 -22.03 -1.51 -16.40
C ASP B 204 -21.95 -0.45 -17.49
N ILE B 205 -20.81 -0.32 -18.18
CA ILE B 205 -20.65 0.66 -19.23
C ILE B 205 -20.06 0.08 -20.50
N CYS B 206 -19.79 -1.22 -20.55
CA CYS B 206 -19.16 -1.82 -21.72
C CYS B 206 -20.04 -1.71 -22.96
N THR B 207 -21.34 -1.48 -22.79
CA THR B 207 -22.27 -1.38 -23.90
C THR B 207 -23.25 -0.24 -23.69
N SER B 208 -22.76 0.89 -23.20
CA SER B 208 -23.59 2.05 -22.92
C SER B 208 -22.85 3.31 -23.34
N ILE B 209 -23.45 4.45 -23.05
CA ILE B 209 -22.91 5.76 -23.40
C ILE B 209 -22.69 6.53 -22.10
N CYS B 210 -21.44 6.87 -21.82
CA CYS B 210 -21.09 7.66 -20.64
C CYS B 210 -21.02 9.11 -21.06
N LYS B 211 -22.11 9.83 -20.88
CA LYS B 211 -22.17 11.24 -21.23
C LYS B 211 -21.66 12.11 -20.10
N TYR B 212 -21.29 13.34 -20.46
CA TYR B 212 -20.93 14.36 -19.50
C TYR B 212 -21.61 15.66 -19.90
N PRO B 213 -22.20 16.39 -18.96
CA PRO B 213 -22.93 17.60 -19.33
C PRO B 213 -22.06 18.58 -20.09
N ASP B 214 -22.66 19.21 -21.10
CA ASP B 214 -21.99 20.25 -21.87
C ASP B 214 -22.34 21.61 -21.29
N TYR B 215 -21.72 21.90 -20.15
CA TYR B 215 -22.00 23.14 -19.45
C TYR B 215 -21.78 24.35 -20.34
N ILE B 216 -20.81 24.29 -21.25
CA ILE B 216 -20.53 25.44 -22.09
C ILE B 216 -21.75 25.80 -22.94
N LYS B 217 -22.30 24.82 -23.63
CA LYS B 217 -23.44 25.09 -24.51
C LYS B 217 -24.69 25.43 -23.72
N MET B 218 -24.94 24.71 -22.64
CA MET B 218 -26.12 24.98 -21.83
C MET B 218 -26.03 26.33 -21.13
N VAL B 219 -24.91 27.03 -21.02
CA VAL B 219 -24.95 28.41 -20.42
C VAL B 219 -24.87 29.44 -21.54
N SER B 220 -24.28 29.08 -22.67
CA SER B 220 -24.21 29.98 -23.86
C SER B 220 -25.63 30.33 -24.27
N GLU B 221 -26.47 29.33 -24.53
CA GLU B 221 -27.90 29.55 -24.84
C GLU B 221 -28.28 30.82 -24.09
N PRO B 222 -28.65 31.91 -24.77
CA PRO B 222 -28.88 33.18 -24.07
C PRO B 222 -30.08 33.18 -23.12
N TYR B 223 -31.03 32.25 -23.28
CA TYR B 223 -32.26 32.26 -22.50
C TYR B 223 -32.10 31.59 -21.13
N GLY B 224 -31.15 30.66 -21.00
CA GLY B 224 -31.00 29.95 -19.75
C GLY B 224 -32.04 28.89 -19.53
N ASP B 225 -32.81 28.55 -20.57
CA ASP B 225 -33.86 27.56 -20.42
C ASP B 225 -33.29 26.19 -20.04
N SER B 226 -32.18 25.80 -20.66
CA SER B 226 -31.62 24.49 -20.38
C SER B 226 -31.30 24.33 -18.90
N LEU B 227 -30.94 25.40 -18.22
CA LEU B 227 -30.80 25.36 -16.76
C LEU B 227 -30.58 26.77 -16.24
N PHE B 228 -31.14 27.04 -15.05
CA PHE B 228 -30.86 28.27 -14.32
C PHE B 228 -30.20 28.01 -12.97
N PHE B 229 -29.78 26.77 -12.72
CA PHE B 229 -29.01 26.43 -11.53
C PHE B 229 -28.31 25.11 -11.77
N TYR B 230 -27.06 25.01 -11.30
CA TYR B 230 -26.33 23.76 -11.40
C TYR B 230 -25.24 23.73 -10.34
N LEU B 231 -24.87 22.52 -9.95
CA LEU B 231 -23.78 22.29 -9.02
C LEU B 231 -23.06 21.02 -9.42
N ARG B 232 -21.80 20.92 -8.99
CA ARG B 232 -21.02 19.72 -9.26
C ARG B 232 -19.88 19.64 -8.27
N ARG B 233 -19.52 18.41 -7.94
CA ARG B 233 -18.37 18.17 -7.07
C ARG B 233 -17.90 16.75 -7.36
N GLU B 234 -16.82 16.63 -8.12
CA GLU B 234 -16.29 15.35 -8.53
C GLU B 234 -14.81 15.28 -8.21
N GLN B 235 -14.35 14.08 -7.90
CA GLN B 235 -12.96 13.89 -7.55
C GLN B 235 -12.54 12.47 -7.88
N MET B 236 -11.24 12.28 -8.04
CA MET B 236 -10.70 11.03 -8.56
C MET B 236 -9.21 11.01 -8.32
N PHE B 237 -8.67 9.80 -8.16
CA PHE B 237 -7.23 9.63 -8.14
C PHE B 237 -6.90 8.28 -8.76
N VAL B 238 -5.67 8.14 -9.23
CA VAL B 238 -5.21 6.90 -9.85
C VAL B 238 -4.83 5.94 -8.74
N ARG B 239 -5.49 4.79 -8.71
CA ARG B 239 -5.24 3.80 -7.68
C ARG B 239 -4.34 2.68 -8.19
N HIS B 240 -4.29 2.48 -9.51
CA HIS B 240 -3.42 1.48 -10.10
C HIS B 240 -3.11 1.89 -11.53
N LEU B 241 -2.01 1.34 -12.04
CA LEU B 241 -1.57 1.60 -13.41
C LEU B 241 -1.55 0.27 -14.14
N PHE B 242 -2.25 0.20 -15.26
CA PHE B 242 -2.42 -1.05 -15.99
C PHE B 242 -2.06 -0.85 -17.46
N ASN B 243 -1.99 -1.98 -18.16
CA ASN B 243 -1.58 -2.04 -19.56
C ASN B 243 -2.56 -2.90 -20.33
N ARG B 244 -2.62 -2.68 -21.65
CA ARG B 244 -3.50 -3.44 -22.51
C ARG B 244 -2.76 -4.63 -23.11
N ALA B 245 -3.45 -5.38 -23.96
CA ALA B 245 -2.87 -6.59 -24.56
C ALA B 245 -3.19 -6.77 -26.03
N GLY B 246 -4.00 -5.89 -26.63
CA GLY B 246 -4.33 -6.05 -28.03
C GLY B 246 -3.17 -5.73 -28.94
N THR B 247 -3.34 -6.06 -30.22
CA THR B 247 -2.33 -5.73 -31.20
C THR B 247 -2.16 -4.22 -31.29
N VAL B 248 -0.92 -3.78 -31.50
CA VAL B 248 -0.62 -2.36 -31.49
C VAL B 248 -1.18 -1.70 -32.74
N GLY B 249 -1.60 -0.45 -32.60
CA GLY B 249 -1.99 0.35 -33.74
C GLY B 249 -0.88 1.30 -34.13
N GLU B 250 -0.99 2.57 -33.75
CA GLU B 250 0.09 3.52 -33.98
C GLU B 250 1.29 3.09 -33.14
N ASN B 251 2.25 2.43 -33.77
CA ASN B 251 3.42 1.89 -33.09
C ASN B 251 4.35 3.01 -32.65
N VAL B 252 5.15 2.72 -31.64
CA VAL B 252 6.11 3.71 -31.12
C VAL B 252 7.16 4.00 -32.18
N PRO B 253 7.50 5.26 -32.43
CA PRO B 253 8.57 5.56 -33.39
C PRO B 253 9.89 4.96 -32.95
N ASP B 254 10.69 4.52 -33.93
CA ASP B 254 12.01 4.00 -33.65
C ASP B 254 12.95 5.06 -33.11
N ASP B 255 12.59 6.33 -33.22
CA ASP B 255 13.47 7.40 -32.76
C ASP B 255 13.49 7.48 -31.24
N LEU B 256 12.38 7.16 -30.59
CA LEU B 256 12.22 7.42 -29.16
C LEU B 256 12.84 6.36 -28.27
N TYR B 257 13.44 5.32 -28.82
CA TYR B 257 14.02 4.27 -27.98
C TYR B 257 15.14 3.58 -28.73
N ILE B 258 15.99 2.90 -27.96
CA ILE B 258 17.10 2.12 -28.49
C ILE B 258 16.69 0.66 -28.47
N LYS B 259 16.89 -0.03 -29.60
CA LYS B 259 16.48 -1.42 -29.68
C LYS B 259 17.24 -2.26 -28.67
N GLY B 260 16.52 -3.14 -27.99
CA GLY B 260 17.09 -4.01 -27.00
C GLY B 260 17.49 -5.36 -27.59
N SER B 261 17.66 -6.32 -26.69
CA SER B 261 17.98 -7.69 -27.09
C SER B 261 17.67 -8.63 -25.94
N GLY B 262 17.74 -9.92 -26.23
CA GLY B 262 17.44 -10.91 -25.21
C GLY B 262 16.01 -10.77 -24.72
N SER B 263 15.86 -10.60 -23.41
CA SER B 263 14.54 -10.49 -22.81
C SER B 263 13.81 -9.25 -23.32
N THR B 264 14.52 -8.15 -23.49
CA THR B 264 13.93 -6.90 -23.95
C THR B 264 13.74 -6.87 -25.46
N ALA B 265 14.00 -7.97 -26.15
CA ALA B 265 13.83 -7.99 -27.60
C ALA B 265 12.40 -7.67 -28.00
N ASN B 266 11.43 -8.21 -27.27
CA ASN B 266 10.01 -8.01 -27.57
C ASN B 266 9.49 -6.87 -26.71
N LEU B 267 9.13 -5.76 -27.35
CA LEU B 267 8.57 -4.63 -26.65
C LEU B 267 7.27 -5.02 -25.97
N ALA B 268 6.97 -4.35 -24.86
CA ALA B 268 5.69 -4.45 -24.21
C ALA B 268 4.77 -3.33 -24.69
N SER B 269 3.46 -3.58 -24.58
CA SER B 269 2.50 -2.61 -25.06
C SER B 269 2.66 -1.29 -24.34
N SER B 270 2.52 -0.20 -25.10
CA SER B 270 2.63 1.16 -24.56
C SER B 270 1.28 1.81 -24.34
N ASN B 271 0.20 1.03 -24.41
CA ASN B 271 -1.15 1.53 -24.17
C ASN B 271 -1.48 1.31 -22.71
N TYR B 272 -1.42 2.38 -21.93
CA TYR B 272 -1.62 2.32 -20.49
C TYR B 272 -2.95 2.98 -20.13
N PHE B 273 -3.68 2.36 -19.21
CA PHE B 273 -4.91 2.95 -18.72
C PHE B 273 -4.92 2.95 -17.20
N PRO B 274 -5.50 3.99 -16.58
CA PRO B 274 -5.60 4.03 -15.13
C PRO B 274 -6.89 3.42 -14.61
N THR B 275 -6.81 2.97 -13.35
CA THR B 275 -7.97 2.52 -12.61
C THR B 275 -8.41 3.62 -11.67
N PRO B 276 -9.59 4.21 -11.82
CA PRO B 276 -9.96 5.35 -10.99
C PRO B 276 -10.25 4.94 -9.55
N SER B 277 -10.48 5.97 -8.73
CA SER B 277 -10.89 5.77 -7.35
C SER B 277 -11.40 7.11 -6.83
N GLY B 278 -12.52 7.08 -6.14
CA GLY B 278 -13.15 8.27 -5.63
C GLY B 278 -12.67 8.72 -4.27
N SER B 279 -11.71 8.02 -3.69
CA SER B 279 -11.17 8.33 -2.37
C SER B 279 -12.23 8.14 -1.28
N MET B 280 -12.58 9.20 -0.57
CA MET B 280 -13.35 9.11 0.66
C MET B 280 -14.63 9.89 0.54
N VAL B 281 -15.72 9.30 1.04
CA VAL B 281 -17.04 9.92 1.07
C VAL B 281 -17.25 10.51 2.45
N THR B 282 -17.86 11.70 2.50
CA THR B 282 -18.09 12.38 3.77
C THR B 282 -19.42 13.13 3.72
N SER B 283 -19.96 13.39 4.90
CA SER B 283 -21.19 14.17 5.00
C SER B 283 -20.94 15.65 4.73
N ASP B 284 -19.76 16.16 5.10
CA ASP B 284 -19.47 17.57 4.88
C ASP B 284 -19.37 17.88 3.39
N ALA B 285 -19.06 16.89 2.57
CA ALA B 285 -18.93 17.05 1.12
C ALA B 285 -20.22 16.69 0.38
N GLN B 286 -21.37 16.95 1.00
CA GLN B 286 -22.66 16.62 0.42
C GLN B 286 -23.37 17.89 -0.02
N ILE B 287 -23.86 17.89 -1.25
CA ILE B 287 -24.65 18.99 -1.79
C ILE B 287 -26.14 18.75 -1.65
N PHE B 288 -26.56 17.53 -1.31
CA PHE B 288 -27.95 17.16 -1.21
C PHE B 288 -28.47 17.40 0.21
N ASN B 289 -29.77 17.20 0.38
CA ASN B 289 -30.42 17.45 1.67
C ASN B 289 -30.12 18.86 2.16
N LYS B 290 -30.09 19.79 1.21
CA LYS B 290 -29.76 21.17 1.47
C LYS B 290 -30.54 22.03 0.50
N PRO B 291 -31.22 23.08 0.98
CA PRO B 291 -32.06 23.87 0.08
C PRO B 291 -31.26 24.75 -0.85
N TYR B 292 -31.92 25.16 -1.92
CA TYR B 292 -31.38 26.07 -2.92
C TYR B 292 -32.35 27.24 -3.07
N TRP B 293 -31.81 28.39 -3.47
CA TRP B 293 -32.61 29.60 -3.65
C TRP B 293 -32.23 30.25 -4.98
N LEU B 294 -33.09 30.08 -5.98
CA LEU B 294 -32.84 30.56 -7.33
C LEU B 294 -33.44 31.95 -7.52
N GLN B 295 -32.93 32.90 -6.72
CA GLN B 295 -33.42 34.27 -6.82
C GLN B 295 -33.12 34.86 -8.19
N ARG B 296 -31.93 34.62 -8.72
CA ARG B 296 -31.55 35.07 -10.04
C ARG B 296 -30.77 33.96 -10.74
N ALA B 297 -31.08 33.74 -12.01
CA ALA B 297 -30.38 32.75 -12.81
C ALA B 297 -29.16 33.36 -13.47
N GLN B 298 -28.36 32.51 -14.12
CA GLN B 298 -27.20 32.96 -14.88
C GLN B 298 -27.56 33.34 -16.31
N GLY B 299 -28.83 33.23 -16.69
CA GLY B 299 -29.25 33.58 -18.03
C GLY B 299 -30.33 34.64 -18.02
N HIS B 300 -30.89 34.95 -19.19
CA HIS B 300 -31.99 35.91 -19.26
C HIS B 300 -33.17 35.44 -18.42
N ASN B 301 -33.62 34.21 -18.66
CA ASN B 301 -34.72 33.64 -17.89
C ASN B 301 -34.32 33.48 -16.43
N ASN B 302 -35.20 33.93 -15.54
CA ASN B 302 -34.92 33.98 -14.11
C ASN B 302 -35.66 32.88 -13.35
N GLY B 303 -35.76 31.70 -13.95
CA GLY B 303 -36.42 30.58 -13.32
C GLY B 303 -37.84 30.32 -13.75
N ILE B 304 -38.34 31.03 -14.76
CA ILE B 304 -39.70 30.82 -15.22
C ILE B 304 -39.84 29.41 -15.77
N CYS B 305 -40.99 28.78 -15.50
CA CYS B 305 -41.28 27.43 -15.96
C CYS B 305 -42.22 27.53 -17.17
N TRP B 306 -41.63 27.72 -18.34
CA TRP B 306 -42.42 27.79 -19.56
C TRP B 306 -42.99 26.41 -19.88
N GLY B 307 -44.27 26.37 -20.25
CA GLY B 307 -44.92 25.13 -20.58
C GLY B 307 -45.31 24.29 -19.39
N ASN B 308 -45.17 24.81 -18.17
CA ASN B 308 -45.49 24.07 -16.96
C ASN B 308 -44.73 22.75 -16.91
N GLN B 309 -43.39 22.87 -16.93
CA GLN B 309 -42.53 21.70 -16.90
C GLN B 309 -41.24 22.06 -16.19
N LEU B 310 -40.54 21.01 -15.75
CA LEU B 310 -39.22 21.14 -15.16
C LEU B 310 -38.47 19.85 -15.41
N PHE B 311 -37.15 19.94 -15.30
CA PHE B 311 -36.28 18.80 -15.41
C PHE B 311 -35.25 18.89 -14.28
N VAL B 312 -35.06 17.78 -13.58
CA VAL B 312 -34.12 17.72 -12.47
C VAL B 312 -33.23 16.51 -12.70
N THR B 313 -31.99 16.76 -13.10
CA THR B 313 -31.01 15.71 -13.31
C THR B 313 -30.07 15.67 -12.12
N VAL B 314 -29.92 14.49 -11.53
CA VAL B 314 -29.11 14.33 -10.33
C VAL B 314 -28.28 13.07 -10.46
N VAL B 315 -27.03 13.14 -9.99
CA VAL B 315 -26.16 11.99 -9.89
C VAL B 315 -25.60 11.98 -8.47
N ASP B 316 -25.49 10.79 -7.89
CA ASP B 316 -25.00 10.65 -6.53
C ASP B 316 -24.36 9.27 -6.41
N THR B 317 -23.06 9.21 -6.57
CA THR B 317 -22.29 8.00 -6.37
C THR B 317 -21.84 7.83 -4.92
N THR B 318 -22.23 8.75 -4.05
CA THR B 318 -21.85 8.72 -2.65
C THR B 318 -22.74 7.80 -1.82
N ARG B 319 -23.83 7.29 -2.40
CA ARG B 319 -24.72 6.36 -1.71
C ARG B 319 -24.94 5.10 -2.53
N SER B 320 -24.00 4.77 -3.42
CA SER B 320 -24.17 3.68 -4.36
C SER B 320 -23.65 2.37 -3.77
N THR B 321 -24.19 2.01 -2.61
CA THR B 321 -23.86 0.75 -1.98
C THR B 321 -24.80 -0.34 -2.47
N ASN B 322 -24.23 -1.45 -2.93
CA ASN B 322 -24.98 -2.58 -3.45
C ASN B 322 -25.12 -3.62 -2.35
N MET B 323 -26.34 -3.93 -1.96
CA MET B 323 -26.61 -4.85 -0.87
C MET B 323 -26.82 -6.25 -1.45
N SER B 324 -25.89 -7.15 -1.15
CA SER B 324 -25.99 -8.52 -1.64
C SER B 324 -27.05 -9.30 -0.87
N LEU B 325 -27.70 -10.22 -1.57
CA LEU B 325 -28.73 -11.06 -1.00
C LEU B 325 -28.36 -12.52 -1.23
N CYS B 326 -28.60 -13.35 -0.23
CA CYS B 326 -28.29 -14.77 -0.29
C CYS B 326 -29.54 -15.55 0.05
N ALA B 327 -29.85 -16.55 -0.76
CA ALA B 327 -31.06 -17.35 -0.61
C ALA B 327 -30.69 -18.82 -0.62
N ALA B 328 -31.30 -19.58 0.28
CA ALA B 328 -30.95 -20.98 0.49
C ALA B 328 -31.75 -21.87 -0.43
N ILE B 329 -31.05 -22.58 -1.32
CA ILE B 329 -31.71 -23.52 -2.21
C ILE B 329 -32.22 -24.72 -1.42
N SER B 330 -31.37 -25.27 -0.55
CA SER B 330 -31.72 -26.43 0.27
C SER B 330 -31.22 -26.20 1.68
N THR B 331 -31.97 -26.71 2.65
CA THR B 331 -31.62 -26.58 4.07
C THR B 331 -31.38 -27.94 4.71
N SER B 332 -30.97 -28.92 3.91
CA SER B 332 -30.75 -30.28 4.36
C SER B 332 -29.27 -30.64 4.48
N GLU B 333 -28.40 -29.64 4.50
CA GLU B 333 -26.97 -29.84 4.54
C GLU B 333 -26.43 -29.48 5.92
N THR B 334 -25.67 -30.41 6.52
CA THR B 334 -25.07 -30.14 7.82
C THR B 334 -23.94 -29.13 7.70
N THR B 335 -23.15 -29.22 6.64
CA THR B 335 -21.98 -28.37 6.44
C THR B 335 -22.25 -27.38 5.32
N TYR B 336 -21.37 -26.37 5.24
CA TYR B 336 -21.51 -25.33 4.23
C TYR B 336 -21.15 -25.86 2.86
N LYS B 337 -21.84 -25.33 1.84
CA LYS B 337 -21.59 -25.70 0.47
C LYS B 337 -21.94 -24.52 -0.42
N ASN B 338 -21.00 -24.14 -1.30
CA ASN B 338 -21.28 -23.04 -2.22
C ASN B 338 -22.39 -23.38 -3.20
N THR B 339 -22.62 -24.67 -3.43
CA THR B 339 -23.63 -25.12 -4.37
C THR B 339 -25.00 -25.25 -3.70
N ASN B 340 -25.22 -24.47 -2.65
CA ASN B 340 -26.47 -24.49 -1.92
C ASN B 340 -27.00 -23.09 -1.62
N PHE B 341 -26.35 -22.06 -2.14
CA PHE B 341 -26.76 -20.68 -1.93
C PHE B 341 -26.63 -19.92 -3.24
N LYS B 342 -27.56 -19.02 -3.51
CA LYS B 342 -27.54 -18.20 -4.71
C LYS B 342 -27.26 -16.76 -4.32
N GLU B 343 -26.32 -16.14 -5.02
CA GLU B 343 -25.88 -14.78 -4.74
C GLU B 343 -26.60 -13.81 -5.66
N TYR B 344 -27.08 -12.71 -5.09
CA TYR B 344 -27.80 -11.69 -5.83
C TYR B 344 -27.26 -10.32 -5.45
N LEU B 345 -27.45 -9.36 -6.35
CA LEU B 345 -27.05 -7.98 -6.13
C LEU B 345 -28.23 -7.09 -6.46
N ARG B 346 -28.52 -6.14 -5.58
CA ARG B 346 -29.59 -5.19 -5.80
C ARG B 346 -29.17 -3.84 -5.23
N HIS B 347 -29.76 -2.78 -5.76
CA HIS B 347 -29.41 -1.42 -5.40
C HIS B 347 -30.67 -0.66 -5.04
N GLY B 348 -30.63 0.04 -3.90
CA GLY B 348 -31.77 0.79 -3.42
C GLY B 348 -31.57 2.28 -3.67
N GLU B 349 -32.47 2.85 -4.46
CA GLU B 349 -32.42 4.25 -4.84
C GLU B 349 -33.65 4.94 -4.24
N GLU B 350 -33.40 5.96 -3.41
CA GLU B 350 -34.47 6.67 -2.73
C GLU B 350 -34.32 8.17 -2.97
N TYR B 351 -35.45 8.83 -3.19
CA TYR B 351 -35.45 10.25 -3.51
C TYR B 351 -36.66 10.90 -2.87
N ASP B 352 -36.56 12.21 -2.65
CA ASP B 352 -37.68 13.01 -2.16
C ASP B 352 -37.51 14.45 -2.59
N LEU B 353 -38.24 14.87 -3.60
CA LEU B 353 -38.11 16.20 -4.18
C LEU B 353 -39.08 17.16 -3.49
N GLN B 354 -38.59 18.34 -3.16
CA GLN B 354 -39.38 19.41 -2.60
C GLN B 354 -39.13 20.67 -3.41
N PHE B 355 -40.18 21.43 -3.65
CA PHE B 355 -40.10 22.62 -4.49
C PHE B 355 -40.88 23.75 -3.86
N ILE B 356 -40.43 24.97 -4.14
CA ILE B 356 -41.16 26.18 -3.82
C ILE B 356 -41.40 26.93 -5.12
N PHE B 357 -42.65 27.27 -5.38
CA PHE B 357 -43.04 27.90 -6.63
C PHE B 357 -43.68 29.25 -6.36
N GLN B 358 -43.44 30.18 -7.27
CA GLN B 358 -43.90 31.55 -7.16
C GLN B 358 -44.75 31.88 -8.36
N LEU B 359 -45.86 32.59 -8.13
CA LEU B 359 -46.80 32.89 -9.19
C LEU B 359 -46.35 34.13 -9.96
N CYS B 360 -46.46 34.07 -11.28
CA CYS B 360 -46.09 35.18 -12.15
C CYS B 360 -47.19 35.43 -13.16
N LYS B 361 -47.53 36.71 -13.35
CA LYS B 361 -48.53 37.12 -14.32
C LYS B 361 -47.86 37.90 -15.45
N ILE B 362 -48.37 37.73 -16.66
CA ILE B 362 -47.81 38.38 -17.83
C ILE B 362 -48.92 39.16 -18.53
N PRO B 392 -43.44 16.78 -28.10
CA PRO B 392 -42.18 16.85 -28.85
C PRO B 392 -41.02 16.19 -28.11
N LEU B 393 -41.23 15.83 -26.85
CA LEU B 393 -40.21 15.18 -26.03
C LEU B 393 -40.57 13.73 -25.71
N LYS B 394 -41.60 13.19 -26.36
CA LYS B 394 -42.04 11.82 -26.13
C LYS B 394 -41.06 10.79 -26.69
N LYS B 395 -40.07 11.22 -27.47
CA LYS B 395 -39.08 10.29 -27.98
C LYS B 395 -38.19 9.74 -26.88
N TYR B 396 -38.05 10.45 -25.78
CA TYR B 396 -37.10 10.12 -24.73
C TYR B 396 -37.80 9.46 -23.55
N THR B 397 -37.00 8.77 -22.73
CA THR B 397 -37.47 8.12 -21.52
C THR B 397 -37.11 9.00 -20.33
N PHE B 398 -38.13 9.56 -19.68
CA PHE B 398 -37.97 10.33 -18.47
C PHE B 398 -38.72 9.64 -17.33
N TRP B 399 -38.37 10.04 -16.10
CA TRP B 399 -39.09 9.60 -14.91
C TRP B 399 -40.18 10.61 -14.64
N GLU B 400 -41.39 10.31 -15.10
CA GLU B 400 -42.49 11.25 -14.96
C GLU B 400 -42.87 11.41 -13.50
N VAL B 401 -43.08 12.65 -13.08
CA VAL B 401 -43.44 12.98 -11.71
C VAL B 401 -44.59 13.97 -11.79
N ASN B 402 -45.76 13.58 -11.29
CA ASN B 402 -46.95 14.40 -11.37
C ASN B 402 -47.12 15.18 -10.07
N LEU B 403 -47.32 16.49 -10.20
CA LEU B 403 -47.46 17.39 -9.06
C LEU B 403 -48.74 18.20 -9.13
N LYS B 404 -49.68 17.83 -10.01
CA LYS B 404 -50.88 18.62 -10.21
C LYS B 404 -51.85 18.54 -9.03
N GLU B 405 -51.60 17.63 -8.08
CA GLU B 405 -52.44 17.51 -6.89
C GLU B 405 -51.70 17.80 -5.60
N LYS B 406 -50.38 17.96 -5.64
CA LYS B 406 -49.55 18.08 -4.43
C LYS B 406 -49.12 19.52 -4.18
N PHE B 407 -49.97 20.49 -4.47
CA PHE B 407 -49.69 21.90 -4.23
C PHE B 407 -50.49 22.39 -3.04
N SER B 408 -49.81 23.02 -2.09
CA SER B 408 -50.46 23.59 -0.92
C SER B 408 -49.70 24.83 -0.48
N ALA B 409 -50.44 25.84 -0.05
CA ALA B 409 -49.86 27.10 0.40
C ALA B 409 -49.49 27.09 1.88
N ASP B 410 -49.68 25.96 2.57
CA ASP B 410 -49.30 25.84 3.98
C ASP B 410 -47.80 25.54 4.03
N LEU B 411 -47.00 26.60 3.92
CA LEU B 411 -45.55 26.44 3.88
C LEU B 411 -45.02 25.91 5.20
N ASP B 412 -45.52 26.44 6.32
CA ASP B 412 -44.98 26.08 7.62
C ASP B 412 -45.14 24.60 7.95
N GLN B 413 -46.13 23.93 7.35
CA GLN B 413 -46.35 22.51 7.62
C GLN B 413 -45.29 21.63 6.98
N PHE B 414 -44.41 22.18 6.15
CA PHE B 414 -43.37 21.41 5.49
C PHE B 414 -41.99 21.98 5.84
N PRO B 415 -40.96 21.13 5.84
CA PRO B 415 -39.64 21.64 6.25
C PRO B 415 -39.08 22.71 5.32
N LEU B 416 -39.14 22.47 4.01
CA LEU B 416 -38.64 23.46 3.06
C LEU B 416 -39.37 24.78 3.22
N GLY B 417 -40.66 24.75 3.53
CA GLY B 417 -41.38 25.98 3.77
C GLY B 417 -40.88 26.72 4.98
N ARG B 418 -40.56 25.98 6.06
CA ARG B 418 -40.00 26.62 7.24
C ARG B 418 -38.66 27.27 6.91
N LYS B 419 -37.81 26.57 6.16
CA LYS B 419 -36.53 27.16 5.77
C LYS B 419 -36.72 28.40 4.93
N PHE B 420 -37.65 28.35 3.97
CA PHE B 420 -37.90 29.51 3.12
C PHE B 420 -38.39 30.70 3.95
N LEU B 421 -39.29 30.45 4.90
CA LEU B 421 -39.77 31.53 5.74
C LEU B 421 -38.64 32.11 6.58
N LEU B 422 -37.77 31.25 7.11
CA LEU B 422 -36.64 31.74 7.89
C LEU B 422 -35.74 32.63 7.04
N GLN B 423 -35.45 32.22 5.81
CA GLN B 423 -34.64 33.03 4.92
C GLN B 423 -35.52 33.98 4.11
N TYR C 8 -48.76 28.89 21.59
CA TYR C 8 -49.68 28.96 22.72
C TYR C 8 -49.01 28.50 24.02
N VAL C 9 -47.75 28.11 23.93
CA VAL C 9 -46.96 27.72 25.10
C VAL C 9 -46.22 28.94 25.61
N ALA C 10 -46.36 29.22 26.90
CA ALA C 10 -45.73 30.38 27.51
C ALA C 10 -44.40 29.98 28.14
N ARG C 11 -43.34 30.68 27.77
CA ARG C 11 -42.01 30.45 28.30
C ARG C 11 -41.76 31.31 29.54
N THR C 12 -40.87 30.82 30.40
CA THR C 12 -40.52 31.53 31.63
C THR C 12 -39.01 31.51 31.79
N ASN C 13 -38.52 32.30 32.74
CA ASN C 13 -37.09 32.42 33.01
C ASN C 13 -36.61 31.45 34.09
N ILE C 14 -37.27 30.30 34.23
CA ILE C 14 -36.91 29.30 35.21
C ILE C 14 -36.17 28.17 34.50
N TYR C 15 -35.01 27.80 35.03
CA TYR C 15 -34.18 26.78 34.44
C TYR C 15 -33.73 25.79 35.51
N TYR C 16 -33.46 24.57 35.08
CA TYR C 16 -33.07 23.48 35.99
C TYR C 16 -32.07 22.60 35.27
N HIS C 17 -30.90 22.44 35.87
CA HIS C 17 -29.87 21.55 35.35
C HIS C 17 -30.08 20.15 35.89
N ALA C 18 -29.72 19.16 35.08
CA ALA C 18 -29.87 17.77 35.47
C ALA C 18 -28.81 16.94 34.75
N GLY C 19 -28.56 15.75 35.29
CA GLY C 19 -27.62 14.84 34.67
C GLY C 19 -27.40 13.63 35.54
N THR C 20 -26.91 12.58 34.90
CA THR C 20 -26.64 11.31 35.56
C THR C 20 -25.32 11.32 36.32
N SER C 21 -24.32 12.01 35.78
CA SER C 21 -22.95 12.15 36.25
C SER C 21 -22.12 10.90 35.97
N ARG C 22 -22.73 9.78 35.59
CA ARG C 22 -21.99 8.63 35.10
C ARG C 22 -22.91 7.54 34.58
N LEU C 23 -22.55 6.92 33.47
CA LEU C 23 -23.30 5.81 32.91
C LEU C 23 -22.30 4.87 32.25
N LEU C 24 -22.17 3.68 32.80
CA LEU C 24 -21.10 2.77 32.42
C LEU C 24 -21.69 1.44 31.98
N ALA C 25 -21.05 0.83 30.99
CA ALA C 25 -21.46 -0.46 30.48
C ALA C 25 -20.22 -1.23 30.04
N VAL C 26 -20.30 -2.55 30.13
CA VAL C 26 -19.18 -3.42 29.78
C VAL C 26 -19.74 -4.72 29.24
N GLY C 27 -19.03 -5.30 28.27
CA GLY C 27 -19.42 -6.58 27.75
C GLY C 27 -18.65 -6.91 26.50
N HIS C 28 -18.94 -8.09 25.97
CA HIS C 28 -18.33 -8.56 24.74
C HIS C 28 -18.85 -7.73 23.56
N PRO C 29 -18.00 -7.35 22.62
CA PRO C 29 -18.46 -6.46 21.55
C PRO C 29 -19.15 -7.17 20.40
N TYR C 30 -18.84 -8.44 20.19
CA TYR C 30 -19.41 -9.20 19.07
C TYR C 30 -20.75 -9.84 19.43
N PHE C 31 -20.74 -10.72 20.43
CA PHE C 31 -21.91 -11.47 20.81
C PHE C 31 -22.02 -11.57 22.32
N PRO C 32 -23.22 -11.67 22.86
CA PRO C 32 -23.36 -11.88 24.31
C PRO C 32 -22.98 -13.30 24.71
N ILE C 33 -22.59 -13.44 25.97
CA ILE C 33 -22.16 -14.72 26.52
C ILE C 33 -23.35 -15.38 27.19
N LYS C 34 -23.38 -16.71 27.16
CA LYS C 34 -24.44 -17.47 27.80
C LYS C 34 -24.07 -18.94 27.78
N LYS C 35 -24.86 -19.73 28.52
CA LYS C 35 -24.59 -21.14 28.66
C LYS C 35 -24.90 -21.89 27.37
N PRO C 36 -24.35 -23.09 27.20
CA PRO C 36 -24.40 -23.75 25.88
C PRO C 36 -25.73 -23.69 25.18
N ASN C 37 -26.83 -24.08 25.83
CA ASN C 37 -28.14 -24.02 25.20
C ASN C 37 -29.09 -23.07 25.91
N ASN C 38 -28.75 -22.58 27.10
CA ASN C 38 -29.60 -21.64 27.79
C ASN C 38 -29.56 -20.28 27.10
N ASN C 39 -30.69 -19.57 27.17
CA ASN C 39 -30.82 -18.24 26.60
C ASN C 39 -30.56 -17.14 27.61
N LYS C 40 -30.11 -17.49 28.81
CA LYS C 40 -29.82 -16.50 29.85
C LYS C 40 -28.44 -15.91 29.62
N ILE C 41 -28.36 -14.59 29.64
CA ILE C 41 -27.11 -13.89 29.34
C ILE C 41 -26.31 -13.72 30.61
N LEU C 42 -25.02 -14.03 30.52
CA LEU C 42 -24.06 -13.78 31.58
C LEU C 42 -23.31 -12.47 31.37
N VAL C 43 -22.89 -12.20 30.15
CA VAL C 43 -22.21 -10.96 29.81
C VAL C 43 -22.94 -10.33 28.62
N PRO C 44 -23.38 -9.09 28.73
CA PRO C 44 -24.12 -8.46 27.62
C PRO C 44 -23.20 -8.14 26.46
N LYS C 45 -23.83 -7.74 25.36
CA LYS C 45 -23.12 -7.31 24.17
C LYS C 45 -23.10 -5.78 24.14
N VAL C 46 -21.91 -5.21 24.15
CA VAL C 46 -21.72 -3.76 24.16
C VAL C 46 -20.65 -3.40 23.14
N SER C 47 -20.99 -2.48 22.24
CA SER C 47 -20.06 -2.05 21.21
C SER C 47 -20.46 -0.66 20.75
N GLY C 48 -19.54 -0.02 20.03
CA GLY C 48 -19.79 1.32 19.52
C GLY C 48 -20.69 1.36 18.31
N LEU C 49 -21.01 0.20 17.74
CA LEU C 49 -21.89 0.10 16.58
C LEU C 49 -23.36 0.03 16.97
N GLN C 50 -23.68 0.10 18.26
CA GLN C 50 -25.04 -0.02 18.74
C GLN C 50 -25.59 1.35 19.09
N TYR C 51 -26.87 1.56 18.77
CA TYR C 51 -27.56 2.74 19.24
C TYR C 51 -27.75 2.67 20.74
N ARG C 52 -27.76 3.84 21.37
CA ARG C 52 -27.99 3.97 22.81
C ARG C 52 -29.15 4.94 22.98
N VAL C 53 -30.33 4.41 23.25
CA VAL C 53 -31.54 5.20 23.36
C VAL C 53 -31.82 5.34 24.85
N PHE C 54 -31.65 6.56 25.37
CA PHE C 54 -31.88 6.84 26.78
C PHE C 54 -33.26 7.43 26.95
N ARG C 55 -34.12 6.70 27.63
CA ARG C 55 -35.49 7.15 27.88
C ARG C 55 -35.48 7.91 29.20
N ILE C 56 -35.48 9.24 29.10
CA ILE C 56 -35.35 10.10 30.27
C ILE C 56 -36.73 10.26 30.89
N HIS C 57 -36.84 9.95 32.17
CA HIS C 57 -38.10 10.06 32.91
C HIS C 57 -38.00 11.29 33.78
N LEU C 58 -38.51 12.41 33.25
CA LEU C 58 -38.46 13.66 33.97
C LEU C 58 -39.45 13.65 35.13
N PRO C 59 -39.20 14.46 36.16
CA PRO C 59 -40.21 14.65 37.20
C PRO C 59 -41.38 15.45 36.68
N ASP C 60 -42.52 15.28 37.33
CA ASP C 60 -43.72 15.99 36.92
C ASP C 60 -43.61 17.44 37.35
N PRO C 61 -43.63 18.41 36.43
CA PRO C 61 -43.59 19.82 36.84
C PRO C 61 -44.80 20.25 37.63
N ASN C 62 -45.91 19.53 37.53
CA ASN C 62 -47.13 19.87 38.23
C ASN C 62 -47.19 19.30 39.64
N LYS C 63 -46.14 18.60 40.07
CA LYS C 63 -46.08 18.07 41.42
C LYS C 63 -44.76 18.44 42.09
N VAL C 80 -45.09 21.99 31.80
CA VAL C 80 -44.34 21.04 31.00
C VAL C 80 -42.91 21.56 30.81
N TRP C 81 -41.96 20.63 30.78
CA TRP C 81 -40.56 20.98 30.61
C TRP C 81 -40.27 21.29 29.14
N ALA C 82 -39.12 21.91 28.90
CA ALA C 82 -38.68 22.26 27.56
C ALA C 82 -37.16 22.13 27.51
N CYS C 83 -36.66 21.10 26.84
CA CYS C 83 -35.23 20.83 26.77
C CYS C 83 -34.57 21.89 25.88
N VAL C 84 -33.93 22.87 26.51
CA VAL C 84 -33.29 23.95 25.78
C VAL C 84 -31.80 23.74 25.57
N GLY C 85 -31.22 22.70 26.16
CA GLY C 85 -29.82 22.42 25.98
C GLY C 85 -29.49 21.01 26.38
N VAL C 86 -28.40 20.49 25.79
CA VAL C 86 -27.98 19.12 26.01
C VAL C 86 -26.47 19.04 25.80
N GLU C 87 -25.83 18.11 26.50
CA GLU C 87 -24.42 17.82 26.33
C GLU C 87 -24.20 16.34 26.58
N VAL C 88 -23.56 15.67 25.65
CA VAL C 88 -23.34 14.22 25.71
C VAL C 88 -21.86 14.00 25.94
N GLY C 89 -21.48 13.78 27.19
CA GLY C 89 -20.10 13.55 27.53
C GLY C 89 -19.66 12.15 27.19
N ARG C 90 -18.46 12.05 26.62
CA ARG C 90 -17.81 10.77 26.36
C ARG C 90 -16.42 10.83 26.97
N GLY C 91 -16.06 9.77 27.71
CA GLY C 91 -14.87 9.82 28.53
C GLY C 91 -13.73 8.96 28.02
N GLN C 92 -14.05 7.86 27.38
CA GLN C 92 -13.04 6.92 26.96
C GLN C 92 -12.14 7.53 25.90
N PRO C 93 -10.92 7.02 25.75
CA PRO C 93 -10.02 7.55 24.72
C PRO C 93 -10.48 7.19 23.32
N LEU C 94 -10.09 8.04 22.37
CA LEU C 94 -10.37 7.75 20.98
C LEU C 94 -9.66 6.48 20.55
N GLY C 95 -10.32 5.75 19.66
CA GLY C 95 -9.80 4.48 19.17
C GLY C 95 -10.68 4.00 18.04
N VAL C 96 -10.24 2.93 17.41
CA VAL C 96 -10.94 2.36 16.26
C VAL C 96 -11.15 0.88 16.50
N GLY C 97 -12.40 0.45 16.41
CA GLY C 97 -12.71 -0.95 16.59
C GLY C 97 -12.47 -1.78 15.35
N ILE C 98 -12.33 -3.08 15.57
CA ILE C 98 -12.05 -4.04 14.51
C ILE C 98 -13.05 -5.17 14.63
N SER C 99 -13.64 -5.55 13.50
CA SER C 99 -14.61 -6.63 13.45
C SER C 99 -14.29 -7.55 12.28
N GLY C 100 -14.68 -8.81 12.41
CA GLY C 100 -14.32 -9.79 11.41
C GLY C 100 -15.18 -11.02 11.51
N HIS C 101 -14.87 -11.97 10.64
CA HIS C 101 -15.61 -13.22 10.57
C HIS C 101 -14.64 -14.36 10.27
N PRO C 102 -14.56 -15.39 11.11
CA PRO C 102 -13.62 -16.48 10.83
C PRO C 102 -13.88 -17.19 9.52
N LEU C 103 -15.09 -17.11 8.99
CA LEU C 103 -15.50 -17.83 7.80
C LEU C 103 -16.28 -16.91 6.87
N LEU C 104 -15.73 -15.74 6.59
CA LEU C 104 -16.36 -14.84 5.63
C LEU C 104 -16.29 -15.43 4.23
N ASN C 105 -17.25 -15.04 3.40
CA ASN C 105 -17.33 -15.50 2.02
C ASN C 105 -16.54 -14.53 1.15
N LYS C 106 -15.37 -14.98 0.69
CA LYS C 106 -14.47 -14.13 -0.08
C LYS C 106 -13.66 -15.04 -0.99
N LEU C 107 -13.97 -14.99 -2.28
CA LEU C 107 -13.33 -15.89 -3.23
C LEU C 107 -11.90 -15.46 -3.52
N ASP C 108 -11.72 -14.23 -4.00
CA ASP C 108 -10.39 -13.74 -4.32
C ASP C 108 -10.43 -12.22 -4.39
N ASP C 109 -9.24 -11.61 -4.28
CA ASP C 109 -9.11 -10.18 -4.45
C ASP C 109 -8.92 -9.87 -5.93
N THR C 110 -9.72 -8.92 -6.43
CA THR C 110 -9.74 -8.60 -7.85
C THR C 110 -9.27 -7.18 -8.14
N GLU C 111 -8.73 -6.49 -7.14
CA GLU C 111 -8.23 -5.13 -7.36
C GLU C 111 -7.07 -5.11 -8.34
N ASN C 112 -6.14 -6.04 -8.18
CA ASN C 112 -4.93 -6.09 -9.00
C ASN C 112 -4.59 -7.54 -9.33
N ALA C 113 -5.61 -8.30 -9.71
CA ALA C 113 -5.39 -9.70 -10.07
C ALA C 113 -4.44 -9.80 -11.26
N SER C 114 -3.44 -10.67 -11.15
CA SER C 114 -2.47 -10.87 -12.20
C SER C 114 -2.58 -12.23 -12.88
N ALA C 115 -3.28 -13.19 -12.27
CA ALA C 115 -3.55 -14.48 -12.89
C ALA C 115 -5.02 -14.81 -12.70
N TYR C 116 -5.59 -15.49 -13.68
CA TYR C 116 -7.02 -15.78 -13.64
C TYR C 116 -7.33 -16.79 -12.55
N ALA C 117 -8.42 -16.54 -11.83
CA ALA C 117 -8.83 -17.42 -10.75
C ALA C 117 -9.02 -18.85 -11.27
N ALA C 118 -8.56 -19.81 -10.49
CA ALA C 118 -8.50 -21.21 -10.91
C ALA C 118 -9.67 -22.05 -10.39
N ASN C 119 -9.86 -22.09 -9.07
CA ASN C 119 -10.83 -22.99 -8.47
C ASN C 119 -11.68 -22.24 -7.46
N ALA C 120 -12.95 -22.64 -7.36
CA ALA C 120 -13.84 -22.17 -6.31
C ALA C 120 -14.00 -23.17 -5.18
N GLY C 121 -14.05 -24.46 -5.48
CA GLY C 121 -14.09 -25.48 -4.45
C GLY C 121 -15.44 -25.57 -3.77
N VAL C 122 -15.51 -26.48 -2.79
CA VAL C 122 -16.73 -26.67 -2.03
C VAL C 122 -16.91 -25.55 -1.02
N ASP C 123 -15.87 -25.26 -0.24
CA ASP C 123 -15.87 -24.16 0.72
C ASP C 123 -14.60 -23.35 0.50
N ASN C 124 -14.76 -22.05 0.30
CA ASN C 124 -13.65 -21.15 0.03
C ASN C 124 -13.80 -19.88 0.87
N ARG C 125 -14.08 -20.05 2.15
CA ARG C 125 -14.23 -18.95 3.07
C ARG C 125 -12.91 -18.71 3.80
N GLU C 126 -12.65 -17.44 4.12
CA GLU C 126 -11.39 -17.02 4.68
C GLU C 126 -11.62 -16.19 5.93
N CYS C 127 -10.65 -16.23 6.83
CA CYS C 127 -10.68 -15.41 8.04
C CYS C 127 -10.32 -13.99 7.66
N ILE C 128 -11.32 -13.09 7.71
CA ILE C 128 -11.17 -11.73 7.23
C ILE C 128 -11.60 -10.77 8.32
N SER C 129 -10.91 -9.65 8.41
CA SER C 129 -11.20 -8.59 9.37
C SER C 129 -11.28 -7.28 8.62
N MET C 130 -11.87 -6.28 9.28
CA MET C 130 -12.05 -4.98 8.64
C MET C 130 -12.60 -4.01 9.66
N ASP C 131 -12.19 -2.75 9.54
CA ASP C 131 -12.80 -1.69 10.30
C ASP C 131 -14.11 -1.28 9.64
N TYR C 132 -14.77 -0.29 10.21
CA TYR C 132 -16.13 0.05 9.83
C TYR C 132 -16.23 1.53 9.52
N LYS C 133 -17.23 1.85 8.71
CA LYS C 133 -17.59 3.22 8.43
C LYS C 133 -17.73 4.01 9.72
N GLN C 134 -16.89 5.02 9.87
CA GLN C 134 -17.02 5.94 10.99
C GLN C 134 -18.35 6.68 10.89
N THR C 135 -19.06 6.77 12.01
CA THR C 135 -20.34 7.46 12.02
C THR C 135 -20.62 7.97 13.42
N GLN C 136 -21.21 9.17 13.49
CA GLN C 136 -21.65 9.78 14.72
C GLN C 136 -23.03 10.38 14.50
N LEU C 137 -23.84 10.39 15.57
CA LEU C 137 -25.13 11.05 15.48
C LEU C 137 -25.69 11.23 16.88
N CYS C 138 -26.64 12.16 16.98
CA CYS C 138 -27.27 12.49 18.26
C CYS C 138 -28.66 13.03 17.97
N LEU C 139 -29.67 12.20 18.19
CA LEU C 139 -31.06 12.56 17.96
C LEU C 139 -31.75 12.83 19.28
N ILE C 140 -32.46 13.95 19.35
CA ILE C 140 -33.15 14.38 20.56
C ILE C 140 -34.60 14.66 20.21
N GLY C 141 -35.51 14.11 20.99
CA GLY C 141 -36.93 14.34 20.76
C GLY C 141 -37.76 13.78 21.89
N CYS C 142 -39.06 13.99 21.78
CA CYS C 142 -40.01 13.52 22.78
C CYS C 142 -40.66 12.19 22.40
N LYS C 143 -40.31 11.62 21.26
CA LYS C 143 -40.86 10.36 20.78
C LYS C 143 -39.72 9.48 20.30
N PRO C 144 -39.92 8.16 20.30
CA PRO C 144 -38.84 7.26 19.92
C PRO C 144 -38.45 7.49 18.46
N PRO C 145 -37.19 7.27 18.12
CA PRO C 145 -36.75 7.51 16.75
C PRO C 145 -37.25 6.44 15.80
N ILE C 146 -37.14 6.73 14.51
CA ILE C 146 -37.64 5.86 13.45
C ILE C 146 -36.46 5.47 12.57
N GLY C 147 -36.40 4.18 12.21
CA GLY C 147 -35.31 3.65 11.44
C GLY C 147 -35.76 2.77 10.31
N GLU C 148 -35.14 2.97 9.14
CA GLU C 148 -35.50 2.28 7.88
C GLU C 148 -34.47 1.21 7.58
N HIS C 149 -34.89 0.10 7.03
CA HIS C 149 -33.97 -0.97 6.61
C HIS C 149 -34.59 -1.64 5.40
N TRP C 150 -33.96 -2.68 4.88
CA TRP C 150 -34.41 -3.35 3.65
C TRP C 150 -34.69 -4.78 4.01
N GLY C 151 -35.95 -5.11 4.28
CA GLY C 151 -36.31 -6.44 4.68
C GLY C 151 -37.03 -7.21 3.58
N LYS C 152 -37.33 -8.46 3.89
CA LYS C 152 -38.03 -9.30 2.93
C LYS C 152 -39.44 -8.79 2.71
N GLY C 153 -39.86 -8.79 1.46
CA GLY C 153 -41.15 -8.23 1.13
C GLY C 153 -42.30 -9.18 1.41
N SER C 154 -43.46 -8.58 1.64
CA SER C 154 -44.69 -9.30 1.90
C SER C 154 -45.31 -9.91 0.64
N PRO C 155 -45.29 -9.20 -0.50
CA PRO C 155 -46.18 -9.59 -1.60
C PRO C 155 -45.83 -10.93 -2.23
N CYS C 156 -46.71 -11.92 -2.04
CA CYS C 156 -46.63 -13.20 -2.71
C CYS C 156 -47.55 -13.27 -3.92
N THR C 157 -48.72 -12.63 -3.84
CA THR C 157 -49.64 -12.49 -4.96
C THR C 157 -49.89 -13.83 -5.66
N ASN C 158 -49.44 -13.96 -6.91
CA ASN C 158 -49.66 -15.16 -7.71
C ASN C 158 -48.36 -15.63 -8.35
N VAL C 159 -47.25 -15.52 -7.62
CA VAL C 159 -45.93 -15.92 -8.10
C VAL C 159 -45.41 -17.03 -7.21
N ALA C 160 -44.99 -18.13 -7.81
CA ALA C 160 -44.44 -19.24 -7.07
C ALA C 160 -43.01 -18.91 -6.64
N VAL C 161 -42.71 -19.14 -5.36
CA VAL C 161 -41.35 -18.97 -4.85
C VAL C 161 -40.58 -20.23 -5.20
N ASN C 162 -39.85 -20.19 -6.32
CA ASN C 162 -39.06 -21.33 -6.74
C ASN C 162 -37.87 -21.51 -5.82
N PRO C 163 -37.27 -22.70 -5.81
CA PRO C 163 -36.13 -22.95 -4.93
C PRO C 163 -35.00 -21.96 -5.15
N GLY C 164 -34.70 -21.16 -4.13
CA GLY C 164 -33.56 -20.26 -4.18
C GLY C 164 -33.77 -18.99 -4.96
N ASP C 165 -35.00 -18.58 -5.20
CA ASP C 165 -35.23 -17.35 -5.95
C ASP C 165 -34.82 -16.15 -5.12
N CYS C 166 -34.79 -15.00 -5.77
CA CYS C 166 -34.36 -13.77 -5.11
C CYS C 166 -35.46 -13.27 -4.18
N PRO C 167 -35.21 -13.13 -2.88
CA PRO C 167 -36.25 -12.60 -2.00
C PRO C 167 -36.65 -11.19 -2.43
N PRO C 168 -37.92 -10.85 -2.29
CA PRO C 168 -38.33 -9.46 -2.55
C PRO C 168 -37.78 -8.52 -1.50
N LEU C 169 -37.69 -7.25 -1.87
CA LEU C 169 -37.17 -6.21 -1.00
C LEU C 169 -38.27 -5.21 -0.69
N GLU C 170 -38.26 -4.70 0.54
CA GLU C 170 -39.27 -3.75 0.98
C GLU C 170 -38.63 -2.77 1.94
N LEU C 171 -39.08 -1.52 1.89
CA LEU C 171 -38.55 -0.46 2.74
C LEU C 171 -39.35 -0.43 4.04
N ILE C 172 -38.83 -1.06 5.06
CA ILE C 172 -39.52 -1.18 6.34
C ILE C 172 -39.20 0.03 7.21
N ASN C 173 -40.12 0.36 8.10
CA ASN C 173 -39.94 1.39 9.10
C ASN C 173 -40.22 0.81 10.47
N THR C 174 -39.34 1.12 11.43
CA THR C 174 -39.41 0.55 12.77
C THR C 174 -39.10 1.66 13.76
N VAL C 175 -38.89 1.26 15.01
CA VAL C 175 -38.43 2.15 16.07
C VAL C 175 -37.08 1.64 16.54
N ILE C 176 -36.12 2.54 16.64
CA ILE C 176 -34.77 2.14 17.02
C ILE C 176 -34.72 1.91 18.52
N GLN C 177 -34.16 0.78 18.91
CA GLN C 177 -34.00 0.40 20.31
C GLN C 177 -32.52 0.36 20.66
N ASP C 178 -32.26 0.40 21.97
CA ASP C 178 -30.89 0.23 22.44
C ASP C 178 -30.45 -1.21 22.17
N GLY C 179 -29.26 -1.35 21.59
CA GLY C 179 -28.75 -2.64 21.19
C GLY C 179 -28.85 -2.91 19.70
N ASP C 180 -29.63 -2.14 18.97
CA ASP C 180 -29.71 -2.30 17.52
C ASP C 180 -28.44 -1.77 16.87
N MET C 181 -28.01 -2.45 15.82
CA MET C 181 -26.78 -2.09 15.14
C MET C 181 -27.00 -0.91 14.20
N VAL C 182 -25.90 -0.30 13.78
CA VAL C 182 -25.91 0.86 12.90
C VAL C 182 -25.39 0.43 11.53
N ASP C 183 -25.64 1.27 10.54
CA ASP C 183 -25.10 1.02 9.20
C ASP C 183 -23.58 0.99 9.24
N THR C 184 -23.00 -0.05 8.63
CA THR C 184 -21.55 -0.26 8.63
C THR C 184 -20.96 -0.13 7.24
N GLY C 185 -21.69 0.46 6.30
CA GLY C 185 -21.25 0.54 4.92
C GLY C 185 -21.61 -0.65 4.07
N PHE C 186 -22.15 -1.72 4.67
CA PHE C 186 -22.69 -2.84 3.93
C PHE C 186 -24.15 -2.61 3.54
N GLY C 187 -24.74 -1.50 3.96
CA GLY C 187 -26.13 -1.20 3.64
C GLY C 187 -27.07 -1.47 4.80
N ALA C 188 -28.11 -0.65 4.90
CA ALA C 188 -29.14 -0.82 5.93
C ALA C 188 -30.07 -1.94 5.50
N MET C 189 -29.88 -3.13 6.04
CA MET C 189 -30.65 -4.29 5.62
C MET C 189 -30.77 -5.27 6.78
N ASP C 190 -31.78 -6.13 6.69
CA ASP C 190 -32.02 -7.18 7.68
C ASP C 190 -31.26 -8.42 7.25
N PHE C 191 -30.01 -8.52 7.71
CA PHE C 191 -29.14 -9.62 7.30
C PHE C 191 -29.67 -10.97 7.75
N THR C 192 -30.54 -11.00 8.75
CA THR C 192 -31.01 -12.28 9.28
C THR C 192 -31.76 -13.07 8.23
N THR C 193 -32.65 -12.40 7.49
CA THR C 193 -33.50 -13.05 6.50
C THR C 193 -32.96 -12.96 5.09
N LEU C 194 -32.54 -11.77 4.66
CA LEU C 194 -32.02 -11.59 3.31
C LEU C 194 -30.79 -12.43 3.05
N GLN C 195 -29.96 -12.67 4.05
CA GLN C 195 -28.76 -13.49 3.94
C GLN C 195 -28.93 -14.73 4.81
N ALA C 196 -28.92 -15.90 4.18
CA ALA C 196 -29.14 -17.14 4.91
C ALA C 196 -27.85 -17.86 5.24
N ASN C 197 -26.78 -17.61 4.48
CA ASN C 197 -25.52 -18.31 4.69
C ASN C 197 -24.76 -17.81 5.91
N LYS C 198 -25.07 -16.61 6.40
CA LYS C 198 -24.46 -16.07 7.61
C LYS C 198 -22.96 -15.88 7.47
N SER C 199 -22.47 -15.74 6.24
CA SER C 199 -21.05 -15.51 5.98
C SER C 199 -20.81 -14.26 5.16
N GLU C 200 -21.85 -13.49 4.86
CA GLU C 200 -21.70 -12.33 3.99
C GLU C 200 -21.08 -11.14 4.72
N VAL C 201 -21.30 -11.02 6.03
CA VAL C 201 -20.85 -9.85 6.77
C VAL C 201 -20.24 -10.30 8.10
N PRO C 202 -19.52 -9.42 8.79
CA PRO C 202 -18.85 -9.83 10.03
C PRO C 202 -19.82 -10.39 11.06
N LEU C 203 -19.23 -10.92 12.12
CA LEU C 203 -19.96 -11.63 13.15
C LEU C 203 -20.95 -10.77 13.90
N ASP C 204 -20.64 -9.48 14.11
CA ASP C 204 -21.47 -8.61 14.92
C ASP C 204 -22.77 -8.20 14.23
N ILE C 205 -22.93 -8.47 12.93
CA ILE C 205 -24.13 -8.11 12.20
C ILE C 205 -24.67 -9.26 11.36
N CYS C 206 -24.03 -10.43 11.38
CA CYS C 206 -24.48 -11.53 10.53
C CYS C 206 -25.87 -12.00 10.89
N THR C 207 -26.36 -11.69 12.09
CA THR C 207 -27.68 -12.11 12.53
C THR C 207 -28.38 -10.98 13.27
N SER C 208 -28.28 -9.77 12.73
CA SER C 208 -28.90 -8.61 13.35
C SER C 208 -29.47 -7.72 12.25
N ILE C 209 -29.98 -6.56 12.66
CA ILE C 209 -30.60 -5.60 11.76
C ILE C 209 -29.80 -4.31 11.84
N CYS C 210 -29.22 -3.91 10.71
CA CYS C 210 -28.47 -2.66 10.64
C CYS C 210 -29.40 -1.58 10.10
N LYS C 211 -30.01 -0.83 11.00
CA LYS C 211 -30.93 0.22 10.64
C LYS C 211 -30.18 1.52 10.36
N TYR C 212 -30.85 2.41 9.65
CA TYR C 212 -30.37 3.77 9.42
C TYR C 212 -31.53 4.72 9.64
N PRO C 213 -31.32 5.84 10.33
CA PRO C 213 -32.45 6.74 10.62
C PRO C 213 -33.13 7.20 9.35
N ASP C 214 -34.45 7.29 9.41
CA ASP C 214 -35.25 7.80 8.31
C ASP C 214 -35.51 9.29 8.53
N TYR C 215 -34.47 10.08 8.30
CA TYR C 215 -34.55 11.51 8.53
C TYR C 215 -35.70 12.14 7.76
N ILE C 216 -36.03 11.62 6.58
CA ILE C 216 -37.09 12.21 5.78
C ILE C 216 -38.41 12.15 6.52
N LYS C 217 -38.78 10.97 7.02
CA LYS C 217 -40.06 10.81 7.69
C LYS C 217 -40.08 11.53 9.03
N MET C 218 -38.99 11.42 9.79
CA MET C 218 -38.92 12.08 11.09
C MET C 218 -38.91 13.60 10.95
N VAL C 219 -38.67 14.23 9.81
CA VAL C 219 -38.76 15.73 9.73
C VAL C 219 -40.02 16.12 8.98
N SER C 220 -40.59 15.21 8.20
CA SER C 220 -41.88 15.46 7.51
C SER C 220 -42.94 15.64 8.59
N GLU C 221 -43.18 14.60 9.40
CA GLU C 221 -44.12 14.69 10.55
C GLU C 221 -44.16 16.15 10.94
N PRO C 222 -45.31 16.84 10.85
CA PRO C 222 -45.34 18.29 11.06
C PRO C 222 -45.06 18.75 12.50
N TYR C 223 -45.22 17.88 13.51
CA TYR C 223 -45.09 18.30 14.91
C TYR C 223 -43.62 18.36 15.37
N GLY C 224 -42.74 17.59 14.74
CA GLY C 224 -41.36 17.57 15.18
C GLY C 224 -41.15 16.78 16.44
N ASP C 225 -42.15 16.00 16.86
CA ASP C 225 -42.02 15.23 18.09
C ASP C 225 -40.90 14.21 17.99
N SER C 226 -40.78 13.53 16.85
CA SER C 226 -39.76 12.50 16.71
C SER C 226 -38.36 13.06 16.97
N LEU C 227 -38.13 14.33 16.64
CA LEU C 227 -36.89 14.98 17.01
C LEU C 227 -36.98 16.47 16.69
N PHE C 228 -36.36 17.29 17.54
CA PHE C 228 -36.19 18.72 17.28
C PHE C 228 -34.73 19.10 17.17
N PHE C 229 -33.82 18.14 17.17
CA PHE C 229 -32.41 18.39 16.93
C PHE C 229 -31.75 17.10 16.48
N TYR C 230 -30.83 17.21 15.54
CA TYR C 230 -30.06 16.04 15.11
C TYR C 230 -28.76 16.51 14.47
N LEU C 231 -27.77 15.61 14.53
CA LEU C 231 -26.48 15.84 13.89
C LEU C 231 -25.96 14.51 13.37
N ARG C 232 -25.07 14.59 12.40
CA ARG C 232 -24.46 13.39 11.84
C ARG C 232 -23.16 13.77 11.16
N ARG C 233 -22.22 12.84 11.20
CA ARG C 233 -20.96 13.01 10.49
C ARG C 233 -20.38 11.62 10.28
N GLU C 234 -20.51 11.13 9.05
CA GLU C 234 -20.07 9.78 8.71
C GLU C 234 -19.19 9.85 7.48
N GLN C 235 -18.24 8.92 7.41
CA GLN C 235 -17.31 8.90 6.31
C GLN C 235 -16.81 7.47 6.12
N MET C 236 -16.33 7.19 4.91
CA MET C 236 -15.99 5.85 4.52
C MET C 236 -15.18 5.90 3.24
N PHE C 237 -14.32 4.90 3.05
CA PHE C 237 -13.65 4.72 1.78
C PHE C 237 -13.42 3.23 1.57
N VAL C 238 -13.26 2.85 0.30
CA VAL C 238 -13.04 1.46 -0.05
C VAL C 238 -11.57 1.14 0.17
N ARG C 239 -11.32 0.16 1.05
CA ARG C 239 -9.96 -0.22 1.37
C ARG C 239 -9.52 -1.47 0.61
N HIS C 240 -10.48 -2.28 0.17
CA HIS C 240 -10.17 -3.47 -0.62
C HIS C 240 -11.38 -3.80 -1.47
N LEU C 241 -11.12 -4.56 -2.54
CA LEU C 241 -12.15 -5.00 -3.46
C LEU C 241 -12.16 -6.52 -3.44
N PHE C 242 -13.33 -7.10 -3.17
CA PHE C 242 -13.44 -8.54 -2.99
C PHE C 242 -14.56 -9.09 -3.87
N ASN C 243 -14.62 -10.41 -3.93
CA ASN C 243 -15.55 -11.14 -4.77
C ASN C 243 -16.21 -12.24 -3.94
N ARG C 244 -17.38 -12.68 -4.38
CA ARG C 244 -18.11 -13.74 -3.72
C ARG C 244 -17.77 -15.09 -4.35
N ALA C 245 -18.41 -16.16 -3.83
CA ALA C 245 -18.14 -17.50 -4.32
C ALA C 245 -19.38 -18.36 -4.48
N GLY C 246 -20.57 -17.87 -4.14
CA GLY C 246 -21.76 -18.67 -4.27
C GLY C 246 -22.17 -18.87 -5.72
N THR C 247 -23.13 -19.76 -5.92
CA THR C 247 -23.66 -19.97 -7.26
C THR C 247 -24.31 -18.69 -7.76
N VAL C 248 -24.18 -18.45 -9.07
CA VAL C 248 -24.66 -17.21 -9.64
C VAL C 248 -26.18 -17.21 -9.70
N GLY C 249 -26.77 -16.03 -9.54
CA GLY C 249 -28.20 -15.88 -9.74
C GLY C 249 -28.47 -15.26 -11.09
N GLU C 250 -28.76 -13.97 -11.15
CA GLU C 250 -28.92 -13.28 -12.42
C GLU C 250 -27.57 -13.28 -13.13
N ASN C 251 -27.40 -14.19 -14.08
CA ASN C 251 -26.16 -14.36 -14.80
C ASN C 251 -25.92 -13.19 -15.75
N VAL C 252 -24.64 -12.98 -16.08
CA VAL C 252 -24.27 -11.89 -16.99
C VAL C 252 -24.83 -12.17 -18.38
N PRO C 253 -25.44 -11.20 -19.05
CA PRO C 253 -25.90 -11.43 -20.40
C PRO C 253 -24.76 -11.78 -21.34
N ASP C 254 -25.05 -12.65 -22.31
CA ASP C 254 -24.06 -13.02 -23.31
C ASP C 254 -23.70 -11.84 -24.21
N ASP C 255 -24.49 -10.78 -24.20
CA ASP C 255 -24.23 -9.64 -25.06
C ASP C 255 -23.02 -8.84 -24.60
N LEU C 256 -22.79 -8.78 -23.28
CA LEU C 256 -21.83 -7.86 -22.71
C LEU C 256 -20.39 -8.38 -22.74
N TYR C 257 -20.14 -9.57 -23.24
CA TYR C 257 -18.79 -10.09 -23.28
C TYR C 257 -18.65 -11.09 -24.41
N ILE C 258 -17.39 -11.34 -24.77
CA ILE C 258 -17.03 -12.31 -25.80
C ILE C 258 -16.55 -13.57 -25.10
N LYS C 259 -17.08 -14.72 -25.52
CA LYS C 259 -16.72 -15.97 -24.87
C LYS C 259 -15.23 -16.24 -25.05
N GLY C 260 -14.59 -16.66 -23.97
CA GLY C 260 -13.18 -16.97 -23.97
C GLY C 260 -12.91 -18.43 -24.23
N SER C 261 -11.71 -18.86 -23.87
CA SER C 261 -11.31 -20.25 -24.02
C SER C 261 -10.11 -20.51 -23.14
N GLY C 262 -9.75 -21.79 -23.02
CA GLY C 262 -8.63 -22.15 -22.19
C GLY C 262 -8.86 -21.75 -20.74
N SER C 263 -7.94 -20.97 -20.19
CA SER C 263 -8.04 -20.56 -18.81
C SER C 263 -9.28 -19.70 -18.57
N THR C 264 -9.61 -18.83 -19.52
CA THR C 264 -10.75 -17.94 -19.41
C THR C 264 -12.07 -18.62 -19.75
N ALA C 265 -12.04 -19.94 -19.99
CA ALA C 265 -13.27 -20.65 -20.33
C ALA C 265 -14.30 -20.53 -19.22
N ASN C 266 -13.87 -20.62 -17.97
CA ASN C 266 -14.76 -20.54 -16.82
C ASN C 266 -14.78 -19.12 -16.29
N LEU C 267 -15.92 -18.46 -16.42
CA LEU C 267 -16.07 -17.11 -15.91
C LEU C 267 -15.88 -17.09 -14.40
N ALA C 268 -15.39 -15.95 -13.91
CA ALA C 268 -15.33 -15.70 -12.48
C ALA C 268 -16.57 -14.92 -12.05
N SER C 269 -16.90 -15.05 -10.77
CA SER C 269 -18.10 -14.41 -10.24
C SER C 269 -18.03 -12.90 -10.44
N SER C 270 -19.16 -12.30 -10.80
CA SER C 270 -19.27 -10.87 -11.02
C SER C 270 -19.92 -10.16 -9.84
N ASN C 271 -20.07 -10.84 -8.71
CA ASN C 271 -20.64 -10.26 -7.50
C ASN C 271 -19.50 -9.74 -6.65
N TYR C 272 -19.30 -8.43 -6.67
CA TYR C 272 -18.20 -7.78 -5.98
C TYR C 272 -18.73 -6.99 -4.80
N PHE C 273 -18.01 -7.06 -3.68
CA PHE C 273 -18.37 -6.29 -2.51
C PHE C 273 -17.15 -5.54 -1.98
N PRO C 274 -17.33 -4.34 -1.47
CA PRO C 274 -16.22 -3.59 -0.88
C PRO C 274 -16.04 -3.84 0.60
N THR C 275 -14.81 -3.63 1.06
CA THR C 275 -14.49 -3.64 2.47
C THR C 275 -14.37 -2.20 2.95
N PRO C 276 -15.23 -1.74 3.86
CA PRO C 276 -15.21 -0.32 4.24
C PRO C 276 -13.98 0.02 5.07
N SER C 277 -13.85 1.32 5.34
CA SER C 277 -12.83 1.83 6.23
C SER C 277 -13.17 3.26 6.59
N GLY C 278 -13.06 3.60 7.86
CA GLY C 278 -13.41 4.90 8.35
C GLY C 278 -12.32 5.94 8.28
N SER C 279 -11.16 5.57 7.74
CA SER C 279 -10.01 6.47 7.64
C SER C 279 -9.48 6.85 9.02
N MET C 280 -9.51 8.14 9.35
CA MET C 280 -8.77 8.67 10.50
C MET C 280 -9.73 9.34 11.48
N VAL C 281 -9.52 9.08 12.76
CA VAL C 281 -10.29 9.68 13.83
C VAL C 281 -9.51 10.87 14.38
N THR C 282 -10.24 11.95 14.70
CA THR C 282 -9.60 13.16 15.19
C THR C 282 -10.50 13.82 16.23
N SER C 283 -9.86 14.64 17.07
CA SER C 283 -10.61 15.41 18.06
C SER C 283 -11.37 16.56 17.42
N ASP C 284 -10.83 17.16 16.37
CA ASP C 284 -11.50 18.27 15.71
C ASP C 284 -12.79 17.83 15.04
N ALA C 285 -12.90 16.55 14.70
CA ALA C 285 -14.08 16.00 14.05
C ALA C 285 -15.05 15.37 15.05
N GLN C 286 -15.13 15.92 16.27
CA GLN C 286 -15.96 15.39 17.32
C GLN C 286 -17.16 16.31 17.54
N ILE C 287 -18.35 15.72 17.56
CA ILE C 287 -19.57 16.46 17.87
C ILE C 287 -19.95 16.34 19.34
N PHE C 288 -19.32 15.45 20.09
CA PHE C 288 -19.65 15.22 21.49
C PHE C 288 -18.82 16.12 22.39
N ASN C 289 -19.10 16.07 23.69
CA ASN C 289 -18.44 16.92 24.66
C ASN C 289 -18.55 18.38 24.24
N LYS C 290 -19.70 18.74 23.69
CA LYS C 290 -19.93 20.06 23.19
C LYS C 290 -21.41 20.37 23.39
N PRO C 291 -21.75 21.53 23.93
CA PRO C 291 -23.15 21.83 24.24
C PRO C 291 -23.97 22.12 22.99
N TYR C 292 -25.28 21.98 23.15
CA TYR C 292 -26.25 22.30 22.12
C TYR C 292 -27.27 23.26 22.69
N TRP C 293 -27.87 24.06 21.82
CA TRP C 293 -28.85 25.07 22.23
C TRP C 293 -30.05 24.98 21.29
N LEU C 294 -31.13 24.37 21.78
CA LEU C 294 -32.34 24.14 20.97
C LEU C 294 -33.34 25.28 21.16
N GLN C 295 -32.89 26.48 20.77
CA GLN C 295 -33.76 27.65 20.88
C GLN C 295 -35.01 27.49 20.01
N ARG C 296 -34.83 27.00 18.80
CA ARG C 296 -35.96 26.74 17.90
C ARG C 296 -35.73 25.42 17.19
N ALA C 297 -36.78 24.62 17.09
CA ALA C 297 -36.72 23.34 16.39
C ALA C 297 -37.02 23.53 14.90
N GLN C 298 -36.85 22.46 14.14
CA GLN C 298 -37.20 22.45 12.72
C GLN C 298 -38.66 22.10 12.48
N GLY C 299 -39.43 21.85 13.53
CA GLY C 299 -40.84 21.54 13.39
C GLY C 299 -41.72 22.50 14.16
N HIS C 300 -43.02 22.22 14.20
CA HIS C 300 -43.93 23.05 14.97
C HIS C 300 -43.53 23.07 16.44
N ASN C 301 -43.37 21.89 17.04
CA ASN C 301 -42.96 21.80 18.43
C ASN C 301 -41.55 22.35 18.60
N ASN C 302 -41.37 23.19 19.60
CA ASN C 302 -40.12 23.92 19.83
C ASN C 302 -39.33 23.35 20.99
N GLY C 303 -39.35 22.02 21.14
CA GLY C 303 -38.62 21.36 22.20
C GLY C 303 -39.43 20.97 23.41
N ILE C 304 -40.76 21.11 23.38
CA ILE C 304 -41.59 20.74 24.51
C ILE C 304 -41.48 19.25 24.75
N CYS C 305 -41.45 18.86 26.02
CA CYS C 305 -41.36 17.47 26.43
C CYS C 305 -42.74 16.99 26.86
N TRP C 306 -43.54 16.59 25.88
CA TRP C 306 -44.87 16.07 26.16
C TRP C 306 -44.77 14.73 26.87
N GLY C 307 -45.56 14.55 27.92
CA GLY C 307 -45.55 13.32 28.68
C GLY C 307 -44.39 13.16 29.62
N ASN C 308 -43.58 14.20 29.80
CA ASN C 308 -42.40 14.15 30.67
C ASN C 308 -41.48 13.00 30.27
N GLN C 309 -41.02 13.06 29.03
CA GLN C 309 -40.14 12.03 28.49
C GLN C 309 -39.20 12.64 27.47
N LEU C 310 -38.11 11.92 27.22
CA LEU C 310 -37.17 12.29 26.18
C LEU C 310 -36.50 11.02 25.69
N PHE C 311 -35.93 11.11 24.49
CA PHE C 311 -35.17 10.03 23.90
C PHE C 311 -33.89 10.62 23.33
N VAL C 312 -32.76 9.99 23.62
CA VAL C 312 -31.46 10.44 23.16
C VAL C 312 -30.77 9.25 22.53
N THR C 313 -30.70 9.24 21.21
CA THR C 313 -30.02 8.19 20.47
C THR C 313 -28.66 8.71 20.02
N VAL C 314 -27.62 7.97 20.34
CA VAL C 314 -26.26 8.38 20.04
C VAL C 314 -25.48 7.18 19.51
N VAL C 315 -24.64 7.44 18.52
CA VAL C 315 -23.70 6.46 18.00
C VAL C 315 -22.33 7.12 17.97
N ASP C 316 -21.30 6.34 18.33
CA ASP C 316 -19.94 6.87 18.37
C ASP C 316 -18.98 5.71 18.13
N THR C 317 -18.58 5.54 16.88
CA THR C 317 -17.58 4.55 16.51
C THR C 317 -16.16 5.09 16.63
N THR C 318 -16.01 6.33 17.09
CA THR C 318 -14.71 6.97 17.23
C THR C 318 -14.00 6.59 18.52
N ARG C 319 -14.68 5.88 19.43
CA ARG C 319 -14.08 5.43 20.68
C ARG C 319 -14.30 3.94 20.87
N SER C 320 -14.49 3.20 19.79
CA SER C 320 -14.85 1.78 19.86
C SER C 320 -13.59 0.90 19.86
N THR C 321 -12.72 1.16 20.83
CA THR C 321 -11.52 0.35 21.02
C THR C 321 -11.85 -0.81 21.95
N ASN C 322 -11.50 -2.02 21.50
CA ASN C 322 -11.75 -3.23 22.26
C ASN C 322 -10.45 -3.62 22.97
N MET C 323 -10.50 -3.67 24.31
CA MET C 323 -9.33 -3.94 25.12
C MET C 323 -9.29 -5.43 25.42
N SER C 324 -8.28 -6.11 24.87
CA SER C 324 -8.12 -7.54 25.08
C SER C 324 -7.59 -7.82 26.47
N LEU C 325 -8.01 -8.95 27.03
CA LEU C 325 -7.61 -9.39 28.35
C LEU C 325 -7.02 -10.78 28.25
N CYS C 326 -5.95 -11.02 28.99
CA CYS C 326 -5.25 -12.30 28.99
C CYS C 326 -5.15 -12.79 30.43
N ALA C 327 -5.51 -14.05 30.64
CA ALA C 327 -5.52 -14.64 31.97
C ALA C 327 -4.74 -15.94 31.94
N ALA C 328 -3.94 -16.16 32.98
CA ALA C 328 -3.02 -17.29 33.03
C ALA C 328 -3.70 -18.50 33.65
N ILE C 329 -3.83 -19.56 32.86
CA ILE C 329 -4.41 -20.80 33.36
C ILE C 329 -3.45 -21.45 34.35
N SER C 330 -2.18 -21.54 33.99
CA SER C 330 -1.16 -22.15 34.83
C SER C 330 0.08 -21.28 34.80
N THR C 331 0.79 -21.24 35.93
CA THR C 331 2.01 -20.46 36.08
C THR C 331 3.21 -21.36 36.37
N SER C 332 3.15 -22.61 35.92
CA SER C 332 4.20 -23.59 36.17
C SER C 332 5.03 -23.88 34.94
N GLU C 333 4.98 -23.01 33.93
CA GLU C 333 5.68 -23.22 32.68
C GLU C 333 6.86 -22.25 32.59
N THR C 334 8.03 -22.79 32.29
CA THR C 334 9.21 -21.95 32.12
C THR C 334 9.14 -21.14 30.84
N THR C 335 8.64 -21.76 29.77
CA THR C 335 8.59 -21.14 28.45
C THR C 335 7.14 -20.80 28.10
N TYR C 336 7.00 -19.99 27.05
CA TYR C 336 5.69 -19.56 26.61
C TYR C 336 4.94 -20.70 25.93
N LYS C 337 3.62 -20.70 26.09
CA LYS C 337 2.76 -21.70 25.47
C LYS C 337 1.40 -21.08 25.24
N ASN C 338 0.90 -21.19 24.01
CA ASN C 338 -0.43 -20.66 23.70
C ASN C 338 -1.51 -21.40 24.46
N THR C 339 -1.23 -22.65 24.87
CA THR C 339 -2.21 -23.46 25.57
C THR C 339 -2.17 -23.21 27.07
N ASN C 340 -1.74 -22.02 27.47
CA ASN C 340 -1.65 -21.65 28.87
C ASN C 340 -2.23 -20.27 29.15
N PHE C 341 -2.83 -19.63 28.16
CA PHE C 341 -3.42 -18.31 28.31
C PHE C 341 -4.75 -18.29 27.57
N LYS C 342 -5.72 -17.60 28.15
CA LYS C 342 -7.04 -17.45 27.54
C LYS C 342 -7.24 -16.01 27.11
N GLU C 343 -7.69 -15.84 25.86
CA GLU C 343 -7.87 -14.52 25.27
C GLU C 343 -9.34 -14.10 25.40
N TYR C 344 -9.54 -12.85 25.79
CA TYR C 344 -10.86 -12.28 25.99
C TYR C 344 -10.93 -10.92 25.32
N LEU C 345 -12.15 -10.51 24.99
CA LEU C 345 -12.40 -9.20 24.40
C LEU C 345 -13.54 -8.55 25.17
N ARG C 346 -13.35 -7.28 25.53
CA ARG C 346 -14.36 -6.52 26.23
C ARG C 346 -14.33 -5.08 25.75
N HIS C 347 -15.45 -4.40 25.88
CA HIS C 347 -15.60 -3.04 25.39
C HIS C 347 -16.15 -2.16 26.50
N GLY C 348 -15.51 -1.01 26.71
CA GLY C 348 -15.90 -0.08 27.74
C GLY C 348 -16.67 1.09 27.16
N GLU C 349 -17.91 1.23 27.59
CA GLU C 349 -18.81 2.28 27.13
C GLU C 349 -19.11 3.20 28.29
N GLU C 350 -18.78 4.49 28.14
CA GLU C 350 -18.96 5.47 29.19
C GLU C 350 -19.75 6.65 28.65
N TYR C 351 -20.67 7.17 29.46
CA TYR C 351 -21.54 8.26 29.05
C TYR C 351 -21.80 9.16 30.24
N ASP C 352 -22.14 10.41 29.94
CA ASP C 352 -22.54 11.37 30.95
C ASP C 352 -23.44 12.43 30.33
N LEU C 353 -24.74 12.33 30.58
CA LEU C 353 -25.72 13.22 29.98
C LEU C 353 -25.97 14.41 30.89
N GLN C 354 -26.01 15.60 30.29
CA GLN C 354 -26.35 16.82 30.98
C GLN C 354 -27.44 17.52 30.20
N PHE C 355 -28.40 18.11 30.92
CA PHE C 355 -29.54 18.73 30.30
C PHE C 355 -29.84 20.05 30.98
N ILE C 356 -30.40 20.98 30.22
CA ILE C 356 -30.97 22.21 30.74
C ILE C 356 -32.43 22.25 30.35
N PHE C 357 -33.30 22.45 31.33
CA PHE C 357 -34.74 22.42 31.12
C PHE C 357 -35.35 23.75 31.50
N GLN C 358 -36.39 24.12 30.77
CA GLN C 358 -37.08 25.38 30.94
C GLN C 358 -38.54 25.11 31.24
N LEU C 359 -39.10 25.88 32.17
CA LEU C 359 -40.46 25.65 32.61
C LEU C 359 -41.44 26.35 31.67
N CYS C 360 -42.53 25.68 31.34
CA CYS C 360 -43.56 26.22 30.46
C CYS C 360 -44.93 25.98 31.07
N LYS C 361 -45.77 27.01 31.05
CA LYS C 361 -47.13 26.93 31.53
C LYS C 361 -48.11 27.05 30.37
N ILE C 362 -49.21 26.33 30.45
CA ILE C 362 -50.21 26.34 29.40
C ILE C 362 -51.57 26.70 30.01
N PRO C 392 -47.43 2.35 26.56
CA PRO C 392 -47.55 2.01 25.13
C PRO C 392 -46.21 1.75 24.46
N LEU C 393 -45.11 2.05 25.17
CA LEU C 393 -43.77 1.85 24.66
C LEU C 393 -43.03 0.74 25.41
N LYS C 394 -43.73 -0.01 26.24
CA LYS C 394 -43.12 -1.09 27.02
C LYS C 394 -42.74 -2.29 26.16
N LYS C 395 -43.16 -2.31 24.89
CA LYS C 395 -42.77 -3.41 24.01
C LYS C 395 -41.29 -3.38 23.69
N TYR C 396 -40.64 -2.23 23.79
CA TYR C 396 -39.27 -2.04 23.35
C TYR C 396 -38.32 -2.03 24.53
N THR C 397 -37.04 -2.26 24.22
CA THR C 397 -35.97 -2.23 25.21
C THR C 397 -35.25 -0.90 25.10
N PHE C 398 -35.38 -0.07 26.13
CA PHE C 398 -34.66 1.19 26.23
C PHE C 398 -33.75 1.16 27.46
N TRP C 399 -32.80 2.08 27.47
CA TRP C 399 -31.92 2.29 28.63
C TRP C 399 -32.58 3.34 29.50
N GLU C 400 -33.32 2.89 30.52
CA GLU C 400 -34.06 3.80 31.36
C GLU C 400 -33.09 4.65 32.18
N VAL C 401 -33.36 5.95 32.24
CA VAL C 401 -32.56 6.91 32.98
C VAL C 401 -33.51 7.77 33.79
N ASN C 402 -33.40 7.70 35.11
CA ASN C 402 -34.30 8.42 35.99
C ASN C 402 -33.66 9.73 36.43
N LEU C 403 -34.41 10.81 36.28
CA LEU C 403 -33.95 12.16 36.60
C LEU C 403 -34.86 12.87 37.58
N LYS C 404 -35.79 12.15 38.21
CA LYS C 404 -36.77 12.79 39.08
C LYS C 404 -36.17 13.29 40.37
N GLU C 405 -34.91 12.96 40.67
CA GLU C 405 -34.24 13.43 41.87
C GLU C 405 -33.02 14.30 41.58
N LYS C 406 -32.59 14.38 40.31
CA LYS C 406 -31.35 15.05 39.95
C LYS C 406 -31.58 16.42 39.32
N PHE C 407 -32.58 17.15 39.81
CA PHE C 407 -32.88 18.49 39.32
C PHE C 407 -32.46 19.52 40.35
N SER C 408 -31.69 20.51 39.92
CA SER C 408 -31.25 21.59 40.79
C SER C 408 -31.13 22.86 39.97
N ALA C 409 -31.51 23.98 40.59
CA ALA C 409 -31.46 25.28 39.94
C ALA C 409 -30.12 25.97 40.11
N ASP C 410 -29.15 25.33 40.75
CA ASP C 410 -27.81 25.88 40.91
C ASP C 410 -27.04 25.62 39.63
N LEU C 411 -27.26 26.47 38.62
CA LEU C 411 -26.64 26.27 37.32
C LEU C 411 -25.12 26.42 37.40
N ASP C 412 -24.64 27.44 38.13
CA ASP C 412 -23.22 27.73 38.15
C ASP C 412 -22.39 26.60 38.73
N GLN C 413 -22.98 25.75 39.58
CA GLN C 413 -22.24 24.64 40.17
C GLN C 413 -21.94 23.54 39.18
N PHE C 414 -22.50 23.60 37.97
CA PHE C 414 -22.28 22.58 36.95
C PHE C 414 -21.69 23.21 35.70
N PRO C 415 -20.90 22.45 34.93
CA PRO C 415 -20.26 23.05 33.74
C PRO C 415 -21.26 23.52 32.70
N LEU C 416 -22.24 22.69 32.35
CA LEU C 416 -23.23 23.08 31.36
C LEU C 416 -23.97 24.34 31.79
N GLY C 417 -24.21 24.48 33.09
CA GLY C 417 -24.85 25.70 33.56
C GLY C 417 -23.97 26.92 33.37
N ARG C 418 -22.67 26.78 33.60
CA ARG C 418 -21.75 27.89 33.35
C ARG C 418 -21.77 28.27 31.87
N LYS C 419 -21.73 27.28 30.98
CA LYS C 419 -21.77 27.57 29.55
C LYS C 419 -23.08 28.26 29.17
N PHE C 420 -24.20 27.77 29.71
CA PHE C 420 -25.49 28.39 29.40
C PHE C 420 -25.53 29.83 29.87
N LEU C 421 -25.03 30.09 31.07
CA LEU C 421 -24.99 31.47 31.57
C LEU C 421 -24.11 32.35 30.69
N LEU C 422 -22.96 31.82 30.26
CA LEU C 422 -22.10 32.60 29.39
C LEU C 422 -22.79 32.94 28.08
N GLN C 423 -23.50 31.99 27.50
CA GLN C 423 -24.24 32.24 26.27
C GLN C 423 -25.65 32.72 26.59
N TYR D 8 -14.69 37.06 45.71
CA TYR D 8 -14.18 37.68 46.92
C TYR D 8 -12.67 37.90 46.85
N VAL D 9 -12.06 37.47 45.74
CA VAL D 9 -10.63 37.67 45.51
C VAL D 9 -10.45 38.97 44.73
N ALA D 10 -9.58 39.84 45.24
CA ALA D 10 -9.34 41.14 44.62
C ALA D 10 -8.12 41.05 43.70
N ARG D 11 -8.30 41.46 42.46
CA ARG D 11 -7.23 41.47 41.48
C ARG D 11 -6.50 42.81 41.48
N THR D 12 -5.24 42.78 41.07
CA THR D 12 -4.42 43.98 41.00
C THR D 12 -3.66 43.99 39.68
N ASN D 13 -3.04 45.13 39.39
CA ASN D 13 -2.31 45.32 38.15
C ASN D 13 -0.83 44.98 38.28
N ILE D 14 -0.48 44.07 39.18
CA ILE D 14 0.90 43.65 39.42
C ILE D 14 1.11 42.30 38.74
N TYR D 15 2.16 42.20 37.93
CA TYR D 15 2.47 40.99 37.19
C TYR D 15 3.93 40.64 37.36
N TYR D 16 4.22 39.35 37.23
CA TYR D 16 5.57 38.82 37.43
C TYR D 16 5.79 37.68 36.46
N HIS D 17 6.81 37.80 35.62
CA HIS D 17 7.19 36.74 34.70
C HIS D 17 8.15 35.78 35.38
N ALA D 18 8.05 34.51 34.99
CA ALA D 18 8.92 33.48 35.55
C ALA D 18 9.13 32.38 34.53
N GLY D 19 10.16 31.59 34.74
CA GLY D 19 10.44 30.47 33.86
C GLY D 19 11.75 29.82 34.23
N THR D 20 11.89 28.57 33.79
CA THR D 20 13.09 27.78 34.04
C THR D 20 14.22 28.11 33.08
N SER D 21 13.89 28.44 31.84
CA SER D 21 14.77 28.74 30.72
C SER D 21 15.41 27.49 30.13
N ARG D 22 15.34 26.34 30.81
CA ARG D 22 15.75 25.08 30.21
C ARG D 22 15.41 23.90 31.12
N LEU D 23 14.94 22.82 30.54
CA LEU D 23 14.66 21.59 31.28
C LEU D 23 14.93 20.42 30.34
N LEU D 24 15.95 19.64 30.66
CA LEU D 24 16.47 18.63 29.76
C LEU D 24 16.45 17.27 30.43
N ALA D 25 16.17 16.24 29.64
CA ALA D 25 16.15 14.88 30.13
C ALA D 25 16.63 13.97 29.01
N VAL D 26 17.23 12.85 29.40
CA VAL D 26 17.78 11.89 28.45
C VAL D 26 17.68 10.51 29.05
N GLY D 27 17.44 9.52 28.21
CA GLY D 27 17.42 8.14 28.66
C GLY D 27 16.86 7.22 27.60
N HIS D 28 16.83 5.96 27.95
CA HIS D 28 16.27 4.93 27.07
C HIS D 28 14.76 5.11 26.96
N PRO D 29 14.17 4.96 25.78
CA PRO D 29 12.74 5.24 25.64
C PRO D 29 11.84 4.07 26.04
N TYR D 30 12.35 2.85 25.96
CA TYR D 30 11.54 1.68 26.26
C TYR D 30 11.57 1.31 27.74
N PHE D 31 12.76 1.03 28.27
CA PHE D 31 12.91 0.59 29.65
C PHE D 31 14.14 1.23 30.27
N PRO D 32 14.14 1.43 31.58
CA PRO D 32 15.34 1.95 32.25
C PRO D 32 16.42 0.90 32.33
N ILE D 33 17.66 1.38 32.45
CA ILE D 33 18.83 0.51 32.53
C ILE D 33 19.18 0.29 33.98
N LYS D 34 19.72 -0.89 34.28
CA LYS D 34 20.14 -1.22 35.64
C LYS D 34 20.90 -2.53 35.62
N LYS D 35 21.51 -2.84 36.76
CA LYS D 35 22.36 -4.02 36.87
C LYS D 35 21.51 -5.28 36.87
N PRO D 36 22.12 -6.43 36.56
CA PRO D 36 21.32 -7.65 36.31
C PRO D 36 20.18 -7.89 37.28
N ASN D 37 20.44 -7.90 38.59
CA ASN D 37 19.38 -8.10 39.56
C ASN D 37 19.16 -6.90 40.47
N ASN D 38 20.04 -5.91 40.44
CA ASN D 38 19.85 -4.73 41.26
C ASN D 38 18.72 -3.87 40.70
N ASN D 39 18.02 -3.19 41.60
CA ASN D 39 16.93 -2.30 41.23
C ASN D 39 17.37 -0.85 41.11
N LYS D 40 18.68 -0.59 41.18
CA LYS D 40 19.20 0.76 41.05
C LYS D 40 19.32 1.14 39.58
N ILE D 41 18.79 2.29 39.22
CA ILE D 41 18.75 2.73 37.83
C ILE D 41 20.03 3.46 37.49
N LEU D 42 20.61 3.12 36.34
CA LEU D 42 21.74 3.82 35.78
C LEU D 42 21.32 4.85 34.73
N VAL D 43 20.38 4.48 33.87
CA VAL D 43 19.84 5.39 32.87
C VAL D 43 18.32 5.39 32.99
N PRO D 44 17.69 6.54 33.17
CA PRO D 44 16.24 6.57 33.33
C PRO D 44 15.52 6.27 32.02
N LYS D 45 14.22 6.10 32.13
CA LYS D 45 13.35 5.88 30.98
C LYS D 45 12.67 7.21 30.63
N VAL D 46 12.91 7.68 29.41
CA VAL D 46 12.37 8.94 28.93
C VAL D 46 11.83 8.74 27.53
N SER D 47 10.57 9.12 27.33
CA SER D 47 9.92 8.97 26.03
C SER D 47 8.79 9.98 25.94
N GLY D 48 8.30 10.17 24.72
CA GLY D 48 7.21 11.10 24.49
C GLY D 48 5.84 10.57 24.88
N LEU D 49 5.76 9.31 25.24
CA LEU D 49 4.53 8.67 25.67
C LEU D 49 4.27 8.84 27.16
N GLN D 50 5.15 9.54 27.88
CA GLN D 50 5.04 9.70 29.31
C GLN D 50 4.52 11.09 29.65
N TYR D 51 3.64 11.15 30.65
CA TYR D 51 3.23 12.43 31.20
C TYR D 51 4.41 13.10 31.89
N ARG D 52 4.41 14.42 31.85
CA ARG D 52 5.41 15.24 32.53
C ARG D 52 4.67 16.21 33.43
N VAL D 53 4.64 15.89 34.72
CA VAL D 53 3.91 16.68 35.70
C VAL D 53 4.93 17.53 36.43
N PHE D 54 4.89 18.84 36.19
CA PHE D 54 5.81 19.78 36.80
C PHE D 54 5.14 20.41 38.01
N ARG D 55 5.66 20.13 39.19
CA ARG D 55 5.12 20.69 40.42
C ARG D 55 5.85 21.99 40.70
N ILE D 56 5.20 23.10 40.37
CA ILE D 56 5.83 24.41 40.47
C ILE D 56 5.70 24.90 41.90
N HIS D 57 6.83 25.24 42.52
CA HIS D 57 6.86 25.73 43.89
C HIS D 57 7.07 27.23 43.83
N LEU D 58 5.97 27.96 43.87
CA LEU D 58 6.02 29.41 43.80
C LEU D 58 6.57 29.98 45.10
N PRO D 59 7.16 31.19 45.05
CA PRO D 59 7.50 31.88 46.28
C PRO D 59 6.26 32.36 47.00
N ASP D 60 6.40 32.55 48.30
CA ASP D 60 5.28 33.02 49.11
C ASP D 60 5.04 34.50 48.84
N PRO D 61 3.87 34.89 48.34
CA PRO D 61 3.62 36.33 48.12
C PRO D 61 3.58 37.12 49.41
N ASN D 62 3.36 36.47 50.55
CA ASN D 62 3.28 37.15 51.84
C ASN D 62 4.64 37.32 52.49
N LYS D 63 5.72 36.89 51.83
CA LYS D 63 7.07 37.07 52.35
C LYS D 63 7.97 37.69 51.28
N VAL D 80 -2.00 35.84 47.33
CA VAL D 80 -1.93 34.60 46.55
C VAL D 80 -1.73 34.92 45.08
N TRP D 81 -0.97 34.07 44.41
CA TRP D 81 -0.70 34.25 42.99
C TRP D 81 -1.90 33.80 42.16
N ALA D 82 -1.89 34.20 40.90
CA ALA D 82 -2.95 33.84 39.95
C ALA D 82 -2.32 33.67 38.57
N CYS D 83 -2.22 32.42 38.12
CA CYS D 83 -1.59 32.11 36.84
C CYS D 83 -2.50 32.59 35.71
N VAL D 84 -2.14 33.74 35.12
CA VAL D 84 -2.96 34.32 34.05
C VAL D 84 -2.43 33.98 32.67
N GLY D 85 -1.27 33.35 32.56
CA GLY D 85 -0.73 32.98 31.27
C GLY D 85 0.34 31.91 31.42
N VAL D 86 0.52 31.15 30.33
CA VAL D 86 1.47 30.05 30.31
C VAL D 86 1.94 29.83 28.88
N GLU D 87 3.16 29.34 28.74
CA GLU D 87 3.71 28.96 27.45
C GLU D 87 4.65 27.78 27.66
N VAL D 88 4.44 26.72 26.89
CA VAL D 88 5.20 25.48 27.04
C VAL D 88 6.08 25.36 25.81
N GLY D 89 7.33 25.76 25.94
CA GLY D 89 8.26 25.68 24.83
C GLY D 89 8.77 24.27 24.62
N ARG D 90 8.85 23.88 23.35
CA ARG D 90 9.44 22.62 22.94
C ARG D 90 10.47 22.92 21.87
N GLY D 91 11.66 22.35 22.02
CA GLY D 91 12.79 22.74 21.21
C GLY D 91 13.21 21.72 20.17
N GLN D 92 13.03 20.45 20.49
CA GLN D 92 13.52 19.40 19.62
C GLN D 92 12.75 19.39 18.30
N PRO D 93 13.35 18.84 17.26
CA PRO D 93 12.66 18.79 15.96
C PRO D 93 11.50 17.81 15.98
N LEU D 94 10.52 18.09 15.12
CA LEU D 94 9.41 17.18 14.96
C LEU D 94 9.89 15.83 14.43
N GLY D 95 9.23 14.78 14.91
CA GLY D 95 9.58 13.42 14.53
C GLY D 95 8.53 12.49 15.06
N VAL D 96 8.66 11.21 14.69
CA VAL D 96 7.69 10.19 15.05
C VAL D 96 8.44 9.01 15.65
N GLY D 97 8.05 8.62 16.85
CA GLY D 97 8.68 7.50 17.50
C GLY D 97 8.13 6.17 17.03
N ILE D 98 8.92 5.13 17.27
CA ILE D 98 8.60 3.78 16.86
C ILE D 98 8.78 2.86 18.06
N SER D 99 7.79 2.01 18.30
CA SER D 99 7.82 1.07 19.41
C SER D 99 7.42 -0.31 18.91
N GLY D 100 7.90 -1.33 19.60
CA GLY D 100 7.66 -2.69 19.13
C GLY D 100 7.93 -3.70 20.22
N HIS D 101 7.76 -4.96 19.85
CA HIS D 101 7.96 -6.07 20.77
C HIS D 101 8.59 -7.23 20.02
N PRO D 102 9.74 -7.73 20.47
CA PRO D 102 10.37 -8.85 19.75
C PRO D 102 9.51 -10.09 19.69
N LEU D 103 8.56 -10.24 20.61
CA LEU D 103 7.75 -11.44 20.73
C LEU D 103 6.29 -11.06 20.93
N LEU D 104 5.77 -10.19 20.08
CA LEU D 104 4.36 -9.85 20.13
C LEU D 104 3.51 -11.04 19.71
N ASN D 105 2.29 -11.07 20.23
CA ASN D 105 1.34 -12.14 19.93
C ASN D 105 0.54 -11.73 18.70
N LYS D 106 0.82 -12.38 17.57
CA LYS D 106 0.21 -12.03 16.30
C LYS D 106 0.19 -13.28 15.44
N LEU D 107 -1.00 -13.86 15.28
CA LEU D 107 -1.12 -15.13 14.56
C LEU D 107 -0.96 -14.94 13.06
N ASP D 108 -1.81 -14.09 12.46
CA ASP D 108 -1.74 -13.86 11.03
C ASP D 108 -2.46 -12.55 10.73
N ASP D 109 -2.17 -12.01 9.55
CA ASP D 109 -2.86 -10.84 9.05
C ASP D 109 -4.12 -11.28 8.31
N THR D 110 -5.25 -10.67 8.66
CA THR D 110 -6.54 -11.08 8.13
C THR D 110 -7.20 -9.99 7.29
N GLU D 111 -6.48 -8.91 6.99
CA GLU D 111 -7.04 -7.84 6.16
C GLU D 111 -7.38 -8.34 4.77
N ASN D 112 -6.46 -9.09 4.16
CA ASN D 112 -6.62 -9.57 2.78
C ASN D 112 -6.13 -11.01 2.68
N ALA D 113 -6.52 -11.83 3.65
CA ALA D 113 -6.11 -13.23 3.63
C ALA D 113 -6.65 -13.92 2.38
N SER D 114 -5.78 -14.65 1.69
CA SER D 114 -6.15 -15.37 0.48
C SER D 114 -6.16 -16.88 0.65
N ALA D 115 -5.54 -17.41 1.71
CA ALA D 115 -5.58 -18.82 2.02
C ALA D 115 -5.89 -18.98 3.50
N TYR D 116 -6.61 -20.04 3.85
CA TYR D 116 -7.03 -20.24 5.23
C TYR D 116 -5.83 -20.57 6.10
N ALA D 117 -5.80 -19.98 7.29
CA ALA D 117 -4.70 -20.23 8.23
C ALA D 117 -4.59 -21.71 8.53
N ALA D 118 -3.35 -22.20 8.59
CA ALA D 118 -3.07 -23.62 8.69
C ALA D 118 -2.77 -24.07 10.12
N ASN D 119 -1.76 -23.48 10.75
CA ASN D 119 -1.27 -23.93 12.04
C ASN D 119 -1.12 -22.76 13.00
N ALA D 120 -1.37 -23.03 14.28
CA ALA D 120 -1.10 -22.10 15.36
C ALA D 120 0.19 -22.41 16.10
N GLY D 121 0.48 -23.69 16.32
CA GLY D 121 1.74 -24.10 16.93
C GLY D 121 1.79 -23.80 18.42
N VAL D 122 2.94 -24.12 19.00
CA VAL D 122 3.14 -23.89 20.42
C VAL D 122 3.39 -22.41 20.69
N ASP D 123 4.33 -21.81 19.95
CA ASP D 123 4.63 -20.40 20.03
C ASP D 123 4.61 -19.82 18.62
N ASN D 124 3.81 -18.77 18.42
CA ASN D 124 3.65 -18.15 17.11
C ASN D 124 3.72 -16.63 17.26
N ARG D 125 4.72 -16.16 17.99
CA ARG D 125 4.93 -14.74 18.19
C ARG D 125 5.94 -14.21 17.19
N GLU D 126 5.76 -12.95 16.79
CA GLU D 126 6.53 -12.35 15.72
C GLU D 126 7.09 -11.02 16.18
N CYS D 127 8.23 -10.64 15.61
CA CYS D 127 8.84 -9.34 15.87
C CYS D 127 8.06 -8.29 15.11
N ILE D 128 7.32 -7.45 15.83
CA ILE D 128 6.40 -6.50 15.25
C ILE D 128 6.70 -5.11 15.80
N SER D 129 6.55 -4.11 14.96
CA SER D 129 6.76 -2.72 15.32
C SER D 129 5.55 -1.92 14.86
N MET D 130 5.41 -0.71 15.39
CA MET D 130 4.27 0.12 15.07
C MET D 130 4.46 1.48 15.71
N ASP D 131 3.97 2.49 15.01
CA ASP D 131 3.88 3.82 15.60
C ASP D 131 2.65 3.89 16.49
N TYR D 132 2.43 5.06 17.07
CA TYR D 132 1.42 5.21 18.11
C TYR D 132 0.48 6.36 17.77
N LYS D 133 -0.71 6.27 18.34
CA LYS D 133 -1.67 7.35 18.28
C LYS D 133 -1.03 8.67 18.69
N GLN D 134 -1.00 9.61 17.74
CA GLN D 134 -0.55 10.96 18.05
C GLN D 134 -1.49 11.58 19.06
N THR D 135 -0.92 12.23 20.08
CA THR D 135 -1.71 12.87 21.10
C THR D 135 -0.92 14.01 21.72
N GLN D 136 -1.62 15.10 22.02
CA GLN D 136 -1.06 16.25 22.71
C GLN D 136 -2.05 16.70 23.78
N LEU D 137 -1.53 17.25 24.87
CA LEU D 137 -2.41 17.82 25.88
C LEU D 137 -1.59 18.67 26.83
N CYS D 138 -2.29 19.56 27.54
CA CYS D 138 -1.63 20.48 28.47
C CYS D 138 -2.67 20.85 29.53
N LEU D 139 -2.54 20.26 30.71
CA LEU D 139 -3.45 20.51 31.82
C LEU D 139 -2.77 21.40 32.84
N ILE D 140 -3.48 22.44 33.27
CA ILE D 140 -2.98 23.41 34.22
C ILE D 140 -3.96 23.54 35.37
N GLY D 141 -3.46 23.45 36.59
CA GLY D 141 -4.32 23.57 37.75
C GLY D 141 -3.50 23.65 39.02
N CYS D 142 -4.20 23.83 40.13
CA CYS D 142 -3.57 23.92 41.44
C CYS D 142 -3.57 22.59 42.20
N LYS D 143 -4.10 21.54 41.60
CA LYS D 143 -4.16 20.22 42.22
C LYS D 143 -3.70 19.19 41.21
N PRO D 144 -3.21 18.04 41.68
CA PRO D 144 -2.72 17.03 40.76
C PRO D 144 -3.82 16.52 39.87
N PRO D 145 -3.49 16.13 38.63
CA PRO D 145 -4.53 15.67 37.71
C PRO D 145 -5.04 14.29 38.08
N ILE D 146 -6.15 13.91 37.47
CA ILE D 146 -6.84 12.66 37.75
C ILE D 146 -6.90 11.85 36.46
N GLY D 147 -6.61 10.56 36.58
CA GLY D 147 -6.56 9.68 35.42
C GLY D 147 -7.29 8.37 35.65
N GLU D 148 -8.03 7.96 34.61
CA GLU D 148 -8.89 6.76 34.65
C GLU D 148 -8.23 5.62 33.91
N HIS D 149 -8.59 4.40 34.22
CA HIS D 149 -8.10 3.24 33.48
C HIS D 149 -8.93 2.03 33.88
N TRP D 150 -8.73 0.91 33.23
CA TRP D 150 -9.54 -0.29 33.46
C TRP D 150 -8.66 -1.29 34.16
N GLY D 151 -8.82 -1.42 35.47
CA GLY D 151 -8.07 -2.38 36.23
C GLY D 151 -8.92 -3.56 36.68
N LYS D 152 -8.24 -4.50 37.33
CA LYS D 152 -8.94 -5.69 37.83
C LYS D 152 -9.90 -5.30 38.94
N GLY D 153 -11.08 -5.89 38.90
CA GLY D 153 -12.12 -5.52 39.85
C GLY D 153 -11.94 -6.18 41.19
N SER D 154 -12.48 -5.52 42.20
CA SER D 154 -12.45 -5.99 43.58
C SER D 154 -13.46 -7.11 43.84
N PRO D 155 -14.68 -7.05 43.28
CA PRO D 155 -15.76 -7.90 43.81
C PRO D 155 -15.54 -9.39 43.56
N CYS D 156 -15.31 -10.12 44.65
CA CYS D 156 -15.27 -11.58 44.62
C CYS D 156 -16.59 -12.20 45.07
N THR D 157 -17.26 -11.56 46.03
CA THR D 157 -18.60 -11.97 46.46
C THR D 157 -18.69 -13.46 46.74
N ASN D 158 -19.46 -14.19 45.93
CA ASN D 158 -19.68 -15.63 46.13
C ASN D 158 -19.46 -16.38 44.81
N VAL D 159 -18.48 -15.96 44.02
CA VAL D 159 -18.17 -16.58 42.74
C VAL D 159 -16.75 -17.13 42.81
N ALA D 160 -16.60 -18.39 42.46
CA ALA D 160 -15.29 -19.03 42.44
C ALA D 160 -14.51 -18.58 41.21
N VAL D 161 -13.27 -18.17 41.42
CA VAL D 161 -12.37 -17.81 40.33
C VAL D 161 -11.81 -19.11 39.77
N ASN D 162 -12.43 -19.63 38.71
CA ASN D 162 -11.96 -20.85 38.10
C ASN D 162 -10.66 -20.60 37.36
N PRO D 163 -9.90 -21.65 37.08
CA PRO D 163 -8.62 -21.48 36.38
C PRO D 163 -8.77 -20.75 35.05
N GLY D 164 -8.17 -19.57 34.95
CA GLY D 164 -8.14 -18.84 33.70
C GLY D 164 -9.40 -18.10 33.35
N ASP D 165 -10.27 -17.83 34.31
CA ASP D 165 -11.50 -17.10 34.01
C ASP D 165 -11.18 -15.65 33.64
N CYS D 166 -12.19 -14.96 33.14
CA CYS D 166 -12.02 -13.59 32.71
C CYS D 166 -11.93 -12.67 33.93
N PRO D 167 -10.84 -11.92 34.11
CA PRO D 167 -10.78 -11.00 35.24
C PRO D 167 -11.88 -9.98 35.16
N PRO D 168 -12.44 -9.56 36.29
CA PRO D 168 -13.41 -8.46 36.27
C PRO D 168 -12.75 -7.15 35.93
N LEU D 169 -13.56 -6.21 35.44
CA LEU D 169 -13.09 -4.90 35.03
C LEU D 169 -13.72 -3.85 35.93
N GLU D 170 -12.94 -2.80 36.23
CA GLU D 170 -13.41 -1.73 37.09
C GLU D 170 -12.80 -0.43 36.63
N LEU D 171 -13.56 0.66 36.75
CA LEU D 171 -13.11 1.98 36.32
C LEU D 171 -12.42 2.66 37.49
N ILE D 172 -11.10 2.59 37.50
CA ILE D 172 -10.29 3.12 38.60
C ILE D 172 -9.98 4.58 38.33
N ASN D 173 -9.79 5.33 39.41
CA ASN D 173 -9.35 6.71 39.35
C ASN D 173 -8.10 6.87 40.20
N THR D 174 -7.11 7.57 39.66
CA THR D 174 -5.81 7.73 40.30
C THR D 174 -5.35 9.16 40.11
N VAL D 175 -4.10 9.42 40.44
CA VAL D 175 -3.44 10.69 40.19
C VAL D 175 -2.29 10.44 39.23
N ILE D 176 -2.22 11.24 38.17
CA ILE D 176 -1.20 11.04 37.15
C ILE D 176 0.13 11.56 37.67
N GLN D 177 1.16 10.74 37.54
CA GLN D 177 2.51 11.08 37.95
C GLN D 177 3.41 11.18 36.73
N ASP D 178 4.56 11.83 36.92
CA ASP D 178 5.57 11.87 35.87
C ASP D 178 6.14 10.48 35.68
N GLY D 179 6.22 10.03 34.43
CA GLY D 179 6.65 8.69 34.10
C GLY D 179 5.54 7.74 33.75
N ASP D 180 4.29 8.09 34.06
CA ASP D 180 3.17 7.25 33.66
C ASP D 180 2.91 7.37 32.16
N MET D 181 2.54 6.25 31.56
CA MET D 181 2.33 6.20 30.12
C MET D 181 0.98 6.79 29.75
N VAL D 182 0.82 7.09 28.46
CA VAL D 182 -0.40 7.67 27.93
C VAL D 182 -1.10 6.62 27.09
N ASP D 183 -2.38 6.89 26.78
CA ASP D 183 -3.13 6.02 25.89
C ASP D 183 -2.47 5.96 24.51
N THR D 184 -2.27 4.74 24.01
CA THR D 184 -1.61 4.51 22.74
C THR D 184 -2.54 3.94 21.69
N GLY D 185 -3.86 4.02 21.91
CA GLY D 185 -4.82 3.42 21.02
C GLY D 185 -5.14 1.97 21.32
N PHE D 186 -4.41 1.34 22.24
CA PHE D 186 -4.75 0.03 22.74
C PHE D 186 -5.74 0.07 23.89
N GLY D 187 -6.12 1.27 24.34
CA GLY D 187 -7.06 1.40 25.42
C GLY D 187 -6.40 1.76 26.73
N ALA D 188 -7.08 2.55 27.55
CA ALA D 188 -6.60 2.93 28.87
C ALA D 188 -6.84 1.77 29.83
N MET D 189 -5.80 0.99 30.09
CA MET D 189 -5.96 -0.21 30.90
C MET D 189 -4.65 -0.50 31.62
N ASP D 190 -4.76 -1.28 32.70
CA ASP D 190 -3.60 -1.70 33.49
C ASP D 190 -3.10 -3.02 32.91
N PHE D 191 -2.19 -2.92 31.95
CA PHE D 191 -1.69 -4.10 31.26
C PHE D 191 -0.96 -5.06 32.18
N THR D 192 -0.49 -4.58 33.34
CA THR D 192 0.31 -5.42 34.21
C THR D 192 -0.51 -6.60 34.73
N THR D 193 -1.75 -6.35 35.13
CA THR D 193 -2.61 -7.37 35.72
C THR D 193 -3.57 -7.99 34.72
N LEU D 194 -4.27 -7.17 33.93
CA LEU D 194 -5.22 -7.68 32.96
C LEU D 194 -4.58 -8.58 31.93
N GLN D 195 -3.32 -8.31 31.56
CA GLN D 195 -2.58 -9.13 30.60
C GLN D 195 -1.41 -9.78 31.33
N ALA D 196 -1.41 -11.11 31.35
CA ALA D 196 -0.39 -11.85 32.08
C ALA D 196 0.73 -12.35 31.16
N ASN D 197 0.43 -12.52 29.88
CA ASN D 197 1.41 -13.08 28.95
C ASN D 197 2.48 -12.07 28.55
N LYS D 198 2.25 -10.78 28.75
CA LYS D 198 3.23 -9.73 28.48
C LYS D 198 3.63 -9.67 27.01
N SER D 199 2.79 -10.17 26.12
CA SER D 199 3.04 -10.13 24.68
C SER D 199 1.94 -9.44 23.92
N GLU D 200 0.94 -8.87 24.60
CA GLU D 200 -0.20 -8.28 23.92
C GLU D 200 0.13 -6.92 23.33
N VAL D 201 1.04 -6.17 23.95
CA VAL D 201 1.32 -4.80 23.55
C VAL D 201 2.83 -4.57 23.53
N PRO D 202 3.30 -3.49 22.91
CA PRO D 202 4.74 -3.26 22.81
C PRO D 202 5.43 -3.23 24.17
N LEU D 203 6.76 -3.19 24.11
CA LEU D 203 7.59 -3.31 25.29
C LEU D 203 7.43 -2.16 26.26
N ASP D 204 7.17 -0.95 25.76
CA ASP D 204 7.11 0.23 26.61
C ASP D 204 5.86 0.30 27.48
N ILE D 205 4.86 -0.56 27.24
CA ILE D 205 3.63 -0.57 28.02
C ILE D 205 3.23 -1.95 28.47
N CYS D 206 4.00 -2.99 28.14
CA CYS D 206 3.62 -4.34 28.50
C CYS D 206 3.55 -4.55 30.01
N THR D 207 4.18 -3.68 30.79
CA THR D 207 4.19 -3.80 32.24
C THR D 207 4.02 -2.44 32.88
N SER D 208 3.10 -1.64 32.35
CA SER D 208 2.85 -0.31 32.87
C SER D 208 1.35 -0.04 32.83
N ILE D 209 0.97 1.18 33.18
CA ILE D 209 -0.42 1.61 33.23
C ILE D 209 -0.59 2.75 32.24
N CYS D 210 -1.44 2.55 31.24
CA CYS D 210 -1.74 3.57 30.26
C CYS D 210 -3.01 4.29 30.70
N LYS D 211 -2.84 5.40 31.40
CA LYS D 211 -3.97 6.17 31.89
C LYS D 211 -4.45 7.16 30.83
N TYR D 212 -5.68 7.61 31.01
CA TYR D 212 -6.26 8.67 30.19
C TYR D 212 -6.97 9.64 31.13
N PRO D 213 -6.80 10.95 30.92
CA PRO D 213 -7.40 11.90 31.85
C PRO D 213 -8.92 11.72 31.95
N ASP D 214 -9.42 11.87 33.16
CA ASP D 214 -10.87 11.80 33.40
C ASP D 214 -11.42 13.22 33.40
N TYR D 215 -11.54 13.76 32.19
CA TYR D 215 -12.01 15.14 32.03
C TYR D 215 -13.36 15.35 32.69
N ILE D 216 -14.22 14.33 32.69
CA ILE D 216 -15.56 14.49 33.27
C ILE D 216 -15.46 14.84 34.75
N LYS D 217 -14.71 14.05 35.50
CA LYS D 217 -14.60 14.27 36.94
C LYS D 217 -13.84 15.55 37.25
N MET D 218 -12.74 15.79 36.54
CA MET D 218 -11.95 16.99 36.78
C MET D 218 -12.71 18.25 36.39
N VAL D 219 -13.79 18.25 35.63
CA VAL D 219 -14.56 19.51 35.37
C VAL D 219 -15.80 19.54 36.25
N SER D 220 -16.36 18.38 36.59
CA SER D 220 -17.51 18.28 37.51
C SER D 220 -17.13 19.00 38.79
N GLU D 221 -16.11 18.52 39.50
CA GLU D 221 -15.58 19.18 40.71
C GLU D 221 -15.94 20.65 40.57
N PRO D 222 -16.74 21.23 41.48
CA PRO D 222 -17.22 22.60 41.29
C PRO D 222 -16.15 23.68 41.41
N TYR D 223 -15.03 23.42 42.11
CA TYR D 223 -14.03 24.45 42.37
C TYR D 223 -13.11 24.69 41.17
N GLY D 224 -12.91 23.69 40.32
CA GLY D 224 -12.00 23.85 39.21
C GLY D 224 -10.55 23.75 39.62
N ASP D 225 -10.27 23.30 40.84
CA ASP D 225 -8.90 23.21 41.32
C ASP D 225 -8.09 22.24 40.47
N SER D 226 -8.67 21.09 40.12
CA SER D 226 -7.93 20.10 39.36
C SER D 226 -7.39 20.67 38.06
N LEU D 227 -8.12 21.61 37.46
CA LEU D 227 -7.61 22.34 36.30
C LEU D 227 -8.55 23.48 35.97
N PHE D 228 -7.96 24.59 35.50
CA PHE D 228 -8.72 25.70 34.95
C PHE D 228 -8.38 25.97 33.49
N PHE D 229 -7.61 25.08 32.87
CA PHE D 229 -7.33 25.15 31.44
C PHE D 229 -6.86 23.79 30.96
N TYR D 230 -7.32 23.40 29.78
CA TYR D 230 -6.84 22.15 29.17
C TYR D 230 -7.03 22.21 27.67
N LEU D 231 -6.21 21.43 26.98
CA LEU D 231 -6.29 21.29 25.54
C LEU D 231 -5.94 19.86 25.17
N ARG D 232 -6.40 19.43 24.01
CA ARG D 232 -6.09 18.10 23.53
C ARG D 232 -6.27 18.06 22.02
N ARG D 233 -5.46 17.24 21.37
CA ARG D 233 -5.59 17.01 19.94
C ARG D 233 -4.95 15.68 19.64
N GLU D 234 -5.76 14.65 19.45
CA GLU D 234 -5.28 13.30 19.23
C GLU D 234 -5.94 12.74 17.99
N GLN D 235 -5.22 11.87 17.29
CA GLN D 235 -5.72 11.29 16.07
C GLN D 235 -5.06 9.94 15.86
N MET D 236 -5.71 9.10 15.07
CA MET D 236 -5.32 7.70 14.92
C MET D 236 -6.05 7.12 13.72
N PHE D 237 -5.43 6.13 13.09
CA PHE D 237 -6.11 5.34 12.08
C PHE D 237 -5.55 3.93 12.13
N VAL D 238 -6.33 2.98 11.63
CA VAL D 238 -5.93 1.58 11.61
C VAL D 238 -5.01 1.38 10.42
N ARG D 239 -3.79 0.94 10.70
CA ARG D 239 -2.81 0.71 9.64
C ARG D 239 -2.71 -0.75 9.26
N HIS D 240 -3.10 -1.65 10.16
CA HIS D 240 -3.09 -3.07 9.87
C HIS D 240 -4.14 -3.75 10.76
N LEU D 241 -4.56 -4.94 10.32
CA LEU D 241 -5.53 -5.74 11.04
C LEU D 241 -4.87 -7.07 11.39
N PHE D 242 -4.85 -7.41 12.68
CA PHE D 242 -4.14 -8.58 13.15
C PHE D 242 -5.06 -9.44 14.00
N ASN D 243 -4.56 -10.63 14.32
CA ASN D 243 -5.30 -11.65 15.04
C ASN D 243 -4.42 -12.20 16.17
N ARG D 244 -5.07 -12.76 17.19
CA ARG D 244 -4.35 -13.35 18.31
C ARG D 244 -4.15 -14.85 18.08
N ALA D 245 -3.54 -15.51 19.07
CA ALA D 245 -3.23 -16.92 18.94
C ALA D 245 -3.50 -17.72 20.22
N GLY D 246 -3.90 -17.09 21.31
CA GLY D 246 -4.15 -17.82 22.53
C GLY D 246 -5.40 -18.68 22.46
N THR D 247 -5.56 -19.53 23.46
CA THR D 247 -6.77 -20.35 23.53
C THR D 247 -7.98 -19.45 23.68
N VAL D 248 -9.09 -19.87 23.06
CA VAL D 248 -10.28 -19.05 23.03
C VAL D 248 -10.94 -19.04 24.41
N GLY D 249 -11.56 -17.92 24.76
CA GLY D 249 -12.37 -17.83 25.95
C GLY D 249 -13.84 -17.95 25.60
N GLU D 250 -14.54 -16.82 25.57
CA GLU D 250 -15.93 -16.82 25.14
C GLU D 250 -15.97 -17.21 23.66
N ASN D 251 -16.27 -18.47 23.39
CA ASN D 251 -16.28 -19.01 22.04
C ASN D 251 -17.45 -18.44 21.24
N VAL D 252 -17.30 -18.47 19.92
CA VAL D 252 -18.35 -17.96 19.03
C VAL D 252 -19.58 -18.86 19.12
N PRO D 253 -20.78 -18.31 19.25
CA PRO D 253 -21.97 -19.16 19.26
C PRO D 253 -22.11 -19.94 17.97
N ASP D 254 -22.62 -21.17 18.09
CA ASP D 254 -22.89 -22.00 16.93
C ASP D 254 -23.97 -21.42 16.03
N ASP D 255 -24.74 -20.46 16.53
CA ASP D 255 -25.83 -19.88 15.74
C ASP D 255 -25.31 -18.99 14.63
N LEU D 256 -24.18 -18.31 14.86
CA LEU D 256 -23.73 -17.26 13.97
C LEU D 256 -22.95 -17.76 12.76
N TYR D 257 -22.75 -19.07 12.62
CA TYR D 257 -21.99 -19.57 11.48
C TYR D 257 -22.41 -21.00 11.18
N ILE D 258 -22.10 -21.43 9.96
CA ILE D 258 -22.36 -22.78 9.50
C ILE D 258 -21.07 -23.57 9.56
N LYS D 259 -21.12 -24.75 10.17
CA LYS D 259 -19.92 -25.56 10.32
C LYS D 259 -19.34 -25.91 8.96
N GLY D 260 -18.03 -25.76 8.83
CA GLY D 260 -17.32 -26.08 7.61
C GLY D 260 -16.80 -27.50 7.60
N SER D 261 -15.84 -27.73 6.71
CA SER D 261 -15.20 -29.03 6.59
C SER D 261 -13.89 -28.87 5.85
N GLY D 262 -13.10 -29.93 5.84
CA GLY D 262 -11.81 -29.89 5.17
C GLY D 262 -10.92 -28.83 5.80
N SER D 263 -10.44 -27.91 4.96
CA SER D 263 -9.54 -26.88 5.45
C SER D 263 -10.22 -25.98 6.47
N THR D 264 -11.49 -25.66 6.25
CA THR D 264 -12.24 -24.80 7.15
C THR D 264 -12.75 -25.53 8.38
N ALA D 265 -12.37 -26.80 8.57
CA ALA D 265 -12.83 -27.54 9.73
C ALA D 265 -12.41 -26.87 11.02
N ASN D 266 -11.18 -26.36 11.08
CA ASN D 266 -10.65 -25.72 12.27
C ASN D 266 -10.85 -24.21 12.15
N LEU D 267 -11.70 -23.67 13.01
CA LEU D 267 -11.92 -22.23 13.02
C LEU D 267 -10.64 -21.49 13.35
N ALA D 268 -10.53 -20.27 12.84
CA ALA D 268 -9.48 -19.37 13.21
C ALA D 268 -9.96 -18.44 14.33
N SER D 269 -9.00 -17.93 15.09
CA SER D 269 -9.34 -17.08 16.22
C SER D 269 -10.12 -15.86 15.77
N SER D 270 -11.12 -15.48 16.55
CA SER D 270 -11.96 -14.33 16.27
C SER D 270 -11.58 -13.11 17.11
N ASN D 271 -10.43 -13.16 17.77
CA ASN D 271 -9.95 -12.05 18.58
C ASN D 271 -9.02 -11.22 17.71
N TYR D 272 -9.52 -10.08 17.24
CA TYR D 272 -8.80 -9.22 16.32
C TYR D 272 -8.39 -7.94 17.04
N PHE D 273 -7.17 -7.49 16.79
CA PHE D 273 -6.70 -6.23 17.34
C PHE D 273 -6.11 -5.36 16.24
N PRO D 274 -6.29 -4.05 16.32
CA PRO D 274 -5.69 -3.15 15.33
C PRO D 274 -4.33 -2.65 15.74
N THR D 275 -3.54 -2.29 14.72
CA THR D 275 -2.27 -1.62 14.91
C THR D 275 -2.46 -0.13 14.65
N PRO D 276 -2.27 0.74 15.64
CA PRO D 276 -2.57 2.16 15.45
C PRO D 276 -1.55 2.83 14.53
N SER D 277 -1.84 4.09 14.22
CA SER D 277 -0.93 4.93 13.47
C SER D 277 -1.40 6.38 13.61
N GLY D 278 -0.47 7.28 13.87
CA GLY D 278 -0.79 8.67 14.07
C GLY D 278 -0.86 9.50 12.82
N SER D 279 -0.65 8.90 11.65
CA SER D 279 -0.66 9.60 10.38
C SER D 279 0.49 10.58 10.28
N MET D 280 0.20 11.87 10.13
CA MET D 280 1.19 12.87 9.74
C MET D 280 1.30 13.95 10.80
N VAL D 281 2.53 14.34 11.10
CA VAL D 281 2.85 15.41 12.04
C VAL D 281 3.07 16.69 11.26
N THR D 282 2.58 17.80 11.79
CA THR D 282 2.69 19.09 11.12
C THR D 282 2.89 20.19 12.14
N SER D 283 3.48 21.30 11.68
CA SER D 283 3.64 22.47 12.53
C SER D 283 2.32 23.19 12.76
N ASP D 284 1.43 23.18 11.77
CA ASP D 284 0.15 23.87 11.92
C ASP D 284 -0.72 23.20 12.97
N ALA D 285 -0.49 21.92 13.23
CA ALA D 285 -1.24 21.15 14.21
C ALA D 285 -0.55 21.11 15.56
N GLN D 286 0.16 22.17 15.93
CA GLN D 286 0.90 22.25 17.18
C GLN D 286 0.20 23.19 18.15
N ILE D 287 -0.01 22.72 19.37
CA ILE D 287 -0.57 23.55 20.43
C ILE D 287 0.50 24.17 21.31
N PHE D 288 1.76 23.73 21.18
CA PHE D 288 2.86 24.21 22.00
C PHE D 288 3.53 25.41 21.35
N ASN D 289 4.48 26.00 22.07
CA ASN D 289 5.17 27.20 21.61
C ASN D 289 4.16 28.28 21.24
N LYS D 290 3.09 28.37 22.03
CA LYS D 290 2.01 29.28 21.79
C LYS D 290 1.45 29.69 23.15
N PRO D 291 1.26 30.98 23.39
CA PRO D 291 0.81 31.42 24.72
C PRO D 291 -0.65 31.10 24.97
N TYR D 292 -1.00 31.10 26.25
CA TYR D 292 -2.35 30.89 26.72
C TYR D 292 -2.72 32.05 27.64
N TRP D 293 -4.02 32.35 27.72
CA TRP D 293 -4.51 33.45 28.54
C TRP D 293 -5.72 32.95 29.33
N LEU D 294 -5.50 32.68 30.63
CA LEU D 294 -6.53 32.14 31.50
C LEU D 294 -7.27 33.25 32.23
N GLN D 295 -7.93 34.10 31.44
CA GLN D 295 -8.69 35.20 32.00
C GLN D 295 -9.82 34.68 32.89
N ARG D 296 -10.52 33.66 32.43
CA ARG D 296 -11.59 33.03 33.20
C ARG D 296 -11.50 31.52 33.03
N ALA D 297 -11.67 30.80 34.14
CA ALA D 297 -11.65 29.35 34.12
C ALA D 297 -13.06 28.81 33.86
N GLN D 298 -13.14 27.49 33.68
CA GLN D 298 -14.41 26.82 33.51
C GLN D 298 -15.05 26.43 34.83
N GLY D 299 -14.40 26.74 35.96
CA GLY D 299 -14.94 26.43 37.26
C GLY D 299 -15.10 27.67 38.12
N HIS D 300 -15.46 27.48 39.39
CA HIS D 300 -15.56 28.61 40.30
C HIS D 300 -14.22 29.33 40.43
N ASN D 301 -13.17 28.57 40.74
CA ASN D 301 -11.84 29.15 40.85
C ASN D 301 -11.38 29.68 39.51
N ASN D 302 -10.86 30.90 39.50
CA ASN D 302 -10.50 31.60 38.28
C ASN D 302 -8.98 31.64 38.09
N GLY D 303 -8.30 30.57 38.43
CA GLY D 303 -6.87 30.47 38.26
C GLY D 303 -6.05 30.73 39.51
N ILE D 304 -6.67 30.88 40.68
CA ILE D 304 -5.93 31.13 41.90
C ILE D 304 -5.05 29.93 42.21
N CYS D 305 -3.84 30.21 42.71
CA CYS D 305 -2.87 29.17 43.06
C CYS D 305 -2.88 29.01 44.58
N TRP D 306 -3.81 28.20 45.06
CA TRP D 306 -3.90 27.93 46.49
C TRP D 306 -2.71 27.09 46.92
N GLY D 307 -2.10 27.47 48.05
CA GLY D 307 -0.96 26.75 48.56
C GLY D 307 0.35 27.04 47.85
N ASN D 308 0.36 28.01 46.95
CA ASN D 308 1.55 28.36 46.18
C ASN D 308 2.10 27.13 45.45
N GLN D 309 1.26 26.57 44.59
CA GLN D 309 1.62 25.38 43.83
C GLN D 309 0.92 25.40 42.48
N LEU D 310 1.46 24.62 41.57
CA LEU D 310 0.85 24.41 40.26
C LEU D 310 1.27 23.03 39.77
N PHE D 311 0.50 22.53 38.81
CA PHE D 311 0.79 21.27 38.14
C PHE D 311 0.58 21.48 36.66
N VAL D 312 1.56 21.04 35.87
CA VAL D 312 1.51 21.18 34.42
C VAL D 312 1.80 19.81 33.83
N THR D 313 0.76 19.16 33.31
CA THR D 313 0.88 17.87 32.67
C THR D 313 0.84 18.06 31.16
N VAL D 314 1.85 17.53 30.48
CA VAL D 314 1.98 17.71 29.04
C VAL D 314 2.38 16.39 28.41
N VAL D 315 1.80 16.11 27.25
CA VAL D 315 2.19 14.98 26.42
C VAL D 315 2.44 15.50 25.02
N ASP D 316 3.47 14.97 24.37
CA ASP D 316 3.82 15.40 23.02
C ASP D 316 4.52 14.25 22.32
N THR D 317 3.75 13.49 21.55
CA THR D 317 4.28 12.41 20.74
C THR D 317 4.72 12.91 19.36
N THR D 318 4.61 14.22 19.11
CA THR D 318 4.97 14.80 17.83
C THR D 318 6.46 15.07 17.70
N ARG D 319 7.23 14.91 18.79
CA ARG D 319 8.67 15.10 18.76
C ARG D 319 9.39 13.89 19.35
N SER D 320 8.75 12.72 19.32
CA SER D 320 9.28 11.53 19.97
C SER D 320 10.16 10.72 19.02
N THR D 321 11.18 11.39 18.49
CA THR D 321 12.16 10.74 17.65
C THR D 321 13.29 10.18 18.50
N ASN D 322 13.59 8.90 18.30
CA ASN D 322 14.63 8.21 19.05
C ASN D 322 15.89 8.19 18.19
N MET D 323 16.96 8.79 18.70
CA MET D 323 18.21 8.90 17.96
C MET D 323 19.12 7.74 18.35
N SER D 324 19.37 6.85 17.38
CA SER D 324 20.22 5.70 17.63
C SER D 324 21.68 6.11 17.68
N LEU D 325 22.45 5.40 18.50
CA LEU D 325 23.87 5.65 18.67
C LEU D 325 24.62 4.36 18.40
N CYS D 326 25.76 4.47 17.72
CA CYS D 326 26.59 3.34 17.36
C CYS D 326 28.00 3.59 17.86
N ALA D 327 28.58 2.61 18.54
CA ALA D 327 29.89 2.73 19.14
C ALA D 327 30.75 1.55 18.69
N ALA D 328 32.01 1.84 18.36
CA ALA D 328 32.90 0.86 17.78
C ALA D 328 33.65 0.11 18.87
N ILE D 329 33.41 -1.19 18.95
CA ILE D 329 34.12 -2.03 19.92
C ILE D 329 35.59 -2.14 19.54
N SER D 330 35.85 -2.43 18.26
CA SER D 330 37.20 -2.59 17.75
C SER D 330 37.31 -1.86 16.42
N THR D 331 38.49 -1.31 16.14
CA THR D 331 38.76 -0.59 14.90
C THR D 331 39.86 -1.27 14.09
N SER D 332 40.01 -2.58 14.27
CA SER D 332 41.06 -3.35 13.62
C SER D 332 40.53 -4.21 12.49
N GLU D 333 39.32 -3.94 12.02
CA GLU D 333 38.68 -4.75 10.98
C GLU D 333 38.66 -3.98 9.67
N THR D 334 39.13 -4.63 8.61
CA THR D 334 39.12 -4.01 7.29
C THR D 334 37.70 -3.92 6.74
N THR D 335 36.90 -4.96 6.96
CA THR D 335 35.54 -5.06 6.44
C THR D 335 34.53 -4.89 7.57
N TYR D 336 33.28 -4.68 7.17
CA TYR D 336 32.21 -4.48 8.12
C TYR D 336 31.84 -5.78 8.82
N LYS D 337 31.45 -5.67 10.08
CA LYS D 337 31.03 -6.81 10.88
C LYS D 337 30.03 -6.34 11.90
N ASN D 338 28.89 -7.03 11.97
CA ASN D 338 27.87 -6.67 12.96
C ASN D 338 28.37 -6.92 14.37
N THR D 339 29.35 -7.82 14.53
CA THR D 339 29.88 -8.17 15.84
C THR D 339 31.00 -7.23 16.25
N ASN D 340 30.97 -6.00 15.74
CA ASN D 340 31.98 -5.00 16.06
C ASN D 340 31.38 -3.65 16.38
N PHE D 341 30.06 -3.55 16.46
CA PHE D 341 29.37 -2.31 16.76
C PHE D 341 28.24 -2.60 17.72
N LYS D 342 28.00 -1.69 18.66
CA LYS D 342 26.92 -1.82 19.63
C LYS D 342 25.87 -0.77 19.34
N GLU D 343 24.61 -1.19 19.30
CA GLU D 343 23.49 -0.33 18.98
C GLU D 343 22.83 0.15 20.27
N TYR D 344 22.53 1.44 20.32
CA TYR D 344 21.89 2.06 21.48
C TYR D 344 20.75 2.94 21.01
N LEU D 345 19.80 3.16 21.92
CA LEU D 345 18.67 4.03 21.67
C LEU D 345 18.56 5.02 22.83
N ARG D 346 18.36 6.29 22.50
CA ARG D 346 18.19 7.32 23.51
C ARG D 346 17.21 8.34 22.99
N HIS D 347 16.57 9.04 23.92
CA HIS D 347 15.53 10.00 23.59
C HIS D 347 15.82 11.32 24.28
N GLY D 348 15.74 12.41 23.52
CA GLY D 348 16.02 13.73 24.04
C GLY D 348 14.74 14.50 24.28
N GLU D 349 14.52 14.87 25.53
CA GLU D 349 13.33 15.58 25.96
C GLU D 349 13.75 16.96 26.44
N GLU D 350 13.21 18.01 25.81
CA GLU D 350 13.55 19.37 26.12
C GLU D 350 12.29 20.18 26.40
N TYR D 351 12.35 21.04 27.40
CA TYR D 351 11.20 21.82 27.82
C TYR D 351 11.66 23.20 28.26
N ASP D 352 10.75 24.15 28.20
CA ASP D 352 10.99 25.49 28.70
C ASP D 352 9.67 26.15 29.09
N LEU D 353 9.39 26.21 30.38
CA LEU D 353 8.13 26.73 30.88
C LEU D 353 8.24 28.22 31.15
N GLN D 354 7.23 28.97 30.73
CA GLN D 354 7.13 30.39 31.01
C GLN D 354 5.75 30.66 31.60
N PHE D 355 5.69 31.54 32.58
CA PHE D 355 4.46 31.82 33.29
C PHE D 355 4.32 33.32 33.51
N ILE D 356 3.08 33.78 33.56
CA ILE D 356 2.74 35.13 33.99
C ILE D 356 1.82 35.00 35.19
N PHE D 357 2.17 35.68 36.27
CA PHE D 357 1.44 35.59 37.52
C PHE D 357 0.93 36.95 37.92
N GLN D 358 -0.24 36.96 38.55
CA GLN D 358 -0.93 38.16 38.96
C GLN D 358 -1.16 38.12 40.47
N LEU D 359 -0.96 39.24 41.12
CA LEU D 359 -1.06 39.30 42.57
C LEU D 359 -2.51 39.49 42.99
N CYS D 360 -2.93 38.77 44.02
CA CYS D 360 -4.28 38.85 44.54
C CYS D 360 -4.24 38.97 46.05
N LYS D 361 -5.05 39.89 46.59
CA LYS D 361 -5.17 40.09 48.03
C LYS D 361 -6.56 39.66 48.49
N ILE D 362 -6.62 39.10 49.69
CA ILE D 362 -7.87 38.63 50.25
C ILE D 362 -8.09 39.28 51.61
N PRO D 392 1.31 16.18 51.94
CA PRO D 392 0.26 15.21 51.64
C PRO D 392 0.37 14.61 50.24
N LEU D 393 1.26 15.19 49.42
CA LEU D 393 1.48 14.72 48.06
C LEU D 393 2.85 14.10 47.87
N LYS D 394 3.57 13.86 48.96
CA LYS D 394 4.90 13.27 48.91
C LYS D 394 4.88 11.80 48.52
N LYS D 395 3.71 11.18 48.48
CA LYS D 395 3.62 9.78 48.06
C LYS D 395 3.95 9.60 46.59
N TYR D 396 3.78 10.65 45.79
CA TYR D 396 3.90 10.56 44.34
C TYR D 396 5.24 11.11 43.87
N THR D 397 5.60 10.73 42.65
CA THR D 397 6.82 11.20 42.00
C THR D 397 6.44 12.29 41.01
N PHE D 398 6.86 13.51 41.30
CA PHE D 398 6.70 14.64 40.39
C PHE D 398 8.06 15.18 39.98
N TRP D 399 8.06 15.97 38.92
CA TRP D 399 9.25 16.68 38.48
C TRP D 399 9.24 18.04 39.15
N GLU D 400 9.96 18.16 40.26
CA GLU D 400 9.96 19.40 41.02
C GLU D 400 10.63 20.51 40.24
N VAL D 401 10.00 21.68 40.23
CA VAL D 401 10.51 22.85 39.53
C VAL D 401 10.41 24.02 40.49
N ASN D 402 11.55 24.59 40.86
CA ASN D 402 11.60 25.67 41.82
C ASN D 402 11.64 27.02 41.11
N LEU D 403 10.74 27.92 41.50
CA LEU D 403 10.62 29.23 40.90
C LEU D 403 10.73 30.36 41.92
N LYS D 404 11.17 30.05 43.13
CA LYS D 404 11.20 31.05 44.19
C LYS D 404 12.27 32.11 43.97
N GLU D 405 13.16 31.92 42.98
CA GLU D 405 14.19 32.90 42.68
C GLU D 405 14.07 33.48 41.27
N LYS D 406 13.20 32.94 40.43
CA LYS D 406 13.12 33.30 39.02
C LYS D 406 11.93 34.21 38.74
N PHE D 407 11.59 35.11 39.65
CA PHE D 407 10.50 36.06 39.46
C PHE D 407 11.06 37.44 39.21
N SER D 408 10.59 38.08 38.14
CA SER D 408 11.01 39.43 37.81
C SER D 408 9.85 40.15 37.14
N ALA D 409 9.70 41.43 37.46
CA ALA D 409 8.64 42.26 36.90
C ALA D 409 9.01 42.91 35.58
N ASP D 410 10.20 42.63 35.06
CA ASP D 410 10.63 43.16 33.76
C ASP D 410 10.02 42.28 32.67
N LEU D 411 8.76 42.55 32.35
CA LEU D 411 8.05 41.72 31.38
C LEU D 411 8.65 41.86 29.99
N ASP D 412 9.00 43.08 29.59
CA ASP D 412 9.46 43.31 28.22
C ASP D 412 10.75 42.57 27.91
N GLN D 413 11.55 42.25 28.92
CA GLN D 413 12.82 41.55 28.68
C GLN D 413 12.61 40.10 28.32
N PHE D 414 11.39 39.58 28.40
CA PHE D 414 11.09 38.20 28.08
C PHE D 414 10.04 38.12 26.97
N PRO D 415 10.07 37.06 26.16
CA PRO D 415 9.11 37.00 25.04
C PRO D 415 7.67 36.93 25.48
N LEU D 416 7.36 36.06 26.44
CA LEU D 416 5.99 35.96 26.92
C LEU D 416 5.50 37.28 27.48
N GLY D 417 6.38 38.05 28.12
CA GLY D 417 5.98 39.37 28.60
C GLY D 417 5.64 40.31 27.46
N ARG D 418 6.41 40.27 26.37
CA ARG D 418 6.10 41.09 25.22
C ARG D 418 4.74 40.71 24.65
N LYS D 419 4.47 39.41 24.52
CA LYS D 419 3.17 38.98 24.02
C LYS D 419 2.05 39.44 24.92
N PHE D 420 2.24 39.30 26.24
CA PHE D 420 1.20 39.73 27.18
C PHE D 420 0.94 41.22 27.06
N LEU D 421 2.00 42.02 26.96
CA LEU D 421 1.82 43.45 26.79
C LEU D 421 1.09 43.78 25.51
N LEU D 422 1.43 43.08 24.42
CA LEU D 422 0.74 43.31 23.15
C LEU D 422 -0.75 43.01 23.28
N GLN D 423 -1.09 41.90 23.93
CA GLN D 423 -2.50 41.55 24.14
C GLN D 423 -3.01 42.17 25.44
N TYR E 8 14.93 54.87 21.03
CA TYR E 8 15.84 55.98 20.85
C TYR E 8 16.30 56.09 19.39
N VAL E 9 15.85 55.17 18.56
CA VAL E 9 16.15 55.21 17.13
C VAL E 9 15.04 55.96 16.42
N ALA E 10 15.41 56.95 15.60
CA ALA E 10 14.46 57.78 14.89
C ALA E 10 14.25 57.23 13.49
N ARG E 11 12.99 56.99 13.12
CA ARG E 11 12.63 56.49 11.81
C ARG E 11 12.35 57.66 10.86
N THR E 12 12.53 57.40 9.57
CA THR E 12 12.30 58.39 8.53
C THR E 12 11.52 57.75 7.40
N ASN E 13 11.05 58.60 6.48
CA ASN E 13 10.26 58.14 5.34
C ASN E 13 11.11 57.88 4.11
N ILE E 14 12.38 57.50 4.30
CA ILE E 14 13.29 57.21 3.20
C ILE E 14 13.41 55.70 3.07
N TYR E 15 13.23 55.19 1.85
CA TYR E 15 13.29 53.77 1.58
C TYR E 15 14.16 53.50 0.38
N TYR E 16 14.75 52.30 0.34
CA TYR E 16 15.66 51.90 -0.72
C TYR E 16 15.46 50.42 -1.00
N HIS E 17 15.14 50.10 -2.24
CA HIS E 17 15.01 48.72 -2.67
C HIS E 17 16.36 48.18 -3.11
N ALA E 18 16.56 46.88 -2.89
CA ALA E 18 17.80 46.22 -3.26
C ALA E 18 17.53 44.76 -3.57
N GLY E 19 18.46 44.15 -4.27
CA GLY E 19 18.35 42.74 -4.58
C GLY E 19 19.46 42.30 -5.52
N THR E 20 19.69 41.00 -5.53
CA THR E 20 20.72 40.40 -6.36
C THR E 20 20.26 40.20 -7.80
N SER E 21 18.99 39.89 -8.00
CA SER E 21 18.30 39.60 -9.25
C SER E 21 18.64 38.20 -9.77
N ARG E 22 19.64 37.52 -9.22
CA ARG E 22 19.87 36.11 -9.53
C ARG E 22 20.97 35.54 -8.66
N LEU E 23 20.78 34.31 -8.19
CA LEU E 23 21.79 33.60 -7.42
C LEU E 23 21.65 32.13 -7.73
N LEU E 24 22.67 31.57 -8.39
CA LEU E 24 22.57 30.24 -8.95
C LEU E 24 23.70 29.36 -8.42
N ALA E 25 23.39 28.09 -8.21
CA ALA E 25 24.37 27.13 -7.73
C ALA E 25 24.06 25.78 -8.35
N VAL E 26 25.10 24.97 -8.53
CA VAL E 26 24.96 23.66 -9.15
C VAL E 26 26.00 22.74 -8.55
N GLY E 27 25.65 21.47 -8.42
CA GLY E 27 26.60 20.49 -7.94
C GLY E 27 25.92 19.19 -7.59
N HIS E 28 26.73 18.25 -7.18
CA HIS E 28 26.24 16.94 -6.75
C HIS E 28 25.47 17.09 -5.44
N PRO E 29 24.34 16.40 -5.27
CA PRO E 29 23.53 16.60 -4.07
C PRO E 29 24.00 15.81 -2.86
N TYR E 30 24.66 14.69 -3.08
CA TYR E 30 25.09 13.82 -1.99
C TYR E 30 26.45 14.22 -1.44
N PHE E 31 27.48 14.19 -2.28
CA PHE E 31 28.84 14.46 -1.86
C PHE E 31 29.57 15.29 -2.91
N PRO E 32 30.53 16.11 -2.50
CA PRO E 32 31.32 16.85 -3.47
C PRO E 32 32.29 15.94 -4.21
N ILE E 33 32.67 16.38 -5.41
CA ILE E 33 33.58 15.62 -6.27
C ILE E 33 35.00 16.13 -6.05
N LYS E 34 35.97 15.22 -6.18
CA LYS E 34 37.36 15.58 -6.03
C LYS E 34 38.22 14.39 -6.45
N LYS E 35 39.52 14.66 -6.56
CA LYS E 35 40.46 13.66 -7.04
C LYS E 35 40.67 12.57 -5.99
N PRO E 36 41.16 11.40 -6.40
CA PRO E 36 41.16 10.23 -5.50
C PRO E 36 41.59 10.53 -4.07
N ASN E 37 42.75 11.13 -3.85
CA ASN E 37 43.19 11.46 -2.52
C ASN E 37 43.32 12.95 -2.26
N ASN E 38 43.24 13.78 -3.29
CA ASN E 38 43.30 15.22 -3.09
C ASN E 38 42.02 15.73 -2.43
N ASN E 39 42.18 16.77 -1.63
CA ASN E 39 41.05 17.40 -0.95
C ASN E 39 40.51 18.61 -1.71
N LYS E 40 40.97 18.84 -2.94
CA LYS E 40 40.51 19.94 -3.74
C LYS E 40 39.20 19.56 -4.44
N ILE E 41 38.20 20.42 -4.32
CA ILE E 41 36.87 20.13 -4.86
C ILE E 41 36.80 20.57 -6.31
N LEU E 42 36.26 19.70 -7.15
CA LEU E 42 35.95 20.02 -8.54
C LEU E 42 34.49 20.42 -8.73
N VAL E 43 33.58 19.71 -8.08
CA VAL E 43 32.16 20.03 -8.12
C VAL E 43 31.64 20.13 -6.70
N PRO E 44 31.03 21.25 -6.30
CA PRO E 44 30.57 21.39 -4.93
C PRO E 44 29.37 20.51 -4.66
N LYS E 45 29.00 20.45 -3.38
CA LYS E 45 27.81 19.74 -2.94
C LYS E 45 26.68 20.74 -2.73
N VAL E 46 25.59 20.57 -3.46
CA VAL E 46 24.44 21.46 -3.41
C VAL E 46 23.18 20.61 -3.34
N SER E 47 22.35 20.88 -2.34
CA SER E 47 21.10 20.15 -2.16
C SER E 47 20.13 21.02 -1.38
N GLY E 48 18.87 20.60 -1.38
CA GLY E 48 17.84 21.33 -0.66
C GLY E 48 17.83 21.10 0.82
N LEU E 49 18.64 20.16 1.30
CA LEU E 49 18.76 19.85 2.71
C LEU E 49 19.79 20.72 3.42
N GLN E 50 20.41 21.65 2.71
CA GLN E 50 21.47 22.49 3.26
C GLN E 50 20.92 23.88 3.56
N TYR E 51 21.36 24.44 4.69
CA TYR E 51 21.07 25.83 4.98
C TYR E 51 21.83 26.72 4.00
N ARG E 52 21.22 27.86 3.69
CA ARG E 52 21.82 28.89 2.84
C ARG E 52 21.83 30.19 3.62
N VAL E 53 23.00 30.53 4.15
CA VAL E 53 23.15 31.72 4.99
C VAL E 53 23.79 32.79 4.11
N PHE E 54 23.01 33.81 3.79
CA PHE E 54 23.48 34.91 2.96
C PHE E 54 23.90 36.06 3.85
N ARG E 55 25.19 36.37 3.83
CA ARG E 55 25.73 37.46 4.63
C ARG E 55 25.68 38.72 3.77
N ILE E 56 24.68 39.55 4.01
CA ILE E 56 24.44 40.73 3.19
C ILE E 56 25.33 41.85 3.70
N HIS E 57 26.13 42.42 2.80
CA HIS E 57 27.04 43.50 3.13
C HIS E 57 26.44 44.79 2.60
N LEU E 58 25.71 45.47 3.47
CA LEU E 58 25.04 46.71 3.08
C LEU E 58 26.06 47.83 2.91
N PRO E 59 25.74 48.83 2.09
CA PRO E 59 26.58 50.03 2.05
C PRO E 59 26.45 50.83 3.33
N ASP E 60 27.48 51.62 3.59
CA ASP E 60 27.47 52.45 4.80
C ASP E 60 26.52 53.62 4.60
N PRO E 61 25.47 53.74 5.41
CA PRO E 61 24.58 54.91 5.27
C PRO E 61 25.26 56.23 5.58
N ASN E 62 26.37 56.21 6.30
CA ASN E 62 27.09 57.43 6.67
C ASN E 62 28.09 57.86 5.61
N LYS E 63 28.18 57.14 4.49
CA LYS E 63 29.06 57.51 3.40
C LYS E 63 28.30 57.52 2.08
N VAL E 80 21.88 54.24 10.25
CA VAL E 80 21.83 52.79 10.18
C VAL E 80 20.59 52.35 9.42
N TRP E 81 20.71 51.27 8.68
CA TRP E 81 19.60 50.73 7.91
C TRP E 81 18.63 49.98 8.83
N ALA E 82 17.44 49.72 8.29
CA ALA E 82 16.41 48.97 9.02
C ALA E 82 15.63 48.14 8.01
N CYS E 83 15.84 46.83 8.03
CA CYS E 83 15.19 45.92 7.08
C CYS E 83 13.72 45.82 7.42
N VAL E 84 12.88 46.54 6.66
CA VAL E 84 11.44 46.55 6.90
C VAL E 84 10.68 45.57 6.03
N GLY E 85 11.34 44.94 5.05
CA GLY E 85 10.67 43.98 4.20
C GLY E 85 11.68 43.08 3.50
N VAL E 86 11.21 41.90 3.14
CA VAL E 86 12.04 40.89 2.50
C VAL E 86 11.17 40.00 1.64
N GLU E 87 11.77 39.47 0.56
CA GLU E 87 11.12 38.50 -0.29
C GLU E 87 12.17 37.54 -0.83
N VAL E 88 11.92 36.26 -0.67
CA VAL E 88 12.88 35.22 -1.05
C VAL E 88 12.29 34.49 -2.25
N GLY E 89 12.75 34.88 -3.44
CA GLY E 89 12.24 34.25 -4.65
C GLY E 89 12.90 32.90 -4.88
N ARG E 90 12.07 31.95 -5.31
CA ARG E 90 12.53 30.63 -5.71
C ARG E 90 11.94 30.34 -7.09
N GLY E 91 12.79 29.89 -8.00
CA GLY E 91 12.42 29.81 -9.40
C GLY E 91 12.19 28.41 -9.92
N GLN E 92 12.93 27.45 -9.38
CA GLN E 92 12.87 26.10 -9.90
C GLN E 92 11.50 25.48 -9.63
N PRO E 93 11.13 24.47 -10.42
CA PRO E 93 9.84 23.82 -10.22
C PRO E 93 9.81 23.02 -8.93
N LEU E 94 8.60 22.85 -8.41
CA LEU E 94 8.42 22.01 -7.24
C LEU E 94 8.77 20.57 -7.56
N GLY E 95 9.33 19.88 -6.58
CA GLY E 95 9.77 18.52 -6.74
C GLY E 95 10.17 17.98 -5.40
N VAL E 96 10.47 16.69 -5.36
CA VAL E 96 10.82 15.99 -4.14
C VAL E 96 12.10 15.22 -4.37
N GLY E 97 13.09 15.47 -3.51
CA GLY E 97 14.35 14.78 -3.62
C GLY E 97 14.33 13.41 -3.00
N ILE E 98 15.28 12.59 -3.41
CA ILE E 98 15.41 11.21 -2.97
C ILE E 98 16.84 10.99 -2.53
N SER E 99 17.01 10.38 -1.36
CA SER E 99 18.33 10.09 -0.80
C SER E 99 18.34 8.65 -0.31
N GLY E 100 19.53 8.07 -0.29
CA GLY E 100 19.65 6.67 0.05
C GLY E 100 21.08 6.30 0.40
N HIS E 101 21.25 5.02 0.70
CA HIS E 101 22.55 4.48 1.08
C HIS E 101 22.71 3.09 0.50
N PRO E 102 23.74 2.83 -0.30
CA PRO E 102 23.90 1.50 -0.88
C PRO E 102 24.05 0.40 0.15
N LEU E 103 24.46 0.74 1.37
CA LEU E 103 24.75 -0.24 2.41
C LEU E 103 24.17 0.24 3.74
N LEU E 104 22.89 0.60 3.73
CA LEU E 104 22.21 0.96 4.95
C LEU E 104 22.05 -0.26 5.85
N ASN E 105 22.00 -0.01 7.16
CA ASN E 105 21.82 -1.07 8.15
C ASN E 105 20.34 -1.28 8.37
N LYS E 106 19.82 -2.40 7.86
CA LYS E 106 18.40 -2.68 7.92
C LYS E 106 18.24 -4.19 7.91
N LEU E 107 17.87 -4.76 9.07
CA LEU E 107 17.80 -6.20 9.21
C LEU E 107 16.57 -6.75 8.50
N ASP E 108 15.38 -6.28 8.89
CA ASP E 108 14.14 -6.76 8.30
C ASP E 108 13.04 -5.76 8.57
N ASP E 109 11.98 -5.85 7.78
CA ASP E 109 10.78 -5.05 7.99
C ASP E 109 9.88 -5.76 8.98
N THR E 110 9.44 -5.03 10.01
CA THR E 110 8.67 -5.60 11.10
C THR E 110 7.26 -5.03 11.17
N GLU E 111 6.84 -4.26 10.18
CA GLU E 111 5.49 -3.71 10.19
C GLU E 111 4.44 -4.81 10.12
N ASN E 112 4.64 -5.79 9.24
CA ASN E 112 3.68 -6.86 9.02
C ASN E 112 4.40 -8.18 8.84
N ALA E 113 5.38 -8.43 9.70
CA ALA E 113 6.14 -9.68 9.63
C ALA E 113 5.21 -10.86 9.85
N SER E 114 5.32 -11.86 8.97
CA SER E 114 4.51 -13.06 9.05
C SER E 114 5.30 -14.30 9.44
N ALA E 115 6.62 -14.27 9.34
CA ALA E 115 7.47 -15.36 9.80
C ALA E 115 8.61 -14.78 10.62
N TYR E 116 9.05 -15.52 11.62
CA TYR E 116 10.08 -15.02 12.52
C TYR E 116 11.42 -14.93 11.80
N ALA E 117 12.14 -13.83 12.06
CA ALA E 117 13.44 -13.63 11.42
C ALA E 117 14.37 -14.78 11.74
N ALA E 118 15.12 -15.21 10.73
CA ALA E 118 15.94 -16.42 10.82
C ALA E 118 17.40 -16.14 11.12
N ASN E 119 18.06 -15.33 10.29
CA ASN E 119 19.50 -15.13 10.38
C ASN E 119 19.83 -13.65 10.32
N ALA E 120 20.87 -13.26 11.05
CA ALA E 120 21.45 -11.92 10.96
C ALA E 120 22.70 -11.88 10.11
N GLY E 121 23.55 -12.90 10.19
CA GLY E 121 24.72 -12.98 9.33
C GLY E 121 25.82 -12.01 9.73
N VAL E 122 26.89 -12.05 8.96
CA VAL E 122 28.03 -11.16 9.20
C VAL E 122 27.70 -9.75 8.74
N ASP E 123 27.22 -9.62 7.51
CA ASP E 123 26.79 -8.33 6.95
C ASP E 123 25.40 -8.51 6.37
N ASN E 124 24.47 -7.66 6.80
CA ASN E 124 23.08 -7.74 6.36
C ASN E 124 22.57 -6.34 6.02
N ARG E 125 23.35 -5.61 5.25
CA ARG E 125 22.99 -4.26 4.83
C ARG E 125 22.37 -4.31 3.45
N GLU E 126 21.43 -3.40 3.21
CA GLU E 126 20.62 -3.41 2.00
C GLU E 126 20.64 -2.04 1.36
N CYS E 127 20.47 -2.01 0.05
CA CYS E 127 20.37 -0.76 -0.70
C CYS E 127 18.98 -0.19 -0.48
N ILE E 128 18.91 0.91 0.28
CA ILE E 128 17.65 1.49 0.71
C ILE E 128 17.63 2.96 0.32
N SER E 129 16.45 3.44 -0.05
CA SER E 129 16.23 4.83 -0.41
C SER E 129 15.02 5.34 0.36
N MET E 130 14.88 6.65 0.41
CA MET E 130 13.80 7.25 1.17
C MET E 130 13.80 8.75 0.92
N ASP E 131 12.60 9.32 0.91
CA ASP E 131 12.47 10.77 0.90
C ASP E 131 12.65 11.29 2.32
N TYR E 132 12.54 12.60 2.48
CA TYR E 132 12.90 13.27 3.72
C TYR E 132 11.76 14.12 4.21
N LYS E 133 11.77 14.35 5.52
CA LYS E 133 10.87 15.30 6.15
C LYS E 133 10.88 16.62 5.41
N GLN E 134 9.73 16.99 4.86
CA GLN E 134 9.58 18.31 4.26
C GLN E 134 9.75 19.38 5.34
N THR E 135 10.51 20.41 5.01
CA THR E 135 10.74 21.50 5.96
C THR E 135 11.08 22.76 5.20
N GLN E 136 10.58 23.89 5.71
CA GLN E 136 10.85 25.21 5.19
C GLN E 136 11.12 26.14 6.35
N LEU E 137 11.97 27.14 6.14
CA LEU E 137 12.19 28.14 7.16
C LEU E 137 12.92 29.33 6.54
N CYS E 138 12.83 30.46 7.24
CA CYS E 138 13.44 31.70 6.77
C CYS E 138 13.71 32.56 8.00
N LEU E 139 14.98 32.61 8.41
CA LEU E 139 15.40 33.39 9.57
C LEU E 139 16.12 34.65 9.10
N ILE E 140 15.72 35.78 9.68
CA ILE E 140 16.28 37.08 9.33
C ILE E 140 16.76 37.76 10.60
N GLY E 141 17.98 38.26 10.58
CA GLY E 141 18.52 38.96 11.73
C GLY E 141 19.83 39.61 11.40
N CYS E 142 20.38 40.32 12.38
CA CYS E 142 21.64 41.01 12.23
C CYS E 142 22.82 40.22 12.78
N LYS E 143 22.60 39.02 13.29
CA LYS E 143 23.63 38.16 13.83
C LYS E 143 23.45 36.75 13.29
N PRO E 144 24.52 35.97 13.25
CA PRO E 144 24.41 34.63 12.70
C PRO E 144 23.46 33.77 13.51
N PRO E 145 22.77 32.83 12.89
CA PRO E 145 21.82 32.01 13.61
C PRO E 145 22.50 31.00 14.50
N ILE E 146 21.72 30.40 15.40
CA ILE E 146 22.21 29.46 16.38
C ILE E 146 21.50 28.13 16.17
N GLY E 147 22.26 27.04 16.22
CA GLY E 147 21.73 25.72 15.98
C GLY E 147 22.17 24.70 17.00
N GLU E 148 21.22 23.89 17.45
CA GLU E 148 21.43 22.87 18.49
C GLU E 148 21.67 21.53 17.83
N HIS E 149 22.11 20.55 18.58
CA HIS E 149 22.30 19.18 18.07
C HIS E 149 22.83 18.35 19.22
N TRP E 150 22.87 17.04 19.06
CA TRP E 150 23.24 16.13 20.17
C TRP E 150 24.58 15.53 19.87
N GLY E 151 25.65 16.08 20.46
CA GLY E 151 26.98 15.58 20.23
C GLY E 151 27.50 14.78 21.41
N LYS E 152 28.72 14.26 21.22
CA LYS E 152 29.35 13.48 22.28
C LYS E 152 29.68 14.38 23.46
N GLY E 153 29.43 13.87 24.66
CA GLY E 153 29.62 14.68 25.84
C GLY E 153 31.06 14.74 26.28
N SER E 154 31.37 15.83 26.98
CA SER E 154 32.70 16.07 27.53
C SER E 154 32.99 15.24 28.78
N PRO E 155 32.01 15.06 29.69
CA PRO E 155 32.38 14.60 31.04
C PRO E 155 32.90 13.17 31.08
N CYS E 156 34.19 13.04 31.39
CA CYS E 156 34.81 11.75 31.66
C CYS E 156 34.91 11.46 33.16
N THR E 157 35.14 12.50 33.96
CA THR E 157 35.12 12.39 35.42
C THR E 157 35.95 11.21 35.92
N ASN E 158 35.31 10.21 36.51
CA ASN E 158 36.00 9.05 37.08
C ASN E 158 35.36 7.75 36.60
N VAL E 159 34.93 7.71 35.34
CA VAL E 159 34.30 6.54 34.75
C VAL E 159 35.15 6.06 33.59
N ALA E 160 35.48 4.77 33.60
CA ALA E 160 36.27 4.17 32.54
C ALA E 160 35.39 3.96 31.31
N VAL E 161 35.89 4.39 30.16
CA VAL E 161 35.21 4.15 28.89
C VAL E 161 35.54 2.73 28.46
N ASN E 162 34.66 1.78 28.78
CA ASN E 162 34.89 0.40 28.40
C ASN E 162 34.71 0.23 26.90
N PRO E 163 35.25 -0.84 26.34
CA PRO E 163 35.12 -1.06 24.89
C PRO E 163 33.67 -1.05 24.41
N GLY E 164 33.32 -0.08 23.58
CA GLY E 164 32.01 -0.05 22.97
C GLY E 164 30.90 0.46 23.85
N ASP E 165 31.20 1.19 24.91
CA ASP E 165 30.15 1.70 25.77
C ASP E 165 29.37 2.79 25.04
N CYS E 166 28.26 3.19 25.65
CA CYS E 166 27.38 4.18 25.04
C CYS E 166 28.00 5.57 25.18
N PRO E 167 28.26 6.27 24.10
CA PRO E 167 28.80 7.62 24.22
C PRO E 167 27.85 8.52 24.98
N PRO E 168 28.36 9.44 25.80
CA PRO E 168 27.48 10.42 26.44
C PRO E 168 26.91 11.38 25.43
N LEU E 169 25.78 11.99 25.81
CA LEU E 169 25.07 12.94 24.96
C LEU E 169 25.09 14.30 25.61
N GLU E 170 25.20 15.34 24.78
CA GLU E 170 25.24 16.71 25.27
C GLU E 170 24.55 17.62 24.26
N LEU E 171 23.87 18.64 24.77
CA LEU E 171 23.14 19.57 23.93
C LEU E 171 24.07 20.72 23.55
N ILE E 172 24.64 20.62 22.37
CA ILE E 172 25.61 21.59 21.88
C ILE E 172 24.90 22.74 21.20
N ASN E 173 25.52 23.91 21.23
CA ASN E 173 25.06 25.08 20.51
C ASN E 173 26.18 25.60 19.61
N THR E 174 25.84 25.93 18.38
CA THR E 174 26.81 26.33 17.38
C THR E 174 26.22 27.50 16.59
N VAL E 175 26.88 27.85 15.49
CA VAL E 175 26.40 28.82 14.53
C VAL E 175 26.19 28.10 13.21
N ILE E 176 25.03 28.30 12.60
CA ILE E 176 24.69 27.60 11.36
C ILE E 176 25.43 28.27 10.21
N GLN E 177 26.10 27.46 9.40
CA GLN E 177 26.82 27.92 8.24
C GLN E 177 26.16 27.40 6.97
N ASP E 178 26.49 28.04 5.85
CA ASP E 178 26.04 27.54 4.56
C ASP E 178 26.72 26.21 4.27
N GLY E 179 25.93 25.22 3.87
CA GLY E 179 26.42 23.88 3.65
C GLY E 179 26.11 22.89 4.76
N ASP E 180 25.69 23.38 5.93
CA ASP E 180 25.28 22.49 7.00
C ASP E 180 23.92 21.88 6.69
N MET E 181 23.76 20.62 7.07
CA MET E 181 22.54 19.88 6.78
C MET E 181 21.44 20.25 7.77
N VAL E 182 20.21 19.91 7.40
CA VAL E 182 19.03 20.19 8.22
C VAL E 182 18.52 18.88 8.80
N ASP E 183 17.65 19.00 9.79
CA ASP E 183 17.00 17.83 10.37
C ASP E 183 16.19 17.10 9.31
N THR E 184 16.38 15.78 9.21
CA THR E 184 15.71 14.95 8.22
C THR E 184 14.74 13.97 8.84
N GLY E 185 14.36 14.18 10.09
CA GLY E 185 13.51 13.26 10.81
C GLY E 185 14.24 12.14 11.51
N PHE E 186 15.55 12.02 11.30
CA PHE E 186 16.39 11.10 12.06
C PHE E 186 16.90 11.73 13.35
N GLY E 187 16.59 13.00 13.60
CA GLY E 187 17.03 13.67 14.80
C GLY E 187 18.20 14.60 14.56
N ALA E 188 18.24 15.70 15.30
CA ALA E 188 19.34 16.65 15.22
C ALA E 188 20.51 16.11 16.02
N MET E 189 21.49 15.52 15.34
CA MET E 189 22.60 14.86 16.00
C MET E 189 23.83 14.92 15.12
N ASP E 190 24.98 14.76 15.75
CA ASP E 190 26.27 14.73 15.06
C ASP E 190 26.57 13.29 14.69
N PHE E 191 26.13 12.90 13.50
CA PHE E 191 26.27 11.51 13.06
C PHE E 191 27.73 11.10 12.91
N THR E 192 28.64 12.06 12.78
CA THR E 192 30.04 11.73 12.53
C THR E 192 30.64 10.96 13.70
N THR E 193 30.34 11.40 14.93
CA THR E 193 30.91 10.83 16.13
C THR E 193 29.99 9.82 16.81
N LEU E 194 28.72 10.19 17.00
CA LEU E 194 27.77 9.29 17.65
C LEU E 194 27.58 7.99 16.90
N GLN E 195 27.69 8.02 15.56
CA GLN E 195 27.56 6.81 14.74
C GLN E 195 28.89 6.56 14.06
N ALA E 196 29.50 5.41 14.35
CA ALA E 196 30.81 5.09 13.81
C ALA E 196 30.74 4.18 12.60
N ASN E 197 29.66 3.42 12.46
CA ASN E 197 29.53 2.46 11.37
C ASN E 197 29.22 3.12 10.04
N LYS E 198 28.71 4.36 10.04
CA LYS E 198 28.45 5.11 8.82
C LYS E 198 27.41 4.44 7.94
N SER E 199 26.55 3.61 8.51
CA SER E 199 25.49 2.94 7.79
C SER E 199 24.12 3.20 8.39
N GLU E 200 24.03 4.05 9.41
CA GLU E 200 22.76 4.28 10.09
C GLU E 200 21.83 5.19 9.30
N VAL E 201 22.38 6.12 8.52
CA VAL E 201 21.57 7.10 7.82
C VAL E 201 22.07 7.27 6.39
N PRO E 202 21.30 7.90 5.51
CA PRO E 202 21.69 8.02 4.11
C PRO E 202 23.04 8.68 3.94
N LEU E 203 23.52 8.65 2.69
CA LEU E 203 24.87 9.09 2.36
C LEU E 203 25.08 10.58 2.59
N ASP E 204 24.05 11.40 2.41
CA ASP E 204 24.20 12.84 2.49
C ASP E 204 24.37 13.35 3.92
N ILE E 205 24.14 12.51 4.93
CA ILE E 205 24.28 12.91 6.32
C ILE E 205 25.08 11.92 7.15
N CYS E 206 25.57 10.84 6.55
CA CYS E 206 26.30 9.84 7.32
C CYS E 206 27.57 10.38 7.93
N THR E 207 28.09 11.51 7.44
CA THR E 207 29.31 12.10 7.95
C THR E 207 29.17 13.61 8.05
N SER E 208 28.03 14.07 8.53
CA SER E 208 27.77 15.49 8.64
C SER E 208 27.02 15.74 9.95
N ILE E 209 26.62 16.99 10.15
CA ILE E 209 25.93 17.43 11.34
C ILE E 209 24.57 17.96 10.92
N CYS E 210 23.50 17.32 11.40
CA CYS E 210 22.13 17.76 11.12
C CYS E 210 21.68 18.63 12.28
N LYS E 211 21.83 19.94 12.12
CA LYS E 211 21.43 20.87 13.15
C LYS E 211 19.96 21.23 13.01
N TYR E 212 19.41 21.76 14.11
CA TYR E 212 18.07 22.30 14.13
C TYR E 212 18.11 23.63 14.89
N PRO E 213 17.46 24.67 14.38
CA PRO E 213 17.55 25.97 15.05
C PRO E 213 17.09 25.89 16.50
N ASP E 214 17.81 26.62 17.35
CA ASP E 214 17.45 26.72 18.77
C ASP E 214 16.60 27.98 18.98
N TYR E 215 15.35 27.87 18.55
CA TYR E 215 14.44 29.00 18.63
C TYR E 215 14.34 29.55 20.04
N ILE E 216 14.43 28.69 21.05
CA ILE E 216 14.29 29.13 22.43
C ILE E 216 15.37 30.15 22.77
N LYS E 217 16.63 29.80 22.50
CA LYS E 217 17.73 30.68 22.86
C LYS E 217 17.74 31.94 21.99
N MET E 218 17.51 31.77 20.70
CA MET E 218 17.49 32.92 19.79
C MET E 218 16.33 33.86 20.09
N VAL E 219 15.30 33.53 20.84
CA VAL E 219 14.24 34.54 21.18
C VAL E 219 14.43 35.01 22.62
N SER E 220 14.99 34.17 23.48
CA SER E 220 15.31 34.56 24.87
C SER E 220 16.21 35.79 24.81
N GLU E 221 17.37 35.68 24.17
CA GLU E 221 18.28 36.84 23.96
C GLU E 221 17.40 38.08 23.95
N PRO E 222 17.55 39.02 24.89
CA PRO E 222 16.62 40.16 24.98
C PRO E 222 16.68 41.15 23.82
N TYR E 223 17.77 41.20 23.04
CA TYR E 223 17.94 42.20 22.00
C TYR E 223 17.26 41.81 20.70
N GLY E 224 17.07 40.51 20.45
CA GLY E 224 16.48 40.10 19.19
C GLY E 224 17.43 40.17 18.02
N ASP E 225 18.73 40.36 18.29
CA ASP E 225 19.70 40.48 17.22
C ASP E 225 19.77 39.20 16.39
N SER E 226 19.75 38.04 17.05
CA SER E 226 19.86 36.78 16.32
C SER E 226 18.77 36.63 15.28
N LEU E 227 17.59 37.20 15.53
CA LEU E 227 16.56 37.26 14.51
C LEU E 227 15.41 38.12 15.00
N PHE E 228 14.79 38.86 14.07
CA PHE E 228 13.56 39.59 14.34
C PHE E 228 12.41 39.10 13.47
N PHE E 229 12.60 38.01 12.74
CA PHE E 229 11.52 37.38 11.99
C PHE E 229 11.91 35.94 11.69
N TYR E 230 10.95 35.04 11.77
CA TYR E 230 11.19 33.65 11.42
C TYR E 230 9.88 32.98 11.06
N LEU E 231 9.98 31.94 10.24
CA LEU E 231 8.84 31.12 9.85
C LEU E 231 9.32 29.68 9.71
N ARG E 232 8.37 28.76 9.83
CA ARG E 232 8.69 27.36 9.66
C ARG E 232 7.41 26.61 9.33
N ARG E 233 7.57 25.55 8.53
CA ARG E 233 6.46 24.66 8.22
C ARG E 233 7.06 23.33 7.81
N GLU E 234 7.01 22.36 8.71
CA GLU E 234 7.61 21.05 8.49
C GLU E 234 6.59 19.98 8.79
N GLN E 235 6.69 18.88 8.07
CA GLN E 235 5.75 17.78 8.25
C GLN E 235 6.44 16.48 7.85
N MET E 236 5.90 15.38 8.37
CA MET E 236 6.54 14.09 8.25
C MET E 236 5.53 13.02 8.64
N PHE E 237 5.70 11.83 8.06
CA PHE E 237 4.95 10.67 8.51
C PHE E 237 5.82 9.44 8.32
N VAL E 238 5.51 8.40 9.08
CA VAL E 238 6.27 7.15 9.00
C VAL E 238 5.76 6.36 7.80
N ARG E 239 6.66 6.07 6.87
CA ARG E 239 6.30 5.35 5.66
C ARG E 239 6.67 3.88 5.75
N HIS E 240 7.63 3.54 6.61
CA HIS E 240 8.01 2.15 6.82
C HIS E 240 8.59 2.01 8.22
N LEU E 241 8.58 0.78 8.71
CA LEU E 241 9.12 0.44 10.01
C LEU E 241 10.24 -0.56 9.81
N PHE E 242 11.43 -0.25 10.31
CA PHE E 242 12.61 -1.06 10.08
C PHE E 242 13.30 -1.39 11.40
N ASN E 243 14.27 -2.30 11.31
CA ASN E 243 14.99 -2.81 12.44
C ASN E 243 16.49 -2.77 12.15
N ARG E 244 17.30 -2.76 13.20
CA ARG E 244 18.75 -2.76 13.07
C ARG E 244 19.29 -4.17 13.12
N ALA E 245 20.61 -4.30 13.03
CA ALA E 245 21.26 -5.61 13.03
C ALA E 245 22.52 -5.69 13.88
N GLY E 246 22.96 -4.60 14.49
CA GLY E 246 24.16 -4.64 15.28
C GLY E 246 23.97 -5.40 16.58
N THR E 247 25.08 -5.66 17.26
CA THR E 247 25.00 -6.31 18.56
C THR E 247 24.25 -5.42 19.54
N VAL E 248 23.49 -6.06 20.42
CA VAL E 248 22.63 -5.32 21.33
C VAL E 248 23.47 -4.63 22.40
N GLY E 249 23.01 -3.46 22.84
CA GLY E 249 23.61 -2.80 23.97
C GLY E 249 22.80 -3.02 25.22
N GLU E 250 22.00 -2.03 25.62
CA GLU E 250 21.08 -2.21 26.73
C GLU E 250 20.05 -3.25 26.35
N ASN E 251 20.25 -4.48 26.81
CA ASN E 251 19.38 -5.60 26.46
C ASN E 251 18.02 -5.46 27.14
N VAL E 252 17.03 -6.12 26.55
CA VAL E 252 15.67 -6.08 27.10
C VAL E 252 15.65 -6.79 28.45
N PRO E 253 15.02 -6.22 29.48
CA PRO E 253 14.91 -6.93 30.75
C PRO E 253 14.15 -8.23 30.61
N ASP E 254 14.59 -9.23 31.39
CA ASP E 254 13.89 -10.51 31.40
C ASP E 254 12.48 -10.41 31.97
N ASP E 255 12.16 -9.31 32.63
CA ASP E 255 10.84 -9.14 33.23
C ASP E 255 9.77 -8.92 32.18
N LEU E 256 10.11 -8.25 31.09
CA LEU E 256 9.12 -7.76 30.14
C LEU E 256 8.68 -8.80 29.13
N TYR E 257 9.21 -10.02 29.17
CA TYR E 257 8.81 -11.03 28.20
C TYR E 257 9.01 -12.42 28.79
N ILE E 258 8.34 -13.39 28.18
CA ILE E 258 8.45 -14.79 28.56
C ILE E 258 9.36 -15.47 27.56
N LYS E 259 10.33 -16.22 28.07
CA LYS E 259 11.29 -16.88 27.20
C LYS E 259 10.58 -17.86 26.28
N GLY E 260 10.94 -17.84 25.01
CA GLY E 260 10.38 -18.72 24.01
C GLY E 260 11.19 -19.99 23.83
N SER E 261 10.96 -20.64 22.70
CA SER E 261 11.69 -21.85 22.36
C SER E 261 11.55 -22.09 20.86
N GLY E 262 12.31 -23.06 20.37
CA GLY E 262 12.27 -23.37 18.95
C GLY E 262 12.68 -22.18 18.12
N SER E 263 11.80 -21.78 17.21
CA SER E 263 12.11 -20.66 16.32
C SER E 263 12.28 -19.36 17.10
N THR E 264 11.45 -19.16 18.12
CA THR E 264 11.50 -17.95 18.93
C THR E 264 12.61 -17.98 19.98
N ALA E 265 13.45 -19.02 19.96
CA ALA E 265 14.52 -19.10 20.94
C ALA E 265 15.46 -17.89 20.85
N ASN E 266 15.77 -17.46 19.64
CA ASN E 266 16.67 -16.33 19.42
C ASN E 266 15.84 -15.07 19.24
N LEU E 267 15.96 -14.16 20.20
CA LEU E 267 15.25 -12.88 20.09
C LEU E 267 15.73 -12.10 18.87
N ALA E 268 14.83 -11.29 18.34
CA ALA E 268 15.16 -10.34 17.30
C ALA E 268 15.47 -8.99 17.92
N SER E 269 16.25 -8.19 17.20
CA SER E 269 16.66 -6.90 17.71
C SER E 269 15.45 -6.02 18.01
N SER E 270 15.51 -5.29 19.11
CA SER E 270 14.45 -4.39 19.53
C SER E 270 14.76 -2.94 19.21
N ASN E 271 15.78 -2.69 18.40
CA ASN E 271 16.16 -1.34 17.99
C ASN E 271 15.47 -1.05 16.66
N TYR E 272 14.39 -0.27 16.72
CA TYR E 272 13.57 0.02 15.56
C TYR E 272 13.77 1.47 15.17
N PHE E 273 13.85 1.72 13.86
CA PHE E 273 13.95 3.08 13.35
C PHE E 273 12.92 3.29 12.24
N PRO E 274 12.34 4.49 12.15
CA PRO E 274 11.40 4.78 11.08
C PRO E 274 12.06 5.38 9.85
N THR E 275 11.40 5.18 8.72
CA THR E 275 11.78 5.83 7.47
C THR E 275 10.85 7.01 7.23
N PRO E 276 11.35 8.25 7.22
CA PRO E 276 10.46 9.40 7.11
C PRO E 276 9.85 9.53 5.72
N SER E 277 8.94 10.49 5.62
CA SER E 277 8.33 10.85 4.34
C SER E 277 7.63 12.18 4.51
N GLY E 278 7.82 13.08 3.55
CA GLY E 278 7.25 14.40 3.61
C GLY E 278 5.87 14.53 3.06
N SER E 279 5.26 13.43 2.61
CA SER E 279 3.93 13.43 2.04
C SER E 279 3.89 14.21 0.73
N MET E 280 3.09 15.29 0.66
CA MET E 280 2.75 15.94 -0.58
C MET E 280 3.19 17.40 -0.55
N VAL E 281 3.75 17.85 -1.67
CA VAL E 281 4.17 19.23 -1.86
C VAL E 281 3.08 19.96 -2.61
N THR E 282 2.83 21.22 -2.22
CA THR E 282 1.79 22.01 -2.83
C THR E 282 2.22 23.47 -2.90
N SER E 283 1.60 24.20 -3.82
CA SER E 283 1.85 25.63 -3.94
C SER E 283 1.19 26.41 -2.81
N ASP E 284 0.03 25.95 -2.33
CA ASP E 284 -0.65 26.66 -1.25
C ASP E 284 0.12 26.60 0.05
N ALA E 285 0.99 25.59 0.20
CA ALA E 285 1.81 25.42 1.39
C ALA E 285 3.20 26.01 1.22
N GLN E 286 3.32 27.11 0.48
CA GLN E 286 4.60 27.75 0.21
C GLN E 286 4.68 29.06 0.97
N ILE E 287 5.79 29.25 1.68
CA ILE E 287 6.06 30.49 2.38
C ILE E 287 6.94 31.43 1.57
N PHE E 288 7.52 30.95 0.47
CA PHE E 288 8.42 31.74 -0.35
C PHE E 288 7.64 32.46 -1.45
N ASN E 289 8.36 33.30 -2.20
CA ASN E 289 7.75 34.11 -3.25
C ASN E 289 6.58 34.90 -2.69
N LYS E 290 6.75 35.39 -1.45
CA LYS E 290 5.73 36.10 -0.75
C LYS E 290 6.41 37.13 0.14
N PRO E 291 5.98 38.38 0.12
CA PRO E 291 6.67 39.41 0.90
C PRO E 291 6.43 39.29 2.38
N TYR E 292 7.33 39.92 3.14
CA TYR E 292 7.24 40.01 4.58
C TYR E 292 7.35 41.47 4.98
N TRP E 293 6.76 41.80 6.13
CA TRP E 293 6.75 43.18 6.63
C TRP E 293 7.11 43.16 8.11
N LEU E 294 8.36 43.54 8.40
CA LEU E 294 8.89 43.50 9.77
C LEU E 294 8.69 44.85 10.46
N GLN E 295 7.42 45.22 10.60
CA GLN E 295 7.10 46.49 11.26
C GLN E 295 7.57 46.49 12.71
N ARG E 296 7.37 45.38 13.41
CA ARG E 296 7.83 45.23 14.79
C ARG E 296 8.39 43.83 14.98
N ALA E 297 9.52 43.74 15.66
CA ALA E 297 10.14 42.46 15.94
C ALA E 297 9.59 41.89 17.25
N GLN E 298 9.99 40.65 17.55
CA GLN E 298 9.62 40.02 18.81
C GLN E 298 10.60 40.33 19.93
N GLY E 299 11.63 41.13 19.65
CA GLY E 299 12.61 41.50 20.66
C GLY E 299 12.70 43.00 20.83
N HIS E 300 13.66 43.46 21.64
CA HIS E 300 13.86 44.89 21.80
C HIS E 300 14.20 45.55 20.47
N ASN E 301 15.19 45.00 19.78
CA ASN E 301 15.58 45.53 18.48
C ASN E 301 14.45 45.33 17.48
N ASN E 302 14.13 46.38 16.73
CA ASN E 302 12.98 46.41 15.82
C ASN E 302 13.42 46.31 14.37
N GLY E 303 14.44 45.51 14.10
CA GLY E 303 14.92 45.31 12.75
C GLY E 303 16.15 46.12 12.37
N ILE E 304 16.77 46.83 13.32
CA ILE E 304 17.95 47.61 12.99
C ILE E 304 19.08 46.69 12.55
N CYS E 305 19.84 47.14 11.56
CA CYS E 305 20.96 46.38 11.01
C CYS E 305 22.26 46.97 11.58
N TRP E 306 22.62 46.51 12.77
CA TRP E 306 23.85 46.96 13.39
C TRP E 306 25.05 46.40 12.64
N GLY E 307 26.04 47.26 12.38
CA GLY E 307 27.22 46.86 11.67
C GLY E 307 27.05 46.73 10.17
N ASN E 308 25.90 47.15 9.63
CA ASN E 308 25.62 47.05 8.20
C ASN E 308 25.78 45.60 7.73
N GLN E 309 24.99 44.72 8.32
CA GLN E 309 25.04 43.31 7.98
C GLN E 309 23.66 42.69 8.17
N LEU E 310 23.47 41.55 7.52
CA LEU E 310 22.27 40.75 7.68
C LEU E 310 22.62 39.31 7.43
N PHE E 311 21.76 38.42 7.92
CA PHE E 311 21.88 36.99 7.69
C PHE E 311 20.51 36.47 7.32
N VAL E 312 20.46 35.68 6.26
CA VAL E 312 19.21 35.10 5.77
C VAL E 312 19.44 33.61 5.61
N THR E 313 18.88 32.81 6.52
CA THR E 313 18.98 31.37 6.47
C THR E 313 17.67 30.82 5.94
N VAL E 314 17.74 29.99 4.90
CA VAL E 314 16.56 29.45 4.25
C VAL E 314 16.77 27.99 3.96
N VAL E 315 15.73 27.20 4.15
CA VAL E 315 15.70 25.80 3.76
C VAL E 315 14.44 25.57 2.94
N ASP E 316 14.57 24.76 1.88
CA ASP E 316 13.43 24.50 1.01
C ASP E 316 13.65 23.12 0.39
N THR E 317 13.05 22.10 0.99
CA THR E 317 13.07 20.76 0.45
C THR E 317 11.92 20.51 -0.52
N THR E 318 11.11 21.54 -0.80
CA THR E 318 9.97 21.43 -1.69
C THR E 318 10.35 21.57 -3.15
N ARG E 319 11.60 21.93 -3.45
CA ARG E 319 12.08 22.04 -4.82
C ARG E 319 13.36 21.25 -5.02
N SER E 320 13.59 20.23 -4.19
CA SER E 320 14.85 19.48 -4.19
C SER E 320 14.78 18.30 -5.16
N THR E 321 14.48 18.61 -6.41
CA THR E 321 14.47 17.60 -7.46
C THR E 321 15.86 17.49 -8.07
N ASN E 322 16.36 16.27 -8.15
CA ASN E 322 17.69 15.98 -8.69
C ASN E 322 17.52 15.52 -10.13
N MET E 323 18.10 16.27 -11.06
CA MET E 323 17.96 15.98 -12.49
C MET E 323 19.14 15.12 -12.94
N SER E 324 18.84 13.87 -13.30
CA SER E 324 19.88 12.96 -13.74
C SER E 324 20.33 13.30 -15.16
N LEU E 325 21.61 13.06 -15.43
CA LEU E 325 22.22 13.32 -16.72
C LEU E 325 22.86 12.04 -17.23
N CYS E 326 22.72 11.79 -18.52
CA CYS E 326 23.25 10.60 -19.16
C CYS E 326 24.11 11.03 -20.33
N ALA E 327 25.32 10.48 -20.42
CA ALA E 327 26.28 10.84 -21.45
C ALA E 327 26.78 9.57 -22.13
N ALA E 328 26.89 9.64 -23.46
CA ALA E 328 27.21 8.46 -24.26
C ALA E 328 28.71 8.32 -24.40
N ILE E 329 29.25 7.22 -23.89
CA ILE E 329 30.67 6.94 -24.02
C ILE E 329 31.00 6.61 -25.48
N SER E 330 30.20 5.75 -26.09
CA SER E 330 30.40 5.32 -27.46
C SER E 330 29.06 5.30 -28.17
N THR E 331 29.08 5.63 -29.46
CA THR E 331 27.87 5.66 -30.28
C THR E 331 27.96 4.64 -31.42
N SER E 332 28.73 3.57 -31.22
CA SER E 332 28.95 2.56 -32.24
C SER E 332 28.21 1.27 -31.95
N GLU E 333 27.22 1.31 -31.06
CA GLU E 333 26.47 0.13 -30.65
C GLU E 333 25.07 0.16 -31.25
N THR E 334 24.68 -0.92 -31.91
CA THR E 334 23.34 -1.01 -32.48
C THR E 334 22.29 -1.17 -31.39
N THR E 335 22.60 -1.95 -30.35
CA THR E 335 21.68 -2.25 -29.27
C THR E 335 22.10 -1.53 -28.01
N TYR E 336 21.18 -1.50 -27.05
CA TYR E 336 21.43 -0.84 -25.77
C TYR E 336 22.42 -1.65 -24.93
N LYS E 337 23.23 -0.92 -24.16
CA LYS E 337 24.19 -1.54 -23.26
C LYS E 337 24.41 -0.60 -22.08
N ASN E 338 24.31 -1.14 -20.87
CA ASN E 338 24.55 -0.32 -19.69
C ASN E 338 25.99 0.12 -19.60
N THR E 339 26.89 -0.61 -20.25
CA THR E 339 28.32 -0.30 -20.21
C THR E 339 28.70 0.69 -21.29
N ASN E 340 27.75 1.52 -21.71
CA ASN E 340 27.97 2.52 -22.75
C ASN E 340 27.40 3.88 -22.38
N PHE E 341 26.89 4.04 -21.17
CA PHE E 341 26.32 5.30 -20.69
C PHE E 341 26.77 5.53 -19.26
N LYS E 342 27.05 6.79 -18.92
CA LYS E 342 27.44 7.16 -17.58
C LYS E 342 26.34 7.97 -16.93
N GLU E 343 25.98 7.60 -15.71
CA GLU E 343 24.90 8.25 -14.98
C GLU E 343 25.46 9.30 -14.04
N TYR E 344 24.82 10.47 -14.02
CA TYR E 344 25.24 11.58 -13.18
C TYR E 344 24.02 12.16 -12.49
N LEU E 345 24.27 12.82 -11.36
CA LEU E 345 23.24 13.49 -10.59
C LEU E 345 23.70 14.91 -10.30
N ARG E 346 22.81 15.87 -10.51
CA ARG E 346 23.12 17.26 -10.24
C ARG E 346 21.85 17.94 -9.73
N HIS E 347 22.04 19.01 -8.98
CA HIS E 347 20.95 19.73 -8.34
C HIS E 347 21.06 21.21 -8.66
N GLY E 348 19.93 21.79 -9.08
CA GLY E 348 19.89 23.19 -9.44
C GLY E 348 19.24 24.01 -8.35
N GLU E 349 20.00 24.95 -7.81
CA GLU E 349 19.56 25.81 -6.72
C GLU E 349 19.52 27.25 -7.24
N GLU E 350 18.35 27.86 -7.18
CA GLU E 350 18.14 29.21 -7.69
C GLU E 350 17.51 30.07 -6.62
N TYR E 351 17.98 31.32 -6.52
CA TYR E 351 17.51 32.22 -5.49
C TYR E 351 17.46 33.63 -6.05
N ASP E 352 16.64 34.46 -5.43
CA ASP E 352 16.55 35.88 -5.78
C ASP E 352 16.05 36.67 -4.58
N LEU E 353 16.95 37.37 -3.90
CA LEU E 353 16.62 38.08 -2.68
C LEU E 353 16.25 39.51 -3.01
N GLN E 354 15.18 40.00 -2.39
CA GLN E 354 14.75 41.38 -2.51
C GLN E 354 14.55 41.93 -1.11
N PHE E 355 14.94 43.18 -0.92
CA PHE E 355 14.89 43.80 0.40
C PHE E 355 14.37 45.22 0.27
N ILE E 356 13.72 45.68 1.33
CA ILE E 356 13.34 47.08 1.50
C ILE E 356 13.98 47.57 2.78
N PHE E 357 14.71 48.67 2.68
CA PHE E 357 15.46 49.21 3.80
C PHE E 357 14.99 50.63 4.10
N GLN E 358 15.03 50.96 5.39
CA GLN E 358 14.56 52.23 5.90
C GLN E 358 15.70 52.92 6.63
N LEU E 359 15.83 54.22 6.44
CA LEU E 359 16.93 54.97 7.00
C LEU E 359 16.60 55.37 8.44
N CYS E 360 17.58 55.24 9.33
CA CYS E 360 17.42 55.60 10.73
C CYS E 360 18.60 56.44 11.18
N LYS E 361 18.31 57.52 11.91
CA LYS E 361 19.33 58.39 12.47
C LYS E 361 19.34 58.28 13.98
N ILE E 362 20.52 58.37 14.56
CA ILE E 362 20.67 58.26 16.01
C ILE E 362 21.40 59.49 16.53
N PRO E 392 35.43 39.16 13.02
CA PRO E 392 35.18 38.19 14.09
C PRO E 392 34.36 37.00 13.63
N LEU E 393 33.79 37.08 12.43
CA LEU E 393 32.98 36.01 11.86
C LEU E 393 33.66 35.34 10.67
N LYS E 394 34.94 35.64 10.44
CA LYS E 394 35.68 35.06 9.33
C LYS E 394 36.00 33.58 9.53
N LYS E 395 35.76 33.05 10.73
CA LYS E 395 35.99 31.63 10.96
C LYS E 395 35.00 30.76 10.20
N TYR E 396 33.84 31.29 9.84
CA TYR E 396 32.77 30.51 9.26
C TYR E 396 32.68 30.73 7.76
N THR E 397 32.01 29.80 7.09
CA THR E 397 31.77 29.86 5.66
C THR E 397 30.35 30.36 5.42
N PHE E 398 30.22 31.56 4.88
CA PHE E 398 28.95 32.11 4.47
C PHE E 398 28.94 32.36 2.97
N TRP E 399 27.73 32.53 2.43
CA TRP E 399 27.54 32.91 1.05
C TRP E 399 27.50 34.43 0.99
N GLU E 400 28.63 35.04 0.68
CA GLU E 400 28.71 36.50 0.69
C GLU E 400 27.87 37.07 -0.43
N VAL E 401 27.11 38.12 -0.12
CA VAL E 401 26.25 38.79 -1.08
C VAL E 401 26.47 40.29 -0.91
N ASN E 402 26.98 40.92 -1.94
CA ASN E 402 27.31 42.34 -1.89
C ASN E 402 26.16 43.17 -2.46
N LEU E 403 25.74 44.16 -1.70
CA LEU E 403 24.63 45.03 -2.08
C LEU E 403 25.02 46.51 -2.07
N LYS E 404 26.30 46.81 -2.00
CA LYS E 404 26.74 48.20 -1.88
C LYS E 404 26.54 49.00 -3.16
N GLU E 405 26.18 48.33 -4.27
CA GLU E 405 25.93 49.01 -5.53
C GLU E 405 24.50 48.85 -6.02
N LYS E 406 23.70 47.98 -5.39
CA LYS E 406 22.37 47.64 -5.88
C LYS E 406 21.26 48.31 -5.08
N PHE E 407 21.48 49.55 -4.66
CA PHE E 407 20.49 50.32 -3.93
C PHE E 407 19.91 51.40 -4.83
N SER E 408 18.58 51.46 -4.90
CA SER E 408 17.90 52.47 -5.68
C SER E 408 16.58 52.81 -5.00
N ALA E 409 16.22 54.09 -5.04
CA ALA E 409 14.99 54.57 -4.43
C ALA E 409 13.79 54.49 -5.37
N ASP E 410 13.97 53.97 -6.59
CA ASP E 410 12.87 53.80 -7.53
C ASP E 410 12.13 52.52 -7.15
N LEU E 411 11.24 52.63 -6.16
CA LEU E 411 10.53 51.46 -5.66
C LEU E 411 9.59 50.89 -6.72
N ASP E 412 8.87 51.76 -7.44
CA ASP E 412 7.87 51.30 -8.38
C ASP E 412 8.45 50.46 -9.51
N GLN E 413 9.73 50.65 -9.84
CA GLN E 413 10.35 49.90 -10.91
C GLN E 413 10.60 48.44 -10.54
N PHE E 414 10.39 48.06 -9.29
CA PHE E 414 10.61 46.70 -8.82
C PHE E 414 9.33 46.13 -8.23
N PRO E 415 9.14 44.81 -8.30
CA PRO E 415 7.88 44.24 -7.80
C PRO E 415 7.68 44.44 -6.30
N LEU E 416 8.71 44.14 -5.50
CA LEU E 416 8.59 44.32 -4.06
C LEU E 416 8.27 45.76 -3.71
N GLY E 417 8.81 46.72 -4.46
CA GLY E 417 8.46 48.11 -4.23
C GLY E 417 7.00 48.40 -4.50
N ARG E 418 6.46 47.82 -5.57
CA ARG E 418 5.04 47.99 -5.86
C ARG E 418 4.19 47.42 -4.72
N LYS E 419 4.55 46.22 -4.25
CA LYS E 419 3.80 45.64 -3.14
C LYS E 419 3.88 46.51 -1.90
N PHE E 420 5.08 47.01 -1.58
CA PHE E 420 5.24 47.86 -0.41
C PHE E 420 4.39 49.13 -0.53
N LEU E 421 4.39 49.75 -1.72
CA LEU E 421 3.58 50.93 -1.92
C LEU E 421 2.09 50.61 -1.75
N LEU E 422 1.66 49.47 -2.28
CA LEU E 422 0.26 49.08 -2.13
C LEU E 422 -0.11 48.91 -0.66
N GLN E 423 0.76 48.27 0.11
CA GLN E 423 0.51 48.10 1.53
C GLN E 423 1.09 49.28 2.32
N GLN F 1 -13.97 -7.43 -60.64
CA GLN F 1 -13.38 -6.99 -59.34
C GLN F 1 -12.02 -6.32 -59.57
N VAL F 2 -11.28 -6.10 -58.48
CA VAL F 2 -9.98 -5.46 -58.58
C VAL F 2 -8.99 -6.44 -59.21
N THR F 3 -8.29 -5.98 -60.24
CA THR F 3 -7.34 -6.80 -60.96
C THR F 3 -6.14 -5.96 -61.37
N LEU F 4 -5.02 -6.65 -61.61
CA LEU F 4 -3.78 -6.01 -62.01
C LEU F 4 -3.16 -6.78 -63.15
N ARG F 5 -2.55 -6.05 -64.08
CA ARG F 5 -1.88 -6.66 -65.23
C ARG F 5 -0.51 -6.04 -65.40
N GLU F 6 0.49 -6.88 -65.65
CA GLU F 6 1.84 -6.43 -65.88
C GLU F 6 2.19 -6.53 -67.36
N SER F 7 3.09 -5.67 -67.80
CA SER F 7 3.53 -5.66 -69.19
C SER F 7 4.94 -5.11 -69.25
N GLY F 8 5.71 -5.59 -70.22
CA GLY F 8 7.05 -5.13 -70.45
C GLY F 8 7.89 -6.12 -71.22
N PRO F 9 9.11 -5.72 -71.56
CA PRO F 9 9.98 -6.61 -72.34
C PRO F 9 10.38 -7.84 -71.53
N ALA F 10 10.31 -9.00 -72.17
CA ALA F 10 10.73 -10.24 -71.54
C ALA F 10 12.23 -10.47 -71.62
N LEU F 11 12.94 -9.70 -72.43
CA LEU F 11 14.38 -9.85 -72.57
C LEU F 11 15.02 -8.47 -72.67
N VAL F 12 16.05 -8.24 -71.86
CA VAL F 12 16.76 -6.98 -71.82
C VAL F 12 18.25 -7.27 -71.69
N LYS F 13 19.07 -6.56 -72.46
CA LYS F 13 20.49 -6.78 -72.43
C LYS F 13 21.11 -6.16 -71.18
N PRO F 14 22.26 -6.67 -70.75
CA PRO F 14 22.87 -6.15 -69.52
C PRO F 14 23.23 -4.68 -69.65
N THR F 15 23.38 -4.04 -68.50
CA THR F 15 23.69 -2.61 -68.36
C THR F 15 22.69 -1.72 -69.07
N GLN F 16 21.55 -2.24 -69.48
CA GLN F 16 20.50 -1.44 -70.09
C GLN F 16 19.50 -1.02 -69.02
N THR F 17 18.42 -0.37 -69.46
CA THR F 17 17.38 0.12 -68.58
C THR F 17 16.10 -0.65 -68.85
N LEU F 18 15.56 -1.29 -67.83
CA LEU F 18 14.30 -2.01 -67.92
C LEU F 18 13.16 -1.07 -67.57
N THR F 19 12.03 -1.25 -68.25
CA THR F 19 10.82 -0.49 -67.99
C THR F 19 9.64 -1.44 -67.95
N LEU F 20 8.80 -1.29 -66.92
CA LEU F 20 7.61 -2.10 -66.75
C LEU F 20 6.44 -1.19 -66.43
N THR F 21 5.25 -1.61 -66.86
CA THR F 21 4.03 -0.85 -66.62
C THR F 21 2.95 -1.80 -66.15
N CYS F 22 2.15 -1.33 -65.20
CA CYS F 22 1.02 -2.09 -64.69
C CYS F 22 -0.27 -1.29 -64.89
N THR F 23 -1.36 -2.03 -65.05
CA THR F 23 -2.69 -1.44 -65.25
C THR F 23 -3.62 -2.07 -64.23
N PHE F 24 -4.28 -1.24 -63.44
CA PHE F 24 -5.16 -1.71 -62.37
C PHE F 24 -6.56 -1.16 -62.55
N SER F 25 -7.54 -1.95 -62.14
CA SER F 25 -8.95 -1.59 -62.22
C SER F 25 -9.63 -1.89 -60.90
N GLY F 26 -10.74 -1.19 -60.66
CA GLY F 26 -11.50 -1.36 -59.44
C GLY F 26 -11.12 -0.42 -58.32
N PHE F 27 -10.01 0.29 -58.43
CA PHE F 27 -9.60 1.25 -57.42
C PHE F 27 -8.68 2.27 -58.06
N SER F 28 -8.50 3.39 -57.37
CA SER F 28 -7.65 4.47 -57.83
C SER F 28 -6.61 4.79 -56.77
N LEU F 29 -5.49 5.36 -57.22
CA LEU F 29 -4.45 5.83 -56.33
C LEU F 29 -4.74 7.22 -55.77
N SER F 30 -5.99 7.67 -55.88
CA SER F 30 -6.42 8.91 -55.25
C SER F 30 -7.14 8.68 -53.93
N THR F 31 -7.64 7.46 -53.68
CA THR F 31 -8.29 7.14 -52.42
C THR F 31 -7.25 6.94 -51.34
N ASN F 32 -7.44 7.63 -50.21
CA ASN F 32 -6.50 7.50 -49.11
C ASN F 32 -6.45 6.06 -48.62
N GLY F 33 -5.24 5.57 -48.37
CA GLY F 33 -5.04 4.20 -47.94
C GLY F 33 -4.74 3.22 -49.05
N MET F 34 -4.82 3.66 -50.30
CA MET F 34 -4.56 2.81 -51.45
C MET F 34 -3.15 3.06 -51.96
N CYS F 35 -2.41 1.99 -52.19
CA CYS F 35 -1.02 2.10 -52.64
C CYS F 35 -0.71 0.92 -53.54
N VAL F 36 0.37 1.06 -54.32
CA VAL F 36 0.83 0.02 -55.23
C VAL F 36 2.31 -0.22 -54.98
N SER F 37 2.71 -1.48 -55.01
CA SER F 37 4.08 -1.87 -54.74
C SER F 37 4.55 -2.89 -55.76
N TRP F 38 5.86 -2.95 -55.95
CA TRP F 38 6.50 -3.88 -56.86
C TRP F 38 7.34 -4.89 -56.08
N ILE F 39 7.22 -6.15 -56.45
CA ILE F 39 7.95 -7.24 -55.82
C ILE F 39 8.55 -8.10 -56.92
N ARG F 40 9.56 -8.87 -56.57
CA ARG F 40 10.18 -9.78 -57.52
C ARG F 40 10.55 -11.07 -56.82
N GLN F 41 10.68 -12.14 -57.61
CA GLN F 41 10.98 -13.47 -57.09
C GLN F 41 11.90 -14.17 -58.06
N PRO F 42 13.20 -14.17 -57.81
CA PRO F 42 14.11 -14.93 -58.66
C PRO F 42 13.76 -16.41 -58.61
N PRO F 43 14.02 -17.14 -59.70
CA PRO F 43 13.71 -18.57 -59.72
C PRO F 43 14.28 -19.31 -58.52
N GLY F 44 13.44 -20.07 -57.83
CA GLY F 44 13.88 -20.81 -56.68
C GLY F 44 14.43 -19.96 -55.55
N LYS F 45 13.84 -18.79 -55.32
CA LYS F 45 14.31 -17.88 -54.27
C LYS F 45 13.11 -17.14 -53.69
N ALA F 46 13.34 -16.52 -52.55
CA ALA F 46 12.28 -15.85 -51.82
C ALA F 46 11.95 -14.51 -52.46
N LEU F 47 10.79 -13.99 -52.07
CA LEU F 47 10.33 -12.70 -52.59
C LEU F 47 11.22 -11.58 -52.05
N GLU F 48 11.29 -10.49 -52.81
CA GLU F 48 12.08 -9.34 -52.46
C GLU F 48 11.33 -8.08 -52.86
N TRP F 49 11.06 -7.23 -51.88
CA TRP F 49 10.38 -5.97 -52.12
C TRP F 49 11.32 -4.99 -52.83
N LEU F 50 10.76 -4.22 -53.76
CA LEU F 50 11.54 -3.28 -54.54
C LEU F 50 11.13 -1.84 -54.29
N ALA F 51 9.86 -1.50 -54.48
CA ALA F 51 9.44 -0.11 -54.40
C ALA F 51 7.95 -0.05 -54.06
N LEU F 52 7.46 1.17 -53.89
CA LEU F 52 6.10 1.41 -53.47
C LEU F 52 5.78 2.88 -53.66
N ILE F 53 4.57 3.17 -54.11
CA ILE F 53 4.09 4.53 -54.25
C ILE F 53 2.66 4.60 -53.75
N ASP F 54 2.31 5.73 -53.16
CA ASP F 54 1.04 5.88 -52.47
C ASP F 54 0.22 7.01 -53.09
N TRP F 55 -0.90 7.32 -52.44
CA TRP F 55 -1.82 8.31 -52.97
C TRP F 55 -1.22 9.71 -52.97
N ASP F 56 -0.44 10.05 -51.95
CA ASP F 56 0.18 11.37 -51.87
C ASP F 56 1.42 11.48 -52.75
N ASP F 57 1.76 10.44 -53.51
CA ASP F 57 2.86 10.38 -54.45
C ASP F 57 4.18 10.10 -53.75
N ASP F 58 4.21 9.96 -52.42
CA ASP F 58 5.43 9.59 -51.75
C ASP F 58 5.90 8.23 -52.22
N LYS F 59 7.21 8.09 -52.41
CA LYS F 59 7.79 6.91 -53.02
C LYS F 59 8.81 6.29 -52.08
N TYR F 60 8.89 4.96 -52.10
CA TYR F 60 9.77 4.20 -51.24
C TYR F 60 10.55 3.21 -52.10
N TYR F 61 11.83 3.05 -51.78
CA TYR F 61 12.69 2.14 -52.53
C TYR F 61 13.53 1.33 -51.56
N SER F 62 13.94 0.15 -52.01
CA SER F 62 14.86 -0.66 -51.24
C SER F 62 16.21 0.03 -51.15
N THR F 63 16.82 -0.01 -49.95
CA THR F 63 18.10 0.66 -49.76
C THR F 63 19.18 0.04 -50.63
N SER F 64 19.18 -1.29 -50.76
CA SER F 64 20.19 -1.97 -51.55
C SER F 64 20.13 -1.58 -53.03
N LEU F 65 18.99 -1.05 -53.49
CA LEU F 65 18.82 -0.73 -54.91
C LEU F 65 18.18 0.64 -55.12
N LYS F 66 18.32 1.55 -54.15
CA LYS F 66 17.59 2.81 -54.22
C LYS F 66 18.02 3.64 -55.42
N THR F 67 19.32 3.69 -55.69
CA THR F 67 19.82 4.54 -56.77
C THR F 67 19.34 4.07 -58.13
N ARG F 68 19.12 2.76 -58.29
CA ARG F 68 18.77 2.20 -59.58
C ARG F 68 17.28 2.26 -59.88
N LEU F 69 16.44 2.62 -58.92
CA LEU F 69 15.00 2.49 -59.04
C LEU F 69 14.33 3.86 -59.02
N THR F 70 13.31 4.00 -59.86
CA THR F 70 12.42 5.16 -59.83
C THR F 70 11.04 4.69 -60.26
N ILE F 71 10.02 5.32 -59.69
CA ILE F 71 8.64 4.91 -59.91
C ILE F 71 7.79 6.16 -60.07
N SER F 72 6.67 6.01 -60.77
CA SER F 72 5.73 7.11 -60.95
C SER F 72 4.35 6.53 -61.21
N LYS F 73 3.34 7.38 -61.05
CA LYS F 73 1.95 6.97 -61.21
C LYS F 73 1.21 7.98 -62.07
N ASN F 74 0.13 7.52 -62.69
CA ASN F 74 -0.75 8.35 -63.50
C ASN F 74 -2.18 7.99 -63.11
N THR F 75 -2.79 8.82 -62.27
CA THR F 75 -4.14 8.52 -61.78
C THR F 75 -5.15 8.50 -62.93
N SER F 76 -5.05 9.47 -63.84
CA SER F 76 -6.02 9.57 -64.93
C SER F 76 -5.98 8.39 -65.87
N LYS F 77 -4.92 7.58 -65.83
CA LYS F 77 -4.80 6.42 -66.69
C LYS F 77 -4.67 5.11 -65.93
N ASN F 78 -4.67 5.15 -64.60
CA ASN F 78 -4.60 3.95 -63.77
C ASN F 78 -3.42 3.07 -64.19
N GLN F 79 -2.25 3.69 -64.28
CA GLN F 79 -1.03 3.00 -64.63
C GLN F 79 0.10 3.48 -63.75
N VAL F 80 1.03 2.58 -63.46
CA VAL F 80 2.22 2.88 -62.68
C VAL F 80 3.42 2.28 -63.39
N VAL F 81 4.50 3.05 -63.47
CA VAL F 81 5.67 2.71 -64.26
C VAL F 81 6.86 2.53 -63.33
N LEU F 82 7.58 1.43 -63.51
CA LEU F 82 8.84 1.17 -62.83
C LEU F 82 9.98 1.29 -63.83
N THR F 83 11.13 1.75 -63.36
CA THR F 83 12.32 1.89 -64.21
C THR F 83 13.54 1.51 -63.39
N MET F 84 14.23 0.47 -63.82
CA MET F 84 15.46 0.02 -63.21
C MET F 84 16.61 0.22 -64.19
N THR F 85 17.72 0.74 -63.70
CA THR F 85 18.88 1.03 -64.52
C THR F 85 20.05 0.13 -64.14
N ASN F 86 20.97 -0.04 -65.08
CA ASN F 86 22.18 -0.84 -64.87
C ASN F 86 21.80 -2.28 -64.49
N MET F 87 21.14 -2.94 -65.43
CA MET F 87 20.66 -4.29 -65.19
C MET F 87 21.82 -5.27 -65.08
N ASP F 88 21.54 -6.41 -64.46
CA ASP F 88 22.53 -7.43 -64.19
C ASP F 88 21.86 -8.79 -64.34
N PRO F 89 22.61 -9.84 -64.72
CA PRO F 89 21.98 -11.16 -64.85
C PRO F 89 21.29 -11.64 -63.59
N VAL F 90 21.78 -11.26 -62.41
CA VAL F 90 21.16 -11.72 -61.17
C VAL F 90 19.73 -11.21 -61.03
N ASP F 91 19.39 -10.12 -61.72
CA ASP F 91 18.08 -9.52 -61.61
C ASP F 91 17.02 -10.24 -62.43
N THR F 92 17.38 -11.30 -63.14
CA THR F 92 16.39 -12.07 -63.90
C THR F 92 15.40 -12.70 -62.93
N ALA F 93 14.18 -12.18 -62.91
CA ALA F 93 13.18 -12.65 -61.97
C ALA F 93 11.80 -12.20 -62.44
N THR F 94 10.78 -12.83 -61.87
CA THR F 94 9.39 -12.49 -62.15
C THR F 94 8.99 -11.31 -61.26
N TYR F 95 8.30 -10.35 -61.86
CA TYR F 95 7.89 -9.13 -61.18
C TYR F 95 6.38 -9.08 -61.06
N TYR F 96 5.89 -8.92 -59.84
CA TYR F 96 4.47 -8.83 -59.56
C TYR F 96 4.13 -7.42 -59.09
N CYS F 97 3.03 -6.90 -59.60
CA CYS F 97 2.44 -5.66 -59.12
C CYS F 97 1.27 -6.00 -58.21
N ALA F 98 1.22 -5.37 -57.04
CA ALA F 98 0.21 -5.71 -56.04
C ALA F 98 -0.31 -4.44 -55.38
N ARG F 99 -1.61 -4.44 -55.09
CA ARG F 99 -2.20 -3.38 -54.32
C ARG F 99 -1.81 -3.51 -52.86
N THR F 100 -1.86 -2.40 -52.13
CA THR F 100 -1.33 -2.34 -50.78
C THR F 100 -2.21 -1.44 -49.92
N TYR F 101 -2.55 -1.92 -48.74
CA TYR F 101 -3.32 -1.13 -47.78
C TYR F 101 -2.37 -0.43 -46.83
N TYR F 102 -2.71 0.81 -46.48
CA TYR F 102 -1.94 1.57 -45.50
C TYR F 102 -2.51 1.35 -44.10
N ASN F 103 -1.65 0.96 -43.17
CA ASN F 103 -2.01 0.79 -41.78
C ASN F 103 -1.63 2.03 -40.99
N SER F 104 -2.31 2.22 -39.85
CA SER F 104 -1.77 3.10 -38.82
C SER F 104 -0.44 2.57 -38.34
N ASN F 105 -0.33 1.25 -38.23
CA ASN F 105 0.96 0.58 -38.16
C ASN F 105 1.71 0.80 -39.47
N TRP F 106 2.98 0.39 -39.50
CA TRP F 106 3.80 0.53 -40.69
C TRP F 106 4.01 -0.78 -41.42
N SER F 107 3.29 -1.84 -41.02
CA SER F 107 3.44 -3.16 -41.64
C SER F 107 2.27 -3.38 -42.59
N HIS F 108 2.42 -2.87 -43.81
CA HIS F 108 1.41 -3.00 -44.83
C HIS F 108 1.41 -4.40 -45.43
N TRP F 109 0.29 -4.78 -46.03
CA TRP F 109 0.15 -6.08 -46.68
C TRP F 109 -0.45 -5.87 -48.07
N PHE F 110 -0.08 -6.77 -48.99
CA PHE F 110 -0.50 -6.69 -50.38
C PHE F 110 -1.52 -7.80 -50.62
N ASP F 111 -2.81 -7.44 -50.66
CA ASP F 111 -3.85 -8.46 -50.76
C ASP F 111 -3.94 -9.03 -52.18
N PRO F 112 -4.27 -8.24 -53.21
CA PRO F 112 -4.28 -8.80 -54.56
C PRO F 112 -2.93 -8.73 -55.24
N TRP F 113 -2.69 -9.71 -56.11
CA TRP F 113 -1.44 -9.81 -56.86
C TRP F 113 -1.74 -9.99 -58.33
N GLY F 114 -0.85 -9.47 -59.17
CA GLY F 114 -0.96 -9.63 -60.60
C GLY F 114 -0.48 -10.99 -61.05
N GLN F 115 -0.64 -11.23 -62.36
CA GLN F 115 -0.23 -12.51 -62.93
C GLN F 115 1.27 -12.73 -62.80
N GLY F 116 2.06 -11.67 -63.00
CA GLY F 116 3.50 -11.79 -62.95
C GLY F 116 4.13 -11.86 -64.32
N THR F 117 4.95 -10.87 -64.66
CA THR F 117 5.64 -10.81 -65.94
C THR F 117 7.09 -11.19 -65.72
N LEU F 118 7.56 -12.20 -66.43
CA LEU F 118 8.93 -12.67 -66.30
C LEU F 118 9.87 -11.76 -67.08
N VAL F 119 11.06 -11.55 -66.53
CA VAL F 119 12.09 -10.72 -67.14
C VAL F 119 13.41 -11.50 -67.10
N THR F 120 14.09 -11.54 -68.25
CA THR F 120 15.38 -12.20 -68.37
C THR F 120 16.42 -11.19 -68.82
N VAL F 121 17.61 -11.27 -68.24
CA VAL F 121 18.68 -10.32 -68.51
C VAL F 121 19.82 -11.10 -69.15
N SER F 122 20.00 -10.92 -70.45
CA SER F 122 21.08 -11.54 -71.18
C SER F 122 21.11 -11.04 -72.62
N SER G 2 16.66 -12.64 -46.88
CA SER G 2 15.46 -12.56 -46.01
C SER G 2 15.86 -12.44 -44.55
N VAL G 3 15.67 -11.25 -43.97
CA VAL G 3 16.03 -11.05 -42.57
C VAL G 3 15.20 -11.95 -41.67
N LEU G 4 13.89 -12.04 -41.93
CA LEU G 4 13.06 -12.98 -41.20
C LEU G 4 13.42 -14.41 -41.60
N THR G 5 13.45 -15.29 -40.61
CA THR G 5 13.89 -16.65 -40.80
C THR G 5 12.72 -17.61 -40.64
N GLN G 6 12.60 -18.54 -41.57
CA GLN G 6 11.63 -19.61 -41.51
C GLN G 6 12.32 -20.94 -41.78
N PRO G 7 11.79 -22.03 -41.24
CA PRO G 7 12.36 -23.34 -41.55
C PRO G 7 12.25 -23.63 -43.03
N PRO G 8 13.26 -24.29 -43.62
CA PRO G 8 13.19 -24.56 -45.07
C PRO G 8 12.01 -25.42 -45.47
N SER G 9 11.60 -26.36 -44.62
CA SER G 9 10.54 -27.28 -44.98
C SER G 9 10.02 -28.06 -43.76
N VAL G 10 8.73 -28.34 -43.75
CA VAL G 10 8.09 -29.12 -42.70
C VAL G 10 7.10 -30.09 -43.35
N SER G 11 7.08 -31.31 -42.85
CA SER G 11 6.22 -32.37 -43.35
C SER G 11 5.19 -32.76 -42.31
N GLY G 12 3.97 -33.04 -42.76
CA GLY G 12 2.90 -33.42 -41.86
C GLY G 12 2.00 -34.44 -42.51
N ALA G 13 1.40 -35.28 -41.67
CA ALA G 13 0.49 -36.30 -42.15
C ALA G 13 -0.88 -35.69 -42.46
N PRO G 14 -1.67 -36.34 -43.31
CA PRO G 14 -3.01 -35.83 -43.60
C PRO G 14 -3.86 -35.72 -42.34
N GLY G 15 -4.62 -34.64 -42.27
CA GLY G 15 -5.50 -34.40 -41.14
C GLY G 15 -4.79 -34.00 -39.86
N GLN G 16 -3.47 -33.87 -39.88
CA GLN G 16 -2.71 -33.50 -38.69
C GLN G 16 -2.54 -31.99 -38.63
N ARG G 17 -2.37 -31.49 -37.41
CA ARG G 17 -2.19 -30.06 -37.18
C ARG G 17 -0.70 -29.74 -37.23
N VAL G 18 -0.24 -29.22 -38.36
CA VAL G 18 1.15 -28.86 -38.54
C VAL G 18 1.29 -27.35 -38.30
N THR G 19 2.51 -26.93 -37.94
CA THR G 19 2.76 -25.56 -37.55
C THR G 19 4.03 -25.05 -38.22
N ILE G 20 4.09 -23.73 -38.39
CA ILE G 20 5.22 -23.05 -39.02
C ILE G 20 5.62 -21.88 -38.13
N SER G 21 6.91 -21.52 -38.21
CA SER G 21 7.48 -20.46 -37.38
C SER G 21 8.21 -19.45 -38.23
N CYS G 22 8.14 -18.18 -37.80
CA CYS G 22 8.79 -17.07 -38.50
C CYS G 22 9.47 -16.20 -37.44
N THR G 23 10.73 -16.51 -37.16
CA THR G 23 11.49 -15.78 -36.14
C THR G 23 11.91 -14.42 -36.67
N GLY G 24 11.97 -13.45 -35.77
CA GLY G 24 12.37 -12.09 -36.11
C GLY G 24 13.39 -11.58 -35.12
N SER G 25 13.29 -10.28 -34.83
CA SER G 25 14.21 -9.62 -33.92
C SER G 25 13.51 -8.38 -33.36
N SER G 26 14.27 -7.58 -32.61
CA SER G 26 13.73 -6.39 -31.98
C SER G 26 13.40 -5.29 -32.97
N SER G 27 13.80 -5.45 -34.23
CA SER G 27 13.58 -4.42 -35.23
C SER G 27 12.33 -4.61 -36.07
N ASN G 28 11.90 -5.87 -36.28
CA ASN G 28 10.76 -6.14 -37.14
C ASN G 28 9.54 -6.64 -36.37
N ILE G 29 9.66 -7.73 -35.62
CA ILE G 29 8.52 -8.31 -34.93
C ILE G 29 8.42 -7.79 -33.50
N GLY G 30 9.54 -7.75 -32.79
CA GLY G 30 9.51 -7.29 -31.42
C GLY G 30 9.03 -5.86 -31.29
N ALA G 31 9.33 -5.03 -32.27
CA ALA G 31 8.93 -3.62 -32.22
C ALA G 31 7.42 -3.45 -32.27
N GLY G 32 6.68 -4.48 -32.63
CA GLY G 32 5.23 -4.42 -32.69
C GLY G 32 4.64 -4.34 -34.07
N TYR G 33 5.45 -4.37 -35.12
CA TYR G 33 4.95 -4.31 -36.47
C TYR G 33 4.27 -5.62 -36.84
N ASP G 34 3.09 -5.52 -37.42
CA ASP G 34 2.28 -6.70 -37.67
C ASP G 34 3.00 -7.67 -38.58
N VAL G 35 2.45 -8.87 -38.68
CA VAL G 35 3.00 -9.95 -39.48
C VAL G 35 1.89 -10.50 -40.37
N HIS G 36 2.26 -10.86 -41.59
CA HIS G 36 1.32 -11.31 -42.60
C HIS G 36 1.87 -12.53 -43.28
N TRP G 37 0.97 -13.32 -43.86
CA TRP G 37 1.34 -14.58 -44.51
C TRP G 37 0.76 -14.63 -45.91
N TYR G 38 1.41 -15.41 -46.76
CA TYR G 38 1.04 -15.56 -48.16
C TYR G 38 1.29 -17.00 -48.57
N GLN G 39 0.37 -17.58 -49.32
CA GLN G 39 0.55 -18.91 -49.89
C GLN G 39 0.64 -18.82 -51.40
N GLN G 40 1.58 -19.55 -51.98
CA GLN G 40 1.85 -19.49 -53.42
C GLN G 40 1.90 -20.91 -53.95
N LEU G 41 0.89 -21.29 -54.72
CA LEU G 41 0.89 -22.59 -55.35
C LEU G 41 1.93 -22.65 -56.45
N PRO G 42 2.41 -23.84 -56.80
CA PRO G 42 3.41 -23.95 -57.86
C PRO G 42 2.88 -23.46 -59.20
N GLY G 43 3.45 -22.37 -59.70
CA GLY G 43 3.01 -21.79 -60.95
C GLY G 43 2.00 -20.67 -60.83
N THR G 44 1.79 -20.12 -59.64
CA THR G 44 0.81 -19.08 -59.40
C THR G 44 1.43 -17.97 -58.57
N ALA G 45 0.75 -16.83 -58.55
CA ALA G 45 1.20 -15.68 -57.79
C ALA G 45 0.85 -15.83 -56.31
N PRO G 46 1.54 -15.11 -55.44
CA PRO G 46 1.22 -15.17 -54.01
C PRO G 46 -0.20 -14.72 -53.75
N LYS G 47 -0.82 -15.35 -52.75
CA LYS G 47 -2.17 -15.01 -52.33
C LYS G 47 -2.18 -14.73 -50.84
N LEU G 48 -2.87 -13.66 -50.46
CA LEU G 48 -2.95 -13.28 -49.05
C LEU G 48 -3.65 -14.37 -48.25
N LEU G 49 -3.10 -14.68 -47.09
CA LEU G 49 -3.64 -15.70 -46.19
C LEU G 49 -4.04 -15.13 -44.84
N ILE G 50 -3.13 -14.39 -44.19
CA ILE G 50 -3.39 -13.75 -42.90
C ILE G 50 -2.82 -12.35 -42.97
N PHE G 51 -3.49 -11.38 -42.34
CA PHE G 51 -3.01 -10.01 -42.43
C PHE G 51 -2.85 -9.26 -41.10
N THR G 52 -3.26 -9.84 -39.97
CA THR G 52 -2.65 -9.39 -38.69
C THR G 52 -2.65 -10.57 -37.73
N TYR G 53 -1.63 -11.41 -37.89
CA TYR G 53 -1.26 -12.50 -37.00
C TYR G 53 -2.28 -13.64 -36.92
N SER G 54 -3.55 -13.39 -37.23
CA SER G 54 -4.53 -14.45 -37.25
C SER G 54 -5.66 -14.21 -38.25
N ASN G 55 -5.84 -12.96 -38.67
CA ASN G 55 -7.07 -12.60 -39.36
C ASN G 55 -7.16 -13.33 -40.69
N ARG G 56 -8.39 -13.61 -41.10
CA ARG G 56 -8.66 -14.47 -42.25
C ARG G 56 -9.43 -13.67 -43.29
N PRO G 57 -8.91 -13.51 -44.50
CA PRO G 57 -9.65 -12.79 -45.53
C PRO G 57 -10.71 -13.68 -46.17
N SER G 58 -11.55 -13.04 -46.98
CA SER G 58 -12.59 -13.78 -47.67
C SER G 58 -11.98 -14.84 -48.57
N GLY G 59 -12.51 -16.06 -48.48
CA GLY G 59 -12.08 -17.16 -49.32
C GLY G 59 -11.08 -18.10 -48.71
N VAL G 60 -10.76 -17.94 -47.43
CA VAL G 60 -9.80 -18.80 -46.74
C VAL G 60 -10.55 -19.60 -45.68
N PRO G 61 -10.33 -20.90 -45.57
CA PRO G 61 -11.03 -21.68 -44.55
C PRO G 61 -10.59 -21.30 -43.14
N ASP G 62 -11.49 -21.52 -42.19
CA ASP G 62 -11.22 -21.14 -40.81
C ASP G 62 -10.07 -21.93 -40.20
N ARG G 63 -9.66 -23.01 -40.85
CA ARG G 63 -8.57 -23.84 -40.33
C ARG G 63 -7.21 -23.16 -40.36
N PHE G 64 -7.13 -21.92 -40.84
CA PHE G 64 -5.89 -21.16 -40.83
C PHE G 64 -5.96 -20.10 -39.74
N SER G 65 -4.93 -20.05 -38.89
CA SER G 65 -4.86 -19.08 -37.82
C SER G 65 -3.40 -18.88 -37.44
N GLY G 66 -3.17 -17.95 -36.51
CA GLY G 66 -1.82 -17.70 -36.03
C GLY G 66 -1.86 -16.91 -34.74
N SER G 67 -0.68 -16.70 -34.18
CA SER G 67 -0.57 -16.02 -32.90
C SER G 67 0.80 -15.37 -32.79
N LYS G 68 0.92 -14.46 -31.83
CA LYS G 68 2.17 -13.76 -31.54
C LYS G 68 2.80 -14.36 -30.29
N SER G 69 4.06 -14.76 -30.40
CA SER G 69 4.78 -15.45 -29.34
C SER G 69 6.09 -14.74 -29.04
N GLY G 70 6.05 -13.43 -28.93
CA GLY G 70 7.24 -12.64 -28.69
C GLY G 70 7.88 -12.19 -29.98
N THR G 71 9.18 -12.45 -30.14
CA THR G 71 9.87 -12.11 -31.37
C THR G 71 9.72 -13.24 -32.37
N SER G 72 8.48 -13.68 -32.58
CA SER G 72 8.18 -14.77 -33.49
C SER G 72 6.68 -14.74 -33.76
N ALA G 73 6.29 -15.49 -34.80
CA ALA G 73 4.89 -15.66 -35.11
C ALA G 73 4.71 -17.04 -35.70
N SER G 74 3.51 -17.59 -35.55
CA SER G 74 3.23 -18.96 -35.91
C SER G 74 1.99 -19.03 -36.79
N LEU G 75 2.02 -19.95 -37.74
CA LEU G 75 0.87 -20.27 -38.58
C LEU G 75 0.46 -21.71 -38.30
N ALA G 76 -0.81 -21.89 -37.97
CA ALA G 76 -1.36 -23.20 -37.63
C ALA G 76 -2.35 -23.64 -38.69
N ILE G 77 -2.22 -24.88 -39.13
CA ILE G 77 -3.11 -25.47 -40.12
C ILE G 77 -3.77 -26.69 -39.50
N THR G 78 -5.09 -26.73 -39.53
CA THR G 78 -5.87 -27.84 -38.99
C THR G 78 -6.54 -28.57 -40.16
N GLY G 79 -6.43 -29.90 -40.16
CA GLY G 79 -7.00 -30.68 -41.23
C GLY G 79 -6.18 -30.58 -42.49
N LEU G 80 -4.95 -31.08 -42.42
CA LEU G 80 -4.02 -30.97 -43.55
C LEU G 80 -4.57 -31.68 -44.76
N GLN G 81 -4.52 -31.00 -45.91
CA GLN G 81 -4.97 -31.56 -47.19
C GLN G 81 -3.96 -31.20 -48.27
N ALA G 82 -4.24 -31.67 -49.49
CA ALA G 82 -3.37 -31.36 -50.61
C ALA G 82 -3.38 -29.87 -50.97
N GLU G 83 -4.44 -29.15 -50.60
CA GLU G 83 -4.47 -27.71 -50.86
C GLU G 83 -3.32 -27.01 -50.15
N ASP G 84 -2.78 -27.61 -49.09
CA ASP G 84 -1.73 -27.02 -48.29
C ASP G 84 -0.34 -27.43 -48.75
N GLU G 85 -0.19 -27.82 -50.01
CA GLU G 85 1.10 -28.20 -50.57
C GLU G 85 1.85 -26.99 -51.14
N ALA G 86 1.57 -25.80 -50.64
CA ALA G 86 2.11 -24.57 -51.20
C ALA G 86 3.37 -24.13 -50.46
N ASP G 87 3.88 -22.97 -50.84
CA ASP G 87 4.98 -22.30 -50.17
C ASP G 87 4.43 -21.10 -49.42
N TYR G 88 4.81 -20.98 -48.16
CA TYR G 88 4.29 -19.93 -47.29
C TYR G 88 5.41 -18.97 -46.92
N TYR G 89 5.09 -17.68 -46.93
CA TYR G 89 6.04 -16.60 -46.67
C TYR G 89 5.45 -15.68 -45.61
N CYS G 90 6.29 -15.20 -44.71
CA CYS G 90 5.91 -14.18 -43.75
C CYS G 90 6.48 -12.84 -44.16
N GLN G 91 5.80 -11.78 -43.74
CA GLN G 91 6.13 -10.42 -44.14
C GLN G 91 5.95 -9.49 -42.96
N SER G 92 6.74 -8.44 -42.92
CA SER G 92 6.72 -7.48 -41.83
C SER G 92 7.54 -6.27 -42.25
N TYR G 93 7.65 -5.29 -41.36
CA TYR G 93 8.41 -4.08 -41.58
C TYR G 93 9.59 -4.03 -40.62
N ASP G 94 10.75 -3.61 -41.14
CA ASP G 94 11.96 -3.49 -40.35
C ASP G 94 12.36 -2.03 -40.29
N SER G 95 12.52 -1.52 -39.07
CA SER G 95 12.86 -0.11 -38.88
C SER G 95 14.33 0.18 -39.19
N SER G 96 15.23 -0.76 -38.87
CA SER G 96 16.64 -0.54 -39.15
C SER G 96 16.89 -0.44 -40.64
N LEU G 97 16.62 -1.53 -41.37
CA LEU G 97 16.74 -1.51 -42.81
C LEU G 97 15.74 -0.56 -43.46
N ARG G 98 14.68 -0.20 -42.74
CA ARG G 98 13.69 0.76 -43.22
C ARG G 98 13.02 0.28 -44.50
N ILE G 99 12.69 -1.01 -44.56
CA ILE G 99 12.06 -1.61 -45.72
C ILE G 99 11.06 -2.66 -45.25
N TRP G 100 10.28 -3.16 -46.20
CA TRP G 100 9.40 -4.29 -45.98
C TRP G 100 10.09 -5.57 -46.42
N VAL G 101 10.09 -6.57 -45.56
CA VAL G 101 10.93 -7.75 -45.71
C VAL G 101 10.05 -8.99 -45.80
N PHE G 102 10.58 -10.00 -46.46
CA PHE G 102 9.97 -11.32 -46.56
C PHE G 102 10.89 -12.36 -45.96
N GLY G 103 10.34 -13.54 -45.70
CA GLY G 103 11.11 -14.64 -45.16
C GLY G 103 11.66 -15.55 -46.23
N GLY G 104 12.33 -16.60 -45.78
CA GLY G 104 12.92 -17.58 -46.67
C GLY G 104 11.96 -18.56 -47.26
N GLY G 105 10.71 -18.56 -46.83
CA GLY G 105 9.71 -19.47 -47.35
C GLY G 105 9.91 -20.89 -46.85
N THR G 106 8.81 -21.62 -46.69
CA THR G 106 8.87 -23.01 -46.27
C THR G 106 7.97 -23.83 -47.18
N LYS G 107 8.45 -25.00 -47.59
CA LYS G 107 7.74 -25.86 -48.52
C LYS G 107 6.99 -26.92 -47.71
N LEU G 108 5.70 -26.66 -47.48
CA LEU G 108 4.86 -27.62 -46.77
C LEU G 108 4.55 -28.80 -47.68
N THR G 109 4.69 -30.01 -47.15
CA THR G 109 4.43 -31.23 -47.89
C THR G 109 3.58 -32.16 -47.06
N VAL G 110 2.84 -33.04 -47.74
CA VAL G 110 1.95 -34.00 -47.12
C VAL G 110 2.45 -35.41 -47.41
N LEU G 111 2.43 -36.26 -46.39
CA LEU G 111 2.90 -37.63 -46.52
C LEU G 111 1.77 -38.54 -47.03
N GLY G 112 1.38 -38.30 -48.27
CA GLY G 112 0.34 -39.09 -48.90
C GLY G 112 0.85 -40.42 -49.44
N GLN H 1 -51.33 -35.41 -6.27
CA GLN H 1 -50.23 -34.43 -6.46
C GLN H 1 -50.16 -33.99 -7.92
N VAL H 2 -49.08 -33.30 -8.28
CA VAL H 2 -48.90 -32.82 -9.64
C VAL H 2 -48.59 -34.00 -10.55
N THR H 3 -49.34 -34.12 -11.64
CA THR H 3 -49.19 -35.21 -12.58
C THR H 3 -49.38 -34.70 -13.99
N LEU H 4 -48.83 -35.45 -14.95
CA LEU H 4 -48.93 -35.11 -16.36
C LEU H 4 -49.26 -36.37 -17.15
N ARG H 5 -50.09 -36.20 -18.18
CA ARG H 5 -50.48 -37.30 -19.05
C ARG H 5 -50.32 -36.88 -20.50
N GLU H 6 -49.77 -37.76 -21.31
CA GLU H 6 -49.59 -37.52 -22.74
C GLU H 6 -50.61 -38.33 -23.54
N SER H 7 -50.97 -37.82 -24.70
CA SER H 7 -51.92 -38.48 -25.57
C SER H 7 -51.63 -38.07 -27.01
N GLY H 8 -51.90 -38.99 -27.93
CA GLY H 8 -51.74 -38.73 -29.34
C GLY H 8 -51.59 -40.00 -30.15
N PRO H 9 -51.55 -39.85 -31.48
CA PRO H 9 -51.43 -41.02 -32.34
C PRO H 9 -50.09 -41.71 -32.17
N ALA H 10 -50.13 -43.04 -32.07
CA ALA H 10 -48.91 -43.83 -31.96
C ALA H 10 -48.27 -44.12 -33.31
N LEU H 11 -48.97 -43.85 -34.41
CA LEU H 11 -48.44 -44.09 -35.74
C LEU H 11 -48.85 -42.95 -36.65
N VAL H 12 -47.89 -42.38 -37.37
CA VAL H 12 -48.12 -41.28 -38.29
C VAL H 12 -47.28 -41.51 -39.53
N LYS H 13 -47.88 -41.29 -40.70
CA LYS H 13 -47.18 -41.50 -41.95
C LYS H 13 -46.20 -40.38 -42.22
N PRO H 14 -45.16 -40.64 -43.01
CA PRO H 14 -44.15 -39.61 -43.26
C PRO H 14 -44.76 -38.40 -43.96
N THR H 15 -44.04 -37.28 -43.85
CA THR H 15 -44.41 -35.97 -44.38
C THR H 15 -45.78 -35.50 -43.91
N GLN H 16 -46.34 -36.14 -42.88
CA GLN H 16 -47.60 -35.70 -42.31
C GLN H 16 -47.34 -34.79 -41.13
N THR H 17 -48.40 -34.40 -40.44
CA THR H 17 -48.32 -33.51 -39.28
C THR H 17 -48.74 -34.29 -38.04
N LEU H 18 -47.84 -34.34 -37.06
CA LEU H 18 -48.11 -34.97 -35.78
C LEU H 18 -48.70 -33.95 -34.82
N THR H 19 -49.62 -34.41 -33.98
CA THR H 19 -50.24 -33.59 -32.95
C THR H 19 -50.27 -34.36 -31.65
N LEU H 20 -49.85 -33.71 -30.57
CA LEU H 20 -49.84 -34.31 -29.24
C LEU H 20 -50.45 -33.32 -28.26
N THR H 21 -51.09 -33.87 -27.24
CA THR H 21 -51.73 -33.05 -26.20
C THR H 21 -51.38 -33.63 -24.84
N CYS H 22 -51.13 -32.73 -23.88
CA CYS H 22 -50.86 -33.12 -22.51
C CYS H 22 -51.88 -32.49 -21.59
N THR H 23 -52.14 -33.18 -20.47
CA THR H 23 -53.08 -32.72 -19.46
C THR H 23 -52.37 -32.76 -18.12
N PHE H 24 -52.34 -31.63 -17.43
CA PHE H 24 -51.64 -31.51 -16.16
C PHE H 24 -52.58 -31.06 -15.06
N SER H 25 -52.31 -31.53 -13.85
CA SER H 25 -53.11 -31.21 -12.67
C SER H 25 -52.19 -30.82 -11.53
N GLY H 26 -52.74 -30.07 -10.59
CA GLY H 26 -52.00 -29.60 -9.44
C GLY H 26 -51.34 -28.25 -9.60
N PHE H 27 -51.29 -27.71 -10.82
CA PHE H 27 -50.72 -26.40 -11.05
C PHE H 27 -51.31 -25.84 -12.33
N SER H 28 -51.17 -24.53 -12.50
CA SER H 28 -51.66 -23.82 -13.66
C SER H 28 -50.53 -23.06 -14.33
N LEU H 29 -50.68 -22.81 -15.64
CA LEU H 29 -49.74 -22.00 -16.38
C LEU H 29 -50.02 -20.51 -16.23
N SER H 30 -50.80 -20.12 -15.22
CA SER H 30 -51.00 -18.73 -14.89
C SER H 30 -50.13 -18.28 -13.73
N THR H 31 -49.61 -19.21 -12.93
CA THR H 31 -48.73 -18.85 -11.83
C THR H 31 -47.33 -18.54 -12.35
N ASN H 32 -46.80 -17.39 -11.96
CA ASN H 32 -45.48 -16.99 -12.40
C ASN H 32 -44.45 -18.01 -11.96
N GLY H 33 -43.54 -18.35 -12.88
CA GLY H 33 -42.52 -19.35 -12.62
C GLY H 33 -42.87 -20.74 -13.07
N MET H 34 -44.11 -20.96 -13.51
CA MET H 34 -44.55 -22.28 -13.96
C MET H 34 -44.51 -22.33 -15.48
N CYS H 35 -43.93 -23.41 -16.00
CA CYS H 35 -43.77 -23.57 -17.44
C CYS H 35 -43.87 -25.05 -17.78
N VAL H 36 -44.12 -25.33 -19.06
CA VAL H 36 -44.22 -26.70 -19.57
C VAL H 36 -43.31 -26.83 -20.78
N SER H 37 -42.63 -27.96 -20.89
CA SER H 37 -41.69 -28.20 -21.97
C SER H 37 -41.88 -29.60 -22.51
N TRP H 38 -41.47 -29.78 -23.77
CA TRP H 38 -41.55 -31.06 -24.46
C TRP H 38 -40.16 -31.57 -24.74
N ILE H 39 -39.94 -32.86 -24.49
CA ILE H 39 -38.66 -33.53 -24.70
C ILE H 39 -38.95 -34.83 -25.44
N ARG H 40 -37.92 -35.36 -26.08
CA ARG H 40 -38.04 -36.63 -26.76
C ARG H 40 -36.76 -37.44 -26.59
N GLN H 41 -36.89 -38.74 -26.74
CA GLN H 41 -35.77 -39.67 -26.54
C GLN H 41 -35.88 -40.78 -27.57
N PRO H 42 -35.15 -40.70 -28.67
CA PRO H 42 -35.14 -41.79 -29.63
C PRO H 42 -34.61 -43.06 -28.98
N PRO H 43 -35.06 -44.23 -29.42
CA PRO H 43 -34.57 -45.49 -28.83
C PRO H 43 -33.06 -45.57 -28.79
N GLY H 44 -32.52 -45.87 -27.61
CA GLY H 44 -31.09 -45.97 -27.46
C GLY H 44 -30.33 -44.70 -27.76
N LYS H 45 -30.89 -43.55 -27.41
CA LYS H 45 -30.25 -42.27 -27.67
C LYS H 45 -30.58 -41.30 -26.54
N ALA H 46 -29.84 -40.20 -26.49
CA ALA H 46 -29.97 -39.24 -25.42
C ALA H 46 -31.20 -38.37 -25.62
N LEU H 47 -31.58 -37.69 -24.55
CA LEU H 47 -32.73 -36.80 -24.59
C LEU H 47 -32.43 -35.59 -25.46
N GLU H 48 -33.49 -35.00 -26.02
CA GLU H 48 -33.38 -33.84 -26.87
C GLU H 48 -34.55 -32.91 -26.59
N TRP H 49 -34.25 -31.69 -26.20
CA TRP H 49 -35.25 -30.69 -25.94
C TRP H 49 -35.87 -30.20 -27.24
N LEU H 50 -37.18 -29.97 -27.23
CA LEU H 50 -37.91 -29.54 -28.41
C LEU H 50 -38.49 -28.14 -28.26
N ALA H 51 -39.30 -27.91 -27.23
CA ALA H 51 -40.01 -26.64 -27.12
C ALA H 51 -40.36 -26.39 -25.66
N LEU H 52 -40.96 -25.23 -25.43
CA LEU H 52 -41.27 -24.78 -24.08
C LEU H 52 -42.18 -23.57 -24.18
N ILE H 53 -43.17 -23.50 -23.29
CA ILE H 53 -44.06 -22.36 -23.20
C ILE H 53 -44.25 -22.02 -21.73
N ASP H 54 -44.42 -20.74 -21.45
CA ASP H 54 -44.44 -20.23 -20.09
C ASP H 54 -45.76 -19.53 -19.80
N TRP H 55 -45.83 -18.91 -18.62
CA TRP H 55 -47.05 -18.27 -18.17
C TRP H 55 -47.41 -17.07 -19.04
N ASP H 56 -46.42 -16.29 -19.47
CA ASP H 56 -46.67 -15.12 -20.30
C ASP H 56 -46.93 -15.48 -21.75
N ASP H 57 -46.96 -16.78 -22.09
CA ASP H 57 -47.25 -17.31 -23.41
C ASP H 57 -46.03 -17.25 -24.33
N ASP H 58 -44.90 -16.74 -23.86
CA ASP H 58 -43.68 -16.76 -24.67
C ASP H 58 -43.29 -18.20 -24.97
N LYS H 59 -42.87 -18.44 -26.20
CA LYS H 59 -42.60 -19.79 -26.68
C LYS H 59 -41.16 -19.90 -27.16
N TYR H 60 -40.57 -21.08 -26.95
CA TYR H 60 -39.19 -21.35 -27.30
C TYR H 60 -39.14 -22.65 -28.08
N TYR H 61 -38.30 -22.68 -29.11
CA TYR H 61 -38.16 -23.85 -29.95
C TYR H 61 -36.69 -24.12 -30.21
N SER H 62 -36.37 -25.38 -30.48
CA SER H 62 -35.03 -25.74 -30.89
C SER H 62 -34.71 -25.13 -32.25
N THR H 63 -33.50 -24.61 -32.38
CA THR H 63 -33.10 -23.96 -33.63
C THR H 63 -33.09 -24.95 -34.78
N SER H 64 -32.62 -26.18 -34.53
CA SER H 64 -32.57 -27.20 -35.58
C SER H 64 -33.95 -27.56 -36.11
N LEU H 65 -35.01 -27.29 -35.35
CA LEU H 65 -36.35 -27.69 -35.74
C LEU H 65 -37.37 -26.57 -35.53
N LYS H 66 -36.93 -25.31 -35.52
CA LYS H 66 -37.84 -24.22 -35.16
C LYS H 66 -38.99 -24.09 -36.14
N THR H 67 -38.70 -24.21 -37.43
CA THR H 67 -39.73 -24.01 -38.44
C THR H 67 -40.82 -25.06 -38.36
N ARG H 68 -40.48 -26.27 -37.94
CA ARG H 68 -41.41 -27.39 -37.92
C ARG H 68 -42.29 -27.43 -36.69
N LEU H 69 -42.00 -26.63 -35.67
CA LEU H 69 -42.62 -26.76 -34.37
C LEU H 69 -43.47 -25.54 -34.04
N THR H 70 -44.62 -25.79 -33.43
CA THR H 70 -45.45 -24.75 -32.86
C THR H 70 -46.16 -25.32 -31.64
N ILE H 71 -46.38 -24.47 -30.64
CA ILE H 71 -46.95 -24.90 -29.37
C ILE H 71 -47.96 -23.86 -28.92
N SER H 72 -48.91 -24.29 -28.11
CA SER H 72 -49.92 -23.39 -27.55
C SER H 72 -50.43 -23.99 -26.24
N LYS H 73 -51.07 -23.13 -25.45
CA LYS H 73 -51.59 -23.54 -24.15
C LYS H 73 -53.02 -23.04 -23.99
N ASN H 74 -53.76 -23.72 -23.11
CA ASN H 74 -55.12 -23.37 -22.76
C ASN H 74 -55.24 -23.45 -21.24
N THR H 75 -55.16 -22.30 -20.57
CA THR H 75 -55.19 -22.29 -19.12
C THR H 75 -56.50 -22.84 -18.58
N SER H 76 -57.62 -22.43 -19.19
CA SER H 76 -58.93 -22.83 -18.70
C SER H 76 -59.16 -24.33 -18.81
N LYS H 77 -58.34 -25.05 -19.57
CA LYS H 77 -58.49 -26.49 -19.73
C LYS H 77 -57.26 -27.26 -19.30
N ASN H 78 -56.21 -26.58 -18.86
CA ASN H 78 -54.99 -27.23 -18.38
C ASN H 78 -54.47 -28.25 -19.40
N GLN H 79 -54.35 -27.77 -20.64
CA GLN H 79 -53.83 -28.59 -21.73
C GLN H 79 -52.87 -27.76 -22.56
N VAL H 80 -51.88 -28.44 -23.13
CA VAL H 80 -50.89 -27.83 -24.00
C VAL H 80 -50.72 -28.73 -25.22
N VAL H 81 -50.67 -28.12 -26.40
CA VAL H 81 -50.70 -28.84 -27.66
C VAL H 81 -49.39 -28.58 -28.40
N LEU H 82 -48.77 -29.65 -28.88
CA LEU H 82 -47.60 -29.58 -29.74
C LEU H 82 -47.99 -30.00 -31.15
N THR H 83 -47.35 -29.40 -32.15
CA THR H 83 -47.61 -29.71 -33.54
C THR H 83 -46.30 -29.68 -34.31
N MET H 84 -45.91 -30.83 -34.85
CA MET H 84 -44.72 -30.96 -35.68
C MET H 84 -45.14 -31.29 -37.10
N THR H 85 -44.52 -30.62 -38.07
CA THR H 85 -44.84 -30.80 -39.47
C THR H 85 -43.67 -31.44 -40.21
N ASN H 86 -43.98 -32.06 -41.34
CA ASN H 86 -42.99 -32.69 -42.20
C ASN H 86 -42.21 -33.75 -41.42
N MET H 87 -42.94 -34.78 -40.97
CA MET H 87 -42.37 -35.83 -40.16
C MET H 87 -41.38 -36.66 -40.98
N ASP H 88 -40.49 -37.35 -40.26
CA ASP H 88 -39.44 -38.14 -40.85
C ASP H 88 -39.24 -39.39 -40.00
N PRO H 89 -38.79 -40.50 -40.58
CA PRO H 89 -38.58 -41.71 -39.77
C PRO H 89 -37.62 -41.51 -38.60
N VAL H 90 -36.64 -40.61 -38.73
CA VAL H 90 -35.70 -40.39 -37.63
C VAL H 90 -36.39 -39.85 -36.40
N ASP H 91 -37.55 -39.21 -36.55
CA ASP H 91 -38.26 -38.60 -35.44
C ASP H 91 -39.03 -39.60 -34.59
N THR H 92 -39.01 -40.88 -34.93
CA THR H 92 -39.67 -41.89 -34.13
C THR H 92 -39.02 -41.95 -32.76
N ALA H 93 -39.72 -41.44 -31.74
CA ALA H 93 -39.17 -41.38 -30.41
C ALA H 93 -40.30 -41.18 -29.41
N THR H 94 -39.97 -41.41 -28.14
CA THR H 94 -40.91 -41.21 -27.04
C THR H 94 -40.88 -39.75 -26.62
N TYR H 95 -42.06 -39.18 -26.41
CA TYR H 95 -42.20 -37.76 -26.08
C TYR H 95 -42.73 -37.63 -24.66
N TYR H 96 -42.02 -36.88 -23.83
CA TYR H 96 -42.40 -36.64 -22.45
C TYR H 96 -42.77 -35.17 -22.29
N CYS H 97 -43.86 -34.92 -21.56
CA CYS H 97 -44.23 -33.58 -21.13
C CYS H 97 -43.83 -33.41 -19.67
N ALA H 98 -43.18 -32.29 -19.36
CA ALA H 98 -42.63 -32.08 -18.04
C ALA H 98 -42.87 -30.65 -17.60
N ARG H 99 -43.16 -30.47 -16.32
CA ARG H 99 -43.24 -29.14 -15.73
C ARG H 99 -41.83 -28.57 -15.58
N THR H 100 -41.76 -27.24 -15.53
CA THR H 100 -40.48 -26.55 -15.56
C THR H 100 -40.53 -25.33 -14.67
N TYR H 101 -39.51 -25.16 -13.83
CA TYR H 101 -39.39 -23.99 -12.98
C TYR H 101 -38.55 -22.93 -13.67
N TYR H 102 -38.94 -21.67 -13.51
CA TYR H 102 -38.16 -20.56 -14.04
C TYR H 102 -37.18 -20.06 -13.00
N ASN H 103 -35.91 -19.97 -13.40
CA ASN H 103 -34.85 -19.44 -12.54
C ASN H 103 -34.59 -17.98 -12.89
N SER H 104 -34.04 -17.25 -11.92
CA SER H 104 -33.38 -16.00 -12.26
C SER H 104 -32.22 -16.27 -13.20
N ASN H 105 -31.51 -17.37 -12.97
CA ASN H 105 -30.64 -17.94 -13.98
C ASN H 105 -31.49 -18.40 -15.16
N TRP H 106 -30.83 -18.81 -16.24
CA TRP H 106 -31.52 -19.29 -17.43
C TRP H 106 -31.45 -20.80 -17.58
N SER H 107 -30.97 -21.52 -16.56
CA SER H 107 -30.83 -22.97 -16.63
C SER H 107 -31.98 -23.60 -15.83
N HIS H 108 -33.11 -23.74 -16.50
CA HIS H 108 -34.30 -24.32 -15.88
C HIS H 108 -34.16 -25.84 -15.79
N TRP H 109 -34.94 -26.43 -14.88
CA TRP H 109 -34.96 -27.88 -14.70
C TRP H 109 -36.41 -28.35 -14.66
N PHE H 110 -36.61 -29.58 -15.13
CA PHE H 110 -37.94 -30.18 -15.24
C PHE H 110 -38.07 -31.24 -14.15
N ASP H 111 -38.77 -30.91 -13.05
CA ASP H 111 -38.84 -31.83 -11.92
C ASP H 111 -39.76 -33.00 -12.20
N PRO H 112 -41.06 -32.81 -12.43
CA PRO H 112 -41.92 -33.94 -12.76
C PRO H 112 -41.96 -34.25 -14.24
N TRP H 113 -42.13 -35.53 -14.54
CA TRP H 113 -42.19 -36.03 -15.90
C TRP H 113 -43.43 -36.88 -16.10
N GLY H 114 -43.96 -36.85 -17.32
CA GLY H 114 -45.09 -37.69 -17.66
C GLY H 114 -44.67 -39.11 -17.98
N GLN H 115 -45.69 -39.94 -18.21
CA GLN H 115 -45.42 -41.35 -18.50
C GLN H 115 -44.62 -41.51 -19.79
N GLY H 116 -44.92 -40.71 -20.80
CA GLY H 116 -44.24 -40.83 -22.08
C GLY H 116 -45.07 -41.57 -23.10
N THR H 117 -45.44 -40.89 -24.19
CA THR H 117 -46.21 -41.49 -25.27
C THR H 117 -45.29 -41.74 -26.44
N LEU H 118 -45.24 -42.99 -26.88
CA LEU H 118 -44.36 -43.37 -28.00
C LEU H 118 -45.01 -42.98 -29.32
N VAL H 119 -44.17 -42.56 -30.27
CA VAL H 119 -44.60 -42.17 -31.60
C VAL H 119 -43.72 -42.86 -32.62
N THR H 120 -44.34 -43.47 -33.63
CA THR H 120 -43.64 -44.13 -34.71
C THR H 120 -44.02 -43.49 -36.02
N VAL H 121 -43.04 -43.32 -36.90
CA VAL H 121 -43.22 -42.65 -38.18
C VAL H 121 -42.94 -43.67 -39.27
N SER H 122 -44.00 -44.15 -39.91
CA SER H 122 -43.88 -45.08 -41.03
C SER H 122 -45.24 -45.34 -41.65
N GLN I 1 -10.35 -32.63 52.46
CA GLN I 1 -10.50 -31.89 51.18
C GLN I 1 -11.83 -32.22 50.53
N VAL I 2 -11.99 -31.80 49.26
CA VAL I 2 -13.23 -32.05 48.54
C VAL I 2 -13.32 -33.53 48.20
N THR I 3 -14.45 -34.14 48.54
CA THR I 3 -14.67 -35.55 48.31
C THR I 3 -16.12 -35.79 47.91
N LEU I 4 -16.35 -36.91 47.25
CA LEU I 4 -17.68 -37.30 46.78
C LEU I 4 -17.91 -38.77 47.08
N ARG I 5 -19.13 -39.10 47.45
CA ARG I 5 -19.52 -40.47 47.76
C ARG I 5 -20.81 -40.81 47.04
N GLU I 6 -20.87 -41.99 46.44
CA GLU I 6 -22.05 -42.46 45.75
C GLU I 6 -22.74 -43.54 46.58
N SER I 7 -24.06 -43.63 46.41
CA SER I 7 -24.85 -44.62 47.12
C SER I 7 -26.08 -44.96 46.29
N GLY I 8 -26.53 -46.20 46.42
CA GLY I 8 -27.72 -46.65 45.74
C GLY I 8 -27.76 -48.15 45.60
N PRO I 9 -28.88 -48.67 45.08
CA PRO I 9 -29.03 -50.12 44.94
C PRO I 9 -28.06 -50.68 43.91
N ALA I 10 -27.41 -51.78 44.27
CA ALA I 10 -26.50 -52.46 43.36
C ALA I 10 -27.21 -53.38 42.38
N LEU I 11 -28.49 -53.66 42.59
CA LEU I 11 -29.25 -54.52 41.70
C LEU I 11 -30.65 -53.95 41.53
N VAL I 12 -31.08 -53.83 40.28
CA VAL I 12 -32.39 -53.30 39.94
C VAL I 12 -32.97 -54.13 38.81
N LYS I 13 -34.24 -54.47 38.91
CA LYS I 13 -34.88 -55.29 37.90
C LYS I 13 -35.19 -54.46 36.66
N PRO I 14 -35.30 -55.10 35.50
CA PRO I 14 -35.56 -54.34 34.27
C PRO I 14 -36.88 -53.60 34.32
N THR I 15 -36.98 -52.59 33.47
CA THR I 15 -38.13 -51.70 33.34
C THR I 15 -38.50 -51.02 34.65
N GLN I 16 -37.62 -51.07 35.65
CA GLN I 16 -37.85 -50.38 36.91
C GLN I 16 -37.18 -49.01 36.87
N THR I 17 -37.23 -48.30 38.00
CA THR I 17 -36.64 -46.98 38.13
C THR I 17 -35.47 -47.04 39.09
N LEU I 18 -34.29 -46.65 38.61
CA LEU I 18 -33.10 -46.58 39.43
C LEU I 18 -33.00 -45.20 40.08
N THR I 19 -32.49 -45.17 41.31
CA THR I 19 -32.26 -43.93 42.04
C THR I 19 -30.89 -43.98 42.67
N LEU I 20 -30.12 -42.91 42.51
CA LEU I 20 -28.79 -42.78 43.08
C LEU I 20 -28.67 -41.43 43.76
N THR I 21 -27.86 -41.40 44.81
CA THR I 21 -27.63 -40.18 45.57
C THR I 21 -26.14 -40.03 45.83
N CYS I 22 -25.66 -38.79 45.75
CA CYS I 22 -24.28 -38.47 46.03
C CYS I 22 -24.21 -37.44 47.15
N THR I 23 -23.11 -37.50 47.91
CA THR I 23 -22.87 -36.58 49.01
C THR I 23 -21.49 -36.00 48.82
N PHE I 24 -21.40 -34.67 48.80
CA PHE I 24 -20.16 -33.97 48.56
C PHE I 24 -19.84 -33.03 49.69
N SER I 25 -18.55 -32.86 49.95
CA SER I 25 -18.06 -32.00 51.02
C SER I 25 -16.93 -31.12 50.47
N GLY I 26 -16.72 -29.99 51.13
CA GLY I 26 -15.69 -29.05 50.75
C GLY I 26 -16.15 -27.97 49.81
N PHE I 27 -17.35 -28.08 49.23
CA PHE I 27 -17.87 -27.06 48.35
C PHE I 27 -19.39 -27.17 48.33
N SER I 28 -20.03 -26.11 47.86
CA SER I 28 -21.48 -26.05 47.77
C SER I 28 -21.89 -25.73 46.34
N LEU I 29 -23.11 -26.14 45.99
CA LEU I 29 -23.70 -25.81 44.70
C LEU I 29 -24.33 -24.42 44.68
N SER I 30 -24.00 -23.58 45.66
CA SER I 30 -24.40 -22.19 45.66
C SER I 30 -23.31 -21.26 45.15
N THR I 31 -22.06 -21.70 45.14
CA THR I 31 -20.96 -20.89 44.64
C THR I 31 -20.98 -20.90 43.11
N ASN I 32 -20.93 -19.71 42.51
CA ASN I 32 -20.95 -19.62 41.06
C ASN I 32 -19.73 -20.34 40.48
N GLY I 33 -19.95 -21.10 39.42
CA GLY I 33 -18.92 -21.87 38.78
C GLY I 33 -18.80 -23.30 39.26
N MET I 34 -19.56 -23.68 40.28
CA MET I 34 -19.54 -25.03 40.82
C MET I 34 -20.73 -25.81 40.28
N CYS I 35 -20.45 -27.02 39.80
CA CYS I 35 -21.48 -27.86 39.21
C CYS I 35 -21.16 -29.32 39.50
N VAL I 36 -22.16 -30.17 39.35
CA VAL I 36 -22.03 -31.61 39.57
C VAL I 36 -22.58 -32.33 38.36
N SER I 37 -21.91 -33.39 37.93
CA SER I 37 -22.30 -34.15 36.76
C SER I 37 -22.21 -35.64 37.05
N TRP I 38 -22.99 -36.42 36.29
CA TRP I 38 -23.02 -37.86 36.40
C TRP I 38 -22.46 -38.48 35.14
N ILE I 39 -21.62 -39.50 35.31
CA ILE I 39 -20.99 -40.22 34.21
C ILE I 39 -21.14 -41.71 34.50
N ARG I 40 -21.01 -42.51 33.46
CA ARG I 40 -21.07 -43.95 33.61
C ARG I 40 -20.07 -44.60 32.67
N GLN I 41 -19.67 -45.82 33.02
CA GLN I 41 -18.67 -46.56 32.26
C GLN I 41 -19.05 -48.03 32.25
N PRO I 42 -19.70 -48.50 31.19
CA PRO I 42 -19.98 -49.92 31.10
C PRO I 42 -18.70 -50.73 31.10
N PRO I 43 -18.74 -51.96 31.62
CA PRO I 43 -17.53 -52.79 31.64
C PRO I 43 -16.84 -52.88 30.29
N GLY I 44 -15.54 -52.59 30.25
CA GLY I 44 -14.80 -52.65 29.01
C GLY I 44 -15.30 -51.71 27.94
N LYS I 45 -15.73 -50.51 28.33
CA LYS I 45 -16.24 -49.53 27.39
C LYS I 45 -15.87 -48.13 27.86
N ALA I 46 -16.02 -47.17 26.95
CA ALA I 46 -15.62 -45.81 27.24
C ALA I 46 -16.66 -45.11 28.11
N LEU I 47 -16.23 -43.97 28.67
CA LEU I 47 -17.12 -43.19 29.52
C LEU I 47 -18.22 -42.56 28.69
N GLU I 48 -19.34 -42.29 29.35
CA GLU I 48 -20.50 -41.69 28.71
C GLU I 48 -21.14 -40.71 29.68
N TRP I 49 -21.23 -39.46 29.26
CA TRP I 49 -21.86 -38.42 30.07
C TRP I 49 -23.37 -38.61 30.08
N LEU I 50 -23.98 -38.36 31.24
CA LEU I 50 -25.42 -38.54 31.40
C LEU I 50 -26.13 -37.22 31.68
N ALA I 51 -25.73 -36.50 32.74
CA ALA I 51 -26.47 -35.32 33.15
C ALA I 51 -25.54 -34.39 33.91
N LEU I 52 -26.08 -33.23 34.28
CA LEU I 52 -25.33 -32.18 34.92
C LEU I 52 -26.29 -31.14 35.47
N ILE I 53 -25.99 -30.64 36.66
CA ILE I 53 -26.77 -29.58 37.27
C ILE I 53 -25.81 -28.56 37.87
N ASP I 54 -26.21 -27.30 37.83
CA ASP I 54 -25.33 -26.20 38.20
C ASP I 54 -25.94 -25.41 39.36
N TRP I 55 -25.28 -24.29 39.69
CA TRP I 55 -25.68 -23.49 40.83
C TRP I 55 -27.04 -22.84 40.60
N ASP I 56 -27.33 -22.39 39.39
CA ASP I 56 -28.60 -21.77 39.09
C ASP I 56 -29.73 -22.77 38.91
N ASP I 57 -29.46 -24.06 39.09
CA ASP I 57 -30.40 -25.17 39.03
C ASP I 57 -30.68 -25.59 37.59
N ASP I 58 -30.08 -24.94 36.60
CA ASP I 58 -30.24 -25.39 35.22
C ASP I 58 -29.69 -26.80 35.06
N LYS I 59 -30.41 -27.62 34.31
CA LYS I 59 -30.11 -29.04 34.19
C LYS I 59 -29.87 -29.40 32.74
N TYR I 60 -28.97 -30.35 32.52
CA TYR I 60 -28.57 -30.80 31.20
C TYR I 60 -28.62 -32.31 31.17
N TYR I 61 -29.10 -32.86 30.06
CA TYR I 61 -29.22 -34.30 29.90
C TYR I 61 -28.73 -34.69 28.52
N SER I 62 -28.27 -35.94 28.41
CA SER I 62 -27.90 -36.48 27.12
C SER I 62 -29.14 -36.61 26.24
N THR I 63 -28.99 -36.25 24.96
CA THR I 63 -30.12 -36.30 24.04
C THR I 63 -30.61 -37.73 23.86
N SER I 64 -29.70 -38.69 23.78
CA SER I 64 -30.08 -40.08 23.59
C SER I 64 -30.90 -40.63 24.75
N LEU I 65 -30.83 -40.00 25.92
CA LEU I 65 -31.51 -40.50 27.11
C LEU I 65 -32.24 -39.39 27.88
N LYS I 66 -32.59 -38.30 27.21
CA LYS I 66 -33.14 -37.14 27.92
C LYS I 66 -34.44 -37.47 28.61
N THR I 67 -35.32 -38.21 27.93
CA THR I 67 -36.65 -38.48 28.49
C THR I 67 -36.56 -39.34 29.74
N ARG I 68 -35.55 -40.21 29.83
CA ARG I 68 -35.44 -41.15 30.94
C ARG I 68 -34.76 -40.57 32.16
N LEU I 69 -34.17 -39.38 32.07
CA LEU I 69 -33.31 -38.85 33.12
C LEU I 69 -33.92 -37.60 33.74
N THR I 70 -33.77 -37.50 35.06
CA THR I 70 -34.10 -36.28 35.79
C THR I 70 -33.15 -36.17 36.96
N ILE I 71 -32.80 -34.94 37.33
CA ILE I 71 -31.82 -34.69 38.37
C ILE I 71 -32.30 -33.53 39.22
N SER I 72 -31.84 -33.49 40.47
CA SER I 72 -32.18 -32.41 41.38
C SER I 72 -31.08 -32.29 42.42
N LYS I 73 -31.06 -31.14 43.09
CA LYS I 73 -30.05 -30.86 44.09
C LYS I 73 -30.69 -30.30 45.36
N ASN I 74 -29.99 -30.46 46.47
CA ASN I 74 -30.41 -29.94 47.77
C ASN I 74 -29.19 -29.27 48.40
N THR I 75 -29.11 -27.95 48.31
CA THR I 75 -27.95 -27.23 48.82
C THR I 75 -27.81 -27.41 50.32
N SER I 76 -28.93 -27.33 51.05
CA SER I 76 -28.88 -27.41 52.51
C SER I 76 -28.40 -28.76 53.01
N LYS I 77 -28.40 -29.78 52.16
CA LYS I 77 -27.96 -31.12 52.54
C LYS I 77 -26.78 -31.62 51.73
N ASN I 78 -26.30 -30.84 50.77
CA ASN I 78 -25.14 -31.21 49.96
C ASN I 78 -25.32 -32.61 49.35
N GLN I 79 -26.48 -32.80 48.72
CA GLN I 79 -26.80 -34.04 48.05
C GLN I 79 -27.44 -33.75 46.71
N VAL I 80 -27.21 -34.65 45.76
CA VAL I 80 -27.79 -34.56 44.42
C VAL I 80 -28.31 -35.94 44.05
N VAL I 81 -29.51 -35.98 43.49
CA VAL I 81 -30.22 -37.22 43.23
C VAL I 81 -30.41 -37.39 41.73
N LEU I 82 -30.09 -38.57 41.22
CA LEU I 82 -30.35 -38.95 39.85
C LEU I 82 -31.46 -39.99 39.82
N THR I 83 -32.27 -39.95 38.76
CA THR I 83 -33.36 -40.90 38.60
C THR I 83 -33.47 -41.28 37.13
N MET I 84 -33.26 -42.55 36.84
CA MET I 84 -33.39 -43.09 35.49
C MET I 84 -34.57 -44.06 35.47
N THR I 85 -35.39 -43.96 34.42
CA THR I 85 -36.58 -44.79 34.29
C THR I 85 -36.43 -45.73 33.10
N ASN I 86 -37.20 -46.81 33.14
CA ASN I 86 -37.21 -47.81 32.07
C ASN I 86 -35.81 -48.39 31.86
N MET I 87 -35.31 -49.05 32.89
CA MET I 87 -33.97 -49.59 32.87
C MET I 87 -33.87 -50.74 31.87
N ASP I 88 -32.64 -51.03 31.45
CA ASP I 88 -32.35 -52.03 30.45
C ASP I 88 -31.05 -52.71 30.83
N PRO I 89 -30.85 -53.98 30.46
CA PRO I 89 -29.58 -54.65 30.80
C PRO I 89 -28.35 -53.93 30.28
N VAL I 90 -28.44 -53.24 29.14
CA VAL I 90 -27.29 -52.54 28.60
C VAL I 90 -26.79 -51.46 29.54
N ASP I 91 -27.66 -50.95 30.41
CA ASP I 91 -27.31 -49.84 31.30
C ASP I 91 -26.51 -50.29 32.51
N THR I 92 -26.21 -51.58 32.64
CA THR I 92 -25.40 -52.06 33.75
C THR I 92 -24.00 -51.47 33.63
N ALA I 93 -23.69 -50.52 34.50
CA ALA I 93 -22.40 -49.83 34.43
C ALA I 93 -22.14 -49.14 35.77
N THR I 94 -20.88 -48.75 35.95
CA THR I 94 -20.46 -48.01 37.13
C THR I 94 -20.73 -46.53 36.94
N TYR I 95 -21.28 -45.89 37.96
CA TYR I 95 -21.68 -44.49 37.90
C TYR I 95 -20.81 -43.69 38.83
N TYR I 96 -20.18 -42.64 38.30
CA TYR I 96 -19.33 -41.75 39.07
C TYR I 96 -19.98 -40.37 39.15
N CYS I 97 -19.94 -39.79 40.34
CA CYS I 97 -20.32 -38.40 40.53
C CYS I 97 -19.05 -37.55 40.63
N ALA I 98 -19.02 -36.44 39.89
CA ALA I 98 -17.83 -35.63 39.79
C ALA I 98 -18.19 -34.16 39.85
N ARG I 99 -17.35 -33.37 40.51
CA ARG I 99 -17.48 -31.93 40.49
C ARG I 99 -17.04 -31.39 39.14
N THR I 100 -17.54 -30.21 38.80
CA THR I 100 -17.35 -29.65 37.47
C THR I 100 -17.18 -28.15 37.56
N TYR I 101 -16.17 -27.62 36.87
CA TYR I 101 -15.94 -26.19 36.79
C TYR I 101 -16.62 -25.63 35.55
N TYR I 102 -17.19 -24.43 35.70
CA TYR I 102 -17.80 -23.74 34.57
C TYR I 102 -16.77 -22.83 33.92
N ASN I 103 -16.62 -22.97 32.60
CA ASN I 103 -15.75 -22.12 31.81
C ASN I 103 -16.55 -21.02 31.14
N SER I 104 -15.86 -19.93 30.80
CA SER I 104 -16.41 -19.02 29.82
C SER I 104 -16.59 -19.73 28.49
N ASN I 105 -15.65 -20.60 28.16
CA ASN I 105 -15.87 -21.62 27.14
C ASN I 105 -16.95 -22.58 27.62
N TRP I 106 -17.39 -23.47 26.74
CA TRP I 106 -18.42 -24.44 27.07
C TRP I 106 -17.86 -25.83 27.27
N SER I 107 -16.53 -25.98 27.34
CA SER I 107 -15.90 -27.29 27.51
C SER I 107 -15.45 -27.43 28.96
N HIS I 108 -16.38 -27.85 29.80
CA HIS I 108 -16.10 -28.03 31.22
C HIS I 108 -15.31 -29.31 31.46
N TRP I 109 -14.64 -29.36 32.60
CA TRP I 109 -13.88 -30.55 32.99
C TRP I 109 -14.22 -30.90 34.43
N PHE I 110 -14.14 -32.20 34.73
CA PHE I 110 -14.50 -32.74 36.04
C PHE I 110 -13.21 -33.15 36.75
N ASP I 111 -12.76 -32.31 37.68
CA ASP I 111 -11.47 -32.56 38.33
C ASP I 111 -11.55 -33.70 39.34
N PRO I 112 -12.35 -33.60 40.41
CA PRO I 112 -12.46 -34.73 41.33
C PRO I 112 -13.55 -35.72 40.93
N TRP I 113 -13.31 -36.98 41.26
CA TRP I 113 -14.22 -38.06 40.96
C TRP I 113 -14.50 -38.88 42.21
N GLY I 114 -15.71 -39.42 42.28
CA GLY I 114 -16.08 -40.28 43.37
C GLY I 114 -15.54 -41.69 43.20
N GLN I 115 -15.78 -42.52 44.22
CA GLN I 115 -15.30 -43.89 44.19
C GLN I 115 -15.95 -44.67 43.05
N GLY I 116 -17.24 -44.45 42.80
CA GLY I 116 -17.95 -45.20 41.78
C GLY I 116 -18.78 -46.32 42.35
N THR I 117 -20.09 -46.23 42.18
CA THR I 117 -21.02 -47.25 42.65
C THR I 117 -21.50 -48.07 41.46
N LEU I 118 -21.29 -49.38 41.53
CA LEU I 118 -21.68 -50.27 40.45
C LEU I 118 -23.17 -50.54 40.50
N VAL I 119 -23.78 -50.66 39.32
CA VAL I 119 -25.20 -50.94 39.17
C VAL I 119 -25.38 -52.07 38.17
N THR I 120 -26.17 -53.07 38.53
CA THR I 120 -26.47 -54.19 37.66
C THR I 120 -27.97 -54.26 37.43
N VAL I 121 -28.35 -54.56 36.19
CA VAL I 121 -29.76 -54.58 35.78
C VAL I 121 -30.09 -56.01 35.39
N SER I 122 -30.82 -56.71 36.25
CA SER I 122 -31.26 -58.07 35.96
C SER I 122 -32.20 -58.55 37.05
N SER J 2 -18.49 -42.94 21.15
CA SER J 2 -17.53 -41.82 21.33
C SER J 2 -17.27 -41.10 20.01
N VAL J 3 -17.80 -39.90 19.88
CA VAL J 3 -17.61 -39.14 18.64
C VAL J 3 -16.14 -38.85 18.43
N LEU J 4 -15.44 -38.42 19.48
CA LEU J 4 -13.99 -38.24 19.39
C LEU J 4 -13.31 -39.60 19.25
N THR J 5 -12.30 -39.64 18.39
CA THR J 5 -11.63 -40.89 18.06
C THR J 5 -10.21 -40.87 18.62
N GLN J 6 -9.83 -41.97 19.25
CA GLN J 6 -8.47 -42.18 19.72
C GLN J 6 -8.00 -43.56 19.29
N PRO J 7 -6.70 -43.73 19.10
CA PRO J 7 -6.19 -45.06 18.78
C PRO J 7 -6.49 -46.05 19.90
N PRO J 8 -6.80 -47.30 19.57
CA PRO J 8 -7.13 -48.27 20.62
C PRO J 8 -6.00 -48.49 21.61
N SER J 9 -4.75 -48.46 21.14
CA SER J 9 -3.62 -48.77 21.99
C SER J 9 -2.29 -48.36 21.36
N VAL J 10 -1.35 -47.91 22.18
CA VAL J 10 -0.02 -47.54 21.74
C VAL J 10 0.99 -48.08 22.75
N SER J 11 2.09 -48.60 22.24
CA SER J 11 3.14 -49.19 23.07
C SER J 11 4.41 -48.37 22.94
N GLY J 12 5.13 -48.22 24.06
CA GLY J 12 6.36 -47.46 24.07
C GLY J 12 7.36 -48.08 25.02
N ALA J 13 8.63 -47.88 24.70
CA ALA J 13 9.71 -48.40 25.53
C ALA J 13 9.91 -47.50 26.76
N PRO J 14 10.50 -48.04 27.82
CA PRO J 14 10.76 -47.22 29.01
C PRO J 14 11.65 -46.03 28.67
N GLY J 15 11.33 -44.89 29.27
CA GLY J 15 12.09 -43.67 29.06
C GLY J 15 11.89 -43.02 27.71
N GLN J 16 11.04 -43.58 26.86
CA GLN J 16 10.82 -43.03 25.53
C GLN J 16 9.63 -42.07 25.55
N ARG J 17 9.65 -41.12 24.61
CA ARG J 17 8.59 -40.12 24.50
C ARG J 17 7.51 -40.65 23.58
N VAL J 18 6.43 -41.17 24.17
CA VAL J 18 5.32 -41.68 23.42
C VAL J 18 4.23 -40.61 23.33
N THR J 19 3.38 -40.72 22.31
CA THR J 19 2.39 -39.69 22.03
C THR J 19 1.04 -40.34 21.73
N ILE J 20 -0.02 -39.57 21.98
CA ILE J 20 -1.39 -40.01 21.77
C ILE J 20 -2.13 -38.92 21.01
N SER J 21 -3.15 -39.33 20.25
CA SER J 21 -3.90 -38.43 19.39
C SER J 21 -5.39 -38.58 19.66
N CYS J 22 -6.11 -37.46 19.54
CA CYS J 22 -7.56 -37.41 19.76
C CYS J 22 -8.16 -36.56 18.65
N THR J 23 -8.55 -37.21 17.55
CA THR J 23 -9.09 -36.52 16.40
C THR J 23 -10.54 -36.11 16.67
N GLY J 24 -10.93 -34.98 16.10
CA GLY J 24 -12.27 -34.45 16.25
C GLY J 24 -12.85 -34.04 14.91
N SER J 25 -13.62 -32.96 14.94
CA SER J 25 -14.25 -32.43 13.74
C SER J 25 -14.54 -30.96 13.96
N SER J 26 -15.26 -30.36 13.01
CA SER J 26 -15.58 -28.94 13.06
C SER J 26 -16.59 -28.61 14.15
N SER J 27 -17.19 -29.61 14.79
CA SER J 27 -18.21 -29.38 15.79
C SER J 27 -17.68 -29.39 17.21
N ASN J 28 -16.61 -30.14 17.50
CA ASN J 28 -16.10 -30.25 18.86
C ASN J 28 -14.76 -29.56 19.05
N ILE J 29 -13.74 -29.94 18.28
CA ILE J 29 -12.41 -29.39 18.47
C ILE J 29 -12.16 -28.19 17.56
N GLY J 30 -12.54 -28.30 16.30
CA GLY J 30 -12.34 -27.21 15.37
C GLY J 30 -13.06 -25.93 15.78
N ALA J 31 -14.22 -26.08 16.41
CA ALA J 31 -14.99 -24.91 16.82
C ALA J 31 -14.29 -24.10 17.90
N GLY J 32 -13.25 -24.63 18.52
CA GLY J 32 -12.51 -23.93 19.54
C GLY J 32 -12.77 -24.37 20.96
N TYR J 33 -13.62 -25.38 21.16
CA TYR J 33 -13.91 -25.84 22.50
C TYR J 33 -12.72 -26.61 23.06
N ASP J 34 -12.35 -26.30 24.30
CA ASP J 34 -11.13 -26.84 24.88
C ASP J 34 -11.19 -28.36 24.92
N VAL J 35 -10.04 -28.95 25.20
CA VAL J 35 -9.88 -30.40 25.28
C VAL J 35 -9.19 -30.74 26.60
N HIS J 36 -9.62 -31.84 27.20
CA HIS J 36 -9.15 -32.25 28.52
C HIS J 36 -8.83 -33.72 28.49
N TRP J 37 -7.98 -34.15 29.41
CA TRP J 37 -7.53 -35.53 29.47
C TRP J 37 -7.72 -36.08 30.88
N TYR J 38 -7.84 -37.39 30.96
CA TYR J 38 -8.07 -38.10 32.21
C TYR J 38 -7.32 -39.43 32.15
N GLN J 39 -6.67 -39.80 33.25
CA GLN J 39 -6.02 -41.10 33.36
C GLN J 39 -6.73 -41.91 34.42
N GLN J 40 -6.95 -43.19 34.13
CA GLN J 40 -7.71 -44.09 35.00
C GLN J 40 -6.91 -45.38 35.17
N LEU J 41 -6.36 -45.57 36.35
CA LEU J 41 -5.66 -46.80 36.66
C LEU J 41 -6.64 -47.96 36.75
N PRO J 42 -6.17 -49.19 36.52
CA PRO J 42 -7.08 -50.34 36.61
C PRO J 42 -7.65 -50.51 38.01
N GLY J 43 -8.96 -50.33 38.13
CA GLY J 43 -9.63 -50.43 39.42
C GLY J 43 -9.83 -49.13 40.15
N THR J 44 -9.64 -47.99 39.48
CA THR J 44 -9.76 -46.68 40.12
C THR J 44 -10.58 -45.76 39.23
N ALA J 45 -11.03 -44.65 39.82
CA ALA J 45 -11.82 -43.68 39.11
C ALA J 45 -10.94 -42.78 38.25
N PRO J 46 -11.52 -42.13 37.24
CA PRO J 46 -10.73 -41.22 36.41
C PRO J 46 -10.16 -40.08 37.23
N LYS J 47 -8.97 -39.65 36.84
CA LYS J 47 -8.28 -38.53 37.48
C LYS J 47 -7.91 -37.50 36.43
N LEU J 48 -8.15 -36.23 36.76
CA LEU J 48 -7.83 -35.16 35.83
C LEU J 48 -6.33 -35.09 35.58
N LEU J 49 -5.96 -34.91 34.32
CA LEU J 49 -4.57 -34.83 33.90
C LEU J 49 -4.23 -33.51 33.24
N ILE J 50 -5.02 -33.07 32.27
CA ILE J 50 -4.84 -31.79 31.58
C ILE J 50 -6.22 -31.17 31.43
N PHE J 51 -6.30 -29.84 31.55
CA PHE J 51 -7.60 -29.20 31.47
C PHE J 51 -7.71 -28.03 30.49
N THR J 52 -6.63 -27.57 29.86
CA THR J 52 -6.80 -26.85 28.58
C THR J 52 -5.57 -27.11 27.73
N TYR J 53 -5.59 -28.25 27.04
CA TYR J 53 -4.65 -28.67 26.01
C TYR J 53 -3.22 -28.90 26.49
N SER J 54 -2.81 -28.29 27.60
CA SER J 54 -1.49 -28.54 28.14
C SER J 54 -1.42 -28.40 29.66
N ASN J 55 -2.39 -27.70 30.25
CA ASN J 55 -2.24 -27.27 31.63
C ASN J 55 -2.17 -28.47 32.57
N ARG J 56 -1.44 -28.28 33.65
CA ARG J 56 -1.10 -29.36 34.56
C ARG J 56 -1.65 -29.06 35.94
N PRO J 57 -2.54 -29.87 36.49
CA PRO J 57 -3.06 -29.62 37.84
C PRO J 57 -2.06 -30.06 38.90
N SER J 58 -2.36 -29.69 40.14
CA SER J 58 -1.50 -30.07 41.25
C SER J 58 -1.42 -31.58 41.36
N GLY J 59 -0.21 -32.09 41.50
CA GLY J 59 0.02 -33.51 41.68
C GLY J 59 0.39 -34.28 40.42
N VAL J 60 0.59 -33.61 39.30
CA VAL J 60 0.94 -34.26 38.04
C VAL J 60 2.36 -33.84 37.68
N PRO J 61 3.24 -34.76 37.28
CA PRO J 61 4.60 -34.38 36.91
C PRO J 61 4.61 -33.55 35.63
N ASP J 62 5.65 -32.71 35.52
CA ASP J 62 5.77 -31.81 34.38
C ASP J 62 5.93 -32.56 33.06
N ARG J 63 6.23 -33.85 33.11
CA ARG J 63 6.44 -34.64 31.90
C ARG J 63 5.16 -34.85 31.09
N PHE J 64 4.02 -34.33 31.55
CA PHE J 64 2.77 -34.41 30.80
C PHE J 64 2.47 -33.05 30.19
N SER J 65 2.18 -33.04 28.88
CA SER J 65 1.86 -31.81 28.18
C SER J 65 1.03 -32.16 26.95
N GLY J 66 0.58 -31.13 26.23
CA GLY J 66 -0.17 -31.34 25.02
C GLY J 66 -0.21 -30.07 24.21
N SER J 67 -0.82 -30.17 23.02
CA SER J 67 -0.88 -29.05 22.10
C SER J 67 -2.08 -29.22 21.18
N LYS J 68 -2.44 -28.12 20.52
CA LYS J 68 -3.53 -28.08 19.57
C LYS J 68 -2.96 -28.09 18.15
N SER J 69 -3.43 -29.03 17.34
CA SER J 69 -2.91 -29.24 15.99
C SER J 69 -4.05 -29.23 14.97
N GLY J 70 -4.94 -28.26 15.09
CA GLY J 70 -6.09 -28.17 14.22
C GLY J 70 -7.29 -28.90 14.79
N THR J 71 -7.88 -29.79 14.00
CA THR J 71 -9.00 -30.60 14.47
C THR J 71 -8.48 -31.84 15.16
N SER J 72 -7.55 -31.66 16.09
CA SER J 72 -6.93 -32.76 16.82
C SER J 72 -6.23 -32.19 18.03
N ALA J 73 -5.86 -33.06 18.95
CA ALA J 73 -5.06 -32.68 20.10
C ALA J 73 -4.18 -33.86 20.46
N SER J 74 -3.06 -33.56 21.10
CA SER J 74 -2.05 -34.56 21.38
C SER J 74 -1.65 -34.50 22.84
N LEU J 75 -1.35 -35.67 23.39
CA LEU J 75 -0.80 -35.79 24.74
C LEU J 75 0.59 -36.41 24.62
N ALA J 76 1.57 -35.74 25.21
CA ALA J 76 2.95 -36.16 25.16
C ALA J 76 3.42 -36.58 26.56
N ILE J 77 4.08 -37.72 26.62
CA ILE J 77 4.63 -38.25 27.87
C ILE J 77 6.13 -38.41 27.69
N THR J 78 6.90 -37.80 28.60
CA THR J 78 8.35 -37.88 28.59
C THR J 78 8.80 -38.70 29.80
N GLY J 79 9.70 -39.64 29.56
CA GLY J 79 10.18 -40.50 30.62
C GLY J 79 9.15 -41.54 30.99
N LEU J 80 8.85 -42.43 30.06
CA LEU J 80 7.81 -43.42 30.26
C LEU J 80 8.16 -44.33 31.44
N GLN J 81 7.20 -44.54 32.32
CA GLN J 81 7.36 -45.41 33.48
C GLN J 81 6.11 -46.27 33.64
N ALA J 82 6.13 -47.13 34.66
CA ALA J 82 4.97 -47.98 34.93
C ALA J 82 3.76 -47.18 35.39
N GLU J 83 3.97 -45.98 35.93
CA GLU J 83 2.83 -45.15 36.31
C GLU J 83 1.95 -44.82 35.12
N ASP J 84 2.51 -44.89 33.91
CA ASP J 84 1.79 -44.54 32.69
C ASP J 84 1.13 -45.75 32.04
N GLU J 85 0.84 -46.80 32.81
CA GLU J 85 0.17 -47.99 32.31
C GLU J 85 -1.35 -47.86 32.36
N ALA J 86 -1.87 -46.63 32.34
CA ALA J 86 -3.29 -46.38 32.55
C ALA J 86 -4.03 -46.28 31.22
N ASP J 87 -5.32 -45.96 31.31
CA ASP J 87 -6.15 -45.66 30.15
C ASP J 87 -6.44 -44.17 30.13
N TYR J 88 -6.24 -43.56 28.97
CA TYR J 88 -6.37 -42.11 28.82
C TYR J 88 -7.55 -41.80 27.93
N TYR J 89 -8.33 -40.78 28.32
CA TYR J 89 -9.53 -40.38 27.62
C TYR J 89 -9.47 -38.88 27.37
N CYS J 90 -9.94 -38.46 26.20
CA CYS J 90 -10.10 -37.04 25.90
C CYS J 90 -11.56 -36.64 25.99
N GLN J 91 -11.77 -35.37 26.28
CA GLN J 91 -13.11 -34.84 26.51
C GLN J 91 -13.22 -33.46 25.90
N SER J 92 -14.42 -33.12 25.47
CA SER J 92 -14.69 -31.84 24.82
C SER J 92 -16.20 -31.66 24.73
N TYR J 93 -16.61 -30.55 24.13
CA TYR J 93 -18.01 -30.23 23.93
C TYR J 93 -18.34 -30.23 22.45
N ASP J 94 -19.50 -30.79 22.10
CA ASP J 94 -19.97 -30.86 20.73
C ASP J 94 -21.23 -30.03 20.60
N SER J 95 -21.22 -29.08 19.65
CA SER J 95 -22.36 -28.19 19.49
C SER J 95 -23.52 -28.87 18.75
N SER J 96 -23.22 -29.75 17.80
CA SER J 96 -24.29 -30.45 17.09
C SER J 96 -25.08 -31.34 18.02
N LEU J 97 -24.41 -32.35 18.59
CA LEU J 97 -25.06 -33.21 19.56
C LEU J 97 -25.44 -32.45 20.83
N ARG J 98 -24.82 -31.29 21.06
CA ARG J 98 -25.15 -30.45 22.20
C ARG J 98 -24.93 -31.17 23.53
N ILE J 99 -23.83 -31.90 23.62
CA ILE J 99 -23.48 -32.66 24.82
C ILE J 99 -21.98 -32.62 25.02
N TRP J 100 -21.54 -33.11 26.17
CA TRP J 100 -20.13 -33.32 26.45
C TRP J 100 -19.77 -34.77 26.14
N VAL J 101 -18.69 -34.95 25.39
CA VAL J 101 -18.36 -36.23 24.78
C VAL J 101 -17.00 -36.69 25.27
N PHE J 102 -16.82 -38.01 25.28
CA PHE J 102 -15.56 -38.65 25.59
C PHE J 102 -15.09 -39.46 24.39
N GLY J 103 -13.82 -39.84 24.42
CA GLY J 103 -13.23 -40.64 23.37
C GLY J 103 -13.31 -42.13 23.67
N GLY J 104 -12.74 -42.90 22.75
CA GLY J 104 -12.70 -44.35 22.88
C GLY J 104 -11.67 -44.88 23.83
N GLY J 105 -10.80 -44.02 24.36
CA GLY J 105 -9.78 -44.45 25.28
C GLY J 105 -8.67 -45.22 24.61
N THR J 106 -7.45 -45.10 25.13
CA THR J 106 -6.30 -45.82 24.62
C THR J 106 -5.56 -46.45 25.78
N LYS J 107 -5.13 -47.69 25.60
CA LYS J 107 -4.46 -48.46 26.64
C LYS J 107 -2.96 -48.35 26.43
N LEU J 108 -2.33 -47.43 27.15
CA LEU J 108 -0.88 -47.27 27.09
C LEU J 108 -0.21 -48.42 27.80
N THR J 109 0.80 -49.01 27.16
CA THR J 109 1.55 -50.12 27.72
C THR J 109 3.04 -49.86 27.57
N VAL J 110 3.82 -50.48 28.44
CA VAL J 110 5.27 -50.35 28.47
C VAL J 110 5.90 -51.70 28.16
N LEU J 111 6.92 -51.69 27.32
CA LEU J 111 7.62 -52.92 26.93
C LEU J 111 8.72 -53.27 27.94
N GLY J 112 8.28 -53.62 29.14
CA GLY J 112 9.19 -54.01 30.19
C GLY J 112 9.66 -55.45 30.08
N SER K 2 -25.59 -34.16 -28.47
CA SER K 2 -25.42 -33.64 -27.09
C SER K 2 -24.13 -32.83 -26.98
N VAL K 3 -24.26 -31.51 -26.86
CA VAL K 3 -23.08 -30.66 -26.76
C VAL K 3 -22.30 -30.99 -25.50
N LEU K 4 -22.99 -31.16 -24.38
CA LEU K 4 -22.33 -31.60 -23.16
C LEU K 4 -21.89 -33.05 -23.32
N THR K 5 -20.68 -33.34 -22.82
CA THR K 5 -20.07 -34.64 -22.99
C THR K 5 -20.01 -35.37 -21.65
N GLN K 6 -20.39 -36.63 -21.66
CA GLN K 6 -20.27 -37.51 -20.51
C GLN K 6 -19.64 -38.83 -20.95
N PRO K 7 -18.92 -39.50 -20.06
CA PRO K 7 -18.37 -40.80 -20.39
C PRO K 7 -19.48 -41.77 -20.74
N PRO K 8 -19.26 -42.67 -21.71
CA PRO K 8 -20.33 -43.60 -22.09
C PRO K 8 -20.76 -44.52 -20.96
N SER K 9 -19.83 -44.92 -20.09
CA SER K 9 -20.15 -45.87 -19.04
C SER K 9 -19.04 -45.94 -17.99
N VAL K 10 -19.44 -46.15 -16.73
CA VAL K 10 -18.50 -46.30 -15.62
C VAL K 10 -19.00 -47.43 -14.74
N SER K 11 -18.07 -48.26 -14.28
CA SER K 11 -18.37 -49.41 -13.44
C SER K 11 -17.77 -49.21 -12.05
N GLY K 12 -18.50 -49.64 -11.04
CA GLY K 12 -18.05 -49.51 -9.67
C GLY K 12 -18.49 -50.69 -8.84
N ALA K 13 -17.69 -51.01 -7.83
CA ALA K 13 -17.99 -52.10 -6.93
C ALA K 13 -19.06 -51.69 -5.92
N PRO K 14 -19.77 -52.66 -5.34
CA PRO K 14 -20.78 -52.31 -4.33
C PRO K 14 -20.16 -51.59 -3.15
N GLY K 15 -20.88 -50.58 -2.65
CA GLY K 15 -20.42 -49.80 -1.53
C GLY K 15 -19.29 -48.84 -1.82
N GLN K 16 -18.82 -48.78 -3.06
CA GLN K 16 -17.73 -47.91 -3.43
C GLN K 16 -18.26 -46.55 -3.90
N ARG K 17 -17.43 -45.53 -3.75
CA ARG K 17 -17.80 -44.17 -4.15
C ARG K 17 -17.38 -43.96 -5.59
N VAL K 18 -18.33 -44.07 -6.50
CA VAL K 18 -18.07 -43.87 -7.92
C VAL K 18 -18.48 -42.44 -8.29
N THR K 19 -17.88 -41.94 -9.37
CA THR K 19 -18.06 -40.55 -9.77
C THR K 19 -18.31 -40.46 -11.27
N ILE K 20 -18.99 -39.40 -11.67
CA ILE K 20 -19.35 -39.13 -13.06
C ILE K 20 -18.98 -37.69 -13.39
N SER K 21 -18.68 -37.45 -14.66
CA SER K 21 -18.24 -36.14 -15.13
C SER K 21 -19.08 -35.69 -16.30
N CYS K 22 -19.31 -34.37 -16.38
CA CYS K 22 -20.10 -33.75 -17.44
C CYS K 22 -19.35 -32.50 -17.90
N THR K 23 -18.48 -32.65 -18.89
CA THR K 23 -17.67 -31.55 -19.39
C THR K 23 -18.52 -30.63 -20.25
N GLY K 24 -18.20 -29.34 -20.22
CA GLY K 24 -18.90 -28.34 -20.99
C GLY K 24 -17.92 -27.42 -21.70
N SER K 25 -18.30 -26.15 -21.79
CA SER K 25 -17.48 -25.16 -22.45
C SER K 25 -17.84 -23.79 -21.90
N SER K 26 -17.28 -22.74 -22.51
CA SER K 26 -17.52 -21.37 -22.06
C SER K 26 -18.93 -20.90 -22.34
N SER K 27 -19.71 -21.65 -23.09
CA SER K 27 -21.05 -21.23 -23.46
C SER K 27 -22.14 -21.79 -22.56
N ASN K 28 -21.95 -22.96 -21.97
CA ASN K 28 -22.98 -23.60 -21.16
C ASN K 28 -22.63 -23.63 -19.67
N ILE K 29 -21.50 -24.21 -19.29
CA ILE K 29 -21.16 -24.36 -17.88
C ILE K 29 -20.28 -23.21 -17.41
N GLY K 30 -19.26 -22.86 -18.20
CA GLY K 30 -18.37 -21.78 -17.82
C GLY K 30 -19.08 -20.46 -17.64
N ALA K 31 -20.12 -20.22 -18.43
CA ALA K 31 -20.85 -18.96 -18.35
C ALA K 31 -21.58 -18.79 -17.03
N GLY K 32 -21.71 -19.84 -16.24
CA GLY K 32 -22.37 -19.77 -14.96
C GLY K 32 -23.76 -20.37 -14.90
N TYR K 33 -24.25 -20.93 -16.00
CA TYR K 33 -25.58 -21.51 -16.01
C TYR K 33 -25.57 -22.83 -15.23
N ASP K 34 -26.57 -23.00 -14.37
CA ASP K 34 -26.58 -24.12 -13.46
C ASP K 34 -26.59 -25.44 -14.22
N VAL K 35 -26.37 -26.51 -13.49
CA VAL K 35 -26.33 -27.86 -14.03
C VAL K 35 -27.24 -28.75 -13.21
N HIS K 36 -27.92 -29.67 -13.87
CA HIS K 36 -28.92 -30.51 -13.26
C HIS K 36 -28.72 -31.94 -13.73
N TRP K 37 -29.20 -32.89 -12.94
CA TRP K 37 -29.02 -34.31 -13.22
C TRP K 37 -30.36 -35.02 -13.16
N TYR K 38 -30.45 -36.13 -13.88
CA TYR K 38 -31.65 -36.93 -13.97
C TYR K 38 -31.25 -38.40 -14.04
N GLN K 39 -31.98 -39.25 -13.33
CA GLN K 39 -31.77 -40.70 -13.39
C GLN K 39 -33.00 -41.34 -14.01
N GLN K 40 -32.78 -42.29 -14.91
CA GLN K 40 -33.84 -42.94 -15.66
C GLN K 40 -33.63 -44.45 -15.59
N LEU K 41 -34.49 -45.13 -14.84
CA LEU K 41 -34.43 -46.57 -14.77
C LEU K 41 -34.88 -47.18 -16.09
N PRO K 42 -34.44 -48.40 -16.38
CA PRO K 42 -34.85 -49.03 -17.64
C PRO K 42 -36.35 -49.25 -17.72
N GLY K 43 -37.00 -48.56 -18.64
CA GLY K 43 -38.43 -48.65 -18.80
C GLY K 43 -39.23 -47.58 -18.07
N THR K 44 -38.59 -46.52 -17.59
CA THR K 44 -39.26 -45.47 -16.83
C THR K 44 -38.82 -44.10 -17.36
N ALA K 45 -39.58 -43.09 -16.98
CA ALA K 45 -39.28 -41.72 -17.39
C ALA K 45 -38.17 -41.13 -16.52
N PRO K 46 -37.50 -40.09 -17.02
CA PRO K 46 -36.46 -39.45 -16.23
C PRO K 46 -37.01 -38.89 -14.92
N LYS K 47 -36.19 -38.93 -13.89
CA LYS K 47 -36.54 -38.41 -12.58
C LYS K 47 -35.47 -37.43 -12.13
N LEU K 48 -35.91 -36.28 -11.60
CA LEU K 48 -34.97 -35.28 -11.13
C LEU K 48 -34.13 -35.81 -9.97
N LEU K 49 -32.83 -35.53 -10.02
CA LEU K 49 -31.89 -35.97 -9.00
C LEU K 49 -31.21 -34.81 -8.30
N ILE K 50 -30.64 -33.88 -9.06
CA ILE K 50 -29.99 -32.68 -8.52
C ILE K 50 -30.43 -31.51 -9.39
N PHE K 51 -30.61 -30.34 -8.76
CA PHE K 51 -31.10 -29.19 -9.52
C PHE K 51 -30.29 -27.91 -9.38
N THR K 52 -29.29 -27.84 -8.50
CA THR K 52 -28.22 -26.85 -8.72
C THR K 52 -26.92 -27.42 -8.14
N TYR K 53 -26.27 -28.24 -8.94
CA TYR K 53 -24.92 -28.77 -8.73
C TYR K 53 -24.78 -29.71 -7.53
N SER K 54 -25.66 -29.60 -6.53
CA SER K 54 -25.60 -30.52 -5.41
C SER K 54 -26.96 -30.76 -4.77
N ASN K 55 -27.93 -29.86 -5.02
CA ASN K 55 -29.14 -29.87 -4.21
C ASN K 55 -29.92 -31.15 -4.42
N ARG K 56 -30.63 -31.55 -3.37
CA ARG K 56 -31.28 -32.85 -3.32
C ARG K 56 -32.78 -32.65 -3.15
N PRO K 57 -33.61 -33.10 -4.08
CA PRO K 57 -35.06 -32.96 -3.90
C PRO K 57 -35.61 -34.02 -2.96
N SER K 58 -36.88 -33.85 -2.61
CA SER K 58 -37.53 -34.79 -1.73
C SER K 58 -37.55 -36.17 -2.36
N GLY K 59 -37.16 -37.18 -1.59
CA GLY K 59 -37.19 -38.56 -2.03
C GLY K 59 -35.88 -39.10 -2.53
N VAL K 60 -34.78 -38.35 -2.42
CA VAL K 60 -33.47 -38.78 -2.88
C VAL K 60 -32.57 -38.95 -1.66
N PRO K 61 -31.82 -40.04 -1.54
CA PRO K 61 -30.94 -40.21 -0.38
C PRO K 61 -29.81 -39.21 -0.39
N ASP K 62 -29.30 -38.91 0.81
CA ASP K 62 -28.25 -37.91 0.96
C ASP K 62 -26.96 -38.34 0.27
N ARG K 63 -26.83 -39.62 -0.09
CA ARG K 63 -25.62 -40.12 -0.72
C ARG K 63 -25.39 -39.56 -2.12
N PHE K 64 -26.28 -38.72 -2.63
CA PHE K 64 -26.10 -38.08 -3.92
C PHE K 64 -25.71 -36.62 -3.72
N SER K 65 -24.64 -36.20 -4.38
CA SER K 65 -24.17 -34.83 -4.29
C SER K 65 -23.37 -34.51 -5.55
N GLY K 66 -22.93 -33.25 -5.64
CA GLY K 66 -22.11 -32.83 -6.76
C GLY K 66 -21.44 -31.52 -6.46
N SER K 67 -20.60 -31.08 -7.39
CA SER K 67 -19.82 -29.87 -7.20
C SER K 67 -19.46 -29.29 -8.56
N LYS K 68 -19.04 -28.03 -8.55
CA LYS K 68 -18.61 -27.30 -9.73
C LYS K 68 -17.09 -27.24 -9.76
N SER K 69 -16.50 -27.68 -10.86
CA SER K 69 -15.05 -27.78 -11.01
C SER K 69 -14.59 -27.05 -12.26
N GLY K 70 -15.09 -25.84 -12.46
CA GLY K 70 -14.75 -25.06 -13.65
C GLY K 70 -15.74 -25.33 -14.77
N THR K 71 -15.23 -25.66 -15.96
CA THR K 71 -16.09 -25.98 -17.08
C THR K 71 -16.46 -27.46 -17.03
N SER K 72 -16.93 -27.91 -15.88
CA SER K 72 -17.31 -29.30 -15.68
C SER K 72 -18.15 -29.37 -14.41
N ALA K 73 -18.81 -30.51 -14.24
CA ALA K 73 -19.56 -30.78 -13.02
C ALA K 73 -19.50 -32.27 -12.77
N SER K 74 -19.63 -32.63 -11.50
CA SER K 74 -19.44 -34.00 -11.07
C SER K 74 -20.61 -34.46 -10.23
N LEU K 75 -20.96 -35.73 -10.37
CA LEU K 75 -21.96 -36.38 -9.53
C LEU K 75 -21.27 -37.48 -8.75
N ALA K 76 -21.44 -37.47 -7.43
CA ALA K 76 -20.82 -38.42 -6.54
C ALA K 76 -21.89 -39.29 -5.90
N ILE K 77 -21.64 -40.59 -5.89
CA ILE K 77 -22.53 -41.58 -5.30
C ILE K 77 -21.77 -42.32 -4.21
N THR K 78 -22.31 -42.33 -3.00
CA THR K 78 -21.71 -43.03 -1.88
C THR K 78 -22.60 -44.20 -1.51
N GLY K 79 -21.98 -45.37 -1.31
CA GLY K 79 -22.74 -46.56 -0.98
C GLY K 79 -23.45 -47.11 -2.19
N LEU K 80 -22.68 -47.54 -3.18
CA LEU K 80 -23.26 -48.01 -4.44
C LEU K 80 -24.16 -49.22 -4.20
N GLN K 81 -25.36 -49.18 -4.78
CA GLN K 81 -26.31 -50.27 -4.67
C GLN K 81 -26.93 -50.52 -6.05
N ALA K 82 -27.83 -51.51 -6.11
CA ALA K 82 -28.52 -51.81 -7.36
C ALA K 82 -29.45 -50.70 -7.79
N GLU K 83 -29.91 -49.86 -6.85
CA GLU K 83 -30.74 -48.72 -7.24
C GLU K 83 -30.02 -47.79 -8.18
N ASP K 84 -28.68 -47.82 -8.18
CA ASP K 84 -27.88 -46.93 -9.01
C ASP K 84 -27.49 -47.55 -10.35
N GLU K 85 -28.29 -48.51 -10.83
CA GLU K 85 -28.06 -49.15 -12.12
C GLU K 85 -28.73 -48.39 -13.26
N ALA K 86 -28.96 -47.08 -13.09
CA ALA K 86 -29.73 -46.30 -14.04
C ALA K 86 -28.82 -45.60 -15.04
N ASP K 87 -29.44 -44.78 -15.89
CA ASP K 87 -28.74 -43.91 -16.81
C ASP K 87 -28.88 -42.48 -16.32
N TYR K 88 -27.77 -41.75 -16.26
CA TYR K 88 -27.73 -40.41 -15.71
C TYR K 88 -27.40 -39.41 -16.82
N TYR K 89 -28.11 -38.29 -16.81
CA TYR K 89 -27.98 -37.25 -17.81
C TYR K 89 -27.77 -35.92 -17.13
N CYS K 90 -26.91 -35.08 -17.69
CA CYS K 90 -26.75 -33.71 -17.23
C CYS K 90 -27.43 -32.74 -18.18
N GLN K 91 -27.83 -31.60 -17.64
CA GLN K 91 -28.60 -30.62 -18.38
C GLN K 91 -28.13 -29.24 -18.00
N SER K 92 -28.24 -28.32 -18.95
CA SER K 92 -27.79 -26.94 -18.76
C SER K 92 -28.32 -26.11 -19.93
N TYR K 93 -27.99 -24.83 -19.93
CA TYR K 93 -28.39 -23.89 -20.97
C TYR K 93 -27.16 -23.42 -21.73
N ASP K 94 -27.29 -23.33 -23.05
CA ASP K 94 -26.23 -22.88 -23.93
C ASP K 94 -26.65 -21.57 -24.58
N SER K 95 -25.82 -20.54 -24.43
CA SER K 95 -26.15 -19.23 -24.98
C SER K 95 -25.93 -19.16 -26.49
N SER K 96 -24.92 -19.85 -26.99
CA SER K 96 -24.66 -19.83 -28.44
C SER K 96 -25.81 -20.49 -29.20
N LEU K 97 -26.02 -21.78 -28.96
CA LEU K 97 -27.15 -22.47 -29.57
C LEU K 97 -28.48 -21.92 -29.07
N ARG K 98 -28.48 -21.23 -27.94
CA ARG K 98 -29.69 -20.61 -27.40
C ARG K 98 -30.79 -21.62 -27.13
N ILE K 99 -30.40 -22.77 -26.57
CA ILE K 99 -31.33 -23.85 -26.25
C ILE K 99 -30.90 -24.51 -24.95
N TRP K 100 -31.76 -25.39 -24.45
CA TRP K 100 -31.43 -26.24 -23.32
C TRP K 100 -30.95 -27.59 -23.84
N VAL K 101 -29.83 -28.04 -23.32
CA VAL K 101 -29.10 -29.17 -23.88
C VAL K 101 -28.98 -30.28 -22.84
N PHE K 102 -28.87 -31.51 -23.33
CA PHE K 102 -28.61 -32.68 -22.52
C PHE K 102 -27.30 -33.31 -22.94
N GLY K 103 -26.80 -34.21 -22.10
CA GLY K 103 -25.57 -34.92 -22.37
C GLY K 103 -25.83 -36.26 -23.04
N GLY K 104 -24.74 -36.98 -23.27
CA GLY K 104 -24.79 -38.28 -23.91
C GLY K 104 -25.22 -39.40 -23.02
N GLY K 105 -25.37 -39.15 -21.72
CA GLY K 105 -25.78 -40.18 -20.79
C GLY K 105 -24.70 -41.18 -20.50
N THR K 106 -24.70 -41.72 -19.28
CA THR K 106 -23.73 -42.72 -18.88
C THR K 106 -24.47 -43.86 -18.19
N LYS K 107 -24.09 -45.09 -18.52
CA LYS K 107 -24.74 -46.28 -17.99
C LYS K 107 -23.94 -46.79 -16.80
N LEU K 108 -24.38 -46.41 -15.61
CA LEU K 108 -23.74 -46.89 -14.39
C LEU K 108 -24.08 -48.35 -14.15
N THR K 109 -23.07 -49.15 -13.85
CA THR K 109 -23.24 -50.57 -13.60
C THR K 109 -22.50 -50.96 -12.33
N VAL K 110 -22.97 -52.04 -11.70
CA VAL K 110 -22.40 -52.55 -10.46
C VAL K 110 -21.82 -53.94 -10.72
N LEU K 111 -20.64 -54.18 -10.16
CA LEU K 111 -19.96 -55.47 -10.33
C LEU K 111 -20.43 -56.47 -9.28
N GLY K 112 -21.69 -56.87 -9.40
CA GLY K 112 -22.28 -57.83 -8.49
C GLY K 112 -21.93 -59.26 -8.86
N GLN L 1 52.23 -2.86 34.42
CA GLN L 1 50.82 -2.83 33.96
C GLN L 1 49.90 -3.39 35.02
N VAL L 2 48.64 -3.65 34.65
CA VAL L 2 47.67 -4.19 35.58
C VAL L 2 47.99 -5.64 35.87
N THR L 3 48.08 -5.98 37.15
CA THR L 3 48.44 -7.33 37.58
C THR L 3 47.63 -7.69 38.82
N LEU L 4 47.49 -9.00 39.04
CA LEU L 4 46.76 -9.53 40.17
C LEU L 4 47.55 -10.67 40.80
N ARG L 5 47.50 -10.75 42.12
CA ARG L 5 48.19 -11.79 42.87
C ARG L 5 47.22 -12.40 43.87
N GLU L 6 47.24 -13.72 43.97
CA GLU L 6 46.42 -14.45 44.92
C GLU L 6 47.27 -14.97 46.07
N SER L 7 46.64 -15.11 47.23
CA SER L 7 47.33 -15.61 48.41
C SER L 7 46.32 -16.28 49.33
N GLY L 8 46.78 -17.29 50.04
CA GLY L 8 45.95 -17.98 50.99
C GLY L 8 46.47 -19.37 51.31
N PRO L 9 45.84 -20.05 52.26
CA PRO L 9 46.29 -21.39 52.66
C PRO L 9 46.11 -22.39 51.53
N ALA L 10 47.13 -23.20 51.30
CA ALA L 10 47.07 -24.25 50.30
C ALA L 10 46.39 -25.51 50.81
N LEU L 11 46.16 -25.63 52.11
CA LEU L 11 45.52 -26.80 52.69
C LEU L 11 44.57 -26.35 53.79
N VAL L 12 43.34 -26.85 53.74
CA VAL L 12 42.31 -26.52 54.71
C VAL L 12 41.52 -27.78 55.02
N LYS L 13 41.25 -28.00 56.29
CA LYS L 13 40.53 -29.19 56.70
C LYS L 13 39.04 -29.06 56.39
N PRO L 14 38.35 -30.18 56.22
CA PRO L 14 36.93 -30.12 55.88
C PRO L 14 36.11 -29.41 56.95
N THR L 15 34.94 -28.93 56.54
CA THR L 15 33.98 -28.19 57.36
C THR L 15 34.60 -26.95 58.00
N GLN L 16 35.77 -26.52 57.54
CA GLN L 16 36.39 -25.31 58.04
C GLN L 16 36.03 -24.14 57.12
N THR L 17 36.62 -22.99 57.39
CA THR L 17 36.37 -21.78 56.62
C THR L 17 37.65 -21.39 55.89
N LEU L 18 37.57 -21.29 54.57
CA LEU L 18 38.68 -20.86 53.74
C LEU L 18 38.64 -19.35 53.58
N THR L 19 39.82 -18.74 53.53
CA THR L 19 39.96 -17.31 53.31
C THR L 19 41.04 -17.08 52.28
N LEU L 20 40.75 -16.23 51.29
CA LEU L 20 41.69 -15.88 50.24
C LEU L 20 41.70 -14.37 50.08
N THR L 21 42.85 -13.85 49.70
CA THR L 21 43.02 -12.41 49.48
C THR L 21 43.77 -12.19 48.18
N CYS L 22 43.36 -11.17 47.44
CA CYS L 22 44.01 -10.78 46.21
C CYS L 22 44.48 -9.34 46.30
N THR L 23 45.56 -9.05 45.58
CA THR L 23 46.14 -7.72 45.54
C THR L 23 46.29 -7.31 44.08
N PHE L 24 45.73 -6.17 43.72
CA PHE L 24 45.72 -5.71 42.34
C PHE L 24 46.36 -4.33 42.24
N SER L 25 47.02 -4.09 41.11
CA SER L 25 47.70 -2.83 40.84
C SER L 25 47.32 -2.35 39.44
N GLY L 26 47.45 -1.05 39.23
CA GLY L 26 47.14 -0.43 37.96
C GLY L 26 45.72 0.06 37.82
N PHE L 27 44.84 -0.29 38.74
CA PHE L 27 43.47 0.19 38.71
C PHE L 27 42.89 0.12 40.11
N SER L 28 41.79 0.83 40.32
CA SER L 28 41.11 0.87 41.59
C SER L 28 39.65 0.46 41.41
N LEU L 29 39.06 -0.04 42.49
CA LEU L 29 37.64 -0.36 42.52
C LEU L 29 36.77 0.85 42.80
N SER L 30 37.33 2.06 42.65
CA SER L 30 36.55 3.28 42.72
C SER L 30 36.17 3.83 41.36
N THR L 31 36.87 3.41 40.30
CA THR L 31 36.53 3.85 38.95
C THR L 31 35.31 3.10 38.45
N ASN L 32 34.33 3.84 37.95
CA ASN L 32 33.11 3.22 37.44
C ASN L 32 33.45 2.29 36.29
N GLY L 33 32.84 1.11 36.29
CA GLY L 33 33.08 0.10 35.28
C GLY L 33 34.14 -0.91 35.65
N MET L 34 34.81 -0.73 36.78
CA MET L 34 35.85 -1.65 37.23
C MET L 34 35.28 -2.57 38.29
N CYS L 35 35.53 -3.87 38.13
CA CYS L 35 35.01 -4.87 39.05
C CYS L 35 36.01 -6.01 39.17
N VAL L 36 35.86 -6.81 40.22
CA VAL L 36 36.71 -7.96 40.47
C VAL L 36 35.82 -9.17 40.72
N SER L 37 36.23 -10.31 40.18
CA SER L 37 35.45 -11.54 40.30
C SER L 37 36.37 -12.70 40.64
N TRP L 38 35.79 -13.73 41.25
CA TRP L 38 36.50 -14.93 41.63
C TRP L 38 35.97 -16.11 40.83
N ILE L 39 36.89 -16.93 40.32
CA ILE L 39 36.59 -18.10 39.53
C ILE L 39 37.40 -19.26 40.07
N ARG L 40 36.96 -20.47 39.78
CA ARG L 40 37.69 -21.66 40.18
C ARG L 40 37.62 -22.70 39.08
N GLN L 41 38.59 -23.62 39.10
CA GLN L 41 38.71 -24.66 38.08
C GLN L 41 39.19 -25.93 38.74
N PRO L 42 38.29 -26.85 39.06
CA PRO L 42 38.71 -28.13 39.60
C PRO L 42 39.59 -28.86 38.60
N PRO L 43 40.52 -29.69 39.07
CA PRO L 43 41.39 -30.42 38.14
C PRO L 43 40.62 -31.17 37.07
N GLY L 44 40.98 -30.96 35.81
CA GLY L 44 40.31 -31.64 34.73
C GLY L 44 38.84 -31.32 34.61
N LYS L 45 38.45 -30.07 34.89
CA LYS L 45 37.05 -29.66 34.82
C LYS L 45 36.97 -28.22 34.35
N ALA L 46 35.77 -27.82 33.97
CA ALA L 46 35.56 -26.49 33.41
C ALA L 46 35.54 -25.44 34.50
N LEU L 47 35.68 -24.19 34.08
CA LEU L 47 35.66 -23.07 35.00
C LEU L 47 34.27 -22.89 35.60
N GLU L 48 34.23 -22.31 36.80
CA GLU L 48 32.99 -22.07 37.51
C GLU L 48 33.08 -20.73 38.22
N TRP L 49 32.16 -19.83 37.89
CA TRP L 49 32.11 -18.53 38.51
C TRP L 49 31.59 -18.66 39.94
N LEU L 50 32.16 -17.86 40.85
CA LEU L 50 31.80 -17.90 42.26
C LEU L 50 31.18 -16.60 42.73
N ALA L 51 31.86 -15.48 42.56
CA ALA L 51 31.38 -14.23 43.13
C ALA L 51 31.95 -13.06 42.35
N LEU L 52 31.53 -11.86 42.73
CA LEU L 52 31.90 -10.65 42.02
C LEU L 52 31.50 -9.46 42.87
N ILE L 53 32.35 -8.43 42.90
CA ILE L 53 32.06 -7.19 43.59
C ILE L 53 32.50 -6.04 42.70
N ASP L 54 31.76 -4.95 42.79
CA ASP L 54 31.92 -3.81 41.88
C ASP L 54 32.27 -2.55 42.65
N TRP L 55 32.31 -1.44 41.93
CA TRP L 55 32.71 -0.16 42.51
C TRP L 55 31.70 0.32 43.55
N ASP L 56 30.41 0.12 43.30
CA ASP L 56 29.38 0.55 44.23
C ASP L 56 29.22 -0.39 45.42
N ASP L 57 30.05 -1.43 45.51
CA ASP L 57 30.10 -2.41 46.59
C ASP L 57 29.01 -3.47 46.44
N ASP L 58 28.17 -3.40 45.41
CA ASP L 58 27.19 -4.45 45.18
C ASP L 58 27.91 -5.77 44.92
N LYS L 59 27.37 -6.83 45.49
CA LYS L 59 28.01 -8.14 45.48
C LYS L 59 27.10 -9.17 44.84
N TYR L 60 27.70 -10.13 44.14
CA TYR L 60 26.99 -11.16 43.42
C TYR L 60 27.60 -12.51 43.78
N TYR L 61 26.75 -13.51 43.96
CA TYR L 61 27.21 -14.84 44.31
C TYR L 61 26.47 -15.87 43.48
N SER L 62 27.11 -17.02 43.30
CA SER L 62 26.45 -18.13 42.63
C SER L 62 25.31 -18.64 43.48
N THR L 63 24.18 -18.95 42.83
CA THR L 63 23.01 -19.42 43.56
C THR L 63 23.29 -20.74 44.26
N SER L 64 24.01 -21.65 43.59
CA SER L 64 24.31 -22.95 44.18
C SER L 64 25.15 -22.84 45.44
N LEU L 65 25.85 -21.72 45.64
CA LEU L 65 26.74 -21.57 46.78
C LEU L 65 26.59 -20.21 47.46
N LYS L 66 25.43 -19.57 47.33
CA LYS L 66 25.27 -18.20 47.83
C LYS L 66 25.46 -18.13 49.33
N THR L 67 24.88 -19.08 50.07
CA THR L 67 24.92 -19.02 51.52
C THR L 67 26.33 -19.17 52.06
N ARG L 68 27.18 -19.90 51.35
CA ARG L 68 28.53 -20.20 51.82
C ARG L 68 29.54 -19.10 51.50
N LEU L 69 29.18 -18.13 50.68
CA LEU L 69 30.15 -17.17 50.13
C LEU L 69 29.85 -15.77 50.63
N THR L 70 30.92 -15.04 50.93
CA THR L 70 30.85 -13.61 51.22
C THR L 70 32.14 -12.97 50.73
N ILE L 71 32.03 -11.73 50.28
CA ILE L 71 33.15 -11.02 49.67
C ILE L 71 33.13 -9.59 50.17
N SER L 72 34.31 -8.96 50.15
CA SER L 72 34.43 -7.57 50.56
C SER L 72 35.66 -6.98 49.88
N LYS L 73 35.71 -5.64 49.85
CA LYS L 73 36.80 -4.93 49.20
C LYS L 73 37.31 -3.83 50.11
N ASN L 74 38.56 -3.43 49.87
CA ASN L 74 39.21 -2.34 50.59
C ASN L 74 39.91 -1.48 49.55
N THR L 75 39.29 -0.36 49.17
CA THR L 75 39.87 0.48 48.13
C THR L 75 41.21 1.06 48.55
N SER L 76 41.31 1.51 49.81
CA SER L 76 42.54 2.14 50.28
C SER L 76 43.72 1.19 50.30
N LYS L 77 43.48 -0.11 50.22
CA LYS L 77 44.56 -1.11 50.24
C LYS L 77 44.59 -1.97 48.99
N ASN L 78 43.68 -1.77 48.05
CA ASN L 78 43.65 -2.51 46.79
C ASN L 78 43.69 -4.01 47.05
N GLN L 79 42.81 -4.46 47.93
CA GLN L 79 42.68 -5.88 48.26
C GLN L 79 41.21 -6.25 48.33
N VAL L 80 40.93 -7.49 47.98
CA VAL L 80 39.59 -8.06 48.04
C VAL L 80 39.68 -9.44 48.68
N VAL L 81 38.76 -9.72 49.59
CA VAL L 81 38.81 -10.91 50.42
C VAL L 81 37.60 -11.78 50.11
N LEU L 82 37.84 -13.07 49.89
CA LEU L 82 36.79 -14.07 49.75
C LEU L 82 36.78 -14.96 50.98
N THR L 83 35.59 -15.42 51.34
CA THR L 83 35.42 -16.31 52.49
C THR L 83 34.37 -17.34 52.16
N MET L 84 34.77 -18.61 52.15
CA MET L 84 33.87 -19.73 51.92
C MET L 84 33.80 -20.56 53.20
N THR L 85 32.59 -20.96 53.58
CA THR L 85 32.36 -21.73 54.78
C THR L 85 31.88 -23.12 54.45
N ASN L 86 32.07 -24.04 55.40
CA ASN L 86 31.64 -25.43 55.25
C ASN L 86 32.28 -26.06 54.03
N MET L 87 33.61 -26.15 54.06
CA MET L 87 34.37 -26.67 52.93
C MET L 87 34.10 -28.16 52.74
N ASP L 88 34.38 -28.63 51.54
CA ASP L 88 34.14 -30.01 51.15
C ASP L 88 35.26 -30.46 50.22
N PRO L 89 35.59 -31.75 50.19
CA PRO L 89 36.67 -32.19 49.29
C PRO L 89 36.43 -31.84 47.83
N VAL L 90 35.19 -31.79 47.38
CA VAL L 90 34.90 -31.47 45.99
C VAL L 90 35.39 -30.07 45.62
N ASP L 91 35.51 -29.18 46.61
CA ASP L 91 35.89 -27.80 46.36
C ASP L 91 37.39 -27.62 46.13
N THR L 92 38.17 -28.69 46.19
CA THR L 92 39.60 -28.59 45.92
C THR L 92 39.80 -28.16 44.47
N ALA L 93 40.22 -26.91 44.28
CA ALA L 93 40.38 -26.37 42.93
C ALA L 93 41.26 -25.13 43.00
N THR L 94 41.75 -24.73 41.83
CA THR L 94 42.54 -23.52 41.70
C THR L 94 41.63 -22.31 41.56
N TYR L 95 41.95 -21.25 42.28
CA TYR L 95 41.13 -20.04 42.32
C TYR L 95 41.88 -18.90 41.68
N TYR L 96 41.25 -18.26 40.69
CA TYR L 96 41.82 -17.12 39.99
C TYR L 96 41.03 -15.87 40.32
N CYS L 97 41.73 -14.77 40.56
CA CYS L 97 41.14 -13.46 40.68
C CYS L 97 41.36 -12.70 39.37
N ALA L 98 40.29 -12.09 38.87
CA ALA L 98 40.34 -11.45 37.56
C ALA L 98 39.59 -10.13 37.60
N ARG L 99 40.12 -9.15 36.89
CA ARG L 99 39.42 -7.89 36.69
C ARG L 99 38.28 -8.09 35.71
N THR L 100 37.29 -7.21 35.80
CA THR L 100 36.05 -7.37 35.05
C THR L 100 35.54 -6.01 34.61
N TYR L 101 35.15 -5.91 33.35
CA TYR L 101 34.57 -4.70 32.81
C TYR L 101 33.05 -4.79 32.89
N TYR L 102 32.41 -3.67 33.20
CA TYR L 102 30.96 -3.60 33.22
C TYR L 102 30.45 -3.14 31.86
N ASN L 103 29.51 -3.90 31.30
CA ASN L 103 28.86 -3.56 30.06
C ASN L 103 27.51 -2.90 30.32
N SER L 104 27.04 -2.13 29.34
CA SER L 104 25.63 -1.80 29.31
C SER L 104 24.80 -3.07 29.18
N ASN L 105 25.30 -4.02 28.38
CA ASN L 105 24.84 -5.39 28.45
C ASN L 105 25.20 -5.97 29.82
N TRP L 106 24.70 -7.16 30.10
CA TRP L 106 24.98 -7.83 31.36
C TRP L 106 25.98 -8.97 31.22
N SER L 107 26.63 -9.10 30.06
CA SER L 107 27.59 -10.17 29.82
C SER L 107 28.99 -9.60 29.92
N HIS L 108 29.49 -9.53 31.16
CA HIS L 108 30.81 -9.01 31.43
C HIS L 108 31.89 -10.03 31.07
N TRP L 109 33.10 -9.54 30.86
CA TRP L 109 34.24 -10.40 30.54
C TRP L 109 35.41 -10.01 31.42
N PHE L 110 36.25 -11.00 31.72
CA PHE L 110 37.40 -10.83 32.62
C PHE L 110 38.67 -10.87 31.76
N ASP L 111 39.23 -9.68 31.50
CA ASP L 111 40.38 -9.62 30.59
C ASP L 111 41.66 -10.12 31.26
N PRO L 112 42.15 -9.50 32.33
CA PRO L 112 43.34 -10.04 32.99
C PRO L 112 43.01 -11.08 34.04
N TRP L 113 43.93 -12.02 34.21
CA TRP L 113 43.79 -13.10 35.17
C TRP L 113 45.04 -13.20 36.03
N GLY L 114 44.85 -13.62 37.27
CA GLY L 114 45.96 -13.84 38.18
C GLY L 114 46.64 -15.16 37.93
N GLN L 115 47.73 -15.37 38.67
CA GLN L 115 48.50 -16.61 38.51
C GLN L 115 47.67 -17.83 38.88
N GLY L 116 46.86 -17.73 39.93
CA GLY L 116 46.06 -18.85 40.39
C GLY L 116 46.67 -19.54 41.59
N THR L 117 45.97 -19.53 42.71
CA THR L 117 46.41 -20.16 43.94
C THR L 117 45.63 -21.45 44.13
N LEU L 118 46.34 -22.56 44.25
CA LEU L 118 45.70 -23.85 44.42
C LEU L 118 45.26 -24.04 45.87
N VAL L 119 44.12 -24.70 46.05
CA VAL L 119 43.56 -24.98 47.36
C VAL L 119 43.16 -26.45 47.41
N THR L 120 43.58 -27.14 48.47
CA THR L 120 43.25 -28.54 48.69
C THR L 120 42.49 -28.67 50.00
N VAL L 121 41.47 -29.53 49.99
CA VAL L 121 40.59 -29.71 51.14
C VAL L 121 40.75 -31.15 51.61
N SER L 122 41.45 -31.32 52.72
CA SER L 122 41.64 -32.64 53.32
C SER L 122 42.34 -32.51 54.66
N SER M 2 28.14 -26.87 33.37
CA SER M 2 28.21 -25.83 32.31
C SER M 2 26.95 -25.85 31.47
N VAL M 3 26.10 -24.83 31.64
CA VAL M 3 24.85 -24.77 30.87
C VAL M 3 25.16 -24.66 29.38
N LEU M 4 26.11 -23.80 29.02
CA LEU M 4 26.54 -23.73 27.64
C LEU M 4 27.29 -25.00 27.26
N THR M 5 27.03 -25.49 26.05
CA THR M 5 27.58 -26.76 25.59
C THR M 5 28.58 -26.52 24.49
N GLN M 6 29.71 -27.19 24.59
CA GLN M 6 30.75 -27.19 23.58
C GLN M 6 31.17 -28.62 23.29
N PRO M 7 31.62 -28.91 22.07
CA PRO M 7 32.14 -30.24 21.78
C PRO M 7 33.33 -30.56 22.66
N PRO M 8 33.48 -31.81 23.10
CA PRO M 8 34.61 -32.13 23.98
C PRO M 8 35.96 -31.90 23.33
N SER M 9 36.07 -32.13 22.03
CA SER M 9 37.36 -32.03 21.35
C SER M 9 37.22 -32.01 19.83
N VAL M 10 38.08 -31.25 19.16
CA VAL M 10 38.11 -31.18 17.71
C VAL M 10 39.56 -31.19 17.26
N SER M 11 39.82 -31.94 16.19
CA SER M 11 41.16 -32.09 15.64
C SER M 11 41.22 -31.46 14.26
N GLY M 12 42.34 -30.83 13.96
CA GLY M 12 42.53 -30.18 12.67
C GLY M 12 43.97 -30.30 12.22
N ALA M 13 44.14 -30.31 10.91
CA ALA M 13 45.48 -30.40 10.32
C ALA M 13 46.16 -29.04 10.35
N PRO M 14 47.50 -29.02 10.29
CA PRO M 14 48.21 -27.74 10.29
C PRO M 14 47.79 -26.87 9.11
N GLY M 15 47.65 -25.57 9.36
CA GLY M 15 47.27 -24.64 8.33
C GLY M 15 45.82 -24.70 7.90
N GLN M 16 45.03 -25.58 8.50
CA GLN M 16 43.63 -25.73 8.14
C GLN M 16 42.76 -24.84 9.01
N ARG M 17 41.61 -24.46 8.46
CA ARG M 17 40.66 -23.60 9.17
C ARG M 17 39.70 -24.47 9.97
N VAL M 18 39.96 -24.61 11.26
CA VAL M 18 39.11 -25.39 12.14
C VAL M 18 38.14 -24.46 12.86
N THR M 19 37.02 -25.01 13.31
CA THR M 19 35.95 -24.21 13.90
C THR M 19 35.44 -24.89 15.16
N ILE M 20 34.89 -24.06 16.05
CA ILE M 20 34.35 -24.51 17.32
C ILE M 20 32.97 -23.90 17.50
N SER M 21 32.11 -24.60 18.26
CA SER M 21 30.72 -24.20 18.46
C SER M 21 30.40 -24.15 19.95
N CYS M 22 29.54 -23.21 20.32
CA CYS M 22 29.11 -23.02 21.70
C CYS M 22 27.60 -22.79 21.69
N THR M 23 26.84 -23.88 21.79
CA THR M 23 25.38 -23.80 21.75
C THR M 23 24.85 -23.27 23.07
N GLY M 24 23.74 -22.54 22.99
CA GLY M 24 23.10 -21.96 24.16
C GLY M 24 21.61 -22.22 24.12
N SER M 25 20.85 -21.24 24.60
CA SER M 25 19.40 -21.33 24.65
C SER M 25 18.82 -19.92 24.67
N SER M 26 17.51 -19.84 24.87
CA SER M 26 16.82 -18.55 24.87
C SER M 26 17.15 -17.71 26.10
N SER M 27 17.85 -18.27 27.08
CA SER M 27 18.14 -17.56 28.31
C SER M 27 19.51 -16.89 28.31
N ASN M 28 20.49 -17.44 27.61
CA ASN M 28 21.85 -16.92 27.63
C ASN M 28 22.25 -16.26 26.32
N ILE M 29 22.21 -16.99 25.21
CA ILE M 29 22.67 -16.44 23.93
C ILE M 29 21.53 -15.83 23.14
N GLY M 30 20.39 -16.53 23.07
CA GLY M 30 19.26 -16.02 22.33
C GLY M 30 18.76 -14.69 22.85
N ALA M 31 18.86 -14.48 24.16
CA ALA M 31 18.38 -13.24 24.75
C ALA M 31 19.18 -12.03 24.31
N GLY M 32 20.34 -12.23 23.69
CA GLY M 32 21.16 -11.14 23.20
C GLY M 32 22.38 -10.85 24.03
N TYR M 33 22.64 -11.60 25.08
CA TYR M 33 23.80 -11.36 25.93
C TYR M 33 25.05 -11.80 25.19
N ASP M 34 26.08 -10.95 25.21
CA ASP M 34 27.27 -11.18 24.41
C ASP M 34 27.93 -12.49 24.82
N VAL M 35 28.88 -12.91 23.98
CA VAL M 35 29.63 -14.15 24.19
C VAL M 35 31.11 -13.84 24.09
N HIS M 36 31.90 -14.50 24.92
CA HIS M 36 33.32 -14.25 25.04
C HIS M 36 34.07 -15.56 25.07
N TRP M 37 35.34 -15.52 24.69
CA TRP M 37 36.16 -16.71 24.60
C TRP M 37 37.45 -16.51 25.38
N TYR M 38 38.03 -17.63 25.81
CA TYR M 38 39.25 -17.64 26.61
C TYR M 38 40.07 -18.86 26.18
N GLN M 39 41.38 -18.68 26.05
CA GLN M 39 42.30 -19.78 25.78
C GLN M 39 43.21 -19.98 26.98
N GLN M 40 43.42 -21.23 27.35
CA GLN M 40 44.20 -21.58 28.54
C GLN M 40 45.22 -22.64 28.16
N LEU M 41 46.49 -22.26 28.10
CA LEU M 41 47.54 -23.22 27.82
C LEU M 41 47.71 -24.16 29.01
N PRO M 42 48.24 -25.36 28.77
CA PRO M 42 48.43 -26.31 29.88
C PRO M 42 49.41 -25.77 30.92
N GLY M 43 48.90 -25.51 32.13
CA GLY M 43 49.70 -24.97 33.20
C GLY M 43 49.66 -23.47 33.34
N THR M 44 48.71 -22.79 32.70
CA THR M 44 48.61 -21.34 32.73
C THR M 44 47.17 -20.93 32.99
N ALA M 45 47.00 -19.66 33.35
CA ALA M 45 45.68 -19.13 33.62
C ALA M 45 44.96 -18.77 32.32
N PRO M 46 43.63 -18.68 32.36
CA PRO M 46 42.88 -18.29 31.16
C PRO M 46 43.31 -16.92 30.67
N LYS M 47 43.29 -16.76 29.34
CA LYS M 47 43.61 -15.49 28.70
C LYS M 47 42.47 -15.10 27.77
N LEU M 48 42.09 -13.83 27.83
CA LEU M 48 41.02 -13.34 26.99
C LEU M 48 41.39 -13.43 25.51
N LEU M 49 40.45 -13.90 24.71
CA LEU M 49 40.64 -14.07 23.28
C LEU M 49 39.69 -13.23 22.45
N ILE M 50 38.39 -13.30 22.74
CA ILE M 50 37.37 -12.51 22.06
C ILE M 50 36.41 -11.99 23.13
N PHE M 51 35.90 -10.77 22.95
CA PHE M 51 35.04 -10.19 23.97
C PHE M 51 33.71 -9.64 23.48
N THR M 52 33.44 -9.58 22.18
CA THR M 52 32.04 -9.55 21.74
C THR M 52 31.95 -10.22 20.37
N TYR M 53 31.88 -11.55 20.41
CA TYR M 53 31.60 -12.44 19.28
C TYR M 53 32.67 -12.45 18.19
N SER M 54 33.47 -11.39 18.08
CA SER M 54 34.56 -11.40 17.10
C SER M 54 35.75 -10.55 17.54
N ASN M 55 35.54 -9.63 18.46
CA ASN M 55 36.53 -8.59 18.71
C ASN M 55 37.81 -9.19 19.23
N ARG M 56 38.92 -8.54 18.90
CA ARG M 56 40.25 -9.07 19.13
C ARG M 56 41.01 -8.11 20.05
N PRO M 57 41.45 -8.54 21.23
CA PRO M 57 42.21 -7.65 22.10
C PRO M 57 43.66 -7.56 21.65
N SER M 58 44.38 -6.64 22.28
CA SER M 58 45.79 -6.47 21.96
C SER M 58 46.56 -7.75 22.25
N GLY M 59 47.38 -8.16 21.30
CA GLY M 59 48.23 -9.33 21.47
C GLY M 59 47.69 -10.61 20.87
N VAL M 60 46.58 -10.57 20.15
CA VAL M 60 45.98 -11.75 19.53
C VAL M 60 46.08 -11.60 18.02
N PRO M 61 46.51 -12.62 17.29
CA PRO M 61 46.59 -12.51 15.83
C PRO M 61 45.22 -12.39 15.20
N ASP M 62 45.20 -11.74 14.03
CA ASP M 62 43.93 -11.50 13.34
C ASP M 62 43.26 -12.79 12.89
N ARG M 63 43.97 -13.91 12.92
CA ARG M 63 43.41 -15.19 12.49
C ARG M 63 42.34 -15.71 13.43
N PHE M 64 42.02 -15.01 14.50
CA PHE M 64 40.94 -15.40 15.41
C PHE M 64 39.74 -14.50 15.18
N SER M 65 38.57 -15.10 14.99
CA SER M 65 37.34 -14.35 14.77
C SER M 65 36.16 -15.22 15.19
N GLY M 66 34.97 -14.65 15.13
CA GLY M 66 33.76 -15.39 15.43
C GLY M 66 32.54 -14.66 14.92
N SER M 67 31.39 -15.30 15.09
CA SER M 67 30.15 -14.76 14.58
C SER M 67 28.98 -15.30 15.40
N LYS M 68 27.83 -14.65 15.25
CA LYS M 68 26.60 -15.04 15.92
C LYS M 68 25.70 -15.74 14.92
N SER M 69 25.25 -16.94 15.27
CA SER M 69 24.46 -17.79 14.38
C SER M 69 23.17 -18.23 15.06
N GLY M 70 22.50 -17.29 15.71
CA GLY M 70 21.28 -17.60 16.43
C GLY M 70 21.58 -17.94 17.88
N THR M 71 21.07 -19.08 18.35
CA THR M 71 21.34 -19.52 19.71
C THR M 71 22.64 -20.31 19.74
N SER M 72 23.69 -19.72 19.17
CA SER M 72 25.00 -20.36 19.11
C SER M 72 26.02 -19.29 18.74
N ALA M 73 27.29 -19.64 18.93
CA ALA M 73 28.37 -18.78 18.51
C ALA M 73 29.54 -19.66 18.09
N SER M 74 30.37 -19.13 17.22
CA SER M 74 31.43 -19.90 16.60
C SER M 74 32.76 -19.16 16.72
N LEU M 75 33.82 -19.93 16.90
CA LEU M 75 35.18 -19.41 16.89
C LEU M 75 35.91 -20.05 15.72
N ALA M 76 36.51 -19.20 14.88
CA ALA M 76 37.21 -19.64 13.69
C ALA M 76 38.69 -19.35 13.83
N ILE M 77 39.51 -20.34 13.50
CA ILE M 77 40.96 -20.23 13.54
C ILE M 77 41.50 -20.49 12.14
N THR M 78 42.29 -19.55 11.63
CA THR M 78 42.91 -19.66 10.32
C THR M 78 44.41 -19.82 10.50
N GLY M 79 44.99 -20.79 9.79
CA GLY M 79 46.41 -21.04 9.92
C GLY M 79 46.73 -21.75 11.20
N LEU M 80 46.23 -22.98 11.35
CA LEU M 80 46.40 -23.72 12.59
C LEU M 80 47.88 -23.96 12.87
N GLN M 81 48.30 -23.69 14.10
CA GLN M 81 49.67 -23.90 14.55
C GLN M 81 49.65 -24.55 15.92
N ALA M 82 50.85 -24.82 16.45
CA ALA M 82 50.97 -25.40 17.78
C ALA M 82 50.50 -24.44 18.87
N GLU M 83 50.51 -23.13 18.61
CA GLU M 83 50.01 -22.18 19.59
C GLU M 83 48.54 -22.44 19.91
N ASP M 84 47.82 -23.10 19.01
CA ASP M 84 46.40 -23.36 19.17
C ASP M 84 46.11 -24.71 19.80
N GLU M 85 47.07 -25.25 20.57
CA GLU M 85 46.89 -26.51 21.27
C GLU M 85 46.28 -26.33 22.65
N ALA M 86 45.51 -25.25 22.85
CA ALA M 86 45.01 -24.89 24.15
C ALA M 86 43.58 -25.41 24.35
N ASP M 87 43.00 -25.06 25.49
CA ASP M 87 41.60 -25.32 25.79
C ASP M 87 40.83 -24.02 25.72
N TYR M 88 39.71 -24.04 25.01
CA TYR M 88 38.92 -22.84 24.76
C TYR M 88 37.57 -22.95 25.47
N TYR M 89 37.15 -21.85 26.08
CA TYR M 89 35.93 -21.79 26.86
C TYR M 89 35.10 -20.60 26.39
N CYS M 90 33.79 -20.77 26.32
CA CYS M 90 32.88 -19.68 26.04
C CYS M 90 32.19 -19.24 27.33
N GLN M 91 31.79 -17.98 27.35
CA GLN M 91 31.21 -17.36 28.53
C GLN M 91 30.08 -16.44 28.11
N SER M 92 29.10 -16.31 29.00
CA SER M 92 27.91 -15.50 28.73
C SER M 92 27.15 -15.35 30.04
N TYR M 93 26.02 -14.64 29.98
CA TYR M 93 25.16 -14.41 31.12
C TYR M 93 23.83 -15.11 30.90
N ASP M 94 23.32 -15.74 31.96
CA ASP M 94 22.05 -16.44 31.93
C ASP M 94 21.07 -15.73 32.86
N SER M 95 19.91 -15.34 32.33
CA SER M 95 18.93 -14.62 33.11
C SER M 95 18.17 -15.53 34.06
N SER M 96 17.89 -16.78 33.66
CA SER M 96 17.17 -17.69 34.54
C SER M 96 17.99 -18.01 35.78
N LEU M 97 19.15 -18.64 35.59
CA LEU M 97 20.04 -18.91 36.71
C LEU M 97 20.59 -17.63 37.32
N ARG M 98 20.53 -16.52 36.58
CA ARG M 98 20.95 -15.21 37.08
C ARG M 98 22.43 -15.22 37.50
N ILE M 99 23.26 -15.86 36.69
CA ILE M 99 24.69 -15.95 36.95
C ILE M 99 25.45 -15.86 35.62
N TRP M 100 26.76 -15.76 35.74
CA TRP M 100 27.65 -15.86 34.59
C TRP M 100 28.17 -17.28 34.47
N VAL M 101 28.07 -17.84 33.27
CA VAL M 101 28.27 -19.26 33.05
C VAL M 101 29.42 -19.47 32.07
N PHE M 102 30.06 -20.62 32.19
CA PHE M 102 31.09 -21.07 31.28
C PHE M 102 30.66 -22.38 30.62
N GLY M 103 31.37 -22.73 29.54
CA GLY M 103 31.10 -23.95 28.83
C GLY M 103 31.95 -25.11 29.32
N GLY M 104 31.77 -26.25 28.65
CA GLY M 104 32.50 -27.45 28.99
C GLY M 104 33.91 -27.50 28.49
N GLY M 105 34.32 -26.52 27.68
CA GLY M 105 35.68 -26.49 27.17
C GLY M 105 35.91 -27.52 26.08
N THR M 106 36.78 -27.19 25.13
CA THR M 106 37.13 -28.11 24.06
C THR M 106 38.64 -28.11 23.92
N LYS M 107 39.20 -29.32 23.73
CA LYS M 107 40.64 -29.51 23.65
C LYS M 107 41.03 -29.55 22.18
N LEU M 108 41.48 -28.42 21.65
CA LEU M 108 41.94 -28.36 20.28
C LEU M 108 43.30 -29.04 20.15
N THR M 109 43.43 -29.89 19.14
CA THR M 109 44.67 -30.63 18.89
C THR M 109 45.04 -30.52 17.43
N VAL M 110 46.33 -30.67 17.15
CA VAL M 110 46.88 -30.58 15.80
C VAL M 110 47.47 -31.93 15.42
N LEU M 111 47.20 -32.36 14.19
CA LEU M 111 47.69 -33.64 13.69
C LEU M 111 49.10 -33.50 13.11
N GLY M 112 50.04 -33.21 14.01
CA GLY M 112 51.44 -33.07 13.61
C GLY M 112 52.14 -34.40 13.47
N GLN N 1 50.03 12.68 -35.48
CA GLN N 1 49.07 12.52 -34.35
C GLN N 1 49.81 12.56 -33.02
N VAL N 2 49.11 12.20 -31.95
CA VAL N 2 49.71 12.21 -30.62
C VAL N 2 50.70 11.07 -30.51
N THR N 3 51.92 11.39 -30.08
CA THR N 3 52.99 10.40 -29.96
C THR N 3 53.82 10.70 -28.73
N LEU N 4 54.50 9.67 -28.24
CA LEU N 4 55.36 9.79 -27.07
C LEU N 4 56.67 9.07 -27.34
N ARG N 5 57.76 9.64 -26.82
CA ARG N 5 59.08 9.06 -26.96
C ARG N 5 59.78 9.05 -25.62
N GLU N 6 60.44 7.93 -25.31
CA GLU N 6 61.19 7.78 -24.08
C GLU N 6 62.68 7.86 -24.36
N SER N 7 63.43 8.31 -23.36
CA SER N 7 64.87 8.43 -23.48
C SER N 7 65.49 8.31 -22.10
N GLY N 8 66.70 7.76 -22.06
CA GLY N 8 67.44 7.64 -20.83
C GLY N 8 68.50 6.56 -20.90
N PRO N 9 69.30 6.45 -19.84
CA PRO N 9 70.39 5.47 -19.84
C PRO N 9 69.84 4.05 -19.83
N ALA N 10 70.41 3.20 -20.67
CA ALA N 10 70.03 1.79 -20.72
C ALA N 10 70.72 0.95 -19.65
N LEU N 11 71.73 1.49 -18.98
CA LEU N 11 72.45 0.76 -17.94
C LEU N 11 72.76 1.71 -16.79
N VAL N 12 72.43 1.29 -15.58
CA VAL N 12 72.66 2.07 -14.38
C VAL N 12 73.15 1.14 -13.28
N LYS N 13 74.16 1.58 -12.55
CA LYS N 13 74.72 0.76 -11.49
C LYS N 13 73.81 0.77 -10.27
N PRO N 14 73.88 -0.27 -9.44
CA PRO N 14 73.00 -0.35 -8.27
C PRO N 14 73.23 0.81 -7.32
N THR N 15 72.22 1.06 -6.49
CA THR N 15 72.18 2.14 -5.50
C THR N 15 72.42 3.51 -6.12
N GLN N 16 72.33 3.63 -7.44
CA GLN N 16 72.45 4.92 -8.09
C GLN N 16 71.07 5.50 -8.33
N THR N 17 71.02 6.63 -9.03
CA THR N 17 69.77 7.32 -9.32
C THR N 17 69.53 7.27 -10.83
N LEU N 18 68.39 6.71 -11.22
CA LEU N 18 67.98 6.66 -12.61
C LEU N 18 67.18 7.91 -12.96
N THR N 19 67.34 8.38 -14.19
CA THR N 19 66.60 9.52 -14.70
C THR N 19 66.11 9.20 -16.10
N LEU N 20 64.83 9.47 -16.34
CA LEU N 20 64.21 9.24 -17.64
C LEU N 20 63.42 10.48 -18.03
N THR N 21 63.34 10.73 -19.33
CA THR N 21 62.63 11.87 -19.87
C THR N 21 61.77 11.41 -21.04
N CYS N 22 60.57 11.97 -21.14
CA CYS N 22 59.66 11.68 -22.23
C CYS N 22 59.31 12.98 -22.95
N THR N 23 59.04 12.85 -24.24
CA THR N 23 58.66 13.98 -25.09
C THR N 23 57.37 13.62 -25.80
N PHE N 24 56.35 14.46 -25.66
CA PHE N 24 55.05 14.20 -26.22
C PHE N 24 54.63 15.34 -27.14
N SER N 25 53.87 14.99 -28.18
CA SER N 25 53.38 15.93 -29.16
C SER N 25 51.89 15.69 -29.40
N GLY N 26 51.21 16.72 -29.86
CA GLY N 26 49.79 16.65 -30.15
C GLY N 26 48.90 17.06 -29.00
N PHE N 27 49.44 17.22 -27.80
CA PHE N 27 48.65 17.67 -26.67
C PHE N 27 49.59 18.30 -25.65
N SER N 28 49.00 19.05 -24.73
CA SER N 28 49.73 19.72 -23.67
C SER N 28 49.18 19.32 -22.31
N LEU N 29 50.04 19.43 -21.30
CA LEU N 29 49.63 19.19 -19.92
C LEU N 29 48.98 20.42 -19.30
N SER N 30 48.56 21.39 -20.11
CA SER N 30 47.77 22.52 -19.64
C SER N 30 46.29 22.35 -19.88
N THR N 31 45.89 21.45 -20.78
CA THR N 31 44.48 21.19 -21.03
C THR N 31 43.91 20.32 -19.93
N ASN N 32 42.79 20.76 -19.35
CA ASN N 32 42.16 20.01 -18.28
C ASN N 32 41.77 18.63 -18.77
N GLY N 33 42.03 17.61 -17.96
CA GLY N 33 41.75 16.23 -18.30
C GLY N 33 42.91 15.49 -18.92
N MET N 34 44.02 16.17 -19.21
CA MET N 34 45.19 15.56 -19.80
C MET N 34 46.22 15.28 -18.72
N CYS N 35 46.76 14.07 -18.71
CA CYS N 35 47.72 13.66 -17.71
C CYS N 35 48.71 12.68 -18.33
N VAL N 36 49.84 12.50 -17.66
CA VAL N 36 50.89 11.59 -18.11
C VAL N 36 51.25 10.68 -16.96
N SER N 37 51.48 9.41 -17.25
CA SER N 37 51.80 8.42 -16.24
C SER N 37 52.94 7.53 -16.71
N TRP N 38 53.65 6.95 -15.75
CA TRP N 38 54.77 6.05 -16.01
C TRP N 38 54.41 4.65 -15.54
N ILE N 39 54.73 3.66 -16.38
CA ILE N 39 54.47 2.27 -16.11
C ILE N 39 55.74 1.49 -16.42
N ARG N 40 55.85 0.29 -15.86
CA ARG N 40 56.98 -0.57 -16.13
C ARG N 40 56.52 -2.00 -16.21
N GLN N 41 57.32 -2.82 -16.89
CA GLN N 41 56.98 -4.23 -17.12
C GLN N 41 58.27 -5.04 -17.06
N PRO N 42 58.57 -5.66 -15.92
CA PRO N 42 59.72 -6.53 -15.85
C PRO N 42 59.58 -7.68 -16.84
N PRO N 43 60.69 -8.20 -17.35
CA PRO N 43 60.62 -9.31 -18.30
C PRO N 43 59.76 -10.47 -17.79
N GLY N 44 58.81 -10.91 -18.60
CA GLY N 44 57.95 -12.01 -18.21
C GLY N 44 57.12 -11.74 -16.97
N LYS N 45 56.65 -10.51 -16.79
CA LYS N 45 55.87 -10.14 -15.62
C LYS N 45 54.83 -9.10 -16.02
N ALA N 46 53.86 -8.90 -15.13
CA ALA N 46 52.75 -8.01 -15.42
C ALA N 46 53.17 -6.55 -15.26
N LEU N 47 52.34 -5.67 -15.80
CA LEU N 47 52.59 -4.25 -15.72
C LEU N 47 52.44 -3.76 -14.28
N GLU N 48 53.13 -2.67 -13.96
CA GLU N 48 53.11 -2.09 -12.64
C GLU N 48 53.14 -0.57 -12.78
N TRP N 49 52.12 0.08 -12.24
CA TRP N 49 52.03 1.53 -12.26
C TRP N 49 53.04 2.13 -11.28
N LEU N 50 53.65 3.24 -11.67
CA LEU N 50 54.66 3.90 -10.85
C LEU N 50 54.23 5.28 -10.40
N ALA N 51 53.88 6.17 -11.32
CA ALA N 51 53.61 7.55 -10.97
C ALA N 51 52.70 8.17 -12.02
N LEU N 52 52.32 9.42 -11.76
CA LEU N 52 51.37 10.13 -12.60
C LEU N 52 51.39 11.59 -12.20
N ILE N 53 51.30 12.47 -13.20
CA ILE N 53 51.21 13.90 -12.97
C ILE N 53 50.17 14.47 -13.91
N ASP N 54 49.46 15.49 -13.45
CA ASP N 54 48.31 16.03 -14.16
C ASP N 54 48.53 17.50 -14.48
N TRP N 55 47.48 18.12 -15.01
CA TRP N 55 47.56 19.51 -15.46
C TRP N 55 47.78 20.46 -14.28
N ASP N 56 47.14 20.21 -13.14
CA ASP N 56 47.30 21.07 -11.98
C ASP N 56 48.60 20.82 -11.23
N ASP N 57 49.45 19.93 -11.72
CA ASP N 57 50.77 19.59 -11.19
C ASP N 57 50.66 18.63 -10.02
N ASP N 58 49.47 18.21 -9.61
CA ASP N 58 49.35 17.21 -8.57
C ASP N 58 50.00 15.91 -9.02
N LYS N 59 50.71 15.27 -8.10
CA LYS N 59 51.52 14.10 -8.42
C LYS N 59 51.09 12.92 -7.56
N TYR N 60 51.17 11.73 -8.15
CA TYR N 60 50.76 10.49 -7.52
C TYR N 60 51.87 9.47 -7.67
N TYR N 61 52.11 8.71 -6.61
CA TYR N 61 53.16 7.70 -6.61
C TYR N 61 52.63 6.41 -6.00
N SER N 62 53.23 5.31 -6.40
CA SER N 62 52.91 4.03 -5.79
C SER N 62 53.37 4.02 -4.33
N THR N 63 52.53 3.48 -3.45
CA THR N 63 52.84 3.46 -2.03
C THR N 63 54.09 2.63 -1.76
N SER N 64 54.24 1.49 -2.46
CA SER N 64 55.39 0.63 -2.24
C SER N 64 56.70 1.32 -2.61
N LEU N 65 56.66 2.37 -3.43
CA LEU N 65 57.88 3.02 -3.90
C LEU N 65 57.78 4.54 -3.81
N LYS N 66 56.92 5.07 -2.93
CA LYS N 66 56.67 6.51 -2.93
C LYS N 66 57.93 7.31 -2.59
N THR N 67 58.70 6.85 -1.61
CA THR N 67 59.86 7.60 -1.17
C THR N 67 60.93 7.69 -2.25
N ARG N 68 61.01 6.68 -3.12
CA ARG N 68 62.06 6.61 -4.12
C ARG N 68 61.74 7.39 -5.39
N LEU N 69 60.50 7.85 -5.55
CA LEU N 69 60.04 8.39 -6.82
C LEU N 69 59.72 9.88 -6.70
N THR N 70 60.07 10.62 -7.73
CA THR N 70 59.66 12.01 -7.87
C THR N 70 59.50 12.30 -9.36
N ILE N 71 58.55 13.17 -9.68
CA ILE N 71 58.21 13.47 -11.07
C ILE N 71 57.98 14.96 -11.20
N SER N 72 58.17 15.47 -12.41
CA SER N 72 57.95 16.88 -12.70
C SER N 72 57.64 17.03 -14.18
N LYS N 73 57.05 18.18 -14.53
CA LYS N 73 56.65 18.46 -15.89
C LYS N 73 57.12 19.85 -16.30
N ASN N 74 57.26 20.04 -17.60
CA ASN N 74 57.63 21.33 -18.19
C ASN N 74 56.70 21.55 -19.38
N THR N 75 55.66 22.36 -19.18
CA THR N 75 54.69 22.58 -20.24
C THR N 75 55.32 23.25 -21.45
N SER N 76 56.17 24.25 -21.22
CA SER N 76 56.76 25.00 -22.32
C SER N 76 57.68 24.14 -23.19
N LYS N 77 58.08 22.97 -22.72
CA LYS N 77 58.96 22.09 -23.47
C LYS N 77 58.34 20.73 -23.75
N ASN N 78 57.12 20.47 -23.27
CA ASN N 78 56.41 19.22 -23.51
C ASN N 78 57.29 18.02 -23.13
N GLN N 79 57.84 18.08 -21.92
CA GLN N 79 58.67 17.00 -21.39
C GLN N 79 58.30 16.76 -19.94
N VAL N 80 58.44 15.50 -19.53
CA VAL N 80 58.20 15.08 -18.17
C VAL N 80 59.34 14.18 -17.73
N VAL N 81 59.83 14.40 -16.51
CA VAL N 81 61.04 13.76 -16.01
C VAL N 81 60.68 12.89 -14.82
N LEU N 82 61.16 11.64 -14.84
CA LEU N 82 61.05 10.74 -13.72
C LEU N 82 62.42 10.55 -13.09
N THR N 83 62.44 10.35 -11.78
CA THR N 83 63.69 10.14 -11.05
C THR N 83 63.46 9.11 -9.97
N MET N 84 64.15 7.97 -10.06
CA MET N 84 64.09 6.91 -9.07
C MET N 84 65.45 6.81 -8.40
N THR N 85 65.44 6.68 -7.07
CA THR N 85 66.65 6.60 -6.29
C THR N 85 66.79 5.21 -5.65
N ASN N 86 68.04 4.87 -5.31
CA ASN N 86 68.35 3.60 -4.67
C ASN N 86 67.89 2.43 -5.53
N MET N 87 68.49 2.34 -6.71
CA MET N 87 68.10 1.32 -7.67
C MET N 87 68.49 -0.07 -7.16
N ASP N 88 67.84 -1.07 -7.73
CA ASP N 88 68.02 -2.47 -7.34
C ASP N 88 67.91 -3.33 -8.58
N PRO N 89 68.58 -4.49 -8.62
CA PRO N 89 68.48 -5.34 -9.81
C PRO N 89 67.06 -5.74 -10.17
N VAL N 90 66.17 -5.87 -9.19
CA VAL N 90 64.80 -6.26 -9.48
C VAL N 90 64.08 -5.22 -10.34
N ASP N 91 64.55 -3.98 -10.32
CA ASP N 91 63.90 -2.90 -11.05
C ASP N 91 64.25 -2.89 -12.53
N THR N 92 65.07 -3.82 -13.00
CA THR N 92 65.38 -3.91 -14.43
C THR N 92 64.11 -4.23 -15.20
N ALA N 93 63.58 -3.25 -15.92
CA ALA N 93 62.32 -3.43 -16.63
C ALA N 93 62.19 -2.34 -17.68
N THR N 94 61.27 -2.56 -18.61
CA THR N 94 60.95 -1.60 -19.66
C THR N 94 59.95 -0.59 -19.12
N TYR N 95 60.20 0.69 -19.41
CA TYR N 95 59.39 1.78 -18.90
C TYR N 95 58.68 2.45 -20.06
N TYR N 96 57.35 2.55 -19.95
CA TYR N 96 56.52 3.19 -20.96
C TYR N 96 55.92 4.47 -20.39
N CYS N 97 55.93 5.52 -21.20
CA CYS N 97 55.22 6.75 -20.90
C CYS N 97 53.93 6.78 -21.71
N ALA N 98 52.82 7.09 -21.03
CA ALA N 98 51.51 7.01 -21.66
C ALA N 98 50.67 8.21 -21.24
N ARG N 99 49.87 8.72 -22.19
CA ARG N 99 48.90 9.74 -21.89
C ARG N 99 47.74 9.14 -21.13
N THR N 100 47.03 9.97 -20.39
CA THR N 100 46.00 9.51 -19.47
C THR N 100 44.85 10.49 -19.45
N TYR N 101 43.63 9.98 -19.55
CA TYR N 101 42.43 10.79 -19.46
C TYR N 101 41.92 10.79 -18.02
N TYR N 102 41.43 11.94 -17.57
CA TYR N 102 40.83 12.06 -16.25
C TYR N 102 39.33 11.82 -16.34
N ASN N 103 38.84 10.91 -15.51
CA ASN N 103 37.42 10.62 -15.41
C ASN N 103 36.81 11.37 -14.22
N SER N 104 35.51 11.58 -14.30
CA SER N 104 34.77 11.90 -13.08
C SER N 104 34.87 10.75 -12.10
N ASN N 105 34.85 9.52 -12.61
CA ASN N 105 35.31 8.37 -11.87
C ASN N 105 36.81 8.52 -11.61
N TRP N 106 37.36 7.62 -10.80
CA TRP N 106 38.77 7.63 -10.48
C TRP N 106 39.55 6.54 -11.20
N SER N 107 38.93 5.85 -12.16
CA SER N 107 39.59 4.77 -12.88
C SER N 107 39.99 5.28 -14.26
N HIS N 108 41.16 5.92 -14.30
CA HIS N 108 41.68 6.47 -15.55
C HIS N 108 42.26 5.37 -16.42
N TRP N 109 42.36 5.66 -17.72
CA TRP N 109 42.93 4.73 -18.67
C TRP N 109 43.96 5.46 -19.55
N PHE N 110 44.96 4.72 -20.00
CA PHE N 110 46.07 5.26 -20.77
C PHE N 110 45.90 4.78 -22.22
N ASP N 111 45.41 5.67 -23.08
CA ASP N 111 45.11 5.25 -24.45
C ASP N 111 46.38 5.10 -25.29
N PRO N 112 47.18 6.14 -25.52
CA PRO N 112 48.41 5.96 -26.26
C PRO N 112 49.58 5.57 -25.37
N TRP N 113 50.49 4.79 -25.95
CA TRP N 113 51.68 4.33 -25.27
C TRP N 113 52.91 4.62 -26.10
N GLY N 114 54.03 4.86 -25.41
CA GLY N 114 55.30 5.07 -26.07
C GLY N 114 55.94 3.78 -26.50
N GLN N 115 57.07 3.91 -27.19
CA GLN N 115 57.79 2.74 -27.68
C GLN N 115 58.27 1.87 -26.53
N GLY N 116 58.75 2.48 -25.46
CA GLY N 116 59.30 1.76 -24.33
C GLY N 116 60.80 1.71 -24.34
N THR N 117 61.41 2.29 -23.32
CA THR N 117 62.87 2.31 -23.17
C THR N 117 63.27 1.31 -22.10
N LEU N 118 64.12 0.36 -22.47
CA LEU N 118 64.57 -0.67 -21.55
C LEU N 118 65.64 -0.11 -20.61
N VAL N 119 65.61 -0.58 -19.37
CA VAL N 119 66.57 -0.17 -18.35
C VAL N 119 67.09 -1.42 -17.65
N THR N 120 68.40 -1.51 -17.52
CA THR N 120 69.05 -2.62 -16.83
C THR N 120 69.87 -2.09 -15.67
N VAL N 121 69.82 -2.81 -14.55
CA VAL N 121 70.47 -2.39 -13.32
C VAL N 121 71.54 -3.42 -12.99
N SER N 122 72.80 -3.07 -13.22
CA SER N 122 73.93 -3.93 -12.90
C SER N 122 75.23 -3.20 -13.12
N SER O 2 49.90 -8.20 -8.61
CA SER O 2 48.62 -7.80 -9.25
C SER O 2 47.44 -8.19 -8.37
N VAL O 3 46.80 -7.19 -7.75
CA VAL O 3 45.67 -7.48 -6.89
C VAL O 3 44.53 -8.10 -7.69
N LEU O 4 44.24 -7.55 -8.88
CA LEU O 4 43.26 -8.17 -9.76
C LEU O 4 43.81 -9.48 -10.29
N THR O 5 42.94 -10.49 -10.37
CA THR O 5 43.33 -11.83 -10.75
C THR O 5 42.74 -12.18 -12.11
N GLN O 6 43.57 -12.75 -12.96
CA GLN O 6 43.16 -13.26 -14.25
C GLN O 6 43.72 -14.66 -14.44
N PRO O 7 43.05 -15.51 -15.20
CA PRO O 7 43.59 -16.83 -15.48
C PRO O 7 44.91 -16.71 -16.22
N PRO O 8 45.87 -17.60 -15.93
CA PRO O 8 47.18 -17.49 -16.60
C PRO O 8 47.09 -17.64 -18.10
N SER O 9 46.17 -18.47 -18.60
CA SER O 9 46.10 -18.73 -20.04
C SER O 9 44.81 -19.44 -20.42
N VAL O 10 44.28 -19.13 -21.59
CA VAL O 10 43.08 -19.76 -22.13
C VAL O 10 43.31 -20.03 -23.61
N SER O 11 42.87 -21.21 -24.06
CA SER O 11 43.03 -21.63 -25.44
C SER O 11 41.67 -21.76 -26.10
N GLY O 12 41.59 -21.37 -27.36
CA GLY O 12 40.36 -21.43 -28.10
C GLY O 12 40.62 -21.79 -29.56
N ALA O 13 39.63 -22.44 -30.17
CA ALA O 13 39.72 -22.83 -31.56
C ALA O 13 39.45 -21.63 -32.47
N PRO O 14 39.92 -21.68 -33.71
CA PRO O 14 39.64 -20.58 -34.64
C PRO O 14 38.15 -20.38 -34.84
N GLY O 15 37.73 -19.12 -34.90
CA GLY O 15 36.35 -18.79 -35.11
C GLY O 15 35.45 -19.01 -33.91
N GLN O 16 35.99 -19.47 -32.80
CA GLN O 16 35.21 -19.75 -31.60
C GLN O 16 35.17 -18.51 -30.70
N ARG O 17 34.11 -18.42 -29.90
CA ARG O 17 33.94 -17.30 -28.99
C ARG O 17 34.57 -17.67 -27.65
N VAL O 18 35.77 -17.16 -27.41
CA VAL O 18 36.48 -17.41 -26.17
C VAL O 18 36.28 -16.21 -25.25
N THR O 19 36.43 -16.46 -23.94
CA THR O 19 36.13 -15.45 -22.93
C THR O 19 37.25 -15.42 -21.89
N ILE O 20 37.38 -14.25 -21.26
CA ILE O 20 38.39 -14.02 -20.24
C ILE O 20 37.72 -13.36 -19.03
N SER O 21 38.30 -13.59 -17.85
CA SER O 21 37.73 -13.10 -16.61
C SER O 21 38.78 -12.34 -15.81
N CYS O 22 38.33 -11.31 -15.10
CA CYS O 22 39.19 -10.47 -14.28
C CYS O 22 38.47 -10.24 -12.94
N THR O 23 38.73 -11.11 -11.98
CA THR O 23 38.08 -11.03 -10.67
C THR O 23 38.70 -9.91 -9.85
N GLY O 24 37.88 -9.28 -9.01
CA GLY O 24 38.31 -8.20 -8.15
C GLY O 24 37.80 -8.41 -6.74
N SER O 25 37.46 -7.30 -6.10
CA SER O 25 36.97 -7.31 -4.73
C SER O 25 36.14 -6.06 -4.50
N SER O 26 35.74 -5.86 -3.24
CA SER O 26 34.91 -4.72 -2.88
C SER O 26 35.66 -3.40 -2.94
N SER O 27 36.98 -3.43 -3.14
CA SER O 27 37.78 -2.22 -3.14
C SER O 27 38.05 -1.67 -4.54
N ASN O 28 38.10 -2.52 -5.56
CA ASN O 28 38.44 -2.08 -6.91
C ASN O 28 37.26 -2.15 -7.87
N ILE O 29 36.65 -3.32 -8.05
CA ILE O 29 35.57 -3.47 -9.02
C ILE O 29 34.21 -3.29 -8.37
N GLY O 30 34.00 -3.90 -7.20
CA GLY O 30 32.73 -3.78 -6.53
C GLY O 30 32.37 -2.35 -6.17
N ALA O 31 33.38 -1.54 -5.86
CA ALA O 31 33.13 -0.16 -5.48
C ALA O 31 32.57 0.67 -6.63
N GLY O 32 32.62 0.16 -7.86
CA GLY O 32 32.08 0.87 -9.00
C GLY O 32 33.11 1.49 -9.91
N TYR O 33 34.40 1.34 -9.63
CA TYR O 33 35.44 1.91 -10.46
C TYR O 33 35.53 1.14 -11.76
N ASP O 34 35.60 1.87 -12.87
CA ASP O 34 35.53 1.26 -14.18
C ASP O 34 36.69 0.28 -14.39
N VAL O 35 36.57 -0.51 -15.44
CA VAL O 35 37.57 -1.51 -15.80
C VAL O 35 37.95 -1.32 -17.25
N HIS O 36 39.22 -1.52 -17.55
CA HIS O 36 39.78 -1.27 -18.87
C HIS O 36 40.66 -2.44 -19.26
N TRP O 37 40.85 -2.61 -20.56
CA TRP O 37 41.62 -3.73 -21.09
C TRP O 37 42.68 -3.21 -22.05
N TYR O 38 43.75 -4.00 -22.20
CA TYR O 38 44.88 -3.66 -23.05
C TYR O 38 45.40 -4.94 -23.68
N GLN O 39 45.73 -4.88 -24.97
CA GLN O 39 46.35 -5.99 -25.66
C GLN O 39 47.76 -5.61 -26.05
N GLN O 40 48.70 -6.54 -25.86
CA GLN O 40 50.12 -6.30 -26.09
C GLN O 40 50.68 -7.44 -26.92
N LEU O 41 50.98 -7.16 -28.18
CA LEU O 41 51.59 -8.16 -29.03
C LEU O 41 53.03 -8.42 -28.59
N PRO O 42 53.56 -9.60 -28.91
CA PRO O 42 54.94 -9.90 -28.51
C PRO O 42 55.94 -8.95 -29.16
N GLY O 43 56.59 -8.13 -28.34
CA GLY O 43 57.55 -7.16 -28.83
C GLY O 43 57.01 -5.77 -29.06
N THR O 44 55.81 -5.47 -28.55
CA THR O 44 55.17 -4.17 -28.76
C THR O 44 54.62 -3.66 -27.44
N ALA O 45 54.30 -2.37 -27.43
CA ALA O 45 53.75 -1.73 -26.24
C ALA O 45 52.27 -2.03 -26.09
N PRO O 46 51.74 -1.90 -24.89
CA PRO O 46 50.29 -2.12 -24.69
C PRO O 46 49.47 -1.16 -25.54
N LYS O 47 48.33 -1.65 -26.00
CA LYS O 47 47.38 -0.87 -26.79
C LYS O 47 46.01 -0.94 -26.14
N LEU O 48 45.36 0.21 -26.04
CA LEU O 48 44.02 0.26 -25.45
C LEU O 48 43.04 -0.54 -26.27
N LEU O 49 42.20 -1.32 -25.59
CA LEU O 49 41.19 -2.17 -26.21
C LEU O 49 39.78 -1.79 -25.80
N ILE O 50 39.53 -1.68 -24.49
CA ILE O 50 38.24 -1.30 -23.95
C ILE O 50 38.49 -0.30 -22.83
N PHE O 51 37.62 0.70 -22.68
CA PHE O 51 37.85 1.71 -21.67
C PHE O 51 36.68 2.00 -20.72
N THR O 52 35.49 1.43 -20.94
CA THR O 52 34.56 1.28 -19.81
C THR O 52 33.72 0.03 -20.05
N TYR O 53 34.29 -1.12 -19.70
CA TYR O 53 33.65 -2.42 -19.63
C TYR O 53 33.20 -2.99 -20.97
N SER O 54 32.97 -2.14 -21.98
CA SER O 54 32.62 -2.64 -23.30
C SER O 54 33.08 -1.72 -24.43
N ASN O 55 33.35 -0.46 -24.11
CA ASN O 55 33.49 0.54 -25.15
C ASN O 55 34.69 0.24 -26.03
N ARG O 56 34.57 0.62 -27.29
CA ARG O 56 35.53 0.24 -28.33
C ARG O 56 36.16 1.49 -28.91
N PRO O 57 37.48 1.67 -28.81
CA PRO O 57 38.11 2.86 -29.41
C PRO O 57 38.27 2.68 -30.91
N SER O 58 38.67 3.78 -31.55
CA SER O 58 38.91 3.74 -33.00
C SER O 58 40.01 2.74 -33.33
N GLY O 59 39.74 1.89 -34.32
CA GLY O 59 40.71 0.93 -34.78
C GLY O 59 40.58 -0.46 -34.22
N VAL O 60 39.54 -0.74 -33.46
CA VAL O 60 39.30 -2.06 -32.87
C VAL O 60 38.06 -2.66 -33.50
N PRO O 61 38.09 -3.92 -33.93
CA PRO O 61 36.88 -4.52 -34.52
C PRO O 61 35.77 -4.69 -33.51
N ASP O 62 34.54 -4.69 -34.01
CA ASP O 62 33.37 -4.78 -33.15
C ASP O 62 33.30 -6.10 -32.40
N ARG O 63 34.09 -7.10 -32.81
CA ARG O 63 34.08 -8.40 -32.17
C ARG O 63 34.63 -8.39 -30.75
N PHE O 64 35.06 -7.24 -30.24
CA PHE O 64 35.54 -7.12 -28.87
C PHE O 64 34.48 -6.41 -28.04
N SER O 65 34.12 -7.00 -26.91
CA SER O 65 33.13 -6.41 -26.01
C SER O 65 33.37 -6.95 -24.61
N GLY O 66 32.59 -6.45 -23.65
CA GLY O 66 32.69 -6.92 -22.29
C GLY O 66 31.47 -6.50 -21.50
N SER O 67 31.42 -6.95 -20.24
CA SER O 67 30.27 -6.69 -19.39
C SER O 67 30.70 -6.74 -17.94
N LYS O 68 29.85 -6.21 -17.07
CA LYS O 68 30.06 -6.20 -15.64
C LYS O 68 29.20 -7.28 -14.99
N SER O 69 29.81 -8.15 -14.21
CA SER O 69 29.15 -9.30 -13.61
C SER O 69 29.39 -9.32 -12.10
N GLY O 70 29.23 -8.17 -11.47
CA GLY O 70 29.47 -8.06 -10.03
C GLY O 70 30.89 -7.66 -9.74
N THR O 71 31.56 -8.42 -8.87
CA THR O 71 32.96 -8.17 -8.57
C THR O 71 33.85 -8.87 -9.58
N SER O 72 33.56 -8.66 -10.87
CA SER O 72 34.29 -9.28 -11.95
C SER O 72 33.95 -8.55 -13.24
N ALA O 73 34.75 -8.80 -14.26
CA ALA O 73 34.48 -8.27 -15.59
C ALA O 73 34.99 -9.27 -16.59
N SER O 74 34.39 -9.25 -17.78
CA SER O 74 34.65 -10.26 -18.79
C SER O 74 34.95 -9.58 -20.11
N LEU O 75 35.85 -10.19 -20.87
CA LEU O 75 36.17 -9.79 -22.24
C LEU O 75 35.79 -10.91 -23.17
N ALA O 76 34.98 -10.60 -24.17
CA ALA O 76 34.49 -11.57 -25.13
C ALA O 76 35.07 -11.29 -26.50
N ILE O 77 35.55 -12.33 -27.16
CA ILE O 77 36.13 -12.26 -28.50
C ILE O 77 35.32 -13.17 -29.41
N THR O 78 34.81 -12.61 -30.50
CA THR O 78 34.06 -13.37 -31.49
C THR O 78 34.87 -13.45 -32.78
N GLY O 79 34.95 -14.65 -33.34
CA GLY O 79 35.73 -14.85 -34.55
C GLY O 79 37.21 -14.86 -34.26
N LEU O 80 37.65 -15.85 -33.48
CA LEU O 80 39.04 -15.90 -33.06
C LEU O 80 39.96 -16.01 -34.27
N GLN O 81 41.01 -15.20 -34.28
CA GLN O 81 42.01 -15.21 -35.35
C GLN O 81 43.40 -15.11 -34.73
N ALA O 82 44.42 -15.12 -35.59
CA ALA O 82 45.79 -14.99 -35.12
C ALA O 82 46.07 -13.62 -34.53
N GLU O 83 45.29 -12.60 -34.91
CA GLU O 83 45.48 -11.28 -34.31
C GLU O 83 45.26 -11.31 -32.81
N ASP O 84 44.53 -12.31 -32.32
CA ASP O 84 44.20 -12.43 -30.90
C ASP O 84 45.19 -13.30 -30.14
N GLU O 85 46.41 -13.42 -30.64
CA GLU O 85 47.46 -14.18 -29.98
C GLU O 85 48.24 -13.35 -28.98
N ALA O 86 47.64 -12.28 -28.44
CA ALA O 86 48.33 -11.32 -27.61
C ALA O 86 48.15 -11.66 -26.13
N ASP O 87 48.68 -10.78 -25.28
CA ASP O 87 48.49 -10.83 -23.84
C ASP O 87 47.55 -9.71 -23.44
N TYR O 88 46.53 -10.03 -22.65
CA TYR O 88 45.51 -9.08 -22.26
C TYR O 88 45.58 -8.81 -20.77
N TYR O 89 45.44 -7.53 -20.41
CA TYR O 89 45.54 -7.08 -19.03
C TYR O 89 44.33 -6.24 -18.69
N CYS O 90 43.82 -6.40 -17.47
CA CYS O 90 42.76 -5.55 -16.96
C CYS O 90 43.33 -4.53 -15.98
N GLN O 91 42.64 -3.40 -15.89
CA GLN O 91 43.11 -2.27 -15.08
C GLN O 91 41.91 -1.64 -14.38
N SER O 92 42.18 -1.08 -13.22
CA SER O 92 41.13 -0.46 -12.39
C SER O 92 41.83 0.32 -11.28
N TYR O 93 41.01 0.94 -10.42
CA TYR O 93 41.50 1.71 -9.29
C TYR O 93 41.09 1.03 -7.99
N ASP O 94 42.01 1.00 -7.04
CA ASP O 94 41.79 0.40 -5.74
C ASP O 94 41.84 1.50 -4.67
N SER O 95 40.78 1.60 -3.88
CA SER O 95 40.71 2.65 -2.86
C SER O 95 41.56 2.32 -1.65
N SER O 96 41.67 1.05 -1.27
CA SER O 96 42.48 0.69 -0.12
C SER O 96 43.95 0.98 -0.38
N LEU O 97 44.53 0.31 -1.37
CA LEU O 97 45.91 0.59 -1.75
C LEU O 97 46.07 2.00 -2.32
N ARG O 98 44.97 2.62 -2.75
CA ARG O 98 44.98 3.98 -3.24
C ARG O 98 45.91 4.15 -4.45
N ILE O 99 45.86 3.17 -5.36
CA ILE O 99 46.69 3.17 -6.55
C ILE O 99 45.88 2.60 -7.71
N TRP O 100 46.45 2.71 -8.92
CA TRP O 100 45.92 2.05 -10.09
C TRP O 100 46.65 0.74 -10.30
N VAL O 101 45.87 -0.33 -10.50
CA VAL O 101 46.39 -1.69 -10.46
C VAL O 101 46.15 -2.37 -11.80
N PHE O 102 47.01 -3.33 -12.09
CA PHE O 102 46.89 -4.20 -13.26
C PHE O 102 46.73 -5.64 -12.80
N GLY O 103 46.31 -6.49 -13.74
CA GLY O 103 46.15 -7.90 -13.47
C GLY O 103 47.38 -8.70 -13.84
N GLY O 104 47.27 -10.01 -13.65
CA GLY O 104 48.35 -10.92 -13.96
C GLY O 104 48.53 -11.24 -15.42
N GLY O 105 47.62 -10.78 -16.27
CA GLY O 105 47.73 -11.04 -17.70
C GLY O 105 47.39 -12.47 -18.06
N THR O 106 46.82 -12.66 -19.24
CA THR O 106 46.51 -13.99 -19.73
C THR O 106 46.99 -14.11 -21.17
N LYS O 107 47.59 -15.26 -21.49
CA LYS O 107 48.19 -15.50 -22.80
C LYS O 107 47.17 -16.27 -23.64
N LEU O 108 46.43 -15.53 -24.47
CA LEU O 108 45.48 -16.15 -25.38
C LEU O 108 46.22 -16.85 -26.52
N THR O 109 45.83 -18.08 -26.80
CA THR O 109 46.43 -18.88 -27.86
C THR O 109 45.35 -19.50 -28.72
N VAL O 110 45.71 -19.79 -29.96
CA VAL O 110 44.80 -20.38 -30.94
C VAL O 110 45.31 -21.75 -31.32
N LEU O 111 44.39 -22.73 -31.41
CA LEU O 111 44.73 -24.09 -31.75
C LEU O 111 44.77 -24.29 -33.27
N GLY O 112 45.75 -23.63 -33.89
CA GLY O 112 45.92 -23.73 -35.33
C GLY O 112 46.67 -24.99 -35.74
#